data_8BBN
#
_entry.id   8BBN
#
_cell.length_a   170.655
_cell.length_b   171.691
_cell.length_c   176.991
_cell.angle_alpha   90.000
_cell.angle_beta   90.000
_cell.angle_gamma   90.000
#
_symmetry.space_group_name_H-M   'P 21 21 21'
#
loop_
_entity.id
_entity.type
_entity.pdbx_description
1 polymer 'EY6A Heavy chain'
2 polymer 'EY6A light chain'
3 polymer 'Spike protein S1'
4 polymer 'BA.2-10 light chain'
5 polymer 'BA.2-10 heavy chain'
#
loop_
_entity_poly.entity_id
_entity_poly.type
_entity_poly.pdbx_seq_one_letter_code
_entity_poly.pdbx_strand_id
1 'polypeptide(L)'
;EVQLVESGGGVVQPGRSLRLSCAASAFTFSSYDMHWVRQAPGKGLEWVAVISYDGSNKYYADSVKGRFTISRDNSKNTLY
LQMNSLRAEDTAVYYCAKDGGKLWVYYFDYWGQGTLVTVSSASTKGPSVFPLAPSSKSTSGGTAALGCLVKDYFPEPVTV
SWNSGALTSGVHTFPAVLQSSGLYSLSSVVTVPSSSLGTQTYICNVNHKPSNTKVDKRVEPKSCDK
;
M,J,E
2 'polypeptide(L)'
;DIQMTQSPSSLSASVGDRVTITCRASQSISSYLNWYQQKPGKAPKLLIYAASSLQSGVPSRFSGSGSGTDFTLTISSLQP
EDFATYYCQQSYSTLALTFGGGTKVEIKRTVAAPSVFIFPPSDEQLKSGTASVVCLLNNFYPREAKVQWKVDNALQSGNS
QESVTEQDSKDSTYSLSSTLTLSKADYEKHKVYACEVTHQGLSSPVTKSFNRGEC
;
N,K,F
3 'polypeptide(L)'
;HHHHHHTNLCPFGEVFNATRFASVYAWNRKRISNCVADYSVLYNSASFSTFKCYGVSPTKLNDLCFTNVYADSFVIRGDE
VRQIAPGQTGKIADYNYKLPDDFTGCVIAWNSNNLDSKVGGNYNYRYRLFRKSNLKPFERDISTEIYQAGSKPCNGVEGF
NCYFPLQSYGFQPTNGVGYQPYRVVVLSFELLHAPATVCGKK
;
R,Y,X
4 'polypeptide(L)'
;DIQLTQSPSSLSASVRDRVTITCRASQSIDTYLNWYQQKPGKAPNLLIYAASSLQSGVPSRFSGSGSGTDFTLTISSLQP
EDFATYYCLQTYSYPVTFGQGTKVDIKRTVAAPSVFIFPPSDEQLKSGTASVVCLLNNFYPREAKVQWKVDNALQSGNSQ
ESVTEQDSKDSTYSLSSTLTLSKADYEKHKVYACEVTHQGLSSPVTKSFNRGEC
;
L,D,B
5 'polypeptide(L)'
;EVQLVESGGGLVQPGRSLRLSCVASGFTFEDYAMHWVRQVPGKGPEWVSGISWNSGSIGYADSVKGRFTISRDNAKNSLY
LQMSSLRVEDTALYYCVKDRHYDSAGYLVNGFHIWGQGTMVTVSSASTKGPSVFPLAPSSKSTSGGTAALGCLVKDYFPE
PVTVSWNSGALTSGVHTFPAVLQSSGLYSLSSVVTVPSSSLGTQTYICNVNHKPSNTKVDKRVEPKSCDK
;
H,C,A
#
# COMPACT_ATOMS: atom_id res chain seq x y z
N GLU A 1 -17.20 -13.79 5.26
CA GLU A 1 -17.74 -12.49 5.64
C GLU A 1 -17.59 -11.49 4.50
N VAL A 2 -18.51 -11.56 3.54
CA VAL A 2 -18.57 -10.63 2.41
C VAL A 2 -19.99 -10.10 2.32
N GLN A 3 -20.13 -8.77 2.35
CA GLN A 3 -21.44 -8.13 2.39
C GLN A 3 -21.65 -7.27 1.15
N LEU A 4 -22.88 -7.28 0.63
CA LEU A 4 -23.28 -6.43 -0.49
C LEU A 4 -24.69 -5.96 -0.21
N VAL A 5 -24.89 -4.65 -0.23
CA VAL A 5 -26.19 -4.03 0.08
C VAL A 5 -26.60 -3.17 -1.09
N GLU A 6 -27.76 -3.46 -1.67
CA GLU A 6 -28.29 -2.71 -2.79
C GLU A 6 -29.28 -1.66 -2.31
N SER A 7 -29.59 -0.71 -3.19
CA SER A 7 -30.56 0.34 -2.92
C SER A 7 -30.90 1.02 -4.24
N GLY A 8 -31.97 1.80 -4.22
CA GLY A 8 -32.39 2.56 -5.37
C GLY A 8 -33.49 1.95 -6.21
N GLY A 9 -34.06 0.82 -5.79
CA GLY A 9 -35.13 0.21 -6.55
C GLY A 9 -36.48 0.83 -6.26
N GLY A 10 -37.43 0.56 -7.15
CA GLY A 10 -38.78 1.09 -6.98
C GLY A 10 -39.59 0.97 -8.25
N VAL A 11 -40.53 1.90 -8.41
CA VAL A 11 -41.41 1.94 -9.56
C VAL A 11 -40.88 2.98 -10.54
N VAL A 12 -41.12 2.73 -11.83
CA VAL A 12 -40.62 3.60 -12.89
C VAL A 12 -41.47 3.37 -14.14
N GLN A 13 -41.82 4.46 -14.81
CA GLN A 13 -42.61 4.37 -16.03
C GLN A 13 -41.75 3.95 -17.22
N PRO A 14 -42.36 3.37 -18.25
CA PRO A 14 -41.58 2.99 -19.44
C PRO A 14 -40.94 4.21 -20.10
N GLY A 15 -39.69 4.04 -20.52
CA GLY A 15 -38.93 5.10 -21.14
C GLY A 15 -38.20 6.01 -20.17
N ARG A 16 -38.51 5.92 -18.88
CA ARG A 16 -37.83 6.73 -17.87
C ARG A 16 -36.50 6.06 -17.54
N SER A 17 -35.81 6.55 -16.50
CA SER A 17 -34.51 6.02 -16.12
C SER A 17 -34.45 5.85 -14.60
N LEU A 18 -33.58 4.94 -14.17
CA LEU A 18 -33.40 4.63 -12.77
C LEU A 18 -31.97 4.17 -12.52
N ARG A 19 -31.43 4.53 -11.36
CA ARG A 19 -30.05 4.24 -10.98
C ARG A 19 -30.03 3.38 -9.73
N LEU A 20 -29.26 2.29 -9.78
CA LEU A 20 -29.11 1.37 -8.66
C LEU A 20 -27.71 1.48 -8.07
N SER A 21 -27.58 1.05 -6.82
CA SER A 21 -26.31 1.11 -6.09
C SER A 21 -26.05 -0.25 -5.43
N CYS A 22 -24.80 -0.42 -4.98
CA CYS A 22 -24.38 -1.69 -4.38
C CYS A 22 -23.15 -1.40 -3.53
N ALA A 23 -23.35 -1.21 -2.23
CA ALA A 23 -22.27 -0.90 -1.31
C ALA A 23 -21.60 -2.19 -0.84
N ALA A 24 -20.30 -2.30 -1.07
CA ALA A 24 -19.54 -3.48 -0.69
C ALA A 24 -18.82 -3.26 0.64
N SER A 25 -18.44 -4.37 1.27
CA SER A 25 -17.79 -4.33 2.57
C SER A 25 -17.03 -5.61 2.81
N ALA A 26 -15.94 -5.50 3.56
CA ALA A 26 -15.18 -6.64 4.09
C ALA A 26 -14.49 -7.45 2.98
N PHE A 27 -14.01 -6.75 1.96
CA PHE A 27 -13.13 -7.35 0.95
C PHE A 27 -12.55 -6.23 0.11
N THR A 28 -11.44 -6.54 -0.56
CA THR A 28 -10.77 -5.60 -1.45
C THR A 28 -11.65 -5.32 -2.66
N PHE A 29 -12.37 -4.20 -2.62
CA PHE A 29 -13.34 -3.91 -3.68
C PHE A 29 -12.68 -3.41 -4.96
N SER A 30 -11.53 -2.74 -4.86
CA SER A 30 -10.87 -2.16 -6.02
C SER A 30 -10.02 -3.16 -6.80
N SER A 31 -10.06 -4.45 -6.45
CA SER A 31 -9.25 -5.45 -7.13
C SER A 31 -10.08 -6.53 -7.82
N TYR A 32 -11.37 -6.63 -7.55
CA TYR A 32 -12.22 -7.64 -8.13
C TYR A 32 -13.14 -7.02 -9.17
N ASP A 33 -13.45 -7.79 -10.21
CA ASP A 33 -14.49 -7.40 -11.14
C ASP A 33 -15.85 -7.54 -10.48
N MET A 34 -16.82 -6.76 -10.95
CA MET A 34 -18.16 -6.77 -10.38
C MET A 34 -19.18 -7.01 -11.47
N HIS A 35 -20.32 -7.57 -11.08
CA HIS A 35 -21.35 -7.98 -12.01
C HIS A 35 -22.71 -7.43 -11.56
N TRP A 36 -23.65 -7.42 -12.49
CA TRP A 36 -25.06 -7.20 -12.21
C TRP A 36 -25.84 -8.36 -12.81
N VAL A 37 -26.71 -8.97 -11.99
CA VAL A 37 -27.54 -10.09 -12.43
C VAL A 37 -28.97 -9.82 -11.98
N ARG A 38 -29.91 -9.90 -12.92
CA ARG A 38 -31.31 -9.67 -12.64
C ARG A 38 -32.08 -10.98 -12.73
N GLN A 39 -33.30 -10.97 -12.17
CA GLN A 39 -34.14 -12.15 -12.15
C GLN A 39 -35.59 -11.71 -12.23
N ALA A 40 -36.23 -12.00 -13.36
CA ALA A 40 -37.62 -11.63 -13.57
C ALA A 40 -38.52 -12.39 -12.60
N PRO A 41 -39.70 -11.85 -12.30
CA PRO A 41 -40.64 -12.55 -11.41
C PRO A 41 -41.00 -13.93 -11.95
N GLY A 42 -40.74 -14.96 -11.15
CA GLY A 42 -41.03 -16.33 -11.53
C GLY A 42 -40.15 -16.91 -12.61
N LYS A 43 -39.17 -16.15 -13.11
CA LYS A 43 -38.29 -16.61 -14.16
C LYS A 43 -36.92 -16.96 -13.58
N GLY A 44 -35.94 -17.18 -14.45
CA GLY A 44 -34.60 -17.54 -14.05
C GLY A 44 -33.67 -16.36 -13.93
N LEU A 45 -32.37 -16.66 -13.88
CA LEU A 45 -31.35 -15.64 -13.71
C LEU A 45 -30.81 -15.22 -15.07
N GLU A 46 -30.48 -13.93 -15.20
CA GLU A 46 -29.96 -13.37 -16.44
C GLU A 46 -28.82 -12.42 -16.12
N TRP A 47 -27.63 -12.73 -16.62
CA TRP A 47 -26.48 -11.86 -16.44
C TRP A 47 -26.67 -10.57 -17.23
N VAL A 48 -26.37 -9.43 -16.59
CA VAL A 48 -26.63 -8.13 -17.19
C VAL A 48 -25.34 -7.50 -17.70
N ALA A 49 -24.39 -7.24 -16.81
CA ALA A 49 -23.20 -6.51 -17.19
C ALA A 49 -22.07 -6.86 -16.23
N VAL A 50 -20.86 -6.44 -16.62
CA VAL A 50 -19.66 -6.64 -15.82
C VAL A 50 -18.77 -5.41 -15.97
N ILE A 51 -18.04 -5.09 -14.91
CA ILE A 51 -17.09 -3.98 -14.91
C ILE A 51 -15.78 -4.47 -14.29
N SER A 52 -14.66 -3.97 -14.80
CA SER A 52 -13.35 -4.39 -14.36
C SER A 52 -13.07 -3.88 -12.95
N TYR A 53 -11.92 -4.27 -12.41
CA TYR A 53 -11.51 -3.83 -11.09
C TYR A 53 -11.28 -2.32 -11.06
N ASP A 54 -10.64 -1.79 -12.09
CA ASP A 54 -10.36 -0.36 -12.17
C ASP A 54 -11.47 0.44 -12.84
N GLY A 55 -12.50 -0.23 -13.37
CA GLY A 55 -13.59 0.46 -14.02
C GLY A 55 -13.30 0.97 -15.41
N SER A 56 -12.21 0.54 -16.03
CA SER A 56 -11.83 1.03 -17.36
C SER A 56 -12.51 0.25 -18.48
N ASN A 57 -12.86 -1.00 -18.25
CA ASN A 57 -13.49 -1.84 -19.26
C ASN A 57 -14.88 -2.23 -18.78
N LYS A 58 -15.87 -2.08 -19.65
CA LYS A 58 -17.26 -2.39 -19.32
C LYS A 58 -17.86 -3.24 -20.43
N TYR A 59 -18.63 -4.25 -20.04
CA TYR A 59 -19.25 -5.16 -20.99
C TYR A 59 -20.67 -5.47 -20.53
N TYR A 60 -21.58 -5.51 -21.49
CA TYR A 60 -23.01 -5.62 -21.21
C TYR A 60 -23.62 -6.75 -22.02
N ALA A 61 -24.70 -7.33 -21.48
CA ALA A 61 -25.48 -8.28 -22.25
C ALA A 61 -26.22 -7.57 -23.38
N ASP A 62 -26.53 -8.33 -24.43
CA ASP A 62 -27.18 -7.74 -25.60
C ASP A 62 -28.58 -7.23 -25.28
N SER A 63 -29.22 -7.80 -24.25
CA SER A 63 -30.57 -7.37 -23.89
C SER A 63 -30.60 -5.97 -23.28
N VAL A 64 -29.46 -5.47 -22.81
CA VAL A 64 -29.39 -4.16 -22.17
C VAL A 64 -28.34 -3.25 -22.79
N LYS A 65 -27.63 -3.71 -23.82
CA LYS A 65 -26.56 -2.90 -24.40
C LYS A 65 -27.13 -1.66 -25.08
N GLY A 66 -26.40 -0.55 -24.97
CA GLY A 66 -26.91 0.71 -25.47
C GLY A 66 -28.12 1.21 -24.73
N ARG A 67 -28.33 0.76 -23.50
CA ARG A 67 -29.53 1.11 -22.74
C ARG A 67 -29.20 1.23 -21.26
N PHE A 68 -28.30 0.37 -20.77
CA PHE A 68 -27.81 0.44 -19.40
C PHE A 68 -26.36 0.88 -19.39
N THR A 69 -25.92 1.34 -18.22
CA THR A 69 -24.54 1.77 -18.01
C THR A 69 -24.08 1.33 -16.63
N ILE A 70 -22.98 0.59 -16.59
CA ILE A 70 -22.40 0.10 -15.34
C ILE A 70 -21.22 0.98 -14.97
N SER A 71 -21.04 1.23 -13.67
CA SER A 71 -19.96 2.07 -13.18
C SER A 71 -19.69 1.73 -11.73
N ARG A 72 -18.54 2.17 -11.24
CA ARG A 72 -18.13 1.88 -9.87
C ARG A 72 -17.28 3.02 -9.34
N ASP A 73 -17.36 3.24 -8.02
CA ASP A 73 -16.57 4.25 -7.33
C ASP A 73 -15.76 3.53 -6.26
N ASN A 74 -14.46 3.32 -6.54
CA ASN A 74 -13.62 2.56 -5.63
C ASN A 74 -13.37 3.30 -4.33
N SER A 75 -13.46 4.63 -4.32
CA SER A 75 -13.27 5.38 -3.09
C SER A 75 -14.43 5.16 -2.12
N LYS A 76 -15.62 4.91 -2.64
CA LYS A 76 -16.80 4.65 -1.81
C LYS A 76 -17.15 3.17 -1.71
N ASN A 77 -16.44 2.31 -2.44
CA ASN A 77 -16.70 0.87 -2.44
C ASN A 77 -18.14 0.57 -2.86
N THR A 78 -18.63 1.30 -3.85
CA THR A 78 -20.00 1.16 -4.33
C THR A 78 -20.01 0.85 -5.81
N LEU A 79 -20.99 0.05 -6.23
CA LEU A 79 -21.21 -0.30 -7.63
C LEU A 79 -22.52 0.28 -8.10
N TYR A 80 -22.53 0.82 -9.32
CA TYR A 80 -23.68 1.53 -9.85
C TYR A 80 -24.17 0.89 -11.13
N LEU A 81 -25.45 1.11 -11.44
CA LEU A 81 -26.06 0.61 -12.67
C LEU A 81 -27.10 1.64 -13.12
N GLN A 82 -26.71 2.51 -14.04
CA GLN A 82 -27.62 3.51 -14.59
C GLN A 82 -28.50 2.83 -15.65
N MET A 83 -29.78 2.69 -15.35
CA MET A 83 -30.73 2.03 -16.25
C MET A 83 -31.59 3.10 -16.92
N ASN A 84 -31.36 3.32 -18.21
CA ASN A 84 -32.12 4.28 -19.00
C ASN A 84 -33.03 3.54 -19.97
N SER A 85 -34.08 4.24 -20.40
CA SER A 85 -35.06 3.71 -21.35
C SER A 85 -35.57 2.34 -20.90
N LEU A 86 -36.22 2.32 -19.75
CA LEU A 86 -36.66 1.08 -19.14
C LEU A 86 -37.94 0.59 -19.81
N ARG A 87 -37.93 -0.65 -20.26
CA ARG A 87 -39.09 -1.30 -20.84
C ARG A 87 -39.73 -2.23 -19.81
N ALA A 88 -40.92 -2.74 -20.17
CA ALA A 88 -41.60 -3.70 -19.31
C ALA A 88 -40.78 -4.98 -19.14
N GLU A 89 -39.93 -5.30 -20.11
CA GLU A 89 -39.09 -6.48 -20.01
C GLU A 89 -38.03 -6.37 -18.93
N ASP A 90 -37.74 -5.15 -18.46
CA ASP A 90 -36.72 -4.95 -17.43
C ASP A 90 -37.23 -5.18 -16.02
N THR A 91 -38.54 -5.39 -15.85
CA THR A 91 -39.09 -5.63 -14.51
C THR A 91 -38.52 -6.91 -13.92
N ALA A 92 -37.66 -6.76 -12.91
CA ALA A 92 -36.95 -7.90 -12.33
C ALA A 92 -36.32 -7.46 -11.01
N VAL A 93 -35.90 -8.45 -10.24
CA VAL A 93 -35.10 -8.21 -9.03
C VAL A 93 -33.63 -8.18 -9.44
N TYR A 94 -32.96 -7.07 -9.17
CA TYR A 94 -31.58 -6.86 -9.61
C TYR A 94 -30.61 -7.16 -8.48
N TYR A 95 -29.67 -8.08 -8.74
CA TYR A 95 -28.61 -8.42 -7.82
C TYR A 95 -27.28 -7.87 -8.33
N CYS A 96 -26.39 -7.54 -7.40
CA CYS A 96 -24.99 -7.33 -7.72
C CYS A 96 -24.18 -8.51 -7.18
N ALA A 97 -23.17 -8.93 -7.94
CA ALA A 97 -22.43 -10.13 -7.61
C ALA A 97 -20.94 -9.88 -7.75
N LYS A 98 -20.18 -10.29 -6.73
CA LYS A 98 -18.73 -10.20 -6.79
C LYS A 98 -18.17 -11.34 -7.62
N ASP A 99 -17.13 -11.03 -8.40
CA ASP A 99 -16.47 -12.05 -9.20
C ASP A 99 -15.61 -12.95 -8.33
N GLY A 100 -15.61 -14.25 -8.64
CA GLY A 100 -14.79 -15.18 -7.88
C GLY A 100 -13.31 -14.90 -8.05
N GLY A 101 -12.86 -14.76 -9.29
CA GLY A 101 -11.50 -14.37 -9.58
C GLY A 101 -10.48 -15.49 -9.50
N LYS A 102 -10.89 -16.72 -9.21
CA LYS A 102 -9.96 -17.84 -9.13
C LYS A 102 -9.80 -18.57 -10.46
N LEU A 103 -10.51 -18.15 -11.49
CA LEU A 103 -10.45 -18.77 -12.81
C LEU A 103 -10.09 -17.72 -13.86
N TRP A 104 -9.82 -18.19 -15.07
CA TRP A 104 -9.65 -17.30 -16.20
C TRP A 104 -10.98 -16.70 -16.66
N VAL A 105 -12.10 -17.23 -16.19
CA VAL A 105 -13.42 -16.83 -16.65
C VAL A 105 -14.20 -16.26 -15.47
N TYR A 106 -15.31 -15.62 -15.79
CA TYR A 106 -16.16 -15.01 -14.76
C TYR A 106 -17.00 -16.07 -14.06
N TYR A 107 -17.24 -15.84 -12.77
CA TYR A 107 -18.21 -16.61 -12.00
C TYR A 107 -18.48 -15.87 -10.70
N PHE A 108 -19.71 -15.99 -10.21
CA PHE A 108 -20.18 -15.23 -9.06
C PHE A 108 -20.05 -16.08 -7.80
N ASP A 109 -19.37 -15.53 -6.79
CA ASP A 109 -19.21 -16.22 -5.52
C ASP A 109 -20.05 -15.65 -4.39
N TYR A 110 -20.43 -14.37 -4.46
CA TYR A 110 -21.27 -13.75 -3.46
C TYR A 110 -22.30 -12.86 -4.14
N TRP A 111 -23.51 -12.85 -3.59
CA TRP A 111 -24.63 -12.11 -4.16
C TRP A 111 -25.21 -11.16 -3.12
N GLY A 112 -25.79 -10.05 -3.60
CA GLY A 112 -26.53 -9.16 -2.73
C GLY A 112 -27.96 -9.62 -2.54
N GLN A 113 -28.62 -9.02 -1.54
CA GLN A 113 -30.00 -9.42 -1.25
C GLN A 113 -30.95 -9.03 -2.37
N GLY A 114 -30.59 -8.04 -3.19
CA GLY A 114 -31.40 -7.71 -4.35
C GLY A 114 -32.41 -6.63 -4.08
N THR A 115 -32.68 -5.83 -5.10
CA THR A 115 -33.70 -4.78 -5.06
C THR A 115 -34.59 -4.90 -6.29
N LEU A 116 -35.86 -4.58 -6.10
CA LEU A 116 -36.85 -4.75 -7.15
C LEU A 116 -37.01 -3.48 -7.98
N VAL A 117 -37.12 -3.66 -9.30
CA VAL A 117 -37.39 -2.57 -10.23
C VAL A 117 -38.63 -2.96 -11.03
N THR A 118 -39.72 -2.23 -10.83
CA THR A 118 -41.00 -2.50 -11.48
C THR A 118 -41.25 -1.41 -12.52
N VAL A 119 -41.23 -1.79 -13.79
CA VAL A 119 -41.44 -0.86 -14.89
C VAL A 119 -42.91 -0.96 -15.31
N SER A 120 -43.69 0.06 -14.99
CA SER A 120 -45.10 0.11 -15.34
C SER A 120 -45.60 1.54 -15.15
N SER A 121 -46.57 1.93 -15.97
CA SER A 121 -47.15 3.26 -15.93
C SER A 121 -48.33 3.37 -14.97
N ALA A 122 -48.61 2.34 -14.20
CA ALA A 122 -49.81 2.32 -13.35
C ALA A 122 -49.57 3.09 -12.07
N SER A 123 -50.53 3.94 -11.70
CA SER A 123 -50.45 4.71 -10.47
C SER A 123 -50.72 3.81 -9.26
N THR A 124 -50.22 4.25 -8.10
CA THR A 124 -50.38 3.50 -6.85
C THR A 124 -51.85 3.52 -6.45
N LYS A 125 -52.57 2.46 -6.79
CA LYS A 125 -54.00 2.35 -6.51
C LYS A 125 -54.24 1.44 -5.30
N GLY A 126 -55.25 1.78 -4.50
CA GLY A 126 -55.62 0.99 -3.36
C GLY A 126 -56.40 -0.24 -3.74
N PRO A 127 -56.37 -1.27 -2.89
CA PRO A 127 -57.03 -2.54 -3.22
C PRO A 127 -58.53 -2.48 -3.00
N SER A 128 -59.23 -3.34 -3.74
CA SER A 128 -60.66 -3.58 -3.56
C SER A 128 -60.85 -5.02 -3.09
N VAL A 129 -61.26 -5.19 -1.84
CA VAL A 129 -61.37 -6.51 -1.22
C VAL A 129 -62.81 -6.99 -1.37
N PHE A 130 -62.98 -8.20 -1.89
CA PHE A 130 -64.28 -8.82 -2.06
C PHE A 130 -64.32 -10.17 -1.35
N PRO A 131 -65.41 -10.49 -0.67
CA PRO A 131 -65.47 -11.74 0.11
C PRO A 131 -65.74 -12.96 -0.77
N LEU A 132 -65.49 -14.13 -0.18
CA LEU A 132 -65.73 -15.42 -0.82
C LEU A 132 -66.54 -16.29 0.14
N ALA A 133 -67.86 -16.32 -0.06
CA ALA A 133 -68.75 -17.04 0.85
C ALA A 133 -68.75 -18.53 0.52
N PRO A 134 -68.80 -19.38 1.55
CA PRO A 134 -68.85 -20.83 1.29
C PRO A 134 -70.22 -21.28 0.83
N SER A 135 -70.23 -22.38 0.08
CA SER A 135 -71.47 -22.94 -0.44
C SER A 135 -71.87 -24.19 0.35
N GLY A 142 -65.47 -33.53 6.02
CA GLY A 142 -66.41 -32.60 5.43
C GLY A 142 -66.39 -31.23 6.08
N THR A 143 -65.37 -30.44 5.74
CA THR A 143 -65.21 -29.08 6.25
C THR A 143 -65.58 -28.08 5.17
N ALA A 144 -65.51 -26.80 5.53
CA ALA A 144 -65.82 -25.70 4.63
C ALA A 144 -64.62 -24.77 4.50
N ALA A 145 -64.70 -23.86 3.52
CA ALA A 145 -63.63 -22.93 3.27
C ALA A 145 -64.22 -21.55 2.94
N LEU A 146 -63.45 -20.51 3.26
CA LEU A 146 -63.86 -19.14 2.98
C LEU A 146 -62.62 -18.28 2.93
N GLY A 147 -62.74 -17.13 2.28
CA GLY A 147 -61.61 -16.24 2.16
C GLY A 147 -62.00 -14.89 1.60
N CYS A 148 -60.98 -14.11 1.25
CA CYS A 148 -61.15 -12.77 0.71
C CYS A 148 -60.39 -12.64 -0.60
N LEU A 149 -60.85 -11.73 -1.45
CA LEU A 149 -60.26 -11.48 -2.76
C LEU A 149 -59.74 -10.05 -2.82
N VAL A 150 -58.42 -9.90 -2.71
CA VAL A 150 -57.77 -8.60 -2.84
C VAL A 150 -57.49 -8.38 -4.32
N LYS A 151 -58.26 -7.51 -4.95
CA LYS A 151 -58.20 -7.30 -6.39
C LYS A 151 -57.93 -5.84 -6.71
N ASP A 152 -57.22 -5.61 -7.82
CA ASP A 152 -56.98 -4.28 -8.36
C ASP A 152 -56.21 -3.40 -7.39
N TYR A 153 -54.91 -3.63 -7.28
CA TYR A 153 -54.05 -2.80 -6.44
C TYR A 153 -52.67 -2.73 -7.06
N PHE A 154 -52.01 -1.59 -6.90
CA PHE A 154 -50.67 -1.38 -7.42
C PHE A 154 -49.89 -0.52 -6.44
N PRO A 155 -48.63 -0.87 -6.14
CA PRO A 155 -47.93 -2.08 -6.58
C PRO A 155 -47.86 -3.12 -5.46
N GLU A 156 -47.00 -4.12 -5.62
CA GLU A 156 -46.76 -5.08 -4.56
C GLU A 156 -46.14 -4.38 -3.34
N PRO A 157 -46.37 -4.88 -2.13
CA PRO A 157 -47.24 -6.02 -1.78
C PRO A 157 -48.46 -5.60 -0.96
N VAL A 158 -49.25 -6.59 -0.52
CA VAL A 158 -50.34 -6.37 0.43
C VAL A 158 -50.29 -7.47 1.47
N THR A 159 -50.46 -7.09 2.74
CA THR A 159 -50.44 -8.05 3.84
C THR A 159 -51.87 -8.39 4.24
N VAL A 160 -52.17 -9.69 4.27
CA VAL A 160 -53.50 -10.18 4.59
C VAL A 160 -53.39 -11.12 5.78
N SER A 161 -54.16 -10.83 6.82
CA SER A 161 -54.22 -11.66 8.02
C SER A 161 -55.68 -11.85 8.43
N TRP A 162 -55.89 -12.80 9.34
CA TRP A 162 -57.23 -13.16 9.80
C TRP A 162 -57.32 -12.99 11.31
N ASN A 163 -58.37 -12.28 11.76
CA ASN A 163 -58.61 -12.04 13.18
C ASN A 163 -57.42 -11.34 13.83
N SER A 164 -56.82 -10.39 13.11
CA SER A 164 -55.69 -9.61 13.60
C SER A 164 -54.53 -10.51 14.00
N GLY A 165 -54.28 -11.54 13.20
CA GLY A 165 -53.19 -12.46 13.45
C GLY A 165 -53.47 -13.55 14.45
N ALA A 166 -54.70 -13.63 14.98
CA ALA A 166 -55.01 -14.67 15.96
C ALA A 166 -55.29 -16.01 15.28
N LEU A 167 -55.83 -16.00 14.06
CA LEU A 167 -56.12 -17.23 13.33
C LEU A 167 -54.94 -17.55 12.43
N THR A 168 -54.11 -18.50 12.86
CA THR A 168 -52.90 -18.89 12.14
C THR A 168 -53.05 -20.19 11.38
N SER A 169 -53.64 -21.20 12.01
CA SER A 169 -53.73 -22.53 11.39
C SER A 169 -54.82 -22.57 10.34
N GLY A 170 -54.49 -23.13 9.18
CA GLY A 170 -55.45 -23.32 8.11
C GLY A 170 -55.54 -22.20 7.10
N VAL A 171 -54.67 -21.19 7.20
CA VAL A 171 -54.72 -20.04 6.30
C VAL A 171 -53.77 -20.27 5.14
N HIS A 172 -54.22 -19.93 3.94
CA HIS A 172 -53.40 -20.01 2.73
C HIS A 172 -53.55 -18.72 1.95
N THR A 173 -52.50 -17.89 1.97
CA THR A 173 -52.45 -16.67 1.18
C THR A 173 -51.62 -16.94 -0.06
N PHE A 174 -52.20 -16.71 -1.24
CA PHE A 174 -51.58 -17.04 -2.50
C PHE A 174 -50.77 -15.86 -3.06
N PRO A 175 -49.69 -16.15 -3.78
CA PRO A 175 -48.95 -15.07 -4.43
C PRO A 175 -49.82 -14.30 -5.42
N ALA A 176 -49.51 -13.02 -5.59
CA ALA A 176 -50.27 -12.16 -6.46
C ALA A 176 -50.00 -12.49 -7.92
N VAL A 177 -50.93 -12.07 -8.78
CA VAL A 177 -50.84 -12.24 -10.21
C VAL A 177 -51.06 -10.89 -10.89
N LEU A 178 -50.27 -10.61 -11.93
CA LEU A 178 -50.36 -9.35 -12.67
C LEU A 178 -51.35 -9.55 -13.81
N GLN A 179 -52.57 -9.04 -13.62
CA GLN A 179 -53.61 -9.16 -14.64
C GLN A 179 -53.32 -8.18 -15.78
N SER A 180 -54.15 -8.28 -16.83
CA SER A 180 -53.94 -7.48 -18.03
C SER A 180 -54.13 -5.98 -17.79
N SER A 181 -54.77 -5.59 -16.69
CA SER A 181 -55.03 -4.18 -16.40
C SER A 181 -53.87 -3.51 -15.67
N GLY A 182 -52.68 -4.12 -15.70
CA GLY A 182 -51.53 -3.56 -15.01
C GLY A 182 -51.57 -3.61 -13.51
N LEU A 183 -52.68 -4.05 -12.91
CA LEU A 183 -52.81 -4.15 -11.47
C LEU A 183 -52.56 -5.59 -11.01
N TYR A 184 -52.59 -5.79 -9.70
CA TYR A 184 -52.37 -7.11 -9.11
C TYR A 184 -53.65 -7.64 -8.48
N SER A 185 -53.76 -8.96 -8.43
CA SER A 185 -54.88 -9.64 -7.79
C SER A 185 -54.33 -10.74 -6.90
N LEU A 186 -54.88 -10.84 -5.69
CA LEU A 186 -54.38 -11.79 -4.70
C LEU A 186 -55.56 -12.46 -4.01
N SER A 187 -55.37 -13.73 -3.67
CA SER A 187 -56.39 -14.53 -3.01
C SER A 187 -55.85 -15.05 -1.68
N SER A 188 -56.69 -15.01 -0.64
CA SER A 188 -56.35 -15.53 0.66
C SER A 188 -57.56 -16.27 1.22
N VAL A 189 -57.35 -17.53 1.61
CA VAL A 189 -58.43 -18.39 2.07
C VAL A 189 -58.03 -18.99 3.42
N VAL A 190 -59.03 -19.57 4.10
CA VAL A 190 -58.82 -20.25 5.36
C VAL A 190 -59.92 -21.29 5.56
N THR A 191 -59.54 -22.49 5.94
CA THR A 191 -60.49 -23.59 6.16
C THR A 191 -60.80 -23.70 7.65
N VAL A 192 -62.08 -23.62 7.99
CA VAL A 192 -62.52 -23.67 9.38
C VAL A 192 -63.57 -24.76 9.52
N PRO A 193 -63.73 -25.32 10.72
CA PRO A 193 -64.80 -26.30 10.94
C PRO A 193 -66.16 -25.70 10.67
N SER A 194 -67.04 -26.50 10.05
CA SER A 194 -68.35 -26.03 9.63
C SER A 194 -69.30 -25.79 10.80
N SER A 195 -68.93 -26.20 12.01
CA SER A 195 -69.81 -26.01 13.16
C SER A 195 -69.76 -24.58 13.67
N SER A 196 -68.56 -23.99 13.75
CA SER A 196 -68.41 -22.59 14.16
C SER A 196 -68.42 -21.71 12.90
N LEU A 197 -69.61 -21.53 12.34
CA LEU A 197 -69.82 -20.70 11.17
C LEU A 197 -70.58 -19.43 11.52
N GLY A 198 -71.83 -19.56 11.99
CA GLY A 198 -72.56 -18.40 12.48
C GLY A 198 -72.14 -17.95 13.86
N THR A 199 -71.44 -18.80 14.60
CA THR A 199 -70.97 -18.46 15.95
C THR A 199 -69.61 -17.78 15.93
N GLN A 200 -68.70 -18.26 15.09
CA GLN A 200 -67.37 -17.67 14.95
C GLN A 200 -67.38 -16.70 13.77
N THR A 201 -67.00 -15.45 14.03
CA THR A 201 -66.98 -14.42 13.00
C THR A 201 -65.58 -14.33 12.41
N TYR A 202 -65.53 -14.19 11.08
CA TYR A 202 -64.27 -14.17 10.35
C TYR A 202 -64.12 -12.85 9.63
N ILE A 203 -63.01 -12.17 9.88
CA ILE A 203 -62.70 -10.88 9.26
C ILE A 203 -61.27 -10.92 8.76
N CYS A 204 -61.08 -10.65 7.47
CA CYS A 204 -59.75 -10.59 6.87
C CYS A 204 -59.20 -9.18 6.94
N ASN A 205 -57.93 -9.06 7.31
CA ASN A 205 -57.28 -7.77 7.50
C ASN A 205 -56.33 -7.53 6.34
N VAL A 206 -56.69 -6.58 5.46
CA VAL A 206 -55.92 -6.27 4.27
C VAL A 206 -55.29 -4.89 4.47
N ASN A 207 -53.97 -4.81 4.22
CA ASN A 207 -53.22 -3.58 4.36
C ASN A 207 -52.39 -3.36 3.11
N HIS A 208 -52.39 -2.11 2.61
CA HIS A 208 -51.63 -1.71 1.43
C HIS A 208 -50.80 -0.48 1.79
N LYS A 209 -49.56 -0.69 2.21
CA LYS A 209 -48.70 0.42 2.59
C LYS A 209 -48.41 1.40 1.44
N PRO A 210 -48.12 0.97 0.21
CA PRO A 210 -47.86 1.96 -0.85
C PRO A 210 -48.99 2.96 -1.07
N SER A 211 -50.24 2.54 -0.86
CA SER A 211 -51.38 3.44 -0.99
C SER A 211 -51.96 3.85 0.35
N ASN A 212 -51.43 3.32 1.46
CA ASN A 212 -51.91 3.63 2.81
C ASN A 212 -53.41 3.35 2.92
N THR A 213 -53.76 2.08 2.68
CA THR A 213 -55.14 1.63 2.72
C THR A 213 -55.23 0.38 3.58
N LYS A 214 -56.05 0.45 4.64
CA LYS A 214 -56.28 -0.68 5.54
C LYS A 214 -57.79 -0.96 5.54
N VAL A 215 -58.18 -2.12 5.02
CA VAL A 215 -59.57 -2.50 4.89
C VAL A 215 -59.82 -3.80 5.65
N ASP A 216 -60.79 -3.77 6.55
CA ASP A 216 -61.26 -4.97 7.24
C ASP A 216 -62.65 -5.32 6.72
N LYS A 217 -62.82 -6.56 6.28
CA LYS A 217 -64.08 -7.00 5.68
C LYS A 217 -64.58 -8.23 6.41
N ARG A 218 -65.88 -8.25 6.71
CA ARG A 218 -66.50 -9.42 7.32
C ARG A 218 -66.79 -10.48 6.26
N VAL A 219 -66.72 -11.74 6.68
CA VAL A 219 -66.96 -12.88 5.80
C VAL A 219 -67.99 -13.78 6.49
N GLU A 220 -69.21 -13.81 5.94
CA GLU A 220 -70.28 -14.63 6.47
C GLU A 220 -71.00 -15.32 5.32
N PRO A 221 -71.43 -16.59 5.51
CA PRO A 221 -72.10 -17.36 4.46
C PRO A 221 -73.45 -16.77 4.08
N ASP B 1 -26.60 -17.60 -28.16
CA ASP B 1 -26.08 -17.95 -26.84
C ASP B 1 -26.01 -19.46 -26.67
N ILE B 2 -25.33 -19.89 -25.60
CA ILE B 2 -25.22 -21.29 -25.25
C ILE B 2 -26.33 -21.64 -24.28
N GLN B 3 -27.24 -22.53 -24.69
CA GLN B 3 -28.39 -22.89 -23.89
C GLN B 3 -28.02 -24.00 -22.91
N MET B 4 -28.43 -23.83 -21.66
CA MET B 4 -28.20 -24.81 -20.61
C MET B 4 -29.53 -25.45 -20.24
N THR B 5 -29.64 -26.76 -20.48
CA THR B 5 -30.88 -27.50 -20.22
C THR B 5 -30.66 -28.42 -19.01
N GLN B 6 -31.44 -28.20 -17.96
CA GLN B 6 -31.37 -29.01 -16.76
C GLN B 6 -32.48 -30.06 -16.77
N SER B 7 -32.18 -31.22 -16.18
CA SER B 7 -33.13 -32.31 -16.07
C SER B 7 -32.93 -32.99 -14.71
N PRO B 8 -34.00 -33.27 -13.96
CA PRO B 8 -35.39 -32.92 -14.24
C PRO B 8 -35.69 -31.47 -13.90
N SER B 9 -36.88 -30.95 -14.22
CA SER B 9 -37.23 -29.62 -13.77
C SER B 9 -37.73 -29.61 -12.33
N SER B 10 -38.22 -30.74 -11.84
CA SER B 10 -38.65 -30.87 -10.45
C SER B 10 -38.42 -32.30 -9.99
N LEU B 11 -38.00 -32.46 -8.74
CA LEU B 11 -37.77 -33.77 -8.16
C LEU B 11 -38.20 -33.75 -6.71
N SER B 12 -38.61 -34.90 -6.21
CA SER B 12 -39.11 -35.04 -4.85
C SER B 12 -38.33 -36.13 -4.13
N ALA B 13 -37.62 -35.76 -3.07
CA ALA B 13 -36.81 -36.70 -2.31
C ALA B 13 -36.88 -36.35 -0.83
N SER B 14 -36.60 -37.36 0.00
CA SER B 14 -36.63 -37.21 1.45
C SER B 14 -35.22 -36.93 1.98
N VAL B 15 -35.17 -36.54 3.25
CA VAL B 15 -33.89 -36.30 3.92
C VAL B 15 -33.08 -37.58 3.93
N GLY B 16 -31.80 -37.47 3.53
CA GLY B 16 -30.90 -38.61 3.48
C GLY B 16 -30.77 -39.24 2.11
N ASP B 17 -31.68 -38.93 1.19
CA ASP B 17 -31.60 -39.50 -0.15
C ASP B 17 -30.42 -38.91 -0.91
N ARG B 18 -29.95 -39.65 -1.91
CA ARG B 18 -28.90 -39.18 -2.80
C ARG B 18 -29.56 -38.60 -4.05
N VAL B 19 -29.36 -37.30 -4.27
CA VAL B 19 -29.96 -36.55 -5.37
C VAL B 19 -28.89 -36.21 -6.39
N THR B 20 -29.20 -36.43 -7.66
CA THR B 20 -28.29 -36.13 -8.76
C THR B 20 -29.04 -35.28 -9.79
N ILE B 21 -28.50 -34.11 -10.09
CA ILE B 21 -29.10 -33.17 -11.04
C ILE B 21 -28.22 -33.11 -12.28
N THR B 22 -28.85 -33.11 -13.46
CA THR B 22 -28.16 -33.14 -14.74
C THR B 22 -28.27 -31.76 -15.40
N CYS B 23 -27.20 -31.35 -16.07
CA CYS B 23 -27.16 -30.07 -16.78
C CYS B 23 -26.45 -30.29 -18.11
N ARG B 24 -27.16 -30.03 -19.21
CA ARG B 24 -26.62 -30.23 -20.55
C ARG B 24 -26.40 -28.87 -21.22
N ALA B 25 -25.36 -28.81 -22.06
CA ALA B 25 -24.99 -27.61 -22.77
C ALA B 25 -25.19 -27.80 -24.27
N SER B 26 -25.60 -26.71 -24.95
CA SER B 26 -25.82 -26.77 -26.39
C SER B 26 -24.51 -26.95 -27.17
N GLN B 27 -23.37 -26.63 -26.56
CA GLN B 27 -22.08 -26.86 -27.18
C GLN B 27 -21.04 -27.07 -26.09
N SER B 28 -19.89 -27.63 -26.49
CA SER B 28 -18.83 -27.91 -25.55
C SER B 28 -18.41 -26.65 -24.81
N ILE B 29 -18.32 -26.75 -23.48
CA ILE B 29 -17.91 -25.65 -22.63
C ILE B 29 -16.73 -26.05 -21.75
N SER B 30 -16.04 -27.14 -22.11
CA SER B 30 -14.85 -27.63 -21.41
C SER B 30 -15.25 -27.94 -19.96
N SER B 31 -14.65 -27.28 -18.96
CA SER B 31 -14.99 -27.51 -17.57
C SER B 31 -15.52 -26.26 -16.88
N TYR B 32 -15.90 -25.23 -17.64
CA TYR B 32 -16.39 -23.97 -17.09
C TYR B 32 -17.89 -24.07 -16.87
N LEU B 33 -18.26 -24.70 -15.76
CA LEU B 33 -19.65 -24.90 -15.39
C LEU B 33 -19.76 -24.75 -13.88
N ASN B 34 -20.70 -23.93 -13.43
CA ASN B 34 -20.86 -23.63 -12.00
C ASN B 34 -22.26 -24.01 -11.55
N TRP B 35 -22.40 -24.29 -10.26
CA TRP B 35 -23.67 -24.65 -9.65
C TRP B 35 -24.03 -23.65 -8.57
N TYR B 36 -25.31 -23.25 -8.53
CA TYR B 36 -25.80 -22.28 -7.57
C TYR B 36 -27.07 -22.79 -6.90
N GLN B 37 -27.22 -22.48 -5.62
CA GLN B 37 -28.41 -22.81 -4.84
C GLN B 37 -29.13 -21.52 -4.46
N GLN B 38 -30.44 -21.50 -4.69
CA GLN B 38 -31.26 -20.33 -4.37
C GLN B 38 -32.45 -20.76 -3.54
N LYS B 39 -32.55 -20.22 -2.33
CA LYS B 39 -33.70 -20.34 -1.46
C LYS B 39 -34.77 -19.33 -1.88
N PRO B 40 -36.05 -19.64 -1.71
CA PRO B 40 -37.08 -18.69 -2.12
C PRO B 40 -36.97 -17.40 -1.33
N GLY B 41 -36.97 -16.27 -2.04
CA GLY B 41 -36.80 -15.00 -1.38
C GLY B 41 -35.40 -14.71 -0.89
N LYS B 42 -34.39 -15.42 -1.41
CA LYS B 42 -33.01 -15.25 -0.97
C LYS B 42 -32.08 -15.16 -2.18
N ALA B 43 -30.89 -14.63 -1.92
CA ALA B 43 -29.87 -14.51 -2.95
C ALA B 43 -29.25 -15.88 -3.26
N PRO B 44 -28.89 -16.12 -4.52
CA PRO B 44 -28.18 -17.37 -4.87
C PRO B 44 -26.86 -17.48 -4.11
N LYS B 45 -26.42 -18.73 -3.92
CA LYS B 45 -25.17 -19.02 -3.25
C LYS B 45 -24.40 -20.04 -4.07
N LEU B 46 -23.10 -19.79 -4.25
CA LEU B 46 -22.27 -20.66 -5.08
C LEU B 46 -21.96 -21.96 -4.36
N LEU B 47 -22.13 -23.08 -5.05
CA LEU B 47 -21.80 -24.39 -4.51
C LEU B 47 -20.56 -24.98 -5.17
N ILE B 48 -20.58 -25.15 -6.50
CA ILE B 48 -19.47 -25.71 -7.25
C ILE B 48 -19.08 -24.73 -8.35
N TYR B 49 -17.77 -24.53 -8.51
CA TYR B 49 -17.25 -23.80 -9.66
C TYR B 49 -16.24 -24.68 -10.38
N ALA B 50 -16.03 -24.39 -11.67
CA ALA B 50 -15.15 -25.18 -12.53
C ALA B 50 -15.53 -26.65 -12.51
N ALA B 51 -16.84 -26.91 -12.62
CA ALA B 51 -17.41 -28.25 -12.74
C ALA B 51 -17.25 -29.08 -11.47
N SER B 52 -16.07 -29.10 -10.86
CA SER B 52 -15.80 -30.03 -9.78
C SER B 52 -15.12 -29.42 -8.55
N SER B 53 -14.87 -28.12 -8.52
CA SER B 53 -14.18 -27.51 -7.39
C SER B 53 -15.22 -27.03 -6.38
N LEU B 54 -15.13 -27.54 -5.16
CA LEU B 54 -16.05 -27.16 -4.10
C LEU B 54 -15.69 -25.78 -3.57
N GLN B 55 -16.71 -24.93 -3.39
CA GLN B 55 -16.47 -23.62 -2.81
C GLN B 55 -16.22 -23.71 -1.31
N SER B 56 -15.41 -22.80 -0.81
CA SER B 56 -15.06 -22.78 0.61
C SER B 56 -16.32 -22.59 1.46
N GLY B 57 -16.47 -23.44 2.48
CA GLY B 57 -17.59 -23.37 3.39
C GLY B 57 -18.83 -24.11 2.93
N VAL B 58 -18.82 -24.68 1.73
CA VAL B 58 -19.94 -25.48 1.26
C VAL B 58 -19.72 -26.91 1.75
N PRO B 59 -20.72 -27.55 2.37
CA PRO B 59 -20.53 -28.90 2.90
C PRO B 59 -20.06 -29.87 1.82
N SER B 60 -19.24 -30.83 2.25
CA SER B 60 -18.65 -31.80 1.33
C SER B 60 -19.69 -32.74 0.72
N ARG B 61 -20.92 -32.74 1.24
CA ARG B 61 -21.98 -33.54 0.63
C ARG B 61 -22.33 -33.05 -0.77
N PHE B 62 -21.97 -31.81 -1.11
CA PHE B 62 -22.10 -31.30 -2.46
C PHE B 62 -20.85 -31.65 -3.26
N SER B 63 -21.04 -32.04 -4.52
CA SER B 63 -19.93 -32.39 -5.38
C SER B 63 -20.41 -32.31 -6.83
N GLY B 64 -19.52 -31.86 -7.71
CA GLY B 64 -19.85 -31.75 -9.11
C GLY B 64 -18.96 -32.58 -10.00
N SER B 65 -19.44 -32.94 -11.19
CA SER B 65 -18.70 -33.78 -12.11
C SER B 65 -19.19 -33.52 -13.52
N GLY B 66 -18.37 -33.91 -14.48
CA GLY B 66 -18.69 -33.80 -15.89
C GLY B 66 -17.75 -32.87 -16.63
N SER B 67 -17.83 -32.97 -17.96
CA SER B 67 -17.02 -32.12 -18.83
C SER B 67 -17.62 -32.14 -20.23
N GLY B 68 -17.38 -31.07 -20.98
CA GLY B 68 -17.90 -30.98 -22.33
C GLY B 68 -19.31 -30.41 -22.38
N THR B 69 -20.30 -31.30 -22.52
CA THR B 69 -21.69 -30.91 -22.65
C THR B 69 -22.58 -31.47 -21.56
N ASP B 70 -22.19 -32.54 -20.87
CA ASP B 70 -23.00 -33.18 -19.85
C ASP B 70 -22.33 -33.01 -18.49
N PHE B 71 -23.08 -32.48 -17.52
CA PHE B 71 -22.57 -32.22 -16.18
C PHE B 71 -23.57 -32.72 -15.15
N THR B 72 -23.07 -33.01 -13.95
CA THR B 72 -23.92 -33.53 -12.89
C THR B 72 -23.52 -32.93 -11.54
N LEU B 73 -24.51 -32.49 -10.78
CA LEU B 73 -24.35 -32.14 -9.38
C LEU B 73 -24.95 -33.24 -8.51
N THR B 74 -24.24 -33.59 -7.44
CA THR B 74 -24.65 -34.70 -6.59
C THR B 74 -24.64 -34.26 -5.13
N ILE B 75 -25.75 -34.48 -4.44
CA ILE B 75 -25.85 -34.33 -2.99
C ILE B 75 -25.90 -35.72 -2.40
N SER B 76 -24.79 -36.13 -1.78
CA SER B 76 -24.65 -37.51 -1.31
C SER B 76 -25.70 -37.86 -0.26
N SER B 77 -25.98 -36.93 0.65
CA SER B 77 -26.96 -37.14 1.72
C SER B 77 -27.76 -35.86 1.89
N LEU B 78 -28.98 -35.86 1.38
CA LEU B 78 -29.82 -34.67 1.41
C LEU B 78 -30.17 -34.31 2.85
N GLN B 79 -30.10 -33.03 3.17
CA GLN B 79 -30.39 -32.51 4.49
C GLN B 79 -31.58 -31.56 4.44
N PRO B 80 -32.24 -31.32 5.58
CA PRO B 80 -33.45 -30.46 5.55
C PRO B 80 -33.19 -29.07 5.00
N GLU B 81 -32.02 -28.49 5.23
CA GLU B 81 -31.74 -27.16 4.71
C GLU B 81 -31.33 -27.17 3.24
N ASP B 82 -31.23 -28.34 2.62
CA ASP B 82 -30.80 -28.44 1.23
C ASP B 82 -31.95 -28.35 0.24
N PHE B 83 -33.20 -28.28 0.71
CA PHE B 83 -34.35 -28.18 -0.18
C PHE B 83 -34.41 -26.77 -0.76
N ALA B 84 -34.10 -26.63 -2.04
CA ALA B 84 -34.01 -25.34 -2.71
C ALA B 84 -34.00 -25.59 -4.22
N THR B 85 -33.81 -24.53 -4.99
CA THR B 85 -33.64 -24.59 -6.43
C THR B 85 -32.15 -24.51 -6.78
N TYR B 86 -31.70 -25.40 -7.66
CA TYR B 86 -30.30 -25.51 -8.03
C TYR B 86 -30.15 -25.14 -9.51
N TYR B 87 -29.28 -24.17 -9.78
CA TYR B 87 -29.02 -23.70 -11.14
C TYR B 87 -27.62 -24.07 -11.57
N CYS B 88 -27.47 -24.45 -12.83
CA CYS B 88 -26.15 -24.55 -13.46
C CYS B 88 -25.93 -23.34 -14.37
N GLN B 89 -24.67 -22.94 -14.50
CA GLN B 89 -24.33 -21.74 -15.26
C GLN B 89 -23.00 -21.96 -15.96
N GLN B 90 -23.00 -21.82 -17.29
CA GLN B 90 -21.78 -22.00 -18.06
C GLN B 90 -20.96 -20.72 -18.07
N SER B 91 -19.64 -20.87 -18.05
CA SER B 91 -18.72 -19.75 -18.05
C SER B 91 -17.69 -19.83 -19.18
N TYR B 92 -17.87 -20.75 -20.12
CA TYR B 92 -17.01 -20.78 -21.31
C TYR B 92 -17.14 -19.50 -22.12
N SER B 93 -18.38 -19.03 -22.33
CA SER B 93 -18.61 -17.78 -23.05
C SER B 93 -18.65 -16.68 -22.01
N THR B 94 -17.48 -16.10 -21.74
CA THR B 94 -17.31 -15.22 -20.59
C THR B 94 -18.16 -13.96 -20.70
N LEU B 95 -18.41 -13.48 -21.91
CA LEU B 95 -19.19 -12.28 -22.13
C LEU B 95 -20.64 -12.57 -22.51
N ALA B 96 -21.06 -13.83 -22.40
CA ALA B 96 -22.45 -14.21 -22.62
C ALA B 96 -22.82 -15.30 -21.61
N LEU B 97 -22.67 -14.98 -20.33
CA LEU B 97 -22.96 -15.94 -19.27
C LEU B 97 -24.44 -16.29 -19.26
N THR B 98 -24.74 -17.59 -19.19
CA THR B 98 -26.11 -18.08 -19.23
C THR B 98 -26.32 -19.13 -18.15
N PHE B 99 -27.50 -19.11 -17.56
CA PHE B 99 -27.87 -20.06 -16.52
C PHE B 99 -28.73 -21.17 -17.10
N GLY B 100 -28.83 -22.27 -16.36
CA GLY B 100 -29.79 -23.31 -16.67
C GLY B 100 -31.19 -22.95 -16.21
N GLY B 101 -32.14 -23.80 -16.61
CA GLY B 101 -33.52 -23.58 -16.22
C GLY B 101 -33.79 -23.75 -14.74
N GLY B 102 -32.96 -24.53 -14.06
CA GLY B 102 -33.08 -24.78 -12.64
C GLY B 102 -33.77 -26.09 -12.33
N THR B 103 -33.37 -26.70 -11.21
CA THR B 103 -33.99 -27.93 -10.72
C THR B 103 -34.41 -27.72 -9.28
N LYS B 104 -35.71 -27.65 -9.04
CA LYS B 104 -36.26 -27.45 -7.70
C LYS B 104 -36.38 -28.80 -7.00
N VAL B 105 -35.61 -28.98 -5.94
CA VAL B 105 -35.66 -30.20 -5.13
C VAL B 105 -36.70 -29.99 -4.04
N GLU B 106 -37.72 -30.83 -4.03
CA GLU B 106 -38.83 -30.73 -3.09
C GLU B 106 -38.81 -31.91 -2.13
N ILE B 107 -39.68 -31.82 -1.11
CA ILE B 107 -39.82 -32.87 -0.11
C ILE B 107 -40.84 -33.89 -0.62
N LYS B 108 -40.43 -35.15 -0.70
CA LYS B 108 -41.38 -36.21 -1.03
C LYS B 108 -42.20 -36.53 0.21
N ARG B 109 -43.52 -36.46 0.06
CA ARG B 109 -44.48 -36.99 1.03
C ARG B 109 -45.40 -37.97 0.29
N THR B 110 -46.32 -38.57 1.03
CA THR B 110 -47.31 -39.42 0.40
C THR B 110 -48.27 -38.60 -0.46
N VAL B 111 -48.85 -39.26 -1.46
CA VAL B 111 -49.75 -38.59 -2.40
C VAL B 111 -51.00 -38.15 -1.65
N ALA B 112 -51.42 -36.90 -1.87
CA ALA B 112 -52.56 -36.33 -1.17
C ALA B 112 -53.56 -35.81 -2.18
N ALA B 113 -54.83 -36.16 -1.98
CA ALA B 113 -55.87 -35.69 -2.88
C ALA B 113 -56.29 -34.28 -2.48
N PRO B 114 -56.59 -33.41 -3.44
CA PRO B 114 -56.99 -32.05 -3.09
C PRO B 114 -58.46 -31.99 -2.71
N SER B 115 -58.77 -31.01 -1.87
CA SER B 115 -60.15 -30.66 -1.55
C SER B 115 -60.52 -29.45 -2.41
N VAL B 116 -61.54 -29.61 -3.24
CA VAL B 116 -61.87 -28.61 -4.23
C VAL B 116 -63.08 -27.83 -3.73
N PHE B 117 -62.93 -26.51 -3.67
CA PHE B 117 -64.01 -25.62 -3.29
C PHE B 117 -64.11 -24.52 -4.34
N ILE B 118 -65.33 -24.08 -4.60
CA ILE B 118 -65.60 -23.03 -5.56
C ILE B 118 -66.37 -21.93 -4.87
N PHE B 119 -66.07 -20.69 -5.24
CA PHE B 119 -66.70 -19.52 -4.62
C PHE B 119 -67.21 -18.61 -5.73
N PRO B 120 -68.49 -18.26 -5.73
CA PRO B 120 -68.99 -17.31 -6.73
C PRO B 120 -68.53 -15.90 -6.41
N PRO B 121 -68.60 -14.98 -7.37
CA PRO B 121 -68.27 -13.58 -7.05
C PRO B 121 -69.31 -12.97 -6.14
N SER B 122 -68.84 -12.14 -5.20
CA SER B 122 -69.73 -11.53 -4.22
C SER B 122 -70.58 -10.43 -4.87
N ASP B 123 -71.71 -10.14 -4.22
CA ASP B 123 -72.57 -9.06 -4.67
C ASP B 123 -71.84 -7.71 -4.65
N GLU B 124 -70.90 -7.53 -3.70
CA GLU B 124 -70.19 -6.26 -3.60
C GLU B 124 -69.23 -6.02 -4.75
N GLN B 125 -68.94 -7.04 -5.56
CA GLN B 125 -68.02 -6.92 -6.69
C GLN B 125 -68.72 -6.76 -8.03
N LEU B 126 -69.88 -7.42 -8.20
CA LEU B 126 -70.56 -7.39 -9.49
C LEU B 126 -70.98 -5.98 -9.90
N LYS B 127 -71.24 -5.10 -8.93
CA LYS B 127 -71.62 -3.72 -9.23
C LYS B 127 -70.48 -2.90 -9.80
N SER B 128 -69.23 -3.37 -9.70
CA SER B 128 -68.09 -2.64 -10.24
C SER B 128 -67.84 -2.94 -11.71
N GLY B 129 -68.42 -4.00 -12.26
CA GLY B 129 -68.28 -4.33 -13.66
C GLY B 129 -67.42 -5.54 -13.96
N THR B 130 -66.78 -6.12 -12.95
CA THR B 130 -65.91 -7.27 -13.15
C THR B 130 -66.46 -8.47 -12.39
N ALA B 131 -66.28 -9.65 -12.97
CA ALA B 131 -66.69 -10.90 -12.34
C ALA B 131 -65.52 -11.87 -12.36
N SER B 132 -65.19 -12.40 -11.18
CA SER B 132 -64.08 -13.33 -11.01
C SER B 132 -64.60 -14.61 -10.40
N VAL B 133 -64.41 -15.73 -11.10
CA VAL B 133 -64.77 -17.04 -10.59
C VAL B 133 -63.50 -17.70 -10.05
N VAL B 134 -63.58 -18.22 -8.84
CA VAL B 134 -62.42 -18.75 -8.13
C VAL B 134 -62.61 -20.23 -7.88
N CYS B 135 -61.55 -20.99 -8.10
CA CYS B 135 -61.50 -22.41 -7.79
C CYS B 135 -60.30 -22.66 -6.88
N LEU B 136 -60.48 -23.54 -5.91
CA LEU B 136 -59.46 -23.80 -4.90
C LEU B 136 -59.09 -25.27 -4.89
N LEU B 137 -57.78 -25.54 -4.88
CA LEU B 137 -57.26 -26.89 -4.65
C LEU B 137 -56.49 -26.83 -3.34
N ASN B 138 -56.96 -27.56 -2.33
CA ASN B 138 -56.47 -27.42 -0.97
C ASN B 138 -55.74 -28.68 -0.55
N ASN B 139 -54.46 -28.52 -0.18
CA ASN B 139 -53.69 -29.57 0.47
C ASN B 139 -53.61 -30.82 -0.40
N PHE B 140 -52.77 -30.79 -1.43
CA PHE B 140 -52.58 -31.92 -2.32
C PHE B 140 -51.09 -32.12 -2.54
N TYR B 141 -50.74 -33.31 -3.02
CA TYR B 141 -49.36 -33.60 -3.37
C TYR B 141 -49.36 -34.67 -4.45
N PRO B 142 -48.52 -34.54 -5.48
CA PRO B 142 -47.50 -33.50 -5.73
C PRO B 142 -48.05 -32.20 -6.31
N ARG B 143 -47.15 -31.32 -6.73
CA ARG B 143 -47.55 -30.01 -7.24
C ARG B 143 -48.25 -30.12 -8.59
N GLU B 144 -47.88 -31.10 -9.41
CA GLU B 144 -48.43 -31.24 -10.74
C GLU B 144 -49.95 -31.44 -10.69
N ALA B 145 -50.69 -30.42 -11.09
CA ALA B 145 -52.14 -30.46 -11.09
C ALA B 145 -52.66 -29.55 -12.18
N LYS B 146 -53.67 -30.00 -12.90
CA LYS B 146 -54.25 -29.25 -14.00
C LYS B 146 -55.63 -28.77 -13.61
N VAL B 147 -55.88 -27.48 -13.80
CA VAL B 147 -57.17 -26.86 -13.52
C VAL B 147 -57.74 -26.39 -14.85
N GLN B 148 -58.88 -26.94 -15.23
CA GLN B 148 -59.52 -26.66 -16.50
C GLN B 148 -60.86 -25.99 -16.24
N TRP B 149 -61.04 -24.79 -16.78
CA TRP B 149 -62.28 -24.06 -16.62
C TRP B 149 -63.24 -24.44 -17.73
N LYS B 150 -64.46 -24.82 -17.36
CA LYS B 150 -65.51 -25.15 -18.32
C LYS B 150 -66.72 -24.28 -18.03
N VAL B 151 -67.07 -23.44 -19.00
CA VAL B 151 -68.24 -22.58 -18.93
C VAL B 151 -69.20 -23.02 -20.02
N ASP B 152 -70.33 -23.61 -19.62
CA ASP B 152 -71.28 -24.25 -20.54
C ASP B 152 -70.58 -25.32 -21.38
N ASN B 153 -69.76 -26.14 -20.73
CA ASN B 153 -68.99 -27.22 -21.35
C ASN B 153 -67.99 -26.69 -22.37
N ALA B 154 -67.73 -25.38 -22.37
CA ALA B 154 -66.77 -24.76 -23.27
C ALA B 154 -65.49 -24.47 -22.48
N LEU B 155 -64.38 -25.01 -22.96
CA LEU B 155 -63.11 -24.83 -22.28
C LEU B 155 -62.68 -23.37 -22.35
N GLN B 156 -62.39 -22.78 -21.20
CA GLN B 156 -61.99 -21.39 -21.14
C GLN B 156 -60.46 -21.35 -21.17
N SER B 157 -59.90 -20.88 -22.28
CA SER B 157 -58.46 -20.70 -22.40
C SER B 157 -58.14 -19.22 -22.55
N GLY B 158 -57.02 -18.80 -21.96
CA GLY B 158 -56.65 -17.41 -22.08
C GLY B 158 -57.47 -16.48 -21.22
N ASN B 159 -58.12 -17.01 -20.17
CA ASN B 159 -59.01 -16.18 -19.35
C ASN B 159 -58.94 -16.48 -17.86
N SER B 160 -57.94 -17.22 -17.40
CA SER B 160 -57.79 -17.52 -15.98
C SER B 160 -56.32 -17.39 -15.60
N GLN B 161 -56.08 -17.23 -14.30
CA GLN B 161 -54.74 -17.11 -13.75
C GLN B 161 -54.59 -18.06 -12.58
N GLU B 162 -53.41 -18.66 -12.44
CA GLU B 162 -53.16 -19.65 -11.40
C GLU B 162 -52.17 -19.10 -10.36
N SER B 163 -52.22 -19.68 -9.16
CA SER B 163 -51.27 -19.35 -8.12
C SER B 163 -51.12 -20.52 -7.16
N VAL B 164 -49.88 -20.90 -6.86
CA VAL B 164 -49.60 -22.04 -5.98
C VAL B 164 -48.78 -21.56 -4.80
N THR B 165 -49.16 -22.01 -3.60
CA THR B 165 -48.43 -21.70 -2.39
C THR B 165 -47.18 -22.58 -2.27
N GLU B 166 -46.27 -22.16 -1.40
CA GLU B 166 -45.14 -22.98 -1.01
C GLU B 166 -45.61 -24.15 -0.14
N GLN B 167 -44.75 -25.16 -0.03
CA GLN B 167 -45.08 -26.34 0.76
C GLN B 167 -45.37 -25.97 2.21
N ASP B 168 -46.51 -26.45 2.72
CA ASP B 168 -46.93 -26.14 4.07
C ASP B 168 -45.97 -26.76 5.10
N SER B 169 -45.74 -26.03 6.19
CA SER B 169 -44.82 -26.51 7.21
C SER B 169 -45.37 -27.69 7.99
N LYS B 170 -46.68 -27.91 7.98
CA LYS B 170 -47.29 -29.02 8.73
C LYS B 170 -47.25 -30.31 7.92
N ASP B 171 -48.05 -30.37 6.85
CA ASP B 171 -48.24 -31.59 6.08
C ASP B 171 -47.50 -31.60 4.75
N SER B 172 -46.74 -30.54 4.45
CA SER B 172 -45.88 -30.49 3.26
C SER B 172 -46.69 -30.62 1.97
N THR B 173 -47.90 -30.07 1.96
CA THR B 173 -48.77 -30.12 0.79
C THR B 173 -48.81 -28.76 0.11
N TYR B 174 -49.36 -28.76 -1.10
CA TYR B 174 -49.51 -27.54 -1.88
C TYR B 174 -50.95 -27.06 -1.84
N SER B 175 -51.16 -25.87 -2.40
CA SER B 175 -52.50 -25.31 -2.55
C SER B 175 -52.49 -24.45 -3.81
N LEU B 176 -53.57 -24.52 -4.57
CA LEU B 176 -53.66 -23.84 -5.85
C LEU B 176 -54.95 -23.05 -5.90
N SER B 177 -54.89 -21.88 -6.52
CA SER B 177 -56.06 -21.02 -6.69
C SER B 177 -56.08 -20.55 -8.14
N SER B 178 -57.20 -20.78 -8.82
CA SER B 178 -57.40 -20.33 -10.18
C SER B 178 -58.50 -19.30 -10.18
N THR B 179 -58.26 -18.18 -10.86
CA THR B 179 -59.19 -17.06 -10.88
C THR B 179 -59.57 -16.82 -12.33
N LEU B 180 -60.83 -17.09 -12.66
CA LEU B 180 -61.34 -16.85 -14.00
C LEU B 180 -61.96 -15.45 -14.01
N THR B 181 -61.42 -14.58 -14.85
CA THR B 181 -61.82 -13.19 -14.88
C THR B 181 -62.51 -12.90 -16.21
N LEU B 182 -63.75 -12.45 -16.13
CA LEU B 182 -64.52 -12.04 -17.30
C LEU B 182 -65.37 -10.84 -16.92
N SER B 183 -65.73 -10.05 -17.91
CA SER B 183 -66.61 -8.91 -17.67
C SER B 183 -68.02 -9.38 -17.37
N LYS B 184 -68.82 -8.47 -16.82
CA LYS B 184 -70.21 -8.79 -16.47
C LYS B 184 -71.02 -9.16 -17.70
N ALA B 185 -70.77 -8.49 -18.84
CA ALA B 185 -71.49 -8.82 -20.06
C ALA B 185 -71.25 -10.27 -20.46
N ASP B 186 -70.01 -10.75 -20.30
CA ASP B 186 -69.72 -12.16 -20.55
C ASP B 186 -70.31 -13.08 -19.48
N TYR B 187 -70.60 -12.55 -18.29
CA TYR B 187 -71.05 -13.40 -17.19
C TYR B 187 -72.49 -13.85 -17.36
N GLU B 188 -73.42 -12.92 -17.63
CA GLU B 188 -74.80 -13.31 -17.86
C GLU B 188 -75.02 -13.95 -19.23
N LYS B 189 -73.98 -14.08 -20.06
CA LYS B 189 -74.13 -14.73 -21.34
C LYS B 189 -74.18 -16.25 -21.23
N HIS B 190 -73.66 -16.79 -20.12
CA HIS B 190 -73.58 -18.23 -19.90
C HIS B 190 -74.28 -18.60 -18.60
N LYS B 191 -74.42 -19.90 -18.38
CA LYS B 191 -75.13 -20.43 -17.22
C LYS B 191 -74.26 -21.32 -16.36
N VAL B 192 -73.59 -22.31 -16.95
CA VAL B 192 -72.84 -23.30 -16.19
C VAL B 192 -71.43 -22.79 -15.92
N TYR B 193 -71.03 -22.83 -14.65
CA TYR B 193 -69.68 -22.47 -14.25
C TYR B 193 -69.12 -23.62 -13.43
N ALA B 194 -68.06 -24.25 -13.94
CA ALA B 194 -67.49 -25.46 -13.36
C ALA B 194 -65.97 -25.34 -13.31
N CYS B 195 -65.37 -26.18 -12.46
CA CYS B 195 -63.92 -26.26 -12.35
C CYS B 195 -63.52 -27.73 -12.34
N GLU B 196 -62.76 -28.13 -13.35
CA GLU B 196 -62.28 -29.51 -13.48
C GLU B 196 -60.88 -29.62 -12.92
N VAL B 197 -60.64 -30.68 -12.15
CA VAL B 197 -59.37 -30.88 -11.46
C VAL B 197 -58.83 -32.26 -11.83
N THR B 198 -57.59 -32.29 -12.35
CA THR B 198 -56.89 -33.52 -12.63
C THR B 198 -55.65 -33.57 -11.76
N HIS B 199 -55.47 -34.68 -11.05
CA HIS B 199 -54.36 -34.79 -10.11
C HIS B 199 -54.00 -36.26 -9.95
N GLN B 200 -52.76 -36.50 -9.53
CA GLN B 200 -52.28 -37.87 -9.35
C GLN B 200 -53.10 -38.61 -8.29
N GLY B 201 -53.58 -37.90 -7.27
CA GLY B 201 -54.36 -38.50 -6.22
C GLY B 201 -55.83 -38.69 -6.50
N LEU B 202 -56.25 -38.51 -7.75
CA LEU B 202 -57.65 -38.67 -8.15
C LEU B 202 -57.73 -39.77 -9.21
N SER B 203 -58.51 -40.82 -8.91
CA SER B 203 -58.70 -41.90 -9.86
C SER B 203 -59.46 -41.47 -11.11
N SER B 204 -60.14 -40.32 -11.05
CA SER B 204 -60.84 -39.76 -12.19
C SER B 204 -60.93 -38.25 -12.00
N PRO B 205 -61.13 -37.49 -13.08
CA PRO B 205 -61.24 -36.04 -12.92
C PRO B 205 -62.44 -35.66 -12.07
N VAL B 206 -62.21 -34.79 -11.10
CA VAL B 206 -63.25 -34.29 -10.20
C VAL B 206 -63.62 -32.87 -10.62
N THR B 207 -64.92 -32.57 -10.62
CA THR B 207 -65.42 -31.27 -11.04
C THR B 207 -66.37 -30.72 -9.98
N LYS B 208 -66.12 -29.49 -9.54
CA LYS B 208 -66.99 -28.78 -8.61
C LYS B 208 -67.56 -27.57 -9.33
N SER B 209 -68.88 -27.39 -9.21
CA SER B 209 -69.58 -26.37 -9.98
C SER B 209 -70.71 -25.77 -9.15
N PHE B 210 -71.33 -24.74 -9.70
CA PHE B 210 -72.51 -24.12 -9.10
C PHE B 210 -73.31 -23.46 -10.21
N ASN B 211 -74.57 -23.16 -9.90
CA ASN B 211 -75.46 -22.45 -10.81
C ASN B 211 -75.70 -21.04 -10.31
N ARG B 212 -75.65 -20.07 -11.22
CA ARG B 212 -75.85 -18.67 -10.88
C ARG B 212 -77.25 -18.44 -10.33
N GLU C 1 -36.46 29.95 -42.02
CA GLU C 1 -37.10 28.64 -41.84
C GLU C 1 -36.18 27.71 -41.03
N VAL C 2 -36.22 27.86 -39.71
CA VAL C 2 -35.46 27.01 -38.79
C VAL C 2 -36.43 26.47 -37.75
N GLN C 3 -36.50 25.15 -37.61
CA GLN C 3 -37.46 24.49 -36.73
C GLN C 3 -36.73 23.71 -35.64
N LEU C 4 -37.30 23.75 -34.44
CA LEU C 4 -36.80 22.99 -33.29
C LEU C 4 -38.00 22.45 -32.53
N VAL C 5 -38.04 21.14 -32.33
CA VAL C 5 -39.17 20.47 -31.67
C VAL C 5 -38.64 19.68 -30.49
N GLU C 6 -39.14 20.00 -29.30
CA GLU C 6 -38.74 19.31 -28.08
C GLU C 6 -39.73 18.20 -27.73
N SER C 7 -39.29 17.31 -26.84
CA SER C 7 -40.11 16.22 -26.35
C SER C 7 -39.43 15.62 -25.13
N GLY C 8 -40.19 14.81 -24.39
CA GLY C 8 -39.67 14.11 -23.23
C GLY C 8 -40.00 14.74 -21.89
N GLY C 9 -40.81 15.80 -21.87
CA GLY C 9 -41.17 16.42 -20.60
C GLY C 9 -42.32 15.72 -19.91
N GLY C 10 -42.47 16.02 -18.63
CA GLY C 10 -43.55 15.42 -17.85
C GLY C 10 -43.34 15.60 -16.37
N VAL C 11 -43.87 14.65 -15.60
CA VAL C 11 -43.75 14.67 -14.15
C VAL C 11 -42.63 13.74 -13.73
N VAL C 12 -41.95 14.08 -12.65
CA VAL C 12 -40.81 13.31 -12.16
C VAL C 12 -40.62 13.60 -10.69
N GLN C 13 -40.33 12.55 -9.92
CA GLN C 13 -40.09 12.69 -8.50
C GLN C 13 -38.68 13.20 -8.22
N PRO C 14 -38.46 13.83 -7.07
CA PRO C 14 -37.12 14.30 -6.72
C PRO C 14 -36.14 13.13 -6.62
N GLY C 15 -34.94 13.33 -7.14
CA GLY C 15 -33.92 12.32 -7.15
C GLY C 15 -33.97 11.36 -8.32
N ARG C 16 -35.06 11.37 -9.08
CA ARG C 16 -35.17 10.52 -10.27
C ARG C 16 -34.43 11.20 -11.43
N SER C 17 -34.59 10.67 -12.63
CA SER C 17 -33.89 11.19 -13.80
C SER C 17 -34.86 11.32 -14.97
N LEU C 18 -34.52 12.21 -15.89
CA LEU C 18 -35.35 12.49 -17.06
C LEU C 18 -34.48 12.92 -18.23
N ARG C 19 -34.86 12.51 -19.43
CA ARG C 19 -34.13 12.78 -20.66
C ARG C 19 -35.01 13.58 -21.61
N LEU C 20 -34.46 14.67 -22.14
CA LEU C 20 -35.17 15.53 -23.08
C LEU C 20 -34.53 15.42 -24.46
N SER C 21 -35.31 15.77 -25.48
CA SER C 21 -34.87 15.70 -26.87
C SER C 21 -35.20 17.01 -27.58
N CYS C 22 -34.59 17.19 -28.76
CA CYS C 22 -34.77 18.42 -29.52
C CYS C 22 -34.40 18.12 -30.97
N ALA C 23 -35.41 17.86 -31.80
CA ALA C 23 -35.20 17.53 -33.21
C ALA C 23 -35.08 18.82 -34.01
N ALA C 24 -33.95 18.98 -34.70
CA ALA C 24 -33.69 20.16 -35.52
C ALA C 24 -33.99 19.86 -36.99
N SER C 25 -34.18 20.93 -37.76
CA SER C 25 -34.53 20.79 -39.17
C SER C 25 -34.19 22.06 -39.92
N ALA C 26 -33.88 21.89 -41.21
CA ALA C 26 -33.73 22.99 -42.17
C ALA C 26 -32.52 23.87 -41.86
N PHE C 27 -31.43 23.25 -41.39
CA PHE C 27 -30.15 23.92 -41.28
C PHE C 27 -29.08 22.87 -41.01
N THR C 28 -27.84 23.24 -41.29
CA THR C 28 -26.69 22.35 -41.06
C THR C 28 -26.52 22.15 -39.56
N PHE C 29 -27.04 21.03 -39.04
CA PHE C 29 -27.04 20.81 -37.61
C PHE C 29 -25.66 20.41 -37.09
N SER C 30 -24.85 19.77 -37.92
CA SER C 30 -23.54 19.29 -37.50
C SER C 30 -22.48 20.39 -37.51
N SER C 31 -22.86 21.64 -37.76
CA SER C 31 -21.92 22.74 -37.80
C SER C 31 -22.16 23.82 -36.76
N TYR C 32 -23.33 23.83 -36.10
CA TYR C 32 -23.66 24.84 -35.11
C TYR C 32 -23.61 24.27 -33.70
N ASP C 33 -23.22 25.11 -32.76
CA ASP C 33 -23.33 24.78 -31.34
C ASP C 33 -24.79 24.83 -30.92
N MET C 34 -25.12 24.07 -29.88
CA MET C 34 -26.48 24.00 -29.38
C MET C 34 -26.51 24.28 -27.89
N HIS C 35 -27.65 24.80 -27.42
CA HIS C 35 -27.81 25.22 -26.05
C HIS C 35 -29.07 24.62 -25.45
N TRP C 36 -29.15 24.65 -24.12
CA TRP C 36 -30.37 24.38 -23.39
C TRP C 36 -30.63 25.55 -22.45
N VAL C 37 -31.84 26.09 -22.50
CA VAL C 37 -32.24 27.21 -21.66
C VAL C 37 -33.59 26.89 -21.04
N ARG C 38 -33.67 26.99 -19.71
CA ARG C 38 -34.90 26.72 -18.98
C ARG C 38 -35.47 28.01 -18.41
N GLN C 39 -36.75 27.94 -18.01
CA GLN C 39 -37.45 29.10 -17.47
C GLN C 39 -38.45 28.62 -16.45
N ALA C 40 -38.20 28.93 -15.17
CA ALA C 40 -39.09 28.52 -14.11
C ALA C 40 -40.44 29.22 -14.25
N PRO C 41 -41.51 28.64 -13.68
CA PRO C 41 -42.83 29.28 -13.77
C PRO C 41 -42.81 30.69 -13.20
N GLY C 42 -43.20 31.66 -14.03
CA GLY C 42 -43.24 33.05 -13.63
C GLY C 42 -41.89 33.72 -13.46
N LYS C 43 -40.80 33.01 -13.70
CA LYS C 43 -39.46 33.56 -13.53
C LYS C 43 -38.85 33.89 -14.89
N GLY C 44 -37.55 34.19 -14.90
CA GLY C 44 -36.84 34.56 -16.10
C GLY C 44 -36.14 33.37 -16.74
N LEU C 45 -35.22 33.70 -17.66
CA LEU C 45 -34.49 32.68 -18.41
C LEU C 45 -33.15 32.39 -17.73
N GLU C 46 -32.75 31.12 -17.79
CA GLU C 46 -31.48 30.69 -17.20
C GLU C 46 -30.81 29.72 -18.15
N TRP C 47 -29.62 30.08 -18.62
CA TRP C 47 -28.85 29.20 -19.49
C TRP C 47 -28.36 27.97 -18.73
N VAL C 48 -28.51 26.80 -19.35
CA VAL C 48 -28.21 25.54 -18.69
C VAL C 48 -26.87 24.99 -19.16
N ALA C 49 -26.76 24.69 -20.45
CA ALA C 49 -25.58 24.01 -20.96
C ALA C 49 -25.40 24.33 -22.44
N VAL C 50 -24.23 23.98 -22.96
CA VAL C 50 -23.88 24.15 -24.37
C VAL C 50 -23.03 22.97 -24.81
N ILE C 51 -23.18 22.59 -26.07
CA ILE C 51 -22.38 21.52 -26.67
C ILE C 51 -21.86 21.98 -28.01
N SER C 52 -20.66 21.52 -28.36
CA SER C 52 -19.99 21.94 -29.59
C SER C 52 -20.70 21.36 -30.82
N TYR C 53 -20.22 21.75 -31.99
CA TYR C 53 -20.79 21.26 -33.24
C TYR C 53 -20.58 19.76 -33.39
N ASP C 54 -19.38 19.27 -33.05
CA ASP C 54 -19.05 17.86 -33.15
C ASP C 54 -19.37 17.08 -31.87
N GLY C 55 -19.81 17.77 -30.82
CA GLY C 55 -20.14 17.10 -29.58
C GLY C 55 -18.97 16.69 -28.72
N SER C 56 -17.78 17.20 -29.00
CA SER C 56 -16.59 16.83 -28.23
C SER C 56 -16.41 17.68 -26.99
N ASN C 57 -16.94 18.89 -26.98
CA ASN C 57 -16.80 19.81 -25.85
C ASN C 57 -18.19 20.11 -25.28
N LYS C 58 -18.31 20.00 -23.96
CA LYS C 58 -19.56 20.25 -23.26
C LYS C 58 -19.29 21.16 -22.07
N TYR C 59 -20.17 22.14 -21.87
CA TYR C 59 -20.01 23.09 -20.78
C TYR C 59 -21.36 23.36 -20.14
N TYR C 60 -21.38 23.44 -18.81
CA TYR C 60 -22.61 23.50 -18.04
C TYR C 60 -22.58 24.66 -17.06
N ALA C 61 -23.76 25.17 -16.73
CA ALA C 61 -23.90 26.15 -15.66
C ALA C 61 -23.66 25.49 -14.31
N ASP C 62 -23.27 26.31 -13.33
CA ASP C 62 -22.94 25.79 -12.01
C ASP C 62 -24.16 25.21 -11.31
N SER C 63 -25.37 25.70 -11.66
CA SER C 63 -26.57 25.20 -11.01
C SER C 63 -26.92 23.77 -11.41
N VAL C 64 -26.35 23.28 -12.53
CA VAL C 64 -26.66 21.96 -13.03
C VAL C 64 -25.42 21.11 -13.26
N LYS C 65 -24.22 21.62 -12.95
CA LYS C 65 -23.00 20.89 -13.22
C LYS C 65 -22.90 19.64 -12.35
N GLY C 66 -22.36 18.57 -12.91
CA GLY C 66 -22.32 17.31 -12.20
C GLY C 66 -23.68 16.72 -11.91
N ARG C 67 -24.71 17.12 -12.66
CA ARG C 67 -26.07 16.69 -12.39
C ARG C 67 -26.84 16.51 -13.70
N PHE C 68 -26.56 17.37 -14.67
CA PHE C 68 -27.12 17.26 -16.01
C PHE C 68 -26.02 16.86 -16.99
N THR C 69 -26.44 16.34 -18.14
CA THR C 69 -25.51 15.93 -19.19
C THR C 69 -26.11 16.27 -20.54
N ILE C 70 -25.36 17.02 -21.35
CA ILE C 70 -25.79 17.41 -22.68
C ILE C 70 -25.09 16.53 -23.71
N SER C 71 -25.80 16.17 -24.76
CA SER C 71 -25.26 15.32 -25.82
C SER C 71 -26.06 15.55 -27.08
N ARG C 72 -25.51 15.10 -28.21
CA ARG C 72 -26.17 15.31 -29.50
C ARG C 72 -25.81 14.16 -30.44
N ASP C 73 -26.75 13.86 -31.33
CA ASP C 73 -26.57 12.83 -32.36
C ASP C 73 -26.74 13.52 -33.71
N ASN C 74 -25.63 13.83 -34.37
CA ASN C 74 -25.69 14.56 -35.64
C ASN C 74 -26.31 13.74 -36.76
N SER C 75 -26.26 12.41 -36.68
CA SER C 75 -26.88 11.59 -37.71
C SER C 75 -28.40 11.68 -37.67
N LYS C 76 -28.97 11.92 -36.49
CA LYS C 76 -30.41 12.06 -36.33
C LYS C 76 -30.85 13.51 -36.20
N ASN C 77 -29.90 14.46 -36.18
CA ASN C 77 -30.21 15.89 -36.06
C ASN C 77 -31.01 16.17 -34.78
N THR C 78 -30.63 15.51 -33.69
CA THR C 78 -31.32 15.65 -32.41
C THR C 78 -30.35 16.07 -31.31
N LEU C 79 -30.86 16.86 -30.38
CA LEU C 79 -30.11 17.32 -29.21
C LEU C 79 -30.72 16.72 -27.96
N TYR C 80 -29.88 16.28 -27.03
CA TYR C 80 -30.33 15.59 -25.84
C TYR C 80 -29.87 16.32 -24.57
N LEU C 81 -30.62 16.10 -23.49
CA LEU C 81 -30.28 16.67 -22.19
C LEU C 81 -30.69 15.65 -21.13
N GLN C 82 -29.72 14.85 -20.67
CA GLN C 82 -29.97 13.88 -19.61
C GLN C 82 -29.94 14.59 -18.27
N MET C 83 -31.11 14.70 -17.64
CA MET C 83 -31.25 15.39 -16.36
C MET C 83 -31.39 14.34 -15.25
N ASN C 84 -30.35 14.18 -14.46
CA ASN C 84 -30.34 13.25 -13.34
C ASN C 84 -30.37 14.02 -12.03
N SER C 85 -30.84 13.35 -10.98
CA SER C 85 -30.95 13.92 -9.64
C SER C 85 -31.68 15.27 -9.67
N LEU C 86 -32.94 15.22 -10.09
CA LEU C 86 -33.73 16.41 -10.28
C LEU C 86 -34.28 16.91 -8.94
N ARG C 87 -34.05 18.20 -8.67
CA ARG C 87 -34.60 18.85 -7.48
C ARG C 87 -35.83 19.67 -7.85
N ALA C 88 -36.53 20.14 -6.82
CA ALA C 88 -37.70 20.99 -7.05
C ALA C 88 -37.33 22.28 -7.76
N GLU C 89 -36.09 22.74 -7.59
CA GLU C 89 -35.63 23.95 -8.27
C GLU C 89 -35.49 23.77 -9.78
N ASP C 90 -35.49 22.53 -10.26
CA ASP C 90 -35.38 22.26 -11.69
C ASP C 90 -36.70 22.40 -12.43
N THR C 91 -37.80 22.61 -11.71
CA THR C 91 -39.11 22.76 -12.33
C THR C 91 -39.13 23.99 -13.24
N ALA C 92 -39.17 23.76 -14.55
CA ALA C 92 -39.09 24.84 -15.52
C ALA C 92 -39.49 24.31 -16.89
N VAL C 93 -39.75 25.23 -17.81
CA VAL C 93 -39.95 24.90 -19.21
C VAL C 93 -38.59 24.93 -19.89
N TYR C 94 -38.20 23.82 -20.50
CA TYR C 94 -36.87 23.66 -21.08
C TYR C 94 -36.92 23.94 -22.57
N TYR C 95 -36.11 24.90 -23.02
CA TYR C 95 -35.97 25.23 -24.42
C TYR C 95 -34.62 24.76 -24.93
N CYS C 96 -34.56 24.39 -26.20
CA CYS C 96 -33.31 24.24 -26.92
C CYS C 96 -33.15 25.40 -27.90
N ALA C 97 -31.92 25.90 -28.02
CA ALA C 97 -31.66 27.09 -28.82
C ALA C 97 -30.43 26.86 -29.70
N LYS C 98 -30.56 27.23 -30.97
CA LYS C 98 -29.44 27.16 -31.89
C LYS C 98 -28.52 28.36 -31.68
N ASP C 99 -27.22 28.12 -31.76
CA ASP C 99 -26.25 29.20 -31.62
C ASP C 99 -26.23 30.04 -32.90
N GLY C 100 -26.10 31.35 -32.72
CA GLY C 100 -26.05 32.23 -33.87
C GLY C 100 -24.80 32.01 -34.71
N GLY C 101 -23.63 31.97 -34.06
CA GLY C 101 -22.39 31.65 -34.73
C GLY C 101 -21.76 32.79 -35.51
N LYS C 102 -22.34 33.99 -35.48
CA LYS C 102 -21.79 35.12 -36.20
C LYS C 102 -20.83 35.95 -35.34
N LEU C 103 -20.63 35.58 -34.09
CA LEU C 103 -19.74 36.29 -33.18
C LEU C 103 -18.73 35.31 -32.60
N TRP C 104 -17.75 35.87 -31.89
CA TRP C 104 -16.82 35.05 -31.12
C TRP C 104 -17.45 34.45 -29.88
N VAL C 105 -18.64 34.92 -29.49
CA VAL C 105 -19.31 34.49 -28.27
C VAL C 105 -20.64 33.84 -28.63
N TYR C 106 -21.22 33.16 -27.66
CA TYR C 106 -22.49 32.48 -27.85
C TYR C 106 -23.66 33.46 -27.84
N TYR C 107 -24.68 33.14 -28.64
CA TYR C 107 -25.96 33.83 -28.60
C TYR C 107 -26.97 33.00 -29.36
N PHE C 108 -28.23 33.05 -28.89
CA PHE C 108 -29.29 32.21 -29.41
C PHE C 108 -30.10 32.99 -30.45
N ASP C 109 -30.25 32.42 -31.64
CA ASP C 109 -31.04 33.04 -32.71
C ASP C 109 -32.37 32.37 -32.96
N TYR C 110 -32.51 31.09 -32.63
CA TYR C 110 -33.77 30.37 -32.80
C TYR C 110 -34.01 29.48 -31.58
N TRP C 111 -35.27 29.39 -31.16
CA TRP C 111 -35.66 28.66 -29.98
C TRP C 111 -36.72 27.63 -30.31
N GLY C 112 -36.76 26.56 -29.53
CA GLY C 112 -37.84 25.59 -29.64
C GLY C 112 -39.06 26.01 -28.84
N GLN C 113 -40.19 25.35 -29.13
CA GLN C 113 -41.44 25.71 -28.45
C GLN C 113 -41.40 25.38 -26.96
N GLY C 114 -40.56 24.44 -26.54
CA GLY C 114 -40.38 24.19 -25.12
C GLY C 114 -41.29 23.09 -24.59
N THR C 115 -40.76 22.37 -23.60
CA THR C 115 -41.51 21.33 -22.90
C THR C 115 -41.34 21.52 -21.40
N LEU C 116 -42.39 21.20 -20.65
CA LEU C 116 -42.41 21.42 -19.21
C LEU C 116 -41.92 20.20 -18.46
N VAL C 117 -41.13 20.43 -17.41
CA VAL C 117 -40.65 19.40 -16.49
C VAL C 117 -41.05 19.82 -15.10
N THR C 118 -41.94 19.06 -14.47
CA THR C 118 -42.43 19.35 -13.13
C THR C 118 -41.82 18.32 -12.17
N VAL C 119 -40.94 18.78 -11.31
CA VAL C 119 -40.23 17.92 -10.35
C VAL C 119 -40.93 18.02 -9.01
N SER C 120 -41.61 16.95 -8.61
CA SER C 120 -42.30 16.89 -7.33
C SER C 120 -42.65 15.44 -7.03
N SER C 121 -42.67 15.10 -5.75
CA SER C 121 -42.98 13.75 -5.29
C SER C 121 -44.47 13.53 -5.08
N ALA C 122 -45.30 14.50 -5.42
CA ALA C 122 -46.73 14.41 -5.15
C ALA C 122 -47.40 13.58 -6.23
N SER C 123 -48.27 12.66 -5.81
CA SER C 123 -49.00 11.82 -6.75
C SER C 123 -50.08 12.64 -7.45
N THR C 124 -50.48 12.17 -8.63
CA THR C 124 -51.49 12.84 -9.43
C THR C 124 -52.83 12.76 -8.73
N LYS C 125 -53.19 13.83 -8.00
CA LYS C 125 -54.42 13.88 -7.23
C LYS C 125 -55.48 14.68 -7.97
N GLY C 126 -56.73 14.24 -7.84
CA GLY C 126 -57.84 14.92 -8.46
C GLY C 126 -58.27 16.17 -7.71
N PRO C 127 -58.89 17.10 -8.42
CA PRO C 127 -59.29 18.37 -7.79
C PRO C 127 -60.55 18.23 -6.95
N SER C 128 -60.66 19.11 -5.96
CA SER C 128 -61.87 19.26 -5.15
C SER C 128 -62.44 20.66 -5.43
N VAL C 129 -63.59 20.69 -6.09
CA VAL C 129 -64.21 21.94 -6.51
C VAL C 129 -65.22 22.39 -5.46
N PHE C 130 -65.09 23.64 -5.01
CA PHE C 130 -66.00 24.24 -4.05
C PHE C 130 -66.63 25.49 -4.63
N PRO C 131 -67.91 25.73 -4.39
CA PRO C 131 -68.59 26.87 -5.01
C PRO C 131 -68.29 28.17 -4.28
N LEU C 132 -68.62 29.27 -4.96
CA LEU C 132 -68.46 30.62 -4.42
C LEU C 132 -69.78 31.34 -4.58
N ALA C 133 -70.59 31.37 -3.52
CA ALA C 133 -71.92 31.95 -3.62
C ALA C 133 -71.85 33.47 -3.49
N PRO C 134 -72.64 34.20 -4.26
CA PRO C 134 -72.64 35.66 -4.16
C PRO C 134 -73.38 36.14 -2.92
N SER C 135 -72.97 37.32 -2.45
CA SER C 135 -73.58 37.91 -1.27
C SER C 135 -74.51 39.06 -1.65
N GLY C 142 -74.43 47.93 -10.59
CA GLY C 142 -74.60 47.05 -9.44
C GLY C 142 -74.94 45.62 -9.84
N THR C 143 -73.94 44.88 -10.27
CA THR C 143 -74.08 43.48 -10.65
C THR C 143 -73.48 42.58 -9.58
N ALA C 144 -73.59 41.28 -9.80
CA ALA C 144 -73.08 40.28 -8.87
C ALA C 144 -72.06 39.39 -9.57
N ALA C 145 -71.35 38.59 -8.77
CA ALA C 145 -70.32 37.71 -9.28
C ALA C 145 -70.39 36.38 -8.56
N LEU C 146 -69.95 35.32 -9.25
CA LEU C 146 -69.93 33.99 -8.69
C LEU C 146 -68.91 33.16 -9.45
N GLY C 147 -68.45 32.08 -8.83
CA GLY C 147 -67.46 31.25 -9.47
C GLY C 147 -67.26 29.95 -8.72
N CYS C 148 -66.19 29.24 -9.11
CA CYS C 148 -65.83 27.96 -8.53
C CYS C 148 -64.38 28.00 -8.06
N LEU C 149 -64.07 27.18 -7.06
CA LEU C 149 -62.74 27.11 -6.47
C LEU C 149 -62.18 25.71 -6.68
N VAL C 150 -61.26 25.57 -7.62
CA VAL C 150 -60.57 24.30 -7.88
C VAL C 150 -59.36 24.25 -6.97
N LYS C 151 -59.43 23.42 -5.93
CA LYS C 151 -58.41 23.36 -4.90
C LYS C 151 -57.86 21.94 -4.78
N ASP C 152 -56.57 21.85 -4.44
CA ASP C 152 -55.90 20.58 -4.14
C ASP C 152 -55.92 19.64 -5.34
N TYR C 153 -55.06 19.89 -6.32
CA TYR C 153 -54.93 19.00 -7.47
C TYR C 153 -53.49 19.03 -7.96
N PHE C 154 -53.02 17.89 -8.46
CA PHE C 154 -51.68 17.77 -8.99
C PHE C 154 -51.71 16.85 -10.20
N PRO C 155 -51.03 17.22 -11.30
CA PRO C 155 -50.33 18.48 -11.52
C PRO C 155 -51.11 19.40 -12.46
N GLU C 156 -50.47 20.44 -12.97
CA GLU C 156 -51.09 21.29 -13.97
C GLU C 156 -51.37 20.50 -15.25
N PRO C 157 -52.40 20.88 -16.02
CA PRO C 157 -53.37 21.93 -15.73
C PRO C 157 -54.78 21.40 -15.51
N VAL C 158 -55.75 22.29 -15.33
CA VAL C 158 -57.16 21.95 -15.29
C VAL C 158 -57.91 22.98 -16.14
N THR C 159 -58.83 22.49 -16.96
CA THR C 159 -59.61 23.35 -17.84
C THR C 159 -60.97 23.61 -17.20
N VAL C 160 -61.33 24.89 -17.07
CA VAL C 160 -62.57 25.30 -16.42
C VAL C 160 -63.38 26.11 -17.42
N SER C 161 -64.62 25.69 -17.66
CA SER C 161 -65.54 26.41 -18.53
C SER C 161 -66.90 26.49 -17.84
N TRP C 162 -67.77 27.33 -18.40
CA TRP C 162 -69.09 27.57 -17.84
C TRP C 162 -70.14 27.22 -18.88
N ASN C 163 -71.12 26.40 -18.46
CA ASN C 163 -72.19 25.94 -19.34
C ASN C 163 -71.62 25.22 -20.57
N SER C 164 -70.57 24.42 -20.34
CA SER C 164 -69.91 23.65 -21.38
C SER C 164 -69.38 24.56 -22.49
N GLY C 165 -68.80 25.70 -22.10
CA GLY C 165 -68.26 26.64 -23.06
C GLY C 165 -69.28 27.61 -23.63
N ALA C 166 -70.53 27.55 -23.18
CA ALA C 166 -71.56 28.44 -23.70
C ALA C 166 -71.47 29.84 -23.13
N LEU C 167 -71.02 29.98 -21.89
CA LEU C 167 -70.88 31.28 -21.23
C LEU C 167 -69.47 31.79 -21.43
N THR C 168 -69.30 32.73 -22.37
CA THR C 168 -67.98 33.26 -22.72
C THR C 168 -67.72 34.63 -22.12
N SER C 169 -68.68 35.54 -22.22
CA SER C 169 -68.47 36.92 -21.80
C SER C 169 -68.53 37.02 -20.27
N GLY C 170 -67.56 37.72 -19.69
CA GLY C 170 -67.55 37.96 -18.26
C GLY C 170 -66.81 36.94 -17.42
N VAL C 171 -66.16 35.98 -18.05
CA VAL C 171 -65.46 34.92 -17.32
C VAL C 171 -64.01 35.30 -17.12
N HIS C 172 -63.50 35.08 -15.91
CA HIS C 172 -62.10 35.31 -15.57
C HIS C 172 -61.59 34.09 -14.81
N THR C 173 -60.76 33.30 -15.47
CA THR C 173 -60.11 32.15 -14.85
C THR C 173 -58.69 32.55 -14.43
N PHE C 174 -58.38 32.39 -13.15
CA PHE C 174 -57.09 32.85 -12.68
C PHE C 174 -56.05 31.75 -12.77
N PRO C 175 -54.79 32.11 -13.01
CA PRO C 175 -53.72 31.11 -13.00
C PRO C 175 -53.62 30.41 -11.66
N ALA C 176 -53.18 29.15 -11.70
CA ALA C 176 -53.06 28.37 -10.48
C ALA C 176 -51.89 28.85 -9.63
N VAL C 177 -51.95 28.51 -8.35
CA VAL C 177 -50.90 28.83 -7.38
C VAL C 177 -50.49 27.55 -6.68
N LEU C 178 -49.18 27.41 -6.45
CA LEU C 178 -48.64 26.22 -5.78
C LEU C 178 -48.63 26.50 -4.29
N GLN C 179 -49.63 25.95 -3.58
CA GLN C 179 -49.72 26.15 -2.14
C GLN C 179 -48.68 25.31 -1.42
N SER C 180 -48.62 25.48 -0.09
CA SER C 180 -47.60 24.82 0.72
C SER C 180 -47.74 23.31 0.74
N SER C 181 -48.90 22.78 0.37
CA SER C 181 -49.15 21.34 0.40
C SER C 181 -48.69 20.63 -0.88
N GLY C 182 -47.83 21.28 -1.68
CA GLY C 182 -47.37 20.69 -2.92
C GLY C 182 -48.42 20.59 -4.01
N LEU C 183 -49.67 20.95 -3.73
CA LEU C 183 -50.75 20.90 -4.69
C LEU C 183 -51.00 22.29 -5.28
N TYR C 184 -51.93 22.37 -6.21
CA TYR C 184 -52.28 23.61 -6.88
C TYR C 184 -53.69 24.04 -6.48
N SER C 185 -53.92 25.35 -6.51
CA SER C 185 -55.23 25.92 -6.25
C SER C 185 -55.54 26.94 -7.35
N LEU C 186 -56.75 26.90 -7.88
CA LEU C 186 -57.13 27.75 -9.00
C LEU C 186 -58.53 28.30 -8.76
N SER C 187 -58.73 29.53 -9.22
CA SER C 187 -60.01 30.22 -9.07
C SER C 187 -60.54 30.61 -10.45
N SER C 188 -61.85 30.42 -10.64
CA SER C 188 -62.52 30.82 -11.87
C SER C 188 -63.83 31.47 -11.50
N VAL C 189 -64.06 32.69 -11.98
CA VAL C 189 -65.24 33.47 -11.63
C VAL C 189 -65.90 33.97 -12.91
N VAL C 190 -67.13 34.45 -12.76
CA VAL C 190 -67.89 35.02 -13.87
C VAL C 190 -68.93 36.00 -13.31
N THR C 191 -69.01 37.19 -13.90
CA THR C 191 -69.96 38.21 -13.48
C THR C 191 -71.18 38.15 -14.39
N VAL C 192 -72.36 38.00 -13.78
CA VAL C 192 -73.60 37.89 -14.53
C VAL C 192 -74.58 38.93 -14.00
N PRO C 193 -75.55 39.33 -14.81
CA PRO C 193 -76.58 40.27 -14.33
C PRO C 193 -77.37 39.66 -13.17
N SER C 194 -77.68 40.51 -12.18
CA SER C 194 -78.34 40.05 -10.97
C SER C 194 -79.79 39.67 -11.19
N SER C 195 -80.37 39.96 -12.36
CA SER C 195 -81.76 39.63 -12.61
C SER C 195 -81.93 38.16 -12.96
N SER C 196 -81.05 37.62 -13.80
CA SER C 196 -81.08 36.19 -14.15
C SER C 196 -80.18 35.42 -13.19
N LEU C 197 -80.66 35.24 -11.96
CA LEU C 197 -79.95 34.50 -10.93
C LEU C 197 -80.63 33.18 -10.63
N GLY C 198 -81.86 33.20 -10.15
CA GLY C 198 -82.61 31.98 -9.96
C GLY C 198 -83.19 31.40 -11.24
N THR C 199 -83.24 32.19 -12.31
CA THR C 199 -83.75 31.74 -13.59
C THR C 199 -82.65 31.11 -14.45
N GLN C 200 -81.46 31.69 -14.45
CA GLN C 200 -80.33 31.17 -15.19
C GLN C 200 -79.47 30.31 -14.29
N THR C 201 -79.24 29.06 -14.70
CA THR C 201 -78.44 28.12 -13.93
C THR C 201 -77.00 28.16 -14.40
N TYR C 202 -76.06 28.14 -13.46
CA TYR C 202 -74.63 28.25 -13.75
C TYR C 202 -73.92 27.01 -13.23
N ILE C 203 -73.21 26.32 -14.11
CA ILE C 203 -72.46 25.12 -13.78
C ILE C 203 -71.06 25.26 -14.36
N CYS C 204 -70.05 25.13 -13.51
CA CYS C 204 -68.66 25.18 -13.96
C CYS C 204 -68.17 23.78 -14.30
N ASN C 205 -67.47 23.67 -15.43
CA ASN C 205 -67.00 22.39 -15.94
C ASN C 205 -65.49 22.29 -15.70
N VAL C 206 -65.10 21.44 -14.75
CA VAL C 206 -63.70 21.26 -14.39
C VAL C 206 -63.24 19.89 -14.89
N ASN C 207 -62.13 19.87 -15.61
CA ASN C 207 -61.56 18.64 -16.15
C ASN C 207 -60.09 18.55 -15.79
N HIS C 208 -59.66 17.36 -15.36
CA HIS C 208 -58.28 17.10 -14.97
C HIS C 208 -57.81 15.86 -15.74
N LYS C 209 -57.18 16.09 -16.90
CA LYS C 209 -56.72 14.98 -17.73
C LYS C 209 -55.67 14.10 -17.06
N PRO C 210 -54.65 14.63 -16.37
CA PRO C 210 -53.67 13.73 -15.74
C PRO C 210 -54.27 12.73 -14.77
N SER C 211 -55.35 13.10 -14.07
CA SER C 211 -56.02 12.20 -13.15
C SER C 211 -57.33 11.65 -13.68
N ASN C 212 -57.75 12.09 -14.88
CA ASN C 212 -59.00 11.66 -15.49
C ASN C 212 -60.19 11.89 -14.58
N THR C 213 -60.40 13.16 -14.23
CA THR C 213 -61.48 13.58 -13.34
C THR C 213 -62.22 14.73 -13.97
N LYS C 214 -63.52 14.55 -14.20
CA LYS C 214 -64.40 15.57 -14.75
C LYS C 214 -65.53 15.81 -13.76
N VAL C 215 -65.56 17.00 -13.16
CA VAL C 215 -66.53 17.34 -12.13
C VAL C 215 -67.33 18.56 -12.57
N ASP C 216 -68.64 18.44 -12.58
CA ASP C 216 -69.55 19.54 -12.82
C ASP C 216 -70.24 19.90 -11.51
N LYS C 217 -70.19 21.17 -11.14
CA LYS C 217 -70.76 21.64 -9.88
C LYS C 217 -71.72 22.79 -10.14
N ARG C 218 -72.89 22.73 -9.50
CA ARG C 218 -73.86 23.80 -9.61
C ARG C 218 -73.48 24.95 -8.69
N VAL C 219 -73.82 26.17 -9.12
CA VAL C 219 -73.52 27.39 -8.38
C VAL C 219 -74.82 28.17 -8.23
N GLU C 220 -75.34 28.22 -7.00
CA GLU C 220 -76.56 28.94 -6.70
C GLU C 220 -76.38 29.70 -5.39
N PRO C 221 -76.94 30.91 -5.27
CA PRO C 221 -76.79 31.74 -4.08
C PRO C 221 -77.45 31.13 -2.85
N ASP D 1 -21.41 35.51 -10.69
CA ASP D 1 -21.89 35.75 -12.03
C ASP D 1 -22.08 37.24 -12.30
N ILE D 2 -22.32 37.57 -13.56
CA ILE D 2 -22.56 38.95 -13.98
C ILE D 2 -24.05 39.24 -13.91
N GLN D 3 -24.44 40.18 -13.05
CA GLN D 3 -25.84 40.51 -12.84
C GLN D 3 -26.29 41.53 -13.87
N MET D 4 -27.41 41.24 -14.52
CA MET D 4 -28.01 42.13 -15.52
C MET D 4 -29.30 42.70 -14.97
N THR D 5 -29.33 44.02 -14.80
CA THR D 5 -30.47 44.72 -14.21
C THR D 5 -31.16 45.54 -15.30
N GLN D 6 -32.43 45.23 -15.55
CA GLN D 6 -33.23 45.96 -16.53
C GLN D 6 -34.08 47.00 -15.81
N SER D 7 -34.29 48.13 -16.47
CA SER D 7 -35.11 49.21 -15.93
C SER D 7 -35.89 49.89 -17.04
N PRO D 8 -37.19 50.14 -16.86
CA PRO D 8 -38.02 49.79 -15.71
C PRO D 8 -38.44 48.32 -15.75
N SER D 9 -39.08 47.80 -14.69
CA SER D 9 -39.59 46.44 -14.76
C SER D 9 -40.92 46.34 -15.49
N SER D 10 -41.67 47.43 -15.58
CA SER D 10 -42.92 47.43 -16.32
C SER D 10 -43.17 48.83 -16.86
N LEU D 11 -43.70 48.91 -18.08
CA LEU D 11 -44.02 50.17 -18.72
C LEU D 11 -45.29 50.00 -19.53
N SER D 12 -46.05 51.09 -19.67
CA SER D 12 -47.32 51.09 -20.39
C SER D 12 -47.27 52.18 -21.45
N ALA D 13 -47.37 51.78 -22.72
CA ALA D 13 -47.30 52.72 -23.83
C ALA D 13 -48.28 52.30 -24.92
N SER D 14 -48.67 53.27 -25.74
CA SER D 14 -49.62 53.07 -26.81
C SER D 14 -48.91 52.83 -28.14
N VAL D 15 -49.68 52.37 -29.13
CA VAL D 15 -49.15 52.16 -30.47
C VAL D 15 -48.63 53.47 -31.03
N GLY D 16 -47.42 53.43 -31.58
CA GLY D 16 -46.79 54.61 -32.16
C GLY D 16 -45.79 55.31 -31.26
N ASP D 17 -45.82 55.02 -29.96
CA ASP D 17 -44.88 55.64 -29.04
C ASP D 17 -43.47 55.08 -29.25
N ARG D 18 -42.47 55.88 -28.85
CA ARG D 18 -41.09 55.42 -28.87
C ARG D 18 -40.74 54.89 -27.49
N VAL D 19 -40.39 53.60 -27.44
CA VAL D 19 -40.10 52.90 -26.19
C VAL D 19 -38.61 52.64 -26.11
N THR D 20 -38.03 52.91 -24.95
CA THR D 20 -36.60 52.68 -24.70
C THR D 20 -36.45 51.89 -23.40
N ILE D 21 -35.77 50.75 -23.49
CA ILE D 21 -35.55 49.87 -22.34
C ILE D 21 -34.07 49.91 -21.99
N THR D 22 -33.77 49.96 -20.70
CA THR D 22 -32.41 50.08 -20.20
C THR D 22 -31.97 48.75 -19.60
N CYS D 23 -30.70 48.40 -19.79
CA CYS D 23 -30.13 47.16 -19.27
C CYS D 23 -28.73 47.46 -18.74
N ARG D 24 -28.51 47.22 -17.45
CA ARG D 24 -27.24 47.49 -16.81
C ARG D 24 -26.55 46.20 -16.41
N ALA D 25 -25.22 46.23 -16.42
CA ALA D 25 -24.39 45.08 -16.08
C ALA D 25 -23.57 45.38 -14.84
N SER D 26 -23.37 44.36 -14.00
CA SER D 26 -22.58 44.53 -12.79
C SER D 26 -21.11 44.78 -13.08
N GLN D 27 -20.64 44.44 -14.28
CA GLN D 27 -19.27 44.73 -14.69
C GLN D 27 -19.25 44.87 -16.20
N SER D 28 -18.16 45.48 -16.69
CA SER D 28 -18.01 45.71 -18.13
C SER D 28 -18.12 44.40 -18.89
N ILE D 29 -18.93 44.41 -19.95
CA ILE D 29 -19.14 43.25 -20.80
C ILE D 29 -18.83 43.59 -22.26
N SER D 30 -18.11 44.69 -22.49
CA SER D 30 -17.72 45.16 -23.82
C SER D 30 -18.98 45.40 -24.64
N SER D 31 -19.16 44.73 -25.78
CA SER D 31 -20.35 44.91 -26.60
C SER D 31 -21.14 43.62 -26.76
N TYR D 32 -20.89 42.63 -25.90
CA TYR D 32 -21.54 41.32 -25.98
C TYR D 32 -22.80 41.35 -25.13
N LEU D 33 -23.86 41.91 -25.73
CA LEU D 33 -25.15 42.04 -25.07
C LEU D 33 -26.23 41.81 -26.12
N ASN D 34 -27.18 40.93 -25.82
CA ASN D 34 -28.23 40.56 -26.75
C ASN D 34 -29.60 40.88 -26.17
N TRP D 35 -30.57 41.08 -27.05
CA TRP D 35 -31.94 41.38 -26.68
C TRP D 35 -32.87 40.31 -27.22
N TYR D 36 -33.83 39.90 -26.39
CA TYR D 36 -34.80 38.86 -26.76
C TYR D 36 -36.21 39.33 -26.43
N GLN D 37 -37.16 38.94 -27.28
CA GLN D 37 -38.57 39.21 -27.07
C GLN D 37 -39.30 37.89 -26.83
N GLN D 38 -40.11 37.85 -25.78
CA GLN D 38 -40.86 36.66 -25.43
C GLN D 38 -42.33 37.01 -25.26
N LYS D 39 -43.17 36.41 -26.09
CA LYS D 39 -44.62 36.48 -25.95
C LYS D 39 -45.08 35.49 -24.89
N PRO D 40 -46.16 35.79 -24.16
CA PRO D 40 -46.60 34.86 -23.11
C PRO D 40 -46.99 33.52 -23.73
N GLY D 41 -46.45 32.44 -23.16
CA GLY D 41 -46.70 31.13 -23.71
C GLY D 41 -45.98 30.82 -25.00
N LYS D 42 -44.94 31.57 -25.33
CA LYS D 42 -44.20 31.38 -26.57
C LYS D 42 -42.70 31.41 -26.31
N ALA D 43 -41.95 30.87 -27.28
CA ALA D 43 -40.51 30.86 -27.19
C ALA D 43 -39.92 32.25 -27.42
N PRO D 44 -38.83 32.57 -26.73
CA PRO D 44 -38.13 33.83 -26.99
C PRO D 44 -37.64 33.90 -28.43
N LYS D 45 -37.49 35.13 -28.92
CA LYS D 45 -36.99 35.37 -30.27
C LYS D 45 -35.90 36.44 -30.21
N LEU D 46 -34.82 36.20 -30.96
CA LEU D 46 -33.69 37.11 -30.94
C LEU D 46 -34.02 38.39 -31.72
N LEU D 47 -33.74 39.54 -31.12
CA LEU D 47 -33.93 40.83 -31.77
C LEU D 47 -32.61 41.49 -32.12
N ILE D 48 -31.76 41.73 -31.13
CA ILE D 48 -30.46 42.36 -31.32
C ILE D 48 -29.39 41.47 -30.73
N TYR D 49 -28.29 41.30 -31.46
CA TYR D 49 -27.11 40.64 -30.92
C TYR D 49 -25.92 41.57 -31.08
N ALA D 50 -24.91 41.37 -30.24
CA ALA D 50 -23.71 42.22 -30.20
C ALA D 50 -24.09 43.69 -30.04
N ALA D 51 -25.01 43.93 -29.10
CA ALA D 51 -25.43 45.26 -28.69
C ALA D 51 -26.20 46.02 -29.78
N SER D 52 -25.71 45.99 -31.02
CA SER D 52 -26.27 46.86 -32.06
C SER D 52 -26.55 46.18 -33.38
N SER D 53 -26.33 44.86 -33.51
CA SER D 53 -26.55 44.19 -34.79
C SER D 53 -27.98 43.65 -34.83
N LEU D 54 -28.73 44.08 -35.83
CA LEU D 54 -30.11 43.63 -35.99
C LEU D 54 -30.11 42.22 -36.56
N GLN D 55 -30.94 41.35 -35.99
CA GLN D 55 -31.06 40.00 -36.51
C GLN D 55 -31.88 39.99 -37.79
N SER D 56 -31.55 39.06 -38.68
CA SER D 56 -32.23 38.97 -39.97
C SER D 56 -33.73 38.71 -39.76
N GLY D 57 -34.55 39.50 -40.46
CA GLY D 57 -35.99 39.38 -40.39
C GLY D 57 -36.64 40.13 -39.24
N VAL D 58 -35.87 40.78 -38.38
CA VAL D 58 -36.42 41.59 -37.30
C VAL D 58 -36.68 42.99 -37.86
N PRO D 59 -37.87 43.56 -37.64
CA PRO D 59 -38.17 44.87 -38.20
C PRO D 59 -37.16 45.93 -37.78
N SER D 60 -36.91 46.87 -38.69
CA SER D 60 -35.92 47.92 -38.46
C SER D 60 -36.32 48.88 -37.35
N ARG D 61 -37.57 48.85 -36.90
CA ARG D 61 -37.99 49.69 -35.78
C ARG D 61 -37.30 49.31 -34.48
N PHE D 62 -36.75 48.11 -34.39
CA PHE D 62 -35.91 47.71 -33.26
C PHE D 62 -34.46 48.11 -33.50
N SER D 63 -33.81 48.58 -32.44
CA SER D 63 -32.42 49.00 -32.53
C SER D 63 -31.82 49.00 -31.14
N GLY D 64 -30.55 48.61 -31.06
CA GLY D 64 -29.85 48.58 -29.79
C GLY D 64 -28.63 49.45 -29.77
N SER D 65 -28.20 49.87 -28.57
CA SER D 65 -27.06 50.76 -28.43
C SER D 65 -26.47 50.59 -27.05
N GLY D 66 -25.24 51.03 -26.90
CA GLY D 66 -24.54 51.01 -25.63
C GLY D 66 -23.31 50.12 -25.65
N SER D 67 -22.49 50.30 -24.62
CA SER D 67 -21.26 49.52 -24.47
C SER D 67 -20.80 49.61 -23.03
N GLY D 68 -20.07 48.58 -22.59
CA GLY D 68 -19.58 48.53 -21.24
C GLY D 68 -20.56 47.94 -20.26
N THR D 69 -21.25 48.81 -19.52
CA THR D 69 -22.21 48.39 -18.50
C THR D 69 -23.62 48.88 -18.76
N ASP D 70 -23.81 49.93 -19.55
CA ASP D 70 -25.12 50.51 -19.81
C ASP D 70 -25.50 50.28 -21.27
N PHE D 71 -26.68 49.70 -21.47
CA PHE D 71 -27.18 49.38 -22.80
C PHE D 71 -28.64 49.80 -22.91
N THR D 72 -29.09 50.03 -24.14
CA THR D 72 -30.45 50.47 -24.38
C THR D 72 -31.02 49.80 -25.62
N LEU D 73 -32.24 49.30 -25.50
CA LEU D 73 -33.04 48.85 -26.64
C LEU D 73 -34.11 49.89 -26.91
N THR D 74 -34.33 50.20 -28.20
CA THR D 74 -35.24 51.25 -28.60
C THR D 74 -36.19 50.72 -29.67
N ILE D 75 -37.49 50.89 -29.45
CA ILE D 75 -38.52 50.63 -30.45
C ILE D 75 -39.01 51.99 -30.94
N SER D 76 -38.60 52.34 -32.17
CA SER D 76 -38.88 53.68 -32.68
C SER D 76 -40.37 53.94 -32.82
N SER D 77 -41.13 52.93 -33.28
CA SER D 77 -42.58 53.07 -33.46
C SER D 77 -43.23 51.77 -33.00
N LEU D 78 -43.82 51.80 -31.81
CA LEU D 78 -44.41 50.60 -31.24
C LEU D 78 -45.61 50.15 -32.06
N GLN D 79 -45.72 48.85 -32.29
CA GLN D 79 -46.80 48.24 -33.05
C GLN D 79 -47.59 47.30 -32.16
N PRO D 80 -48.84 46.98 -32.54
CA PRO D 80 -49.67 46.13 -31.66
C PRO D 80 -49.05 44.77 -31.35
N GLU D 81 -48.32 44.18 -32.29
CA GLU D 81 -47.70 42.88 -32.06
C GLU D 81 -46.41 42.97 -31.24
N ASP D 82 -45.96 44.18 -30.88
CA ASP D 82 -44.72 44.35 -30.14
C ASP D 82 -44.92 44.29 -28.62
N PHE D 83 -46.16 44.16 -28.15
CA PHE D 83 -46.41 44.08 -26.71
C PHE D 83 -45.99 42.71 -26.19
N ALA D 84 -44.91 42.67 -25.43
CA ALA D 84 -44.31 41.43 -24.95
C ALA D 84 -43.32 41.78 -23.84
N THR D 85 -42.61 40.77 -23.35
CA THR D 85 -41.53 40.95 -22.39
C THR D 85 -40.19 40.91 -23.12
N TYR D 86 -39.32 41.86 -22.81
CA TYR D 86 -38.03 42.00 -23.47
C TYR D 86 -36.92 41.73 -22.46
N TYR D 87 -36.04 40.79 -22.80
CA TYR D 87 -34.91 40.41 -21.96
C TYR D 87 -33.60 40.83 -22.61
N CYS D 88 -32.65 41.29 -21.80
CA CYS D 88 -31.27 41.45 -22.23
C CYS D 88 -30.43 40.32 -21.65
N GLN D 89 -29.39 39.95 -22.38
CA GLN D 89 -28.54 38.82 -21.98
C GLN D 89 -27.10 39.12 -22.34
N GLN D 90 -26.22 39.06 -21.34
CA GLN D 90 -24.81 39.31 -21.58
C GLN D 90 -24.11 38.04 -22.06
N SER D 91 -23.18 38.21 -23.00
CA SER D 91 -22.42 37.10 -23.55
C SER D 91 -20.92 37.27 -23.37
N TYR D 92 -20.49 38.24 -22.56
CA TYR D 92 -19.08 38.38 -22.23
C TYR D 92 -18.54 37.14 -21.52
N SER D 93 -19.31 36.59 -20.59
CA SER D 93 -18.90 35.38 -19.87
C SER D 93 -19.63 34.23 -20.55
N THR D 94 -18.98 33.66 -21.55
CA THR D 94 -19.63 32.75 -22.49
C THR D 94 -20.11 31.47 -21.82
N LEU D 95 -19.48 31.07 -20.72
CA LEU D 95 -19.84 29.86 -20.02
C LEU D 95 -20.62 30.13 -18.75
N ALA D 96 -21.02 31.38 -18.53
CA ALA D 96 -21.91 31.76 -17.43
C ALA D 96 -22.90 32.79 -17.94
N LEU D 97 -23.55 32.49 -19.06
CA LEU D 97 -24.50 33.41 -19.67
C LEU D 97 -25.66 33.70 -18.71
N THR D 98 -25.96 34.99 -18.54
CA THR D 98 -26.99 35.42 -17.61
C THR D 98 -27.93 36.40 -18.30
N PHE D 99 -29.22 36.30 -17.98
CA PHE D 99 -30.24 37.16 -18.53
C PHE D 99 -30.61 38.26 -17.55
N GLY D 100 -31.24 39.32 -18.07
CA GLY D 100 -31.84 40.32 -17.22
C GLY D 100 -33.17 39.88 -16.65
N GLY D 101 -33.71 40.72 -15.76
CA GLY D 101 -34.98 40.43 -15.15
C GLY D 101 -36.16 40.53 -16.10
N GLY D 102 -36.04 41.30 -17.16
CA GLY D 102 -37.07 41.46 -18.17
C GLY D 102 -37.85 42.75 -17.98
N THR D 103 -38.34 43.29 -19.10
CA THR D 103 -39.17 44.49 -19.11
C THR D 103 -40.43 44.18 -19.90
N LYS D 104 -41.57 44.09 -19.21
CA LYS D 104 -42.85 43.81 -19.84
C LYS D 104 -43.48 45.10 -20.34
N VAL D 105 -43.61 45.22 -21.65
CA VAL D 105 -44.24 46.38 -22.28
C VAL D 105 -45.74 46.11 -22.38
N GLU D 106 -46.54 46.98 -21.78
CA GLU D 106 -47.98 46.79 -21.68
C GLU D 106 -48.70 47.95 -22.37
N ILE D 107 -50.02 47.79 -22.49
CA ILE D 107 -50.86 48.78 -23.17
C ILE D 107 -51.37 49.76 -22.13
N LYS D 108 -51.18 51.06 -22.40
CA LYS D 108 -51.78 52.08 -21.55
C LYS D 108 -53.22 52.29 -21.97
N ARG D 109 -54.13 52.16 -21.02
CA ARG D 109 -55.52 52.58 -21.16
C ARG D 109 -55.86 53.56 -20.04
N THR D 110 -57.10 54.05 -20.04
CA THR D 110 -57.55 54.91 -18.96
C THR D 110 -57.64 54.14 -17.65
N VAL D 111 -57.49 54.88 -16.55
CA VAL D 111 -57.51 54.28 -15.23
C VAL D 111 -58.92 53.75 -14.94
N ALA D 112 -58.99 52.52 -14.43
CA ALA D 112 -60.27 51.87 -14.18
C ALA D 112 -60.32 51.42 -12.74
N ALA D 113 -61.41 51.73 -12.06
CA ALA D 113 -61.54 51.35 -10.67
C ALA D 113 -62.02 49.90 -10.57
N PRO D 114 -61.52 49.13 -9.61
CA PRO D 114 -61.95 47.74 -9.49
C PRO D 114 -63.27 47.62 -8.77
N SER D 115 -64.00 46.56 -9.10
CA SER D 115 -65.20 46.17 -8.38
C SER D 115 -64.82 45.04 -7.43
N VAL D 116 -65.04 45.26 -6.14
CA VAL D 116 -64.56 44.34 -5.12
C VAL D 116 -65.72 43.49 -4.65
N PHE D 117 -65.56 42.18 -4.73
CA PHE D 117 -66.53 41.22 -4.23
C PHE D 117 -65.80 40.24 -3.32
N ILE D 118 -66.50 39.79 -2.28
CA ILE D 118 -65.93 38.87 -1.32
C ILE D 118 -66.83 37.64 -1.23
N PHE D 119 -66.23 36.48 -1.06
CA PHE D 119 -66.95 35.21 -1.02
C PHE D 119 -66.50 34.43 0.21
N PRO D 120 -67.42 34.03 1.08
CA PRO D 120 -67.04 33.18 2.22
C PRO D 120 -66.81 31.75 1.75
N PRO D 121 -66.17 30.92 2.57
CA PRO D 121 -66.02 29.51 2.19
C PRO D 121 -67.35 28.78 2.24
N SER D 122 -67.55 27.89 1.27
CA SER D 122 -68.81 27.15 1.16
C SER D 122 -68.93 26.11 2.27
N ASP D 123 -70.18 25.73 2.55
CA ASP D 123 -70.44 24.68 3.51
C ASP D 123 -69.82 23.35 3.09
N GLU D 124 -69.80 23.06 1.79
CA GLU D 124 -69.25 21.80 1.30
C GLU D 124 -67.75 21.66 1.52
N GLN D 125 -67.06 22.75 1.85
CA GLN D 125 -65.62 22.73 2.07
C GLN D 125 -65.22 22.71 3.52
N LEU D 126 -66.00 23.37 4.39
CA LEU D 126 -65.63 23.46 5.81
C LEU D 126 -65.57 22.10 6.48
N LYS D 127 -66.35 21.13 6.00
CA LYS D 127 -66.34 19.78 6.57
C LYS D 127 -65.05 19.02 6.25
N SER D 128 -64.24 19.49 5.30
CA SER D 128 -63.00 18.83 4.97
C SER D 128 -61.84 19.27 5.87
N GLY D 129 -61.99 20.36 6.61
CA GLY D 129 -60.95 20.82 7.52
C GLY D 129 -60.26 22.09 7.08
N THR D 130 -60.54 22.59 5.88
CA THR D 130 -59.89 23.79 5.37
C THR D 130 -60.94 24.87 5.13
N ALA D 131 -60.53 26.11 5.36
CA ALA D 131 -61.38 27.27 5.15
C ALA D 131 -60.65 28.27 4.28
N SER D 132 -61.30 28.71 3.20
CA SER D 132 -60.69 29.63 2.24
C SER D 132 -61.57 30.87 2.12
N VAL D 133 -61.01 32.03 2.44
CA VAL D 133 -61.69 33.30 2.25
C VAL D 133 -61.13 33.93 0.98
N VAL D 134 -62.02 34.35 0.09
CA VAL D 134 -61.63 34.83 -1.23
C VAL D 134 -62.06 36.28 -1.38
N CYS D 135 -61.18 37.09 -1.97
CA CYS D 135 -61.47 38.47 -2.33
C CYS D 135 -61.20 38.65 -3.81
N LEU D 136 -62.06 39.41 -4.47
CA LEU D 136 -61.99 39.59 -5.92
C LEU D 136 -61.87 41.07 -6.26
N LEU D 137 -60.94 41.38 -7.17
CA LEU D 137 -60.83 42.71 -7.77
C LEU D 137 -61.12 42.56 -9.25
N ASN D 138 -62.18 43.21 -9.72
CA ASN D 138 -62.73 42.96 -11.05
C ASN D 138 -62.52 44.19 -11.94
N ASN D 139 -61.83 43.99 -13.06
CA ASN D 139 -61.74 44.98 -14.13
C ASN D 139 -61.16 46.30 -13.65
N PHE D 140 -59.85 46.35 -13.48
CA PHE D 140 -59.15 47.56 -13.05
C PHE D 140 -57.91 47.77 -13.91
N TYR D 141 -57.40 49.00 -13.88
CA TYR D 141 -56.16 49.35 -14.56
C TYR D 141 -55.54 50.52 -13.82
N PRO D 142 -54.22 50.52 -13.59
CA PRO D 142 -53.22 49.53 -14.03
C PRO D 142 -53.15 48.28 -13.16
N ARG D 143 -52.11 47.47 -13.39
CA ARG D 143 -51.97 46.21 -12.67
C ARG D 143 -51.62 46.44 -11.20
N GLU D 144 -50.89 47.50 -10.90
CA GLU D 144 -50.44 47.78 -9.54
C GLU D 144 -51.64 47.95 -8.60
N ALA D 145 -51.87 46.96 -7.74
CA ALA D 145 -52.97 46.99 -6.79
C ALA D 145 -52.57 46.17 -5.58
N LYS D 146 -52.90 46.67 -4.40
CA LYS D 146 -52.55 46.01 -3.15
C LYS D 146 -53.80 45.48 -2.49
N VAL D 147 -53.78 44.21 -2.11
CA VAL D 147 -54.88 43.57 -1.41
C VAL D 147 -54.36 43.20 -0.03
N GLN D 148 -54.97 43.78 1.00
CA GLN D 148 -54.53 43.60 2.38
C GLN D 148 -55.65 42.92 3.16
N TRP D 149 -55.34 41.78 3.76
CA TRP D 149 -56.30 41.02 4.54
C TRP D 149 -56.30 41.50 5.98
N LYS D 150 -57.48 41.83 6.52
CA LYS D 150 -57.63 42.22 7.90
C LYS D 150 -58.64 41.29 8.56
N VAL D 151 -58.18 40.55 9.56
CA VAL D 151 -59.02 39.65 10.35
C VAL D 151 -59.02 40.19 11.77
N ASP D 152 -60.16 40.72 12.21
CA ASP D 152 -60.27 41.45 13.48
C ASP D 152 -59.27 42.60 13.54
N ASN D 153 -59.18 43.35 12.44
CA ASN D 153 -58.29 44.50 12.30
C ASN D 153 -56.82 44.10 12.39
N ALA D 154 -56.51 42.81 12.31
CA ALA D 154 -55.14 42.31 12.34
C ALA D 154 -54.71 41.99 10.92
N LEU D 155 -53.61 42.61 10.49
CA LEU D 155 -53.13 42.40 9.13
C LEU D 155 -52.62 40.97 8.99
N GLN D 156 -53.14 40.25 7.99
CA GLN D 156 -52.74 38.86 7.77
C GLN D 156 -51.61 38.87 6.76
N SER D 157 -50.39 38.56 7.21
CA SER D 157 -49.24 38.44 6.34
C SER D 157 -48.73 37.00 6.38
N GLY D 158 -48.26 36.52 5.24
CA GLY D 158 -47.78 35.16 5.19
C GLY D 158 -48.87 34.12 5.19
N ASN D 159 -50.10 34.50 4.82
CA ASN D 159 -51.22 33.58 4.88
C ASN D 159 -52.19 33.72 3.71
N SER D 160 -51.83 34.45 2.65
CA SER D 160 -52.69 34.60 1.49
C SER D 160 -51.86 34.48 0.23
N GLN D 161 -52.54 34.21 -0.88
CA GLN D 161 -51.92 34.07 -2.18
C GLN D 161 -52.70 34.89 -3.20
N GLU D 162 -52.00 35.51 -4.14
CA GLU D 162 -52.62 36.35 -5.15
C GLU D 162 -52.49 35.74 -6.53
N SER D 163 -53.39 36.14 -7.44
CA SER D 163 -53.31 35.74 -8.84
C SER D 163 -53.97 36.81 -9.68
N VAL D 164 -53.30 37.24 -10.76
CA VAL D 164 -53.79 38.29 -11.63
C VAL D 164 -53.92 37.75 -13.04
N THR D 165 -55.05 38.07 -13.69
CA THR D 165 -55.27 37.68 -15.07
C THR D 165 -54.50 38.59 -16.02
N GLU D 166 -54.35 38.12 -17.26
CA GLU D 166 -53.84 38.93 -18.35
C GLU D 166 -54.87 39.98 -18.77
N GLN D 167 -54.38 40.99 -19.49
CA GLN D 167 -55.25 42.08 -19.93
C GLN D 167 -56.39 41.54 -20.79
N ASP D 168 -57.61 41.94 -20.46
CA ASP D 168 -58.80 41.47 -21.16
C ASP D 168 -58.81 41.96 -22.59
N SER D 169 -59.31 41.12 -23.50
CA SER D 169 -59.33 41.48 -24.92
C SER D 169 -60.34 42.58 -25.23
N LYS D 170 -61.33 42.79 -24.35
CA LYS D 170 -62.34 43.81 -24.59
C LYS D 170 -61.89 45.18 -24.07
N ASP D 171 -61.76 45.29 -22.75
CA ASP D 171 -61.49 46.57 -22.10
C ASP D 171 -60.05 46.71 -21.61
N SER D 172 -59.19 45.72 -21.86
CA SER D 172 -57.77 45.79 -21.54
C SER D 172 -57.52 45.98 -20.05
N THR D 173 -58.37 45.39 -19.23
CA THR D 173 -58.27 45.49 -17.79
C THR D 173 -57.73 44.20 -17.19
N TYR D 174 -57.33 44.28 -15.92
CA TYR D 174 -56.84 43.14 -15.17
C TYR D 174 -57.91 42.66 -14.20
N SER D 175 -57.63 41.53 -13.56
CA SER D 175 -58.49 41.00 -12.52
C SER D 175 -57.60 40.26 -11.53
N LEU D 176 -57.90 40.41 -10.26
CA LEU D 176 -57.06 39.87 -9.20
C LEU D 176 -57.92 39.06 -8.25
N SER D 177 -57.37 37.96 -7.75
CA SER D 177 -58.03 37.11 -6.78
C SER D 177 -57.04 36.80 -5.67
N SER D 178 -57.44 37.08 -4.43
CA SER D 178 -56.64 36.78 -3.26
C SER D 178 -57.37 35.71 -2.46
N THR D 179 -56.64 34.67 -2.07
CA THR D 179 -57.21 33.52 -1.39
C THR D 179 -56.54 33.41 -0.03
N LEU D 180 -57.29 33.64 1.03
CA LEU D 180 -56.79 33.48 2.38
C LEU D 180 -57.15 32.08 2.84
N THR D 181 -56.13 31.27 3.10
CA THR D 181 -56.32 29.87 3.47
C THR D 181 -55.87 29.67 4.90
N LEU D 182 -56.79 29.20 5.74
CA LEU D 182 -56.50 28.88 7.12
C LEU D 182 -57.29 27.64 7.50
N SER D 183 -56.80 26.94 8.52
CA SER D 183 -57.51 25.78 9.02
C SER D 183 -58.80 26.20 9.71
N LYS D 184 -59.70 25.22 9.90
CA LYS D 184 -60.97 25.48 10.55
C LYS D 184 -60.77 25.96 11.98
N ALA D 185 -59.80 25.40 12.69
CA ALA D 185 -59.51 25.84 14.05
C ALA D 185 -59.14 27.32 14.08
N ASP D 186 -58.40 27.78 13.09
CA ASP D 186 -58.09 29.20 12.97
C ASP D 186 -59.30 30.03 12.57
N TYR D 187 -60.31 29.42 11.94
CA TYR D 187 -61.44 30.17 11.43
C TYR D 187 -62.39 30.62 12.54
N GLU D 188 -62.80 29.70 13.42
CA GLU D 188 -63.67 30.08 14.53
C GLU D 188 -62.96 30.84 15.63
N LYS D 189 -61.66 31.10 15.51
CA LYS D 189 -60.96 31.89 16.52
C LYS D 189 -61.24 33.38 16.39
N HIS D 190 -61.67 33.83 15.22
CA HIS D 190 -61.91 35.24 14.96
C HIS D 190 -63.33 35.43 14.44
N LYS D 191 -63.73 36.69 14.31
CA LYS D 191 -65.08 37.05 13.89
C LYS D 191 -65.11 37.89 12.63
N VAL D 192 -64.35 38.98 12.58
CA VAL D 192 -64.40 39.93 11.47
C VAL D 192 -63.45 39.47 10.37
N TYR D 193 -63.96 39.38 9.15
CA TYR D 193 -63.17 39.05 7.97
C TYR D 193 -63.41 40.12 6.92
N ALA D 194 -62.34 40.83 6.55
CA ALA D 194 -62.41 41.98 5.65
C ALA D 194 -61.32 41.88 4.60
N CYS D 195 -61.50 42.63 3.52
CA CYS D 195 -60.52 42.71 2.45
C CYS D 195 -60.33 44.17 2.07
N GLU D 196 -59.12 44.68 2.27
CA GLU D 196 -58.79 46.07 1.95
C GLU D 196 -58.13 46.14 0.58
N VAL D 197 -58.56 47.13 -0.21
CA VAL D 197 -58.10 47.28 -1.59
C VAL D 197 -57.54 48.68 -1.77
N THR D 198 -56.29 48.77 -2.23
CA THR D 198 -55.67 50.03 -2.59
C THR D 198 -55.33 50.00 -4.07
N HIS D 199 -55.75 51.04 -4.79
CA HIS D 199 -55.53 51.10 -6.23
C HIS D 199 -55.52 52.55 -6.68
N GLN D 200 -54.89 52.79 -7.83
CA GLN D 200 -54.78 54.14 -8.36
C GLN D 200 -56.14 54.76 -8.62
N GLY D 201 -57.13 53.96 -9.01
CA GLY D 201 -58.46 54.46 -9.29
C GLY D 201 -59.36 54.64 -8.10
N LEU D 202 -58.82 54.57 -6.88
CA LEU D 202 -59.60 54.75 -5.66
C LEU D 202 -59.07 55.94 -4.89
N SER D 203 -59.94 56.92 -4.64
CA SER D 203 -59.55 58.09 -3.86
C SER D 203 -59.25 57.76 -2.41
N SER D 204 -59.67 56.59 -1.95
CA SER D 204 -59.38 56.12 -0.60
C SER D 204 -59.43 54.59 -0.62
N PRO D 205 -58.79 53.93 0.34
CA PRO D 205 -58.85 52.46 0.37
C PRO D 205 -60.28 51.97 0.56
N VAL D 206 -60.68 51.02 -0.27
CA VAL D 206 -62.01 50.43 -0.22
C VAL D 206 -61.91 49.05 0.43
N THR D 207 -62.85 48.74 1.33
CA THR D 207 -62.85 47.49 2.06
C THR D 207 -64.22 46.84 1.97
N LYS D 208 -64.25 45.58 1.55
CA LYS D 208 -65.45 44.77 1.51
C LYS D 208 -65.29 43.64 2.51
N SER D 209 -66.31 43.42 3.33
CA SER D 209 -66.20 42.49 4.44
C SER D 209 -67.51 41.74 4.63
N PHE D 210 -67.48 40.77 5.53
CA PHE D 210 -68.66 40.02 5.93
C PHE D 210 -68.45 39.49 7.33
N ASN D 211 -69.56 39.09 7.96
CA ASN D 211 -69.56 38.47 9.27
C ASN D 211 -69.91 36.99 9.13
N ARG D 212 -69.18 36.14 9.83
CA ARG D 212 -69.42 34.70 9.77
C ARG D 212 -70.82 34.34 10.26
N GLU E 1 -2.74 15.11 39.01
CA GLU E 1 -2.60 14.80 37.59
C GLU E 1 -1.36 13.94 37.35
N VAL E 2 -1.49 12.63 37.56
CA VAL E 2 -0.43 11.67 37.32
C VAL E 2 -1.00 10.57 36.44
N GLN E 3 -0.37 10.32 35.30
CA GLN E 3 -0.87 9.38 34.32
C GLN E 3 0.13 8.25 34.12
N LEU E 4 -0.40 7.03 33.98
CA LEU E 4 0.41 5.85 33.68
C LEU E 4 -0.38 4.98 32.69
N VAL E 5 0.23 4.67 31.55
CA VAL E 5 -0.42 3.92 30.50
C VAL E 5 0.43 2.70 30.18
N GLU E 6 -0.15 1.51 30.33
CA GLU E 6 0.53 0.25 30.04
C GLU E 6 0.21 -0.21 28.62
N SER E 7 1.03 -1.16 28.15
CA SER E 7 0.84 -1.77 26.84
C SER E 7 1.73 -3.01 26.77
N GLY E 8 1.46 -3.85 25.78
CA GLY E 8 2.25 -5.03 25.53
C GLY E 8 1.67 -6.32 26.08
N GLY E 9 0.47 -6.29 26.66
CA GLY E 9 -0.13 -7.50 27.18
C GLY E 9 -0.84 -8.31 26.11
N GLY E 10 -1.12 -9.56 26.45
CA GLY E 10 -1.81 -10.44 25.52
C GLY E 10 -1.73 -11.89 25.94
N VAL E 11 -1.77 -12.77 24.95
CA VAL E 11 -1.69 -14.22 25.16
C VAL E 11 -0.27 -14.66 24.87
N VAL E 12 0.17 -15.71 25.58
CA VAL E 12 1.53 -16.20 25.47
C VAL E 12 1.56 -17.65 25.93
N GLN E 13 2.31 -18.48 25.20
CA GLN E 13 2.45 -19.88 25.54
C GLN E 13 3.43 -20.06 26.69
N PRO E 14 3.33 -21.17 27.43
CA PRO E 14 4.28 -21.41 28.53
C PRO E 14 5.70 -21.53 28.02
N GLY E 15 6.63 -20.93 28.77
CA GLY E 15 8.03 -20.94 28.41
C GLY E 15 8.46 -19.84 27.45
N ARG E 16 7.52 -19.14 26.83
CA ARG E 16 7.85 -18.05 25.93
C ARG E 16 8.15 -16.79 26.74
N SER E 17 8.25 -15.65 26.05
CA SER E 17 8.58 -14.39 26.69
C SER E 17 7.64 -13.30 26.23
N LEU E 18 7.49 -12.27 27.07
CA LEU E 18 6.62 -11.15 26.78
C LEU E 18 7.16 -9.92 27.48
N ARG E 19 7.04 -8.76 26.83
CA ARG E 19 7.57 -7.51 27.34
C ARG E 19 6.45 -6.52 27.53
N LEU E 20 6.39 -5.89 28.71
CA LEU E 20 5.38 -4.90 29.03
C LEU E 20 6.02 -3.52 29.12
N SER E 21 5.18 -2.49 28.96
CA SER E 21 5.62 -1.11 28.99
C SER E 21 4.70 -0.30 29.90
N CYS E 22 5.14 0.90 30.24
CA CYS E 22 4.40 1.76 31.16
C CYS E 22 4.87 3.20 30.93
N ALA E 23 4.11 3.95 30.13
CA ALA E 23 4.45 5.33 29.80
C ALA E 23 3.94 6.26 30.88
N ALA E 24 4.85 7.01 31.49
CA ALA E 24 4.52 7.95 32.55
C ALA E 24 4.40 9.37 31.98
N SER E 25 3.72 10.23 32.74
CA SER E 25 3.49 11.59 32.30
C SER E 25 3.17 12.48 33.50
N ALA E 26 3.53 13.76 33.37
CA ALA E 26 3.13 14.82 34.29
C ALA E 26 3.75 14.65 35.68
N PHE E 27 4.99 14.18 35.72
CA PHE E 27 5.78 14.18 36.95
C PHE E 27 7.22 13.86 36.60
N THR E 28 8.12 14.23 37.51
CA THR E 28 9.56 13.96 37.35
C THR E 28 9.77 12.44 37.42
N PHE E 29 9.87 11.80 36.26
CA PHE E 29 9.96 10.35 36.22
C PHE E 29 11.34 9.83 36.62
N SER E 30 12.39 10.61 36.39
CA SER E 30 13.75 10.18 36.67
C SER E 30 14.13 10.34 38.15
N SER E 31 13.18 10.68 39.01
CA SER E 31 13.47 10.89 40.43
C SER E 31 12.72 9.95 41.35
N TYR E 32 11.70 9.23 40.87
CA TYR E 32 10.92 8.33 41.69
C TYR E 32 11.23 6.88 41.33
N ASP E 33 11.17 6.02 42.34
CA ASP E 33 11.23 4.58 42.10
C ASP E 33 9.91 4.12 41.47
N MET E 34 9.99 3.02 40.74
CA MET E 34 8.83 2.48 40.05
C MET E 34 8.64 1.02 40.42
N HIS E 35 7.39 0.56 40.35
CA HIS E 35 7.03 -0.78 40.77
C HIS E 35 6.22 -1.47 39.68
N TRP E 36 6.13 -2.79 39.80
CA TRP E 36 5.19 -3.60 39.04
C TRP E 36 4.39 -4.43 40.03
N VAL E 37 3.07 -4.40 39.91
CA VAL E 37 2.18 -5.16 40.78
C VAL E 37 1.17 -5.88 39.91
N ARG E 38 1.05 -7.20 40.09
CA ARG E 38 0.13 -8.02 39.33
C ARG E 38 -1.02 -8.48 40.22
N GLN E 39 -2.09 -8.96 39.57
CA GLN E 39 -3.28 -9.40 40.27
C GLN E 39 -3.91 -10.52 39.46
N ALA E 40 -3.87 -11.74 40.00
CA ALA E 40 -4.44 -12.89 39.32
C ALA E 40 -5.96 -12.73 39.23
N PRO E 41 -6.60 -13.40 38.27
CA PRO E 41 -8.06 -13.31 38.15
C PRO E 41 -8.75 -13.76 39.43
N GLY E 42 -9.57 -12.86 39.99
CA GLY E 42 -10.29 -13.14 41.21
C GLY E 42 -9.46 -13.20 42.47
N LYS E 43 -8.15 -12.98 42.37
CA LYS E 43 -7.26 -13.05 43.52
C LYS E 43 -6.88 -11.64 43.97
N GLY E 44 -5.89 -11.56 44.86
CA GLY E 44 -5.45 -10.30 45.41
C GLY E 44 -4.27 -9.72 44.67
N LEU E 45 -3.63 -8.73 45.30
CA LEU E 45 -2.51 -8.03 44.71
C LEU E 45 -1.19 -8.65 45.13
N GLU E 46 -0.22 -8.66 44.23
CA GLU E 46 1.09 -9.23 44.49
C GLU E 46 2.16 -8.30 43.93
N TRP E 47 3.02 -7.80 44.80
CA TRP E 47 4.13 -6.96 44.37
C TRP E 47 5.15 -7.79 43.60
N VAL E 48 5.61 -7.26 42.46
CA VAL E 48 6.48 -8.01 41.57
C VAL E 48 7.93 -7.56 41.71
N ALA E 49 8.20 -6.29 41.39
CA ALA E 49 9.57 -5.80 41.36
C ALA E 49 9.59 -4.30 41.58
N VAL E 50 10.80 -3.78 41.81
CA VAL E 50 11.03 -2.36 42.01
C VAL E 50 12.35 -1.98 41.36
N ILE E 51 12.42 -0.76 40.85
CA ILE E 51 13.64 -0.23 40.24
C ILE E 51 13.88 1.17 40.80
N SER E 52 15.15 1.53 40.98
CA SER E 52 15.50 2.82 41.56
C SER E 52 15.20 3.95 40.56
N TYR E 53 15.42 5.18 41.01
CA TYR E 53 15.18 6.35 40.17
C TYR E 53 16.12 6.37 38.97
N ASP E 54 17.39 6.03 39.18
CA ASP E 54 18.38 6.01 38.11
C ASP E 54 18.46 4.69 37.38
N GLY E 55 17.72 3.67 37.84
CA GLY E 55 17.73 2.37 37.20
C GLY E 55 18.94 1.51 37.49
N SER E 56 19.73 1.86 38.50
CA SER E 56 20.94 1.10 38.81
C SER E 56 20.68 -0.07 39.75
N ASN E 57 19.65 0.00 40.57
CA ASN E 57 19.33 -1.04 41.54
C ASN E 57 17.97 -1.65 41.23
N LYS E 58 17.91 -2.98 41.20
CA LYS E 58 16.68 -3.70 40.89
C LYS E 58 16.47 -4.81 41.91
N TYR E 59 15.21 -4.97 42.35
CA TYR E 59 14.86 -6.00 43.32
C TYR E 59 13.53 -6.63 42.92
N TYR E 60 13.45 -7.95 43.07
CA TYR E 60 12.33 -8.73 42.57
C TYR E 60 11.78 -9.62 43.68
N ALA E 61 10.49 -9.94 43.58
CA ALA E 61 9.89 -10.90 44.47
C ALA E 61 10.40 -12.31 44.14
N ASP E 62 10.33 -13.20 45.14
CA ASP E 62 10.85 -14.55 44.98
C ASP E 62 10.06 -15.33 43.94
N SER E 63 8.80 -14.99 43.72
CA SER E 63 7.98 -15.70 42.75
C SER E 63 8.39 -15.41 41.31
N VAL E 64 9.14 -14.33 41.07
CA VAL E 64 9.55 -13.94 39.73
C VAL E 64 11.04 -13.73 39.61
N LYS E 65 11.81 -13.93 40.67
CA LYS E 65 13.24 -13.68 40.64
C LYS E 65 13.94 -14.67 39.70
N GLY E 66 14.95 -14.19 39.00
CA GLY E 66 15.61 -15.01 38.00
C GLY E 66 14.73 -15.42 36.85
N ARG E 67 13.65 -14.67 36.60
CA ARG E 67 12.68 -15.04 35.58
C ARG E 67 12.13 -13.79 34.90
N PHE E 68 11.96 -12.72 35.68
CA PHE E 68 11.56 -11.43 35.16
C PHE E 68 12.72 -10.44 35.28
N THR E 69 12.63 -9.36 34.52
CA THR E 69 13.65 -8.31 34.53
C THR E 69 12.97 -6.96 34.39
N ILE E 70 13.24 -6.06 35.33
CA ILE E 70 12.68 -4.72 35.33
C ILE E 70 13.73 -3.75 34.81
N SER E 71 13.28 -2.76 34.03
CA SER E 71 14.17 -1.76 33.47
C SER E 71 13.36 -0.52 33.14
N ARG E 72 14.07 0.59 32.92
CA ARG E 72 13.42 1.85 32.64
C ARG E 72 14.30 2.70 31.74
N ASP E 73 13.65 3.53 30.93
CA ASP E 73 14.32 4.46 30.03
C ASP E 73 13.88 5.87 30.43
N ASN E 74 14.75 6.57 31.17
CA ASN E 74 14.38 7.88 31.70
C ASN E 74 14.24 8.92 30.60
N SER E 75 14.92 8.73 29.46
CA SER E 75 14.78 9.66 28.35
C SER E 75 13.41 9.57 27.71
N LYS E 76 12.77 8.40 27.74
CA LYS E 76 11.45 8.20 27.18
C LYS E 76 10.36 8.19 28.26
N ASN E 77 10.73 8.24 29.53
CA ASN E 77 9.78 8.22 30.64
C ASN E 77 8.90 6.96 30.60
N THR E 78 9.52 5.83 30.28
CA THR E 78 8.81 4.55 30.18
C THR E 78 9.44 3.53 31.10
N LEU E 79 8.60 2.65 31.63
CA LEU E 79 9.03 1.56 32.50
C LEU E 79 8.75 0.23 31.79
N TYR E 80 9.70 -0.70 31.91
CA TYR E 80 9.63 -1.96 31.20
C TYR E 80 9.67 -3.13 32.18
N LEU E 81 9.13 -4.26 31.73
CA LEU E 81 9.14 -5.49 32.53
C LEU E 81 9.25 -6.66 31.54
N GLN E 82 10.47 -7.15 31.33
CA GLN E 82 10.71 -8.29 30.45
C GLN E 82 10.35 -9.57 31.20
N MET E 83 9.29 -10.24 30.76
CA MET E 83 8.80 -11.45 31.40
C MET E 83 9.22 -12.65 30.57
N ASN E 84 10.20 -13.40 31.07
CA ASN E 84 10.69 -14.61 30.42
C ASN E 84 10.27 -15.83 31.22
N SER E 85 10.23 -16.97 30.54
CA SER E 85 9.86 -18.26 31.13
C SER E 85 8.54 -18.14 31.90
N LEU E 86 7.48 -17.82 31.15
CA LEU E 86 6.18 -17.56 31.74
C LEU E 86 5.46 -18.87 32.05
N ARG E 87 5.00 -19.00 33.29
CA ARG E 87 4.21 -20.14 33.72
C ARG E 87 2.73 -19.76 33.77
N ALA E 88 1.89 -20.79 33.92
CA ALA E 88 0.45 -20.56 34.03
C ALA E 88 0.10 -19.74 35.27
N GLU E 89 0.92 -19.83 36.33
CA GLU E 89 0.67 -19.06 37.53
C GLU E 89 0.88 -17.56 37.33
N ASP E 90 1.55 -17.17 36.26
CA ASP E 90 1.81 -15.76 36.00
C ASP E 90 0.62 -15.05 35.34
N THR E 91 -0.42 -15.78 34.97
CA THR E 91 -1.59 -15.17 34.35
C THR E 91 -2.25 -14.18 35.31
N ALA E 92 -2.15 -12.90 35.00
CA ALA E 92 -2.64 -11.85 35.89
C ALA E 92 -2.67 -10.54 35.13
N VAL E 93 -3.36 -9.56 35.71
CA VAL E 93 -3.36 -8.19 35.21
C VAL E 93 -2.20 -7.46 35.88
N TYR E 94 -1.28 -6.94 35.06
CA TYR E 94 -0.05 -6.32 35.56
C TYR E 94 -0.21 -4.81 35.61
N TYR E 95 -0.01 -4.23 36.78
CA TYR E 95 -0.02 -2.79 36.97
C TYR E 95 1.39 -2.27 37.19
N CYS E 96 1.64 -1.04 36.77
CA CYS E 96 2.81 -0.29 37.17
C CYS E 96 2.38 0.80 38.14
N ALA E 97 3.20 1.04 39.17
CA ALA E 97 2.84 1.96 40.23
C ALA E 97 4.03 2.86 40.56
N LYS E 98 3.76 4.16 40.67
CA LYS E 98 4.78 5.10 41.08
C LYS E 98 4.94 5.05 42.60
N ASP E 99 6.18 5.13 43.05
CA ASP E 99 6.46 5.15 44.49
C ASP E 99 6.11 6.51 45.06
N GLY E 100 5.54 6.50 46.27
CA GLY E 100 5.18 7.76 46.91
C GLY E 100 6.38 8.63 47.22
N GLY E 101 7.40 8.03 47.83
CA GLY E 101 8.64 8.73 48.11
C GLY E 101 8.63 9.63 49.31
N LYS E 102 7.53 9.69 50.06
CA LYS E 102 7.45 10.52 51.25
C LYS E 102 7.86 9.79 52.51
N LEU E 103 8.20 8.51 52.41
CA LEU E 103 8.61 7.70 53.55
C LEU E 103 9.97 7.07 53.27
N TRP E 104 10.53 6.45 54.31
CA TRP E 104 11.74 5.65 54.13
C TRP E 104 11.46 4.33 53.43
N VAL E 105 10.20 3.93 53.30
CA VAL E 105 9.82 2.64 52.75
C VAL E 105 8.97 2.86 51.51
N TYR E 106 8.77 1.78 50.75
CA TYR E 106 7.99 1.84 49.52
C TYR E 106 6.50 1.91 49.83
N TYR E 107 5.78 2.62 48.96
CA TYR E 107 4.33 2.60 48.93
C TYR E 107 3.86 3.23 47.63
N PHE E 108 2.77 2.72 47.10
CA PHE E 108 2.26 3.11 45.79
C PHE E 108 1.18 4.17 45.94
N ASP E 109 1.36 5.30 45.26
CA ASP E 109 0.39 6.39 45.30
C ASP E 109 -0.43 6.53 44.02
N TYR E 110 0.09 6.08 42.87
CA TYR E 110 -0.63 6.13 41.62
C TYR E 110 -0.41 4.83 40.86
N TRP E 111 -1.46 4.36 40.20
CA TRP E 111 -1.45 3.09 39.49
C TRP E 111 -1.87 3.29 38.05
N GLY E 112 -1.37 2.40 37.18
CA GLY E 112 -1.84 2.36 35.81
C GLY E 112 -3.10 1.54 35.66
N GLN E 113 -3.77 1.70 34.52
CA GLN E 113 -5.02 0.98 34.29
C GLN E 113 -4.81 -0.52 34.20
N GLY E 114 -3.62 -0.98 33.86
CA GLY E 114 -3.33 -2.40 33.89
C GLY E 114 -3.54 -3.07 32.54
N THR E 115 -2.72 -4.08 32.28
CA THR E 115 -2.83 -4.89 31.06
C THR E 115 -2.81 -6.36 31.44
N LEU E 116 -3.56 -7.16 30.68
CA LEU E 116 -3.72 -8.58 30.98
C LEU E 116 -2.68 -9.42 30.25
N VAL E 117 -2.15 -10.41 30.94
CA VAL E 117 -1.24 -11.39 30.37
C VAL E 117 -1.80 -12.77 30.66
N THR E 118 -2.22 -13.48 29.62
CA THR E 118 -2.81 -14.81 29.74
C THR E 118 -1.81 -15.84 29.24
N VAL E 119 -1.28 -16.65 30.16
CA VAL E 119 -0.28 -17.66 29.83
C VAL E 119 -0.99 -19.00 29.68
N SER E 120 -1.09 -19.49 28.45
CA SER E 120 -1.69 -20.78 28.16
C SER E 120 -1.33 -21.18 26.74
N SER E 121 -1.19 -22.49 26.54
CA SER E 121 -0.83 -23.05 25.24
C SER E 121 -2.05 -23.38 24.38
N ALA E 122 -3.25 -23.03 24.82
CA ALA E 122 -4.46 -23.44 24.12
C ALA E 122 -4.73 -22.52 22.93
N SER E 123 -5.08 -23.13 21.80
CA SER E 123 -5.39 -22.36 20.60
C SER E 123 -6.73 -21.67 20.74
N THR E 124 -6.89 -20.58 19.98
CA THR E 124 -8.12 -19.79 20.01
C THR E 124 -9.25 -20.59 19.38
N LYS E 125 -10.08 -21.22 20.24
CA LYS E 125 -11.17 -22.06 19.79
C LYS E 125 -12.50 -21.31 19.91
N GLY E 126 -13.39 -21.55 18.95
CA GLY E 126 -14.69 -20.94 18.96
C GLY E 126 -15.64 -21.61 19.94
N PRO E 127 -16.65 -20.87 20.39
CA PRO E 127 -17.57 -21.41 21.39
C PRO E 127 -18.59 -22.36 20.79
N SER E 128 -19.09 -23.26 21.65
CA SER E 128 -20.21 -24.14 21.32
C SER E 128 -21.37 -23.74 22.22
N VAL E 129 -22.42 -23.18 21.63
CA VAL E 129 -23.53 -22.64 22.38
C VAL E 129 -24.63 -23.69 22.48
N PHE E 130 -25.09 -23.95 23.71
CA PHE E 130 -26.17 -24.89 23.95
C PHE E 130 -27.31 -24.21 24.70
N PRO E 131 -28.55 -24.48 24.33
CA PRO E 131 -29.68 -23.80 24.97
C PRO E 131 -30.03 -24.41 26.32
N LEU E 132 -30.84 -23.68 27.08
CA LEU E 132 -31.33 -24.10 28.38
C LEU E 132 -32.84 -23.93 28.39
N ALA E 133 -33.56 -25.02 28.13
CA ALA E 133 -35.02 -24.96 28.02
C ALA E 133 -35.66 -24.98 29.40
N PRO E 134 -36.75 -24.22 29.59
CA PRO E 134 -37.42 -24.21 30.88
C PRO E 134 -38.24 -25.47 31.12
N SER E 135 -38.41 -25.79 32.39
CA SER E 135 -39.17 -26.98 32.78
C SER E 135 -40.56 -26.60 33.30
N GLY E 142 -44.70 -16.74 40.31
CA GLY E 142 -44.41 -17.96 39.57
C GLY E 142 -44.05 -17.70 38.12
N THR E 143 -42.81 -17.27 37.89
CA THR E 143 -42.29 -17.00 36.56
C THR E 143 -41.33 -18.11 36.14
N ALA E 144 -40.82 -18.01 34.93
CA ALA E 144 -39.91 -18.98 34.36
C ALA E 144 -38.61 -18.30 33.94
N ALA E 145 -37.61 -19.13 33.64
CA ALA E 145 -36.29 -18.63 33.24
C ALA E 145 -35.76 -19.49 32.11
N LEU E 146 -34.90 -18.89 31.29
CA LEU E 146 -34.27 -19.58 30.17
C LEU E 146 -32.98 -18.85 29.83
N GLY E 147 -32.08 -19.55 29.16
CA GLY E 147 -30.82 -18.95 28.79
C GLY E 147 -30.03 -19.80 27.83
N CYS E 148 -28.76 -19.43 27.67
CA CYS E 148 -27.85 -20.12 26.76
C CYS E 148 -26.59 -20.51 27.51
N LEU E 149 -25.93 -21.56 27.04
CA LEU E 149 -24.72 -22.09 27.64
C LEU E 149 -23.58 -21.98 26.63
N VAL E 150 -22.71 -20.99 26.82
CA VAL E 150 -21.53 -20.82 25.98
C VAL E 150 -20.40 -21.64 26.59
N LYS E 151 -20.06 -22.76 25.95
CA LYS E 151 -19.10 -23.71 26.50
C LYS E 151 -17.96 -23.94 25.52
N ASP E 152 -16.77 -24.20 26.09
CA ASP E 152 -15.59 -24.58 25.34
C ASP E 152 -15.15 -23.49 24.35
N TYR E 153 -14.52 -22.44 24.87
CA TYR E 153 -13.98 -21.38 24.03
C TYR E 153 -12.73 -20.83 24.70
N PHE E 154 -11.77 -20.41 23.86
CA PHE E 154 -10.53 -19.83 24.34
C PHE E 154 -10.12 -18.72 23.37
N PRO E 155 -9.67 -17.56 23.89
CA PRO E 155 -9.63 -17.19 25.31
C PRO E 155 -10.77 -16.22 25.65
N GLU E 156 -10.68 -15.56 26.79
CA GLU E 156 -11.65 -14.52 27.12
C GLU E 156 -11.54 -13.37 26.12
N PRO E 157 -12.65 -12.65 25.87
CA PRO E 157 -13.99 -12.88 26.40
C PRO E 157 -15.00 -13.28 25.32
N VAL E 158 -16.27 -13.41 25.71
CA VAL E 158 -17.37 -13.58 24.76
C VAL E 158 -18.51 -12.67 25.20
N THR E 159 -19.11 -11.97 24.24
CA THR E 159 -20.20 -11.05 24.51
C THR E 159 -21.53 -11.73 24.20
N VAL E 160 -22.44 -11.73 25.17
CA VAL E 160 -23.73 -12.38 25.05
C VAL E 160 -24.82 -11.35 25.26
N SER E 161 -25.73 -11.23 24.30
CA SER E 161 -26.87 -10.33 24.38
C SER E 161 -28.12 -11.09 23.93
N TRP E 162 -29.28 -10.49 24.20
CA TRP E 162 -30.57 -11.10 23.90
C TRP E 162 -31.37 -10.17 23.00
N ASN E 163 -31.89 -10.73 21.90
CA ASN E 163 -32.67 -9.99 20.92
C ASN E 163 -31.92 -8.78 20.39
N SER E 164 -30.62 -8.96 20.15
CA SER E 164 -29.75 -7.91 19.60
C SER E 164 -29.75 -6.66 20.49
N GLY E 165 -29.72 -6.88 21.80
CA GLY E 165 -29.69 -5.79 22.75
C GLY E 165 -31.02 -5.16 23.09
N ALA E 166 -32.12 -5.69 22.55
CA ALA E 166 -33.44 -5.12 22.86
C ALA E 166 -33.94 -5.58 24.21
N LEU E 167 -33.59 -6.79 24.64
CA LEU E 167 -34.03 -7.33 25.93
C LEU E 167 -32.96 -7.02 26.97
N THR E 168 -33.22 -6.00 27.79
CA THR E 168 -32.27 -5.56 28.81
C THR E 168 -32.66 -6.00 30.22
N SER E 169 -33.94 -5.89 30.58
CA SER E 169 -34.38 -6.18 31.93
C SER E 169 -34.47 -7.69 32.15
N GLY E 170 -33.94 -8.16 33.28
CA GLY E 170 -34.03 -9.55 33.65
C GLY E 170 -32.90 -10.44 33.19
N VAL E 171 -31.86 -9.87 32.58
CA VAL E 171 -30.75 -10.66 32.05
C VAL E 171 -29.65 -10.76 33.10
N HIS E 172 -29.09 -11.95 33.26
CA HIS E 172 -27.98 -12.20 34.16
C HIS E 172 -26.93 -13.03 33.42
N THR E 173 -25.82 -12.38 33.05
CA THR E 173 -24.70 -13.05 32.41
C THR E 173 -23.63 -13.32 33.48
N PHE E 174 -23.25 -14.59 33.63
CA PHE E 174 -22.32 -14.97 34.69
C PHE E 174 -20.88 -14.93 34.18
N PRO E 175 -19.93 -14.61 35.06
CA PRO E 175 -18.52 -14.66 34.68
C PRO E 175 -18.11 -16.07 34.25
N ALA E 176 -17.13 -16.12 33.35
CA ALA E 176 -16.66 -17.39 32.83
C ALA E 176 -15.85 -18.16 33.88
N VAL E 177 -15.74 -19.46 33.66
CA VAL E 177 -14.96 -20.35 34.53
C VAL E 177 -13.99 -21.13 33.67
N LEU E 178 -12.76 -21.29 34.16
CA LEU E 178 -11.73 -22.03 33.44
C LEU E 178 -11.83 -23.49 33.86
N GLN E 179 -12.45 -24.30 33.01
CA GLN E 179 -12.61 -25.72 33.30
C GLN E 179 -11.28 -26.45 33.11
N SER E 180 -11.28 -27.73 33.46
CA SER E 180 -10.05 -28.53 33.43
C SER E 180 -9.50 -28.71 32.03
N SER E 181 -10.30 -28.47 31.00
CA SER E 181 -9.88 -28.65 29.61
C SER E 181 -9.18 -27.42 29.05
N GLY E 182 -8.73 -26.51 29.90
CA GLY E 182 -8.07 -25.29 29.46
C GLY E 182 -8.96 -24.28 28.76
N LEU E 183 -10.23 -24.60 28.52
CA LEU E 183 -11.16 -23.69 27.88
C LEU E 183 -12.03 -23.00 28.93
N TYR E 184 -12.89 -22.11 28.47
CA TYR E 184 -13.79 -21.36 29.34
C TYR E 184 -15.23 -21.77 29.12
N SER E 185 -16.04 -21.63 30.17
CA SER E 185 -17.47 -21.89 30.11
C SER E 185 -18.21 -20.72 30.77
N LEU E 186 -19.28 -20.28 30.13
CA LEU E 186 -20.01 -19.11 30.58
C LEU E 186 -21.50 -19.36 30.51
N SER E 187 -22.23 -18.78 31.45
CA SER E 187 -23.68 -18.94 31.53
C SER E 187 -24.34 -17.58 31.45
N SER E 188 -25.42 -17.49 30.67
CA SER E 188 -26.22 -16.28 30.55
C SER E 188 -27.69 -16.65 30.54
N VAL E 189 -28.47 -16.05 31.44
CA VAL E 189 -29.88 -16.38 31.61
C VAL E 189 -30.69 -15.09 31.54
N VAL E 190 -32.01 -15.26 31.40
CA VAL E 190 -32.95 -14.15 31.39
C VAL E 190 -34.31 -14.67 31.84
N THR E 191 -34.94 -13.95 32.76
CA THR E 191 -36.25 -14.32 33.29
C THR E 191 -37.33 -13.52 32.57
N VAL E 192 -38.30 -14.23 31.98
CA VAL E 192 -39.37 -13.60 31.22
C VAL E 192 -40.69 -14.12 31.76
N PRO E 193 -41.78 -13.36 31.58
CA PRO E 193 -43.09 -13.86 31.98
C PRO E 193 -43.43 -15.14 31.22
N SER E 194 -44.02 -16.09 31.93
CA SER E 194 -44.27 -17.42 31.38
C SER E 194 -45.38 -17.47 30.34
N SER E 195 -46.17 -16.41 30.19
CA SER E 195 -47.27 -16.43 29.23
C SER E 195 -46.79 -16.19 27.80
N SER E 196 -45.88 -15.24 27.58
CA SER E 196 -45.32 -15.03 26.24
C SER E 196 -44.07 -15.91 26.13
N LEU E 197 -44.30 -17.19 25.93
CA LEU E 197 -43.22 -18.17 25.81
C LEU E 197 -43.09 -18.69 24.38
N GLY E 198 -44.12 -19.35 23.85
CA GLY E 198 -44.09 -19.76 22.46
C GLY E 198 -44.39 -18.63 21.48
N THR E 199 -44.95 -17.53 21.96
CA THR E 199 -45.27 -16.38 21.13
C THR E 199 -44.12 -15.40 21.02
N GLN E 200 -43.41 -15.15 22.11
CA GLN E 200 -42.25 -14.26 22.10
C GLN E 200 -41.01 -15.11 21.89
N THR E 201 -40.23 -14.78 20.86
CA THR E 201 -39.05 -15.55 20.52
C THR E 201 -37.82 -14.94 21.18
N TYR E 202 -36.97 -15.82 21.72
CA TYR E 202 -35.77 -15.41 22.45
C TYR E 202 -34.55 -15.99 21.75
N ILE E 203 -33.62 -15.13 21.38
CA ILE E 203 -32.38 -15.53 20.70
C ILE E 203 -31.22 -14.84 21.40
N CYS E 204 -30.25 -15.62 21.85
CA CYS E 204 -29.05 -15.08 22.48
C CYS E 204 -27.98 -14.86 21.41
N ASN E 205 -27.33 -13.71 21.48
CA ASN E 205 -26.33 -13.31 20.50
C ASN E 205 -24.95 -13.45 21.14
N VAL E 206 -24.19 -14.45 20.70
CA VAL E 206 -22.87 -14.74 21.24
C VAL E 206 -21.83 -14.35 20.20
N ASN E 207 -20.83 -13.59 20.62
CA ASN E 207 -19.75 -13.15 19.74
C ASN E 207 -18.41 -13.45 20.40
N HIS E 208 -17.49 -13.99 19.59
CA HIS E 208 -16.13 -14.32 20.05
C HIS E 208 -15.15 -13.67 19.07
N LYS E 209 -14.70 -12.47 19.43
CA LYS E 209 -13.78 -11.74 18.56
C LYS E 209 -12.44 -12.44 18.36
N PRO E 210 -11.77 -13.01 19.38
CA PRO E 210 -10.49 -13.68 19.13
C PRO E 210 -10.55 -14.78 18.08
N SER E 211 -11.67 -15.48 17.97
CA SER E 211 -11.84 -16.52 16.97
C SER E 211 -12.75 -16.09 15.82
N ASN E 212 -13.32 -14.89 15.88
CA ASN E 212 -14.21 -14.37 14.84
C ASN E 212 -15.38 -15.33 14.59
N THR E 213 -16.16 -15.56 15.64
CA THR E 213 -17.30 -16.46 15.58
C THR E 213 -18.51 -15.75 16.18
N LYS E 214 -19.57 -15.63 15.38
CA LYS E 214 -20.83 -15.03 15.81
C LYS E 214 -21.93 -16.06 15.60
N VAL E 215 -22.51 -16.53 16.70
CA VAL E 215 -23.53 -17.57 16.66
C VAL E 215 -24.80 -17.05 17.33
N ASP E 216 -25.92 -17.13 16.61
CA ASP E 216 -27.24 -16.82 17.16
C ASP E 216 -28.01 -18.13 17.32
N LYS E 217 -28.55 -18.34 18.51
CA LYS E 217 -29.25 -19.59 18.82
C LYS E 217 -30.64 -19.28 19.35
N ARG E 218 -31.63 -20.01 18.83
CA ARG E 218 -33.00 -19.88 19.31
C ARG E 218 -33.18 -20.64 20.62
N VAL E 219 -34.08 -20.12 21.46
CA VAL E 219 -34.38 -20.71 22.76
C VAL E 219 -35.89 -20.88 22.84
N GLU E 220 -36.36 -22.13 22.76
CA GLU E 220 -37.78 -22.45 22.85
C GLU E 220 -37.96 -23.67 23.74
N PRO E 221 -39.04 -23.71 24.54
CA PRO E 221 -39.28 -24.82 25.47
C PRO E 221 -39.55 -26.14 24.77
N ASP F 1 7.32 -14.92 54.73
CA ASP F 1 6.75 -13.59 54.56
C ASP F 1 5.81 -13.24 55.71
N ILE F 2 5.38 -11.98 55.73
CA ILE F 2 4.45 -11.48 56.76
C ILE F 2 3.03 -11.59 56.22
N GLN F 3 2.21 -12.40 56.87
CA GLN F 3 0.84 -12.63 56.43
C GLN F 3 -0.07 -11.55 56.98
N MET F 4 -0.90 -10.98 56.11
CA MET F 4 -1.85 -9.94 56.48
C MET F 4 -3.26 -10.52 56.40
N THR F 5 -3.92 -10.58 57.55
CA THR F 5 -5.26 -11.16 57.66
C THR F 5 -6.26 -10.03 57.94
N GLN F 6 -7.20 -9.84 57.02
CA GLN F 6 -8.24 -8.84 57.17
C GLN F 6 -9.52 -9.48 57.70
N SER F 7 -10.26 -8.72 58.50
CA SER F 7 -11.53 -9.18 59.06
C SER F 7 -12.49 -8.00 59.11
N PRO F 8 -13.74 -8.18 58.66
CA PRO F 8 -14.30 -9.38 58.02
C PRO F 8 -13.87 -9.48 56.57
N SER F 9 -14.16 -10.59 55.88
CA SER F 9 -13.90 -10.67 54.46
C SER F 9 -14.98 -10.00 53.63
N SER F 10 -16.19 -9.85 54.20
CA SER F 10 -17.28 -9.16 53.51
C SER F 10 -18.15 -8.49 54.57
N LEU F 11 -18.64 -7.29 54.24
CA LEU F 11 -19.50 -6.54 55.14
C LEU F 11 -20.54 -5.81 54.30
N SER F 12 -21.71 -5.59 54.91
CA SER F 12 -22.84 -4.94 54.24
C SER F 12 -23.31 -3.76 55.07
N ALA F 13 -23.21 -2.56 54.51
CA ALA F 13 -23.59 -1.34 55.21
C ALA F 13 -24.26 -0.37 54.24
N SER F 14 -25.08 0.51 54.79
CA SER F 14 -25.83 1.50 54.03
C SER F 14 -25.09 2.84 54.01
N VAL F 15 -25.55 3.73 53.12
CA VAL F 15 -24.99 5.06 53.04
C VAL F 15 -25.17 5.78 54.38
N GLY F 16 -24.08 6.36 54.89
CA GLY F 16 -24.09 7.05 56.15
C GLY F 16 -23.60 6.22 57.32
N ASP F 17 -23.47 4.92 57.17
CA ASP F 17 -23.01 4.06 58.25
C ASP F 17 -21.51 4.27 58.47
N ARG F 18 -21.07 3.96 59.68
CA ARG F 18 -19.64 3.99 60.03
C ARG F 18 -19.08 2.58 59.87
N VAL F 19 -18.12 2.43 58.96
CA VAL F 19 -17.52 1.14 58.62
C VAL F 19 -16.11 1.10 59.18
N THR F 20 -15.75 -0.02 59.83
CA THR F 20 -14.43 -0.23 60.39
C THR F 20 -13.89 -1.57 59.90
N ILE F 21 -12.72 -1.55 59.27
CA ILE F 21 -12.08 -2.74 58.74
C ILE F 21 -10.84 -3.03 59.56
N THR F 22 -10.62 -4.31 59.88
CA THR F 22 -9.51 -4.74 60.70
C THR F 22 -8.45 -5.42 59.84
N CYS F 23 -7.18 -5.18 60.17
CA CYS F 23 -6.05 -5.76 59.44
C CYS F 23 -5.00 -6.18 60.45
N ARG F 24 -4.72 -7.47 60.51
CA ARG F 24 -3.74 -8.01 61.45
C ARG F 24 -2.50 -8.49 60.70
N ALA F 25 -1.36 -8.44 61.39
CA ALA F 25 -0.08 -8.85 60.83
C ALA F 25 0.45 -10.04 61.61
N SER F 26 1.12 -10.96 60.90
CA SER F 26 1.69 -12.14 61.55
C SER F 26 2.85 -11.78 62.47
N GLN F 27 3.44 -10.60 62.31
CA GLN F 27 4.48 -10.12 63.19
C GLN F 27 4.44 -8.59 63.18
N SER F 28 5.09 -8.00 64.19
CA SER F 28 5.09 -6.55 64.32
C SER F 28 5.63 -5.89 63.06
N ILE F 29 4.90 -4.89 62.58
CA ILE F 29 5.30 -4.12 61.40
C ILE F 29 5.37 -2.64 61.72
N SER F 30 5.41 -2.30 63.01
CA SER F 30 5.52 -0.92 63.51
C SER F 30 4.33 -0.12 62.98
N SER F 31 4.54 0.96 62.21
CA SER F 31 3.45 1.75 61.65
C SER F 31 3.45 1.70 60.13
N TYR F 32 4.16 0.73 59.53
CA TYR F 32 4.27 0.61 58.08
C TYR F 32 3.14 -0.27 57.56
N LEU F 33 1.97 0.35 57.43
CA LEU F 33 0.76 -0.33 56.96
C LEU F 33 -0.02 0.66 56.12
N ASN F 34 -0.40 0.25 54.92
CA ASN F 34 -1.09 1.13 53.98
C ASN F 34 -2.45 0.53 53.61
N TRP F 35 -3.37 1.40 53.21
CA TRP F 35 -4.71 1.00 52.82
C TRP F 35 -4.97 1.41 51.36
N TYR F 36 -5.60 0.52 50.60
CA TYR F 36 -5.90 0.76 49.20
C TYR F 36 -7.36 0.42 48.92
N GLN F 37 -7.97 1.20 48.03
CA GLN F 37 -9.34 0.96 47.57
C GLN F 37 -9.30 0.57 46.09
N GLN F 38 -9.99 -0.50 45.75
CA GLN F 38 -10.03 -0.99 44.38
C GLN F 38 -11.49 -1.19 43.95
N LYS F 39 -11.89 -0.45 42.91
CA LYS F 39 -13.17 -0.63 42.25
C LYS F 39 -13.07 -1.79 41.25
N PRO F 40 -14.16 -2.52 41.03
CA PRO F 40 -14.07 -3.65 40.10
C PRO F 40 -13.76 -3.16 38.70
N GLY F 41 -12.75 -3.79 38.08
CA GLY F 41 -12.32 -3.35 36.77
C GLY F 41 -11.52 -2.07 36.75
N LYS F 42 -10.99 -1.65 37.90
CA LYS F 42 -10.22 -0.41 37.99
C LYS F 42 -8.95 -0.64 38.80
N ALA F 43 -8.01 0.29 38.63
CA ALA F 43 -6.75 0.23 39.36
C ALA F 43 -6.96 0.61 40.82
N PRO F 44 -6.21 -0.01 41.73
CA PRO F 44 -6.26 0.40 43.14
C PRO F 44 -5.84 1.85 43.31
N LYS F 45 -6.36 2.48 44.36
CA LYS F 45 -6.03 3.86 44.69
C LYS F 45 -5.64 3.95 46.15
N LEU F 46 -4.58 4.70 46.44
CA LEU F 46 -4.06 4.79 47.79
C LEU F 46 -4.98 5.65 48.64
N LEU F 47 -5.32 5.16 49.84
CA LEU F 47 -6.11 5.90 50.79
C LEU F 47 -5.29 6.35 52.00
N ILE F 48 -4.69 5.42 52.72
CA ILE F 48 -3.89 5.70 53.90
C ILE F 48 -2.51 5.09 53.72
N TYR F 49 -1.48 5.84 54.06
CA TYR F 49 -0.12 5.32 54.15
C TYR F 49 0.43 5.60 55.54
N ALA F 50 1.39 4.78 55.95
CA ALA F 50 1.99 4.87 57.29
C ALA F 50 0.92 4.79 58.37
N ALA F 51 -0.01 3.85 58.20
CA ALA F 51 -1.05 3.54 59.17
C ALA F 51 -2.08 4.65 59.33
N SER F 52 -1.64 5.91 59.46
CA SER F 52 -2.55 6.99 59.83
C SER F 52 -2.44 8.25 58.99
N SER F 53 -1.59 8.28 57.97
CA SER F 53 -1.41 9.49 57.16
C SER F 53 -2.37 9.45 55.97
N LEU F 54 -3.23 10.46 55.87
CA LEU F 54 -4.20 10.54 54.78
C LEU F 54 -3.49 10.97 53.50
N GLN F 55 -3.80 10.28 52.40
CA GLN F 55 -3.24 10.65 51.11
C GLN F 55 -3.94 11.89 50.56
N SER F 56 -3.19 12.69 49.82
CA SER F 56 -3.72 13.91 49.24
C SER F 56 -4.88 13.61 48.29
N GLY F 57 -5.98 14.34 48.45
CA GLY F 57 -7.15 14.19 47.63
C GLY F 57 -8.11 13.10 48.07
N VAL F 58 -7.79 12.34 49.10
CA VAL F 58 -8.71 11.36 49.65
C VAL F 58 -9.60 12.06 50.66
N PRO F 59 -10.92 11.91 50.59
CA PRO F 59 -11.80 12.61 51.53
C PRO F 59 -11.46 12.29 52.97
N SER F 60 -11.68 13.29 53.83
CA SER F 60 -11.34 13.17 55.25
C SER F 60 -12.18 12.14 55.99
N ARG F 61 -13.25 11.63 55.36
CA ARG F 61 -14.04 10.57 55.96
C ARG F 61 -13.24 9.27 56.11
N PHE F 62 -12.14 9.13 55.37
CA PHE F 62 -11.22 8.01 55.55
C PHE F 62 -10.19 8.36 56.61
N SER F 63 -9.86 7.38 57.45
CA SER F 63 -8.88 7.58 58.51
C SER F 63 -8.37 6.22 58.95
N GLY F 64 -7.07 6.15 59.26
CA GLY F 64 -6.46 4.92 59.70
C GLY F 64 -5.84 5.02 61.09
N SER F 65 -5.70 3.87 61.76
CA SER F 65 -5.16 3.85 63.11
C SER F 65 -4.57 2.47 63.39
N GLY F 66 -3.72 2.42 64.40
CA GLY F 66 -3.11 1.18 64.85
C GLY F 66 -1.59 1.20 64.70
N SER F 67 -0.97 0.22 65.37
CA SER F 67 0.47 0.06 65.33
C SER F 67 0.82 -1.34 65.80
N GLY F 68 1.96 -1.84 65.32
CA GLY F 68 2.40 -3.17 65.69
C GLY F 68 1.80 -4.24 64.82
N THR F 69 0.76 -4.90 65.34
CA THR F 69 0.09 -6.00 64.66
C THR F 69 -1.37 -5.74 64.37
N ASP F 70 -2.02 -4.80 65.07
CA ASP F 70 -3.43 -4.53 64.92
C ASP F 70 -3.63 -3.15 64.30
N PHE F 71 -4.39 -3.11 63.20
CA PHE F 71 -4.63 -1.86 62.48
C PHE F 71 -6.11 -1.79 62.12
N THR F 72 -6.59 -0.56 61.93
CA THR F 72 -8.00 -0.33 61.61
C THR F 72 -8.14 0.80 60.61
N LEU F 73 -8.95 0.59 59.58
CA LEU F 73 -9.40 1.65 58.69
C LEU F 73 -10.86 1.97 59.01
N THR F 74 -11.19 3.26 59.04
CA THR F 74 -12.52 3.71 59.44
C THR F 74 -13.05 4.70 58.41
N ILE F 75 -14.27 4.44 57.92
CA ILE F 75 -15.02 5.37 57.10
C ILE F 75 -16.13 5.95 57.98
N SER F 76 -15.97 7.21 58.37
CA SER F 76 -16.88 7.81 59.35
C SER F 76 -18.30 7.87 58.83
N SER F 77 -18.47 8.21 57.55
CA SER F 77 -19.80 8.31 56.92
C SER F 77 -19.68 7.73 55.52
N LEU F 78 -20.17 6.50 55.35
CA LEU F 78 -20.04 5.80 54.08
C LEU F 78 -20.85 6.53 53.02
N GLN F 79 -20.28 6.65 51.83
CA GLN F 79 -20.90 7.32 50.70
C GLN F 79 -21.13 6.32 49.56
N PRO F 80 -22.05 6.62 48.64
CA PRO F 80 -22.36 5.64 47.58
C PRO F 80 -21.15 5.24 46.75
N GLU F 81 -20.21 6.15 46.51
CA GLU F 81 -19.04 5.82 45.70
C GLU F 81 -17.97 5.08 46.49
N ASP F 82 -18.16 4.85 47.78
CA ASP F 82 -17.17 4.17 48.61
C ASP F 82 -17.33 2.66 48.62
N PHE F 83 -18.37 2.12 47.97
CA PHE F 83 -18.57 0.68 47.92
C PHE F 83 -17.54 0.06 46.98
N ALA F 84 -16.58 -0.65 47.54
CA ALA F 84 -15.46 -1.21 46.79
C ALA F 84 -14.77 -2.24 47.69
N THR F 85 -13.65 -2.78 47.20
CA THR F 85 -12.81 -3.68 47.98
C THR F 85 -11.63 -2.91 48.56
N TYR F 86 -11.36 -3.11 49.84
CA TYR F 86 -10.31 -2.39 50.55
C TYR F 86 -9.23 -3.37 50.98
N TYR F 87 -7.98 -3.09 50.59
CA TYR F 87 -6.85 -3.93 50.93
C TYR F 87 -5.92 -3.19 51.88
N CYS F 88 -5.35 -3.91 52.83
CA CYS F 88 -4.24 -3.40 53.62
C CYS F 88 -2.95 -4.06 53.15
N GLN F 89 -1.84 -3.32 53.28
CA GLN F 89 -0.56 -3.78 52.76
C GLN F 89 0.54 -3.33 53.71
N GLN F 90 1.33 -4.28 54.19
CA GLN F 90 2.44 -3.96 55.07
C GLN F 90 3.68 -3.59 54.27
N SER F 91 4.41 -2.58 54.74
CA SER F 91 5.63 -2.14 54.10
C SER F 91 6.84 -2.23 55.03
N TYR F 92 6.69 -2.88 56.18
CA TYR F 92 7.83 -3.12 57.06
C TYR F 92 8.91 -3.94 56.35
N SER F 93 8.52 -4.98 55.62
CA SER F 93 9.47 -5.79 54.88
C SER F 93 9.49 -5.25 53.46
N THR F 94 10.34 -4.25 53.24
CA THR F 94 10.31 -3.44 52.02
C THR F 94 10.56 -4.26 50.77
N LEU F 95 11.25 -5.40 50.89
CA LEU F 95 11.53 -6.25 49.75
C LEU F 95 10.69 -7.51 49.73
N ALA F 96 9.69 -7.59 50.61
CA ALA F 96 8.72 -8.68 50.58
C ALA F 96 7.34 -8.10 50.89
N LEU F 97 6.94 -7.09 50.10
CA LEU F 97 5.67 -6.43 50.31
C LEU F 97 4.52 -7.41 50.11
N THR F 98 3.61 -7.44 51.08
CA THR F 98 2.48 -8.37 51.07
C THR F 98 1.19 -7.61 51.37
N PHE F 99 0.13 -7.99 50.69
CA PHE F 99 -1.19 -7.39 50.86
C PHE F 99 -2.06 -8.28 51.74
N GLY F 100 -3.12 -7.68 52.27
CA GLY F 100 -4.16 -8.45 52.93
C GLY F 100 -5.10 -9.13 51.96
N GLY F 101 -5.98 -9.96 52.52
CA GLY F 101 -6.95 -10.67 51.71
C GLY F 101 -8.00 -9.77 51.09
N GLY F 102 -8.27 -8.63 51.69
CA GLY F 102 -9.23 -7.67 51.19
C GLY F 102 -10.56 -7.78 51.90
N THR F 103 -11.26 -6.65 51.99
CA THR F 103 -12.59 -6.58 52.59
C THR F 103 -13.52 -5.88 51.61
N LYS F 104 -14.47 -6.64 51.04
CA LYS F 104 -15.42 -6.11 50.08
C LYS F 104 -16.59 -5.50 50.84
N VAL F 105 -16.75 -4.19 50.74
CA VAL F 105 -17.85 -3.48 51.36
C VAL F 105 -19.02 -3.46 50.39
N GLU F 106 -20.14 -4.05 50.79
CA GLU F 106 -21.31 -4.20 49.94
C GLU F 106 -22.48 -3.38 50.50
N ILE F 107 -23.53 -3.29 49.70
CA ILE F 107 -24.75 -2.57 50.07
C ILE F 107 -25.63 -3.53 50.84
N LYS F 108 -26.01 -3.16 52.07
CA LYS F 108 -27.01 -3.93 52.79
C LYS F 108 -28.38 -3.61 52.21
N ARG F 109 -29.10 -4.66 51.81
CA ARG F 109 -30.51 -4.62 51.51
C ARG F 109 -31.22 -5.63 52.40
N THR F 110 -32.54 -5.70 52.27
CA THR F 110 -33.28 -6.73 53.00
C THR F 110 -32.96 -8.12 52.45
N VAL F 111 -33.12 -9.12 53.32
CA VAL F 111 -32.81 -10.50 52.95
C VAL F 111 -33.79 -10.94 51.87
N ALA F 112 -33.27 -11.57 50.82
CA ALA F 112 -34.09 -11.98 49.67
C ALA F 112 -33.90 -13.47 49.44
N ALA F 113 -35.01 -14.18 49.29
CA ALA F 113 -34.92 -15.60 49.04
C ALA F 113 -34.67 -15.84 47.55
N PRO F 114 -33.86 -16.84 47.21
CA PRO F 114 -33.57 -17.09 45.80
C PRO F 114 -34.69 -17.86 45.13
N SER F 115 -34.82 -17.64 43.83
CA SER F 115 -35.70 -18.43 42.98
C SER F 115 -34.83 -19.46 42.28
N VAL F 116 -35.13 -20.73 42.49
CA VAL F 116 -34.27 -21.81 42.04
C VAL F 116 -34.86 -22.39 40.76
N PHE F 117 -34.05 -22.42 39.71
CA PHE F 117 -34.43 -23.01 38.44
C PHE F 117 -33.34 -23.98 38.02
N ILE F 118 -33.76 -25.08 37.41
CA ILE F 118 -32.83 -26.11 36.95
C ILE F 118 -33.09 -26.36 35.48
N PHE F 119 -32.03 -26.63 34.72
CA PHE F 119 -32.12 -26.84 33.28
C PHE F 119 -31.42 -28.13 32.91
N PRO F 120 -32.09 -29.05 32.24
CA PRO F 120 -31.43 -30.27 31.78
C PRO F 120 -30.51 -29.98 30.62
N PRO F 121 -29.60 -30.89 30.29
CA PRO F 121 -28.76 -30.68 29.11
C PRO F 121 -29.57 -30.80 27.83
N SER F 122 -29.27 -29.94 26.87
CA SER F 122 -30.00 -29.92 25.61
C SER F 122 -29.63 -31.11 24.75
N ASP F 123 -30.56 -31.48 23.85
CA ASP F 123 -30.28 -32.53 22.89
C ASP F 123 -29.11 -32.18 21.97
N GLU F 124 -28.94 -30.90 21.65
CA GLU F 124 -27.86 -30.47 20.77
C GLU F 124 -26.48 -30.61 21.40
N GLN F 125 -26.41 -30.86 22.70
CA GLN F 125 -25.13 -31.01 23.41
C GLN F 125 -24.77 -32.45 23.71
N LEU F 126 -25.76 -33.30 23.99
CA LEU F 126 -25.48 -34.67 24.39
C LEU F 126 -24.75 -35.46 23.30
N LYS F 127 -24.96 -35.11 22.03
CA LYS F 127 -24.28 -35.79 20.94
C LYS F 127 -22.79 -35.47 20.86
N SER F 128 -22.32 -34.44 21.57
CA SER F 128 -20.90 -34.09 21.55
C SER F 128 -20.07 -34.88 22.57
N GLY F 129 -20.71 -35.55 23.54
CA GLY F 129 -20.01 -36.36 24.51
C GLY F 129 -19.98 -35.79 25.90
N THR F 130 -20.45 -34.56 26.09
CA THR F 130 -20.44 -33.93 27.41
C THR F 130 -21.87 -33.65 27.84
N ALA F 131 -22.11 -33.75 29.15
CA ALA F 131 -23.41 -33.47 29.73
C ALA F 131 -23.22 -32.49 30.88
N SER F 132 -23.97 -31.39 30.86
CA SER F 132 -23.88 -30.35 31.88
C SER F 132 -25.25 -30.13 32.50
N VAL F 133 -25.33 -30.33 33.82
CA VAL F 133 -26.54 -30.04 34.58
C VAL F 133 -26.35 -28.70 35.25
N VAL F 134 -27.34 -27.81 35.09
CA VAL F 134 -27.22 -26.44 35.54
C VAL F 134 -28.29 -26.17 36.59
N CYS F 135 -27.90 -25.46 37.66
CA CYS F 135 -28.81 -25.00 38.69
C CYS F 135 -28.64 -23.49 38.82
N LEU F 136 -29.75 -22.79 39.00
CA LEU F 136 -29.75 -21.34 39.04
C LEU F 136 -30.36 -20.84 40.35
N LEU F 137 -29.69 -19.86 40.97
CA LEU F 137 -30.23 -19.13 42.11
C LEU F 137 -30.41 -17.69 41.67
N ASN F 138 -31.66 -17.22 41.66
CA ASN F 138 -32.03 -15.95 41.04
C ASN F 138 -32.44 -14.95 42.11
N ASN F 139 -31.74 -13.81 42.15
CA ASN F 139 -32.13 -12.66 42.93
C ASN F 139 -32.25 -13.00 44.41
N PHE F 140 -31.12 -13.10 45.09
CA PHE F 140 -31.08 -13.41 46.51
C PHE F 140 -30.10 -12.47 47.20
N TYR F 141 -30.23 -12.37 48.52
CA TYR F 141 -29.31 -11.59 49.32
C TYR F 141 -29.28 -12.18 50.72
N PRO F 142 -28.10 -12.31 51.34
CA PRO F 142 -26.77 -11.90 50.90
C PRO F 142 -26.10 -12.87 49.92
N ARG F 143 -24.81 -12.64 49.66
CA ARG F 143 -24.08 -13.45 48.68
C ARG F 143 -23.87 -14.87 49.18
N GLU F 144 -23.72 -15.05 50.49
CA GLU F 144 -23.43 -16.36 51.08
C GLU F 144 -24.55 -17.35 50.76
N ALA F 145 -24.27 -18.32 49.89
CA ALA F 145 -25.25 -19.32 49.51
C ALA F 145 -24.51 -20.58 49.11
N LYS F 146 -25.03 -21.73 49.55
CA LYS F 146 -24.41 -23.02 49.29
C LYS F 146 -25.29 -23.82 48.33
N VAL F 147 -24.67 -24.33 47.28
CA VAL F 147 -25.36 -25.16 46.29
C VAL F 147 -24.73 -26.54 46.36
N GLN F 148 -25.55 -27.53 46.71
CA GLN F 148 -25.08 -28.90 46.90
C GLN F 148 -25.75 -29.80 45.88
N TRP F 149 -24.95 -30.50 45.07
CA TRP F 149 -25.46 -31.39 44.03
C TRP F 149 -25.70 -32.78 44.60
N LYS F 150 -26.90 -33.32 44.36
CA LYS F 150 -27.24 -34.67 44.78
C LYS F 150 -27.64 -35.49 43.55
N VAL F 151 -26.88 -36.53 43.26
CA VAL F 151 -27.16 -37.45 42.17
C VAL F 151 -27.41 -38.83 42.78
N ASP F 152 -28.65 -39.29 42.73
CA ASP F 152 -29.08 -40.50 43.43
C ASP F 152 -28.76 -40.44 44.92
N ASN F 153 -29.06 -39.29 45.53
CA ASN F 153 -28.80 -39.02 46.93
C ASN F 153 -27.32 -39.03 47.26
N ALA F 154 -26.45 -39.03 46.25
CA ALA F 154 -25.02 -38.99 46.44
C ALA F 154 -24.54 -37.56 46.19
N LEU F 155 -23.91 -36.98 47.20
CA LEU F 155 -23.44 -35.61 47.08
C LEU F 155 -22.29 -35.54 46.09
N GLN F 156 -22.42 -34.66 45.09
CA GLN F 156 -21.39 -34.53 44.06
C GLN F 156 -20.44 -33.41 44.49
N SER F 157 -19.23 -33.79 44.87
CA SER F 157 -18.18 -32.84 45.20
C SER F 157 -17.04 -32.99 44.20
N GLY F 158 -16.42 -31.87 43.84
CA GLY F 158 -15.35 -31.95 42.88
C GLY F 158 -15.79 -32.15 41.46
N ASN F 159 -17.03 -31.80 41.13
CA ASN F 159 -17.55 -32.03 39.79
C ASN F 159 -18.45 -30.89 39.30
N SER F 160 -18.49 -29.75 40.00
CA SER F 160 -19.28 -28.61 39.60
C SER F 160 -18.48 -27.33 39.83
N GLN F 161 -18.87 -26.26 39.14
CA GLN F 161 -18.24 -24.96 39.33
C GLN F 161 -19.30 -23.89 39.48
N GLU F 162 -19.00 -22.90 40.31
CA GLU F 162 -19.93 -21.82 40.63
C GLU F 162 -19.46 -20.50 40.04
N SER F 163 -20.41 -19.60 39.86
CA SER F 163 -20.15 -18.25 39.40
C SER F 163 -21.26 -17.34 39.91
N VAL F 164 -20.88 -16.19 40.48
CA VAL F 164 -21.82 -15.26 41.07
C VAL F 164 -21.71 -13.91 40.36
N THR F 165 -22.86 -13.33 40.03
CA THR F 165 -22.90 -12.02 39.41
C THR F 165 -22.66 -10.92 40.46
N GLU F 166 -22.33 -9.73 39.96
CA GLU F 166 -22.25 -8.54 40.79
C GLU F 166 -23.65 -8.10 41.22
N GLN F 167 -23.70 -7.27 42.26
CA GLN F 167 -24.97 -6.79 42.77
C GLN F 167 -25.73 -6.03 41.68
N ASP F 168 -27.00 -6.40 41.51
CA ASP F 168 -27.82 -5.81 40.46
C ASP F 168 -28.08 -4.33 40.74
N SER F 169 -28.11 -3.53 39.67
CA SER F 169 -28.32 -2.10 39.82
C SER F 169 -29.74 -1.75 40.26
N LYS F 170 -30.70 -2.64 40.05
CA LYS F 170 -32.09 -2.39 40.44
C LYS F 170 -32.32 -2.76 41.90
N ASP F 171 -32.28 -4.06 42.21
CA ASP F 171 -32.63 -4.56 43.53
C ASP F 171 -31.43 -4.97 44.37
N SER F 172 -30.21 -4.80 43.86
CA SER F 172 -28.99 -5.04 44.63
C SER F 172 -28.88 -6.50 45.11
N THR F 173 -29.37 -7.43 44.31
CA THR F 173 -29.32 -8.85 44.63
C THR F 173 -28.26 -9.54 43.80
N TYR F 174 -27.94 -10.77 44.20
CA TYR F 174 -26.97 -11.61 43.51
C TYR F 174 -27.69 -12.68 42.71
N SER F 175 -26.90 -13.40 41.91
CA SER F 175 -27.40 -14.55 41.16
C SER F 175 -26.25 -15.53 41.03
N LEU F 176 -26.56 -16.82 41.17
CA LEU F 176 -25.54 -17.85 41.19
C LEU F 176 -25.93 -18.94 40.21
N SER F 177 -24.93 -19.50 39.53
CA SER F 177 -25.12 -20.60 38.60
C SER F 177 -24.05 -21.64 38.88
N SER F 178 -24.46 -22.86 39.13
CA SER F 178 -23.55 -23.97 39.35
C SER F 178 -23.71 -24.93 38.19
N THR F 179 -22.58 -25.37 37.63
CA THR F 179 -22.58 -26.19 36.44
C THR F 179 -21.92 -27.52 36.79
N LEU F 180 -22.70 -28.58 36.78
CA LEU F 180 -22.19 -29.92 37.04
C LEU F 180 -21.85 -30.54 35.70
N THR F 181 -20.56 -30.85 35.50
CA THR F 181 -20.07 -31.36 34.23
C THR F 181 -19.62 -32.80 34.42
N LEU F 182 -20.23 -33.70 33.66
CA LEU F 182 -19.85 -35.10 33.65
C LEU F 182 -19.98 -35.62 32.23
N SER F 183 -19.25 -36.68 31.93
CA SER F 183 -19.34 -37.31 30.62
C SER F 183 -20.67 -38.02 30.47
N LYS F 184 -21.01 -38.34 29.22
CA LYS F 184 -22.25 -39.04 28.92
C LYS F 184 -22.29 -40.41 29.58
N ALA F 185 -21.14 -41.11 29.62
CA ALA F 185 -21.08 -42.40 30.28
C ALA F 185 -21.46 -42.28 31.75
N ASP F 186 -21.02 -41.20 32.41
CA ASP F 186 -21.43 -40.93 33.78
C ASP F 186 -22.89 -40.53 33.89
N TYR F 187 -23.48 -40.03 32.81
CA TYR F 187 -24.83 -39.47 32.87
C TYR F 187 -25.89 -40.57 32.95
N GLU F 188 -25.83 -41.56 32.06
CA GLU F 188 -26.78 -42.67 32.09
C GLU F 188 -26.49 -43.68 33.20
N LYS F 189 -25.45 -43.46 34.01
CA LYS F 189 -25.19 -44.36 35.13
C LYS F 189 -26.13 -44.11 36.30
N HIS F 190 -26.71 -42.93 36.38
CA HIS F 190 -27.59 -42.55 37.48
C HIS F 190 -28.93 -42.08 36.93
N LYS F 191 -29.87 -41.85 37.85
CA LYS F 191 -31.24 -41.47 37.50
C LYS F 191 -31.65 -40.14 38.09
N VAL F 192 -31.46 -39.96 39.40
CA VAL F 192 -31.96 -38.78 40.10
C VAL F 192 -30.92 -37.66 39.99
N TYR F 193 -31.38 -36.49 39.55
CA TYR F 193 -30.55 -35.30 39.47
C TYR F 193 -31.26 -34.17 40.20
N ALA F 194 -30.64 -33.67 41.27
CA ALA F 194 -31.25 -32.68 42.16
C ALA F 194 -30.24 -31.57 42.46
N CYS F 195 -30.78 -30.44 42.92
CA CYS F 195 -29.96 -29.31 43.33
C CYS F 195 -30.48 -28.80 44.66
N GLU F 196 -29.64 -28.88 45.70
CA GLU F 196 -30.00 -28.43 47.04
C GLU F 196 -29.46 -27.02 47.26
N VAL F 197 -30.30 -26.16 47.83
CA VAL F 197 -29.96 -24.76 48.03
C VAL F 197 -30.17 -24.42 49.50
N THR F 198 -29.13 -23.89 50.14
CA THR F 198 -29.19 -23.39 51.50
C THR F 198 -28.90 -21.90 51.47
N HIS F 199 -29.77 -21.10 52.08
CA HIS F 199 -29.62 -19.65 52.05
C HIS F 199 -30.29 -19.06 53.28
N GLN F 200 -29.84 -17.86 53.64
CA GLN F 200 -30.37 -17.18 54.83
C GLN F 200 -31.87 -16.93 54.70
N GLY F 201 -32.36 -16.67 53.49
CA GLY F 201 -33.76 -16.42 53.29
C GLY F 201 -34.64 -17.65 53.17
N LEU F 202 -34.09 -18.83 53.46
CA LEU F 202 -34.83 -20.09 53.42
C LEU F 202 -34.80 -20.71 54.80
N SER F 203 -35.97 -20.96 55.38
CA SER F 203 -36.05 -21.56 56.70
C SER F 203 -35.56 -23.01 56.74
N SER F 204 -35.41 -23.66 55.58
CA SER F 204 -34.84 -25.00 55.51
C SER F 204 -34.28 -25.18 54.11
N PRO F 205 -33.39 -26.15 53.89
CA PRO F 205 -32.85 -26.35 52.55
C PRO F 205 -33.93 -26.70 51.53
N VAL F 206 -33.89 -26.00 50.40
CA VAL F 206 -34.82 -26.21 49.30
C VAL F 206 -34.11 -26.98 48.18
N THR F 207 -34.82 -27.92 47.57
CA THR F 207 -34.25 -28.77 46.53
C THR F 207 -35.16 -28.76 45.31
N LYS F 208 -34.59 -28.43 44.16
CA LYS F 208 -35.26 -28.50 42.87
C LYS F 208 -34.58 -29.57 42.02
N SER F 209 -35.37 -30.44 41.41
CA SER F 209 -34.83 -31.61 40.72
C SER F 209 -35.66 -31.90 39.48
N PHE F 210 -35.16 -32.86 38.69
CA PHE F 210 -35.90 -33.35 37.54
C PHE F 210 -35.43 -34.78 37.25
N ASN F 211 -36.22 -35.50 36.47
CA ASN F 211 -35.91 -36.84 36.04
C ASN F 211 -35.58 -36.85 34.55
N ARG F 212 -34.51 -37.57 34.19
CA ARG F 212 -34.08 -37.67 32.80
C ARG F 212 -35.16 -38.31 31.92
N ASN G 8 36.23 9.78 53.62
CA ASN G 8 36.56 8.57 52.88
C ASN G 8 35.42 7.56 52.93
N LEU G 9 35.59 6.43 52.24
CA LEU G 9 34.54 5.46 52.09
C LEU G 9 34.42 4.55 53.31
N CYS G 10 33.20 4.08 53.56
CA CYS G 10 32.96 3.14 54.66
C CYS G 10 33.47 1.75 54.30
N PRO G 11 34.13 1.06 55.22
CA PRO G 11 34.75 -0.24 54.91
C PRO G 11 33.76 -1.40 54.96
N PHE G 12 32.91 -1.48 53.93
CA PHE G 12 32.02 -2.63 53.80
C PHE G 12 32.76 -3.85 53.25
N GLY G 13 33.80 -3.63 52.44
CA GLY G 13 34.53 -4.76 51.88
C GLY G 13 35.26 -5.58 52.94
N GLU G 14 35.66 -4.95 54.04
CA GLU G 14 36.32 -5.69 55.11
C GLU G 14 35.38 -6.68 55.79
N VAL G 15 34.07 -6.49 55.70
CA VAL G 15 33.10 -7.39 56.30
C VAL G 15 32.66 -8.47 55.32
N PHE G 16 32.25 -8.06 54.11
CA PHE G 16 31.75 -9.02 53.14
C PHE G 16 32.87 -9.89 52.58
N ASN G 17 34.03 -9.29 52.28
CA ASN G 17 35.13 -10.00 51.66
C ASN G 17 36.12 -10.57 52.66
N ALA G 18 35.74 -10.65 53.94
CA ALA G 18 36.62 -11.25 54.94
C ALA G 18 36.87 -12.70 54.60
N THR G 19 38.14 -13.12 54.73
CA THR G 19 38.53 -14.46 54.32
C THR G 19 37.88 -15.53 55.18
N ARG G 20 37.40 -15.19 56.37
CA ARG G 20 36.65 -16.11 57.19
C ARG G 20 35.64 -15.33 58.02
N PHE G 21 34.68 -16.07 58.60
CA PHE G 21 33.61 -15.49 59.37
C PHE G 21 33.58 -16.14 60.75
N ALA G 22 32.87 -15.50 61.68
CA ALA G 22 32.75 -16.00 63.03
C ALA G 22 31.58 -16.97 63.15
N SER G 23 31.63 -17.80 64.18
CA SER G 23 30.50 -18.65 64.52
C SER G 23 29.33 -17.79 65.00
N VAL G 24 28.11 -18.30 64.78
CA VAL G 24 26.92 -17.50 65.03
C VAL G 24 26.80 -17.12 66.51
N TYR G 25 27.26 -17.99 67.41
CA TYR G 25 27.19 -17.65 68.84
C TYR G 25 28.16 -16.53 69.19
N ALA G 26 29.31 -16.47 68.52
CA ALA G 26 30.27 -15.39 68.73
C ALA G 26 30.32 -14.47 67.52
N TRP G 27 29.15 -13.98 67.11
CA TRP G 27 29.06 -13.18 65.89
C TRP G 27 29.83 -11.88 66.04
N ASN G 28 30.57 -11.52 65.00
CA ASN G 28 31.34 -10.29 64.99
C ASN G 28 30.46 -9.09 64.67
N ARG G 29 30.85 -7.93 65.19
CA ARG G 29 30.16 -6.68 64.93
C ARG G 29 31.17 -5.61 64.54
N LYS G 30 30.93 -4.96 63.41
CA LYS G 30 31.76 -3.86 62.93
C LYS G 30 30.98 -2.57 63.03
N ARG G 31 31.46 -1.64 63.84
CA ARG G 31 30.82 -0.35 64.02
C ARG G 31 31.37 0.62 62.96
N ILE G 32 30.48 1.10 62.09
CA ILE G 32 30.85 1.94 60.96
C ILE G 32 30.41 3.37 61.27
N SER G 33 31.36 4.30 61.24
CA SER G 33 31.06 5.68 61.59
C SER G 33 32.02 6.61 60.85
N ASN G 34 31.56 7.85 60.65
CA ASN G 34 32.38 8.93 60.09
C ASN G 34 32.97 8.54 58.74
N CYS G 35 32.08 8.22 57.79
CA CYS G 35 32.51 7.84 56.45
C CYS G 35 31.34 7.97 55.49
N VAL G 36 31.66 7.97 54.20
CA VAL G 36 30.68 8.02 53.13
C VAL G 36 30.48 6.61 52.58
N ALA G 37 29.23 6.16 52.55
CA ALA G 37 28.92 4.79 52.17
C ALA G 37 28.38 4.74 50.75
N ASP G 38 28.91 3.82 49.95
CA ASP G 38 28.45 3.56 48.60
C ASP G 38 27.69 2.23 48.62
N TYR G 39 26.38 2.31 48.90
CA TYR G 39 25.58 1.10 49.04
C TYR G 39 25.29 0.45 47.69
N SER G 40 25.18 1.25 46.63
CA SER G 40 24.82 0.70 45.32
C SER G 40 25.87 -0.29 44.82
N VAL G 41 27.16 0.06 44.97
CA VAL G 41 28.22 -0.84 44.55
C VAL G 41 28.31 -2.05 45.46
N LEU G 42 28.00 -1.86 46.76
CA LEU G 42 28.12 -2.96 47.71
C LEU G 42 27.09 -4.06 47.43
N TYR G 43 25.84 -3.67 47.17
CA TYR G 43 24.76 -4.64 47.04
C TYR G 43 24.76 -5.35 45.69
N ASN G 44 25.49 -4.84 44.71
CA ASN G 44 25.60 -5.47 43.40
C ASN G 44 26.98 -6.07 43.15
N SER G 45 27.80 -6.20 44.20
CA SER G 45 29.13 -6.78 44.05
C SER G 45 29.03 -8.27 43.77
N ALA G 46 28.68 -9.06 44.77
CA ALA G 46 28.53 -10.50 44.63
C ALA G 46 27.06 -10.89 44.49
N SER G 47 26.85 -12.15 44.16
CA SER G 47 25.50 -12.70 44.05
C SER G 47 25.04 -13.18 45.42
N PHE G 48 23.82 -12.79 45.79
CA PHE G 48 23.28 -13.06 47.11
C PHE G 48 22.06 -13.96 46.98
N SER G 49 22.02 -15.04 47.77
CA SER G 49 20.88 -15.94 47.76
C SER G 49 19.73 -15.40 48.60
N THR G 50 20.03 -14.57 49.61
CA THR G 50 19.02 -13.99 50.47
C THR G 50 19.31 -12.50 50.62
N PHE G 51 18.31 -11.66 50.34
CA PHE G 51 18.46 -10.21 50.45
C PHE G 51 17.10 -9.65 50.83
N LYS G 52 16.92 -9.37 52.12
CA LYS G 52 15.66 -8.86 52.65
C LYS G 52 15.96 -7.68 53.58
N CYS G 53 15.27 -6.56 53.35
CA CYS G 53 15.41 -5.37 54.16
C CYS G 53 14.11 -5.14 54.95
N TYR G 54 14.26 -4.49 56.10
CA TYR G 54 13.13 -4.24 56.98
C TYR G 54 13.19 -2.80 57.48
N GLY G 55 12.09 -2.08 57.32
CA GLY G 55 12.00 -0.71 57.78
C GLY G 55 12.69 0.31 56.89
N VAL G 56 13.39 -0.11 55.84
CA VAL G 56 14.10 0.81 54.96
C VAL G 56 14.33 0.12 53.63
N SER G 57 14.26 0.91 52.56
CA SER G 57 14.51 0.41 51.21
C SER G 57 16.01 0.43 50.90
N PRO G 58 16.49 -0.54 50.12
CA PRO G 58 17.93 -0.56 49.80
C PRO G 58 18.35 0.49 48.79
N THR G 59 17.42 1.04 48.00
CA THR G 59 17.73 2.16 47.14
C THR G 59 17.61 3.49 47.84
N LYS G 60 16.93 3.54 48.98
CA LYS G 60 16.76 4.78 49.73
C LYS G 60 17.94 5.07 50.64
N LEU G 61 18.81 4.08 50.90
CA LEU G 61 19.93 4.29 51.81
C LEU G 61 20.92 5.32 51.28
N ASN G 62 21.01 5.48 49.97
CA ASN G 62 21.90 6.48 49.40
C ASN G 62 21.47 7.90 49.69
N ASP G 63 20.26 8.10 50.21
CA ASP G 63 19.75 9.43 50.56
C ASP G 63 19.67 9.66 52.06
N LEU G 64 19.78 8.63 52.87
CA LEU G 64 19.59 8.73 54.32
C LEU G 64 20.93 8.86 55.03
N CYS G 65 20.85 9.39 56.25
CA CYS G 65 22.00 9.51 57.14
C CYS G 65 21.67 8.89 58.48
N PHE G 66 22.67 8.28 59.11
CA PHE G 66 22.49 7.59 60.39
C PHE G 66 23.64 7.94 61.31
N THR G 67 23.36 7.84 62.62
CA THR G 67 24.42 8.07 63.61
C THR G 67 25.49 6.98 63.52
N ASN G 68 25.07 5.71 63.50
CA ASN G 68 26.00 4.60 63.38
C ASN G 68 25.36 3.50 62.55
N VAL G 69 26.21 2.74 61.84
CA VAL G 69 25.78 1.58 61.07
C VAL G 69 26.55 0.37 61.57
N TYR G 70 25.84 -0.70 61.89
CA TYR G 70 26.42 -1.93 62.41
C TYR G 70 26.37 -3.00 61.35
N ALA G 71 27.48 -3.71 61.18
CA ALA G 71 27.61 -4.80 60.20
C ALA G 71 27.95 -6.07 60.95
N ASP G 72 26.92 -6.85 61.30
CA ASP G 72 27.10 -8.13 61.98
C ASP G 72 27.29 -9.23 60.95
N SER G 73 28.21 -10.15 61.24
CA SER G 73 28.53 -11.23 60.31
C SER G 73 28.75 -12.51 61.10
N PHE G 74 28.30 -13.63 60.52
CA PHE G 74 28.42 -14.94 61.13
C PHE G 74 28.09 -15.99 60.07
N VAL G 75 28.19 -17.26 60.45
CA VAL G 75 27.94 -18.38 59.55
C VAL G 75 26.92 -19.31 60.17
N ILE G 76 25.89 -19.64 59.41
CA ILE G 76 24.90 -20.65 59.77
C ILE G 76 24.71 -21.57 58.56
N ARG G 77 23.78 -22.51 58.70
CA ARG G 77 23.46 -23.41 57.60
C ARG G 77 22.21 -22.92 56.86
N GLY G 78 21.95 -23.54 55.70
CA GLY G 78 20.95 -23.01 54.79
C GLY G 78 19.56 -22.94 55.41
N ASP G 79 19.16 -23.99 56.10
CA ASP G 79 17.82 -24.04 56.68
C ASP G 79 17.62 -23.04 57.81
N GLU G 80 18.67 -22.33 58.24
CA GLU G 80 18.58 -21.41 59.36
C GLU G 80 18.63 -19.95 58.95
N VAL G 81 18.87 -19.65 57.67
CA VAL G 81 18.91 -18.26 57.22
C VAL G 81 17.57 -17.58 57.44
N ARG G 82 16.47 -18.34 57.34
CA ARG G 82 15.14 -17.78 57.57
C ARG G 82 14.96 -17.26 59.00
N GLN G 83 15.81 -17.70 59.93
CA GLN G 83 15.68 -17.25 61.31
C GLN G 83 16.30 -15.88 61.54
N ILE G 84 17.16 -15.42 60.65
CA ILE G 84 17.77 -14.11 60.79
C ILE G 84 16.82 -13.06 60.24
N ALA G 85 15.76 -12.78 61.00
CA ALA G 85 14.71 -11.86 60.58
C ALA G 85 13.93 -11.44 61.81
N PRO G 86 13.30 -10.26 61.78
CA PRO G 86 12.52 -9.82 62.95
C PRO G 86 11.34 -10.74 63.20
N GLY G 87 11.14 -11.09 64.47
CA GLY G 87 9.99 -11.89 64.88
C GLY G 87 10.13 -13.38 64.65
N GLN G 88 11.33 -13.87 64.38
CA GLN G 88 11.54 -15.29 64.15
C GLN G 88 11.94 -15.99 65.44
N THR G 89 11.69 -17.30 65.48
CA THR G 89 12.07 -18.14 66.61
C THR G 89 12.79 -19.38 66.10
N GLY G 90 13.47 -20.05 67.02
CA GLY G 90 14.29 -21.20 66.68
C GLY G 90 15.60 -21.21 67.45
N LYS G 91 16.41 -22.25 67.26
CA LYS G 91 17.65 -22.37 68.02
C LYS G 91 18.59 -21.21 67.75
N ILE G 92 18.66 -20.75 66.50
CA ILE G 92 19.54 -19.65 66.16
C ILE G 92 18.97 -18.33 66.66
N ALA G 93 17.67 -18.10 66.42
CA ALA G 93 17.06 -16.83 66.77
C ALA G 93 16.92 -16.67 68.29
N ASP G 94 16.78 -17.77 69.03
CA ASP G 94 16.59 -17.68 70.47
C ASP G 94 17.90 -17.74 71.24
N TYR G 95 18.86 -18.54 70.78
CA TYR G 95 20.08 -18.81 71.55
C TYR G 95 21.36 -18.28 70.91
N ASN G 96 21.30 -17.71 69.71
CA ASN G 96 22.54 -17.33 69.02
C ASN G 96 22.52 -15.89 68.52
N TYR G 97 21.55 -15.55 67.68
CA TYR G 97 21.48 -14.21 67.11
C TYR G 97 20.01 -13.81 66.98
N LYS G 98 19.63 -12.74 67.66
CA LYS G 98 18.26 -12.28 67.71
C LYS G 98 18.16 -10.84 67.22
N LEU G 99 17.27 -10.60 66.27
CA LEU G 99 16.93 -9.26 65.80
C LEU G 99 15.65 -8.78 66.47
N PRO G 100 15.55 -7.49 66.79
CA PRO G 100 14.33 -6.99 67.44
C PRO G 100 13.13 -7.01 66.51
N ASP G 101 11.95 -6.88 67.11
CA ASP G 101 10.72 -6.89 66.32
C ASP G 101 10.60 -5.65 65.45
N ASP G 102 11.19 -4.52 65.88
CA ASP G 102 11.23 -3.30 65.09
C ASP G 102 12.60 -3.07 64.48
N PHE G 103 13.26 -4.14 64.07
CA PHE G 103 14.58 -4.04 63.44
C PHE G 103 14.49 -3.23 62.15
N THR G 104 15.42 -2.30 61.98
CA THR G 104 15.49 -1.44 60.80
C THR G 104 16.83 -1.68 60.13
N GLY G 105 16.83 -2.38 59.00
CA GLY G 105 18.05 -2.68 58.28
C GLY G 105 17.82 -3.77 57.27
N CYS G 106 18.92 -4.38 56.83
CA CYS G 106 18.90 -5.40 55.80
C CYS G 106 19.71 -6.62 56.26
N VAL G 107 19.24 -7.80 55.88
CA VAL G 107 19.95 -9.05 56.13
C VAL G 107 20.33 -9.65 54.78
N ILE G 108 21.63 -9.91 54.61
CA ILE G 108 22.17 -10.41 53.34
C ILE G 108 22.92 -11.70 53.61
N ALA G 109 22.69 -12.71 52.76
CA ALA G 109 23.34 -14.01 52.91
C ALA G 109 23.65 -14.59 51.53
N TRP G 110 24.71 -15.39 51.49
CA TRP G 110 25.11 -16.07 50.26
C TRP G 110 25.73 -17.41 50.61
N ASN G 111 25.64 -18.34 49.67
CA ASN G 111 26.18 -19.68 49.89
C ASN G 111 27.70 -19.64 49.94
N SER G 112 28.27 -20.25 50.97
CA SER G 112 29.71 -20.28 51.19
C SER G 112 30.22 -21.71 51.32
N ASN G 113 29.64 -22.63 50.53
CA ASN G 113 30.07 -24.02 50.56
C ASN G 113 31.51 -24.18 50.10
N ASN G 114 31.95 -23.35 49.14
CA ASN G 114 33.33 -23.44 48.67
C ASN G 114 34.32 -22.92 49.70
N LEU G 115 33.89 -22.03 50.58
CA LEU G 115 34.79 -21.40 51.54
C LEU G 115 34.78 -22.04 52.91
N ASP G 116 33.64 -22.58 53.36
CA ASP G 116 33.48 -23.02 54.74
C ASP G 116 33.25 -24.52 54.91
N SER G 117 33.36 -25.31 53.85
CA SER G 117 33.16 -26.75 53.92
C SER G 117 34.45 -27.50 53.64
N LYS G 118 34.65 -28.61 54.34
CA LYS G 118 35.87 -29.41 54.24
C LYS G 118 35.52 -30.83 53.83
N VAL G 119 36.49 -31.51 53.20
CA VAL G 119 36.30 -32.92 52.87
C VAL G 119 36.04 -33.74 54.13
N GLY G 120 36.91 -33.60 55.13
CA GLY G 120 36.71 -34.25 56.39
C GLY G 120 35.70 -33.59 57.31
N GLY G 121 34.99 -32.59 56.80
CA GLY G 121 34.00 -31.88 57.60
C GLY G 121 34.60 -30.72 58.37
N ASN G 122 33.97 -29.56 58.27
CA ASN G 122 34.40 -28.37 59.00
C ASN G 122 33.63 -28.29 60.31
N TYR G 123 34.29 -28.63 61.41
CA TYR G 123 33.68 -28.58 62.73
C TYR G 123 34.12 -27.35 63.52
N ASN G 124 34.69 -26.36 62.85
CA ASN G 124 35.12 -25.14 63.51
C ASN G 124 33.98 -24.15 63.73
N TYR G 125 32.92 -24.24 62.94
CA TYR G 125 31.76 -23.37 63.10
C TYR G 125 30.82 -24.00 64.12
N ARG G 126 30.49 -23.23 65.16
CA ARG G 126 29.67 -23.71 66.26
C ARG G 126 28.39 -22.88 66.37
N TYR G 127 27.44 -23.41 67.13
CA TYR G 127 26.23 -22.68 67.46
C TYR G 127 25.77 -23.10 68.86
N ARG G 128 25.12 -22.17 69.55
CA ARG G 128 24.66 -22.45 70.91
C ARG G 128 23.41 -23.32 70.85
N LEU G 129 23.50 -24.51 71.44
CA LEU G 129 22.40 -25.47 71.43
C LEU G 129 21.55 -25.43 72.69
N PHE G 130 22.16 -25.19 73.86
CA PHE G 130 21.46 -25.18 75.13
C PHE G 130 21.61 -23.82 75.79
N ARG G 131 20.48 -23.23 76.17
CA ARG G 131 20.47 -21.98 76.94
C ARG G 131 19.14 -21.90 77.69
N LYS G 132 19.21 -21.44 78.94
CA LYS G 132 18.02 -21.45 79.79
C LYS G 132 16.97 -20.47 79.29
N SER G 133 17.37 -19.25 78.96
CA SER G 133 16.46 -18.22 78.50
C SER G 133 16.91 -17.70 77.13
N ASN G 134 15.98 -17.06 76.44
CA ASN G 134 16.25 -16.55 75.09
C ASN G 134 17.11 -15.30 75.14
N LEU G 135 17.88 -15.09 74.07
CA LEU G 135 18.68 -13.88 73.96
C LEU G 135 17.81 -12.67 73.71
N LYS G 136 18.18 -11.55 74.31
CA LYS G 136 17.57 -10.27 73.98
C LYS G 136 18.10 -9.78 72.63
N PRO G 137 17.41 -8.83 71.99
CA PRO G 137 17.86 -8.37 70.68
C PRO G 137 19.30 -7.87 70.72
N PHE G 138 20.08 -8.34 69.73
CA PHE G 138 21.49 -7.97 69.57
C PHE G 138 22.37 -8.45 70.73
N GLU G 139 21.98 -9.54 71.37
CA GLU G 139 22.76 -10.11 72.46
C GLU G 139 23.76 -11.13 71.92
N ARG G 140 24.95 -11.15 72.51
CA ARG G 140 26.03 -12.05 72.10
CA ARG G 140 26.02 -12.06 72.10
C ARG G 140 26.49 -12.83 73.32
N ASP G 141 26.21 -14.13 73.34
CA ASP G 141 26.60 -15.01 74.44
C ASP G 141 27.72 -15.92 73.95
N ILE G 142 28.90 -15.75 74.53
CA ILE G 142 30.07 -16.55 74.19
C ILE G 142 30.47 -17.45 75.37
N SER G 143 29.57 -17.65 76.33
CA SER G 143 29.87 -18.50 77.48
C SER G 143 29.98 -19.95 77.06
N THR G 144 30.88 -20.67 77.73
CA THR G 144 31.08 -22.09 77.52
C THR G 144 30.83 -22.88 78.81
N GLU G 145 29.98 -22.35 79.68
CA GLU G 145 29.67 -23.01 80.94
C GLU G 145 28.80 -24.24 80.70
N ILE G 146 29.07 -25.31 81.44
CA ILE G 146 28.34 -26.55 81.28
C ILE G 146 26.87 -26.33 81.61
N TYR G 147 26.00 -26.73 80.69
CA TYR G 147 24.57 -26.51 80.84
C TYR G 147 23.97 -27.56 81.76
N GLN G 148 23.17 -27.11 82.73
CA GLN G 148 22.53 -27.99 83.71
C GLN G 148 21.11 -28.31 83.22
N ALA G 149 20.91 -29.55 82.79
CA ALA G 149 19.62 -30.00 82.28
C ALA G 149 18.80 -30.74 83.33
N GLY G 150 19.31 -30.88 84.55
CA GLY G 150 18.59 -31.57 85.60
C GLY G 150 18.67 -30.86 86.93
N SER G 151 18.36 -31.57 88.02
CA SER G 151 18.41 -30.99 89.35
C SER G 151 19.79 -31.06 89.99
N LYS G 152 20.68 -31.90 89.46
CA LYS G 152 22.02 -32.03 90.03
C LYS G 152 22.95 -31.00 89.39
N PRO G 153 23.70 -30.24 90.19
CA PRO G 153 24.66 -29.29 89.60
C PRO G 153 25.77 -30.02 88.84
N CYS G 154 26.29 -29.34 87.82
CA CYS G 154 27.31 -29.93 86.97
C CYS G 154 28.73 -29.64 87.44
N ASN G 155 28.96 -28.46 88.03
CA ASN G 155 30.27 -28.09 88.56
C ASN G 155 31.35 -28.17 87.49
N GLY G 156 31.02 -27.72 86.28
CA GLY G 156 31.99 -27.70 85.19
C GLY G 156 32.37 -29.04 84.64
N VAL G 157 31.65 -30.11 84.98
CA VAL G 157 31.95 -31.45 84.52
C VAL G 157 30.81 -31.94 83.63
N GLU G 158 31.14 -32.38 82.42
CA GLU G 158 30.13 -32.91 81.51
C GLU G 158 29.66 -34.28 81.98
N GLY G 159 28.41 -34.60 81.65
CA GLY G 159 27.84 -35.88 82.05
C GLY G 159 26.36 -35.94 81.73
N PHE G 160 25.65 -36.76 82.50
CA PHE G 160 24.21 -36.86 82.34
C PHE G 160 23.54 -35.57 82.81
N ASN G 161 22.66 -35.02 81.98
CA ASN G 161 22.02 -33.72 82.21
C ASN G 161 23.03 -32.59 82.35
N CYS G 162 24.25 -32.79 81.82
CA CYS G 162 25.31 -31.79 81.88
C CYS G 162 25.97 -31.75 80.51
N TYR G 163 25.55 -30.78 79.68
CA TYR G 163 25.93 -30.74 78.28
C TYR G 163 26.78 -29.52 77.99
N PHE G 164 27.75 -29.68 77.10
CA PHE G 164 28.47 -28.53 76.57
C PHE G 164 27.51 -27.69 75.72
N PRO G 165 27.39 -26.38 75.98
CA PRO G 165 26.34 -25.60 75.33
C PRO G 165 26.56 -25.35 73.85
N LEU G 166 27.75 -25.62 73.33
CA LEU G 166 28.05 -25.38 71.92
C LEU G 166 28.01 -26.67 71.13
N GLN G 167 27.60 -26.58 69.86
CA GLN G 167 27.52 -27.72 68.98
C GLN G 167 28.11 -27.34 67.63
N SER G 168 28.87 -28.26 67.04
CA SER G 168 29.50 -28.01 65.76
C SER G 168 28.51 -28.26 64.62
N TYR G 169 28.78 -27.62 63.49
CA TYR G 169 27.96 -27.80 62.28
C TYR G 169 28.42 -29.00 61.46
N GLY G 170 29.72 -29.13 61.23
CA GLY G 170 30.24 -30.19 60.39
C GLY G 170 29.86 -30.00 58.93
N PHE G 171 30.49 -29.03 58.27
CA PHE G 171 30.15 -28.69 56.90
C PHE G 171 30.97 -29.55 55.93
N GLN G 172 30.26 -30.26 55.05
CA GLN G 172 30.87 -31.05 53.99
C GLN G 172 30.28 -30.60 52.65
N PRO G 173 31.11 -30.45 51.62
CA PRO G 173 30.64 -29.83 50.37
C PRO G 173 29.56 -30.61 49.66
N THR G 174 29.38 -31.89 49.96
CA THR G 174 28.40 -32.73 49.27
C THR G 174 27.04 -32.72 49.94
N ASN G 175 26.90 -32.05 51.08
CA ASN G 175 25.61 -31.98 51.76
C ASN G 175 24.59 -31.21 50.92
N GLY G 176 23.32 -31.44 51.22
CA GLY G 176 22.26 -30.65 50.63
C GLY G 176 22.38 -29.17 51.00
N VAL G 177 21.72 -28.34 50.19
CA VAL G 177 21.82 -26.90 50.38
C VAL G 177 21.29 -26.47 51.74
N GLY G 178 20.42 -27.27 52.36
CA GLY G 178 19.96 -26.96 53.69
C GLY G 178 21.02 -27.15 54.75
N TYR G 179 22.00 -28.03 54.49
CA TYR G 179 23.07 -28.31 55.43
C TYR G 179 24.37 -27.59 55.08
N GLN G 180 24.40 -26.85 53.97
CA GLN G 180 25.62 -26.17 53.56
C GLN G 180 25.80 -24.87 54.34
N PRO G 181 27.04 -24.40 54.46
CA PRO G 181 27.28 -23.16 55.21
C PRO G 181 26.88 -21.93 54.41
N TYR G 182 26.30 -20.96 55.10
CA TYR G 182 25.90 -19.69 54.51
C TYR G 182 26.43 -18.54 55.35
N ARG G 183 27.16 -17.63 54.73
CA ARG G 183 27.65 -16.44 55.41
C ARG G 183 26.59 -15.36 55.36
N VAL G 184 26.30 -14.77 56.53
CA VAL G 184 25.24 -13.79 56.67
C VAL G 184 25.84 -12.46 57.11
N VAL G 185 25.34 -11.36 56.55
CA VAL G 185 25.72 -10.02 56.96
C VAL G 185 24.45 -9.25 57.26
N VAL G 186 24.35 -8.71 58.47
CA VAL G 186 23.17 -7.97 58.92
C VAL G 186 23.59 -6.53 59.12
N LEU G 187 23.03 -5.63 58.32
CA LEU G 187 23.31 -4.20 58.41
C LEU G 187 22.22 -3.54 59.25
N SER G 188 22.60 -2.98 60.38
CA SER G 188 21.69 -2.26 61.25
C SER G 188 21.92 -0.76 61.11
N PHE G 189 20.82 -0.01 61.04
CA PHE G 189 20.87 1.43 60.82
C PHE G 189 20.25 2.13 62.03
N GLU G 190 21.11 2.64 62.90
CA GLU G 190 20.70 3.28 64.14
C GLU G 190 20.55 4.79 63.94
N LEU G 191 19.44 5.34 64.42
CA LEU G 191 19.14 6.76 64.28
C LEU G 191 18.88 7.35 65.67
N LEU G 192 19.93 7.89 66.27
CA LEU G 192 19.80 8.57 67.56
C LEU G 192 19.51 10.06 67.33
N HIS G 193 19.36 10.80 68.43
CA HIS G 193 19.23 12.25 68.39
C HIS G 193 20.58 12.94 68.45
N ALA G 194 21.59 12.34 67.85
CA ALA G 194 22.96 12.83 67.82
C ALA G 194 23.34 13.17 66.38
N PRO G 195 24.37 14.00 66.18
CA PRO G 195 24.79 14.33 64.81
C PRO G 195 25.21 13.08 64.04
N ALA G 196 24.61 12.90 62.88
CA ALA G 196 24.88 11.72 62.06
C ALA G 196 26.28 11.77 61.48
N THR G 197 26.88 10.59 61.29
CA THR G 197 28.22 10.47 60.76
C THR G 197 28.32 9.59 59.52
N VAL G 198 27.28 8.85 59.17
CA VAL G 198 27.29 7.96 58.01
C VAL G 198 26.15 8.39 57.08
N CYS G 199 26.51 9.00 55.95
CA CYS G 199 25.56 9.36 54.92
C CYS G 199 25.89 8.61 53.64
N GLY G 200 24.85 8.15 52.95
CA GLY G 200 25.05 7.42 51.71
C GLY G 200 25.33 8.36 50.54
N LYS G 201 26.17 7.88 49.62
CA LYS G 201 26.53 8.63 48.42
C LYS G 201 27.24 7.73 47.42
N ASP H 1 51.11 -40.16 52.17
CA ASP H 1 50.13 -41.25 52.20
C ASP H 1 49.31 -41.25 50.93
N ILE H 2 49.15 -40.07 50.33
CA ILE H 2 48.57 -39.92 49.00
C ILE H 2 49.71 -39.53 48.08
N GLN H 3 50.06 -40.41 47.14
CA GLN H 3 51.20 -40.20 46.25
C GLN H 3 50.78 -39.43 45.01
N LEU H 4 51.58 -38.43 44.65
CA LEU H 4 51.38 -37.65 43.44
C LEU H 4 52.51 -37.93 42.47
N THR H 5 52.16 -38.34 41.25
CA THR H 5 53.14 -38.68 40.22
C THR H 5 52.91 -37.77 39.02
N GLN H 6 53.93 -36.98 38.68
CA GLN H 6 53.87 -36.08 37.54
C GLN H 6 54.57 -36.69 36.34
N SER H 7 54.05 -36.37 35.15
CA SER H 7 54.63 -36.83 33.91
C SER H 7 54.52 -35.73 32.87
N PRO H 8 55.61 -35.41 32.16
CA PRO H 8 56.96 -35.97 32.35
C PRO H 8 57.68 -35.35 33.54
N SER H 9 58.84 -35.88 33.91
CA SER H 9 59.66 -35.26 34.95
C SER H 9 60.52 -34.13 34.38
N SER H 10 60.70 -34.09 33.07
CA SER H 10 61.46 -33.07 32.38
C SER H 10 60.80 -32.81 31.04
N LEU H 11 60.79 -31.56 30.62
CA LEU H 11 60.14 -31.18 29.37
C LEU H 11 60.97 -30.11 28.66
N SER H 12 60.95 -30.18 27.33
CA SER H 12 61.69 -29.26 26.48
C SER H 12 60.74 -28.72 25.42
N ALA H 13 60.48 -27.42 25.44
CA ALA H 13 59.57 -26.79 24.50
C ALA H 13 60.10 -25.42 24.14
N SER H 14 59.70 -24.93 22.98
CA SER H 14 60.13 -23.63 22.49
C SER H 14 59.08 -22.57 22.81
N VAL H 15 59.47 -21.30 22.66
CA VAL H 15 58.53 -20.20 22.84
C VAL H 15 57.41 -20.34 21.82
N ARG H 16 56.18 -20.07 22.27
CA ARG H 16 54.90 -20.14 21.56
C ARG H 16 54.31 -21.55 21.55
N ASP H 17 55.02 -22.55 22.08
CA ASP H 17 54.50 -23.91 22.11
C ASP H 17 53.47 -24.09 23.22
N ARG H 18 52.64 -25.11 23.05
CA ARG H 18 51.67 -25.51 24.07
C ARG H 18 52.28 -26.58 24.95
N VAL H 19 52.40 -26.30 26.24
CA VAL H 19 52.99 -27.22 27.20
C VAL H 19 51.87 -27.78 28.07
N THR H 20 51.85 -29.10 28.23
CA THR H 20 50.87 -29.78 29.06
C THR H 20 51.59 -30.73 30.00
N ILE H 21 51.38 -30.55 31.30
CA ILE H 21 51.99 -31.37 32.34
C ILE H 21 50.90 -32.17 33.03
N THR H 22 51.17 -33.44 33.29
CA THR H 22 50.21 -34.36 33.89
C THR H 22 50.58 -34.64 35.34
N CYS H 23 49.56 -34.74 36.19
CA CYS H 23 49.74 -35.05 37.60
C CYS H 23 48.65 -36.03 38.01
N ARG H 24 49.05 -37.20 38.49
CA ARG H 24 48.12 -38.26 38.85
C ARG H 24 48.22 -38.57 40.33
N ALA H 25 47.08 -38.59 41.00
CA ALA H 25 47.00 -38.91 42.42
C ALA H 25 46.76 -40.39 42.63
N SER H 26 47.34 -40.93 43.70
CA SER H 26 47.18 -42.34 44.00
C SER H 26 45.74 -42.68 44.39
N GLN H 27 44.95 -41.69 44.80
CA GLN H 27 43.54 -41.90 45.09
C GLN H 27 42.79 -40.60 44.84
N SER H 28 41.47 -40.72 44.71
CA SER H 28 40.62 -39.57 44.39
C SER H 28 40.80 -38.45 45.41
N ILE H 29 41.01 -37.24 44.91
CA ILE H 29 41.21 -36.06 45.76
C ILE H 29 40.24 -34.95 45.35
N ASP H 30 39.22 -35.29 44.57
CA ASP H 30 38.19 -34.33 44.13
C ASP H 30 38.88 -33.21 43.37
N THR H 31 38.67 -31.94 43.73
CA THR H 31 39.33 -30.82 43.09
C THR H 31 40.41 -30.19 43.95
N TYR H 32 40.84 -30.87 45.02
CA TYR H 32 41.80 -30.30 45.96
C TYR H 32 43.21 -30.57 45.44
N LEU H 33 43.61 -29.77 44.46
CA LEU H 33 44.93 -29.88 43.85
C LEU H 33 45.40 -28.50 43.43
N ASN H 34 46.64 -28.17 43.77
CA ASN H 34 47.22 -26.88 43.44
C ASN H 34 48.45 -27.08 42.56
N TRP H 35 48.75 -26.05 41.77
CA TRP H 35 49.91 -26.03 40.90
C TRP H 35 50.81 -24.88 41.30
N TYR H 36 52.11 -25.14 41.32
CA TYR H 36 53.08 -24.14 41.75
C TYR H 36 54.22 -24.03 40.72
N GLN H 37 54.71 -22.82 40.53
CA GLN H 37 55.87 -22.55 39.70
C GLN H 37 57.00 -22.11 40.60
N GLN H 38 58.17 -22.76 40.46
CA GLN H 38 59.33 -22.43 41.27
C GLN H 38 60.53 -22.24 40.37
N LYS H 39 61.04 -21.02 40.31
CA LYS H 39 62.34 -20.83 39.70
C LYS H 39 63.44 -21.08 40.73
N PRO H 40 64.58 -21.60 40.29
CA PRO H 40 65.64 -21.96 41.24
C PRO H 40 66.14 -20.78 42.06
N GLY H 41 66.29 -21.02 43.37
CA GLY H 41 66.67 -19.97 44.30
C GLY H 41 65.55 -19.03 44.66
N LYS H 42 64.31 -19.41 44.41
CA LYS H 42 63.15 -18.59 44.72
C LYS H 42 62.10 -19.45 45.38
N ALA H 43 61.17 -18.81 46.08
CA ALA H 43 60.09 -19.53 46.71
C ALA H 43 59.08 -19.98 45.66
N PRO H 44 58.46 -21.14 45.83
CA PRO H 44 57.40 -21.57 44.91
C PRO H 44 56.24 -20.58 44.90
N ASN H 45 55.81 -20.21 43.69
CA ASN H 45 54.69 -19.30 43.51
C ASN H 45 53.44 -20.08 43.12
N LEU H 46 52.32 -19.77 43.76
CA LEU H 46 51.07 -20.45 43.45
C LEU H 46 50.56 -20.02 42.09
N LEU H 47 50.18 -20.99 41.26
CA LEU H 47 49.59 -20.74 39.95
C LEU H 47 48.11 -21.07 39.93
N ILE H 48 47.75 -22.30 40.29
CA ILE H 48 46.37 -22.76 40.26
C ILE H 48 46.01 -23.26 41.66
N TYR H 49 44.81 -22.89 42.12
CA TYR H 49 44.22 -23.47 43.30
C TYR H 49 42.86 -24.04 42.93
N ALA H 50 42.41 -25.03 43.71
CA ALA H 50 41.15 -25.74 43.43
C ALA H 50 41.16 -26.32 42.02
N ALA H 51 42.28 -26.92 41.64
CA ALA H 51 42.45 -27.65 40.38
C ALA H 51 42.43 -26.75 39.15
N SER H 52 41.49 -25.80 39.07
CA SER H 52 41.28 -25.04 37.85
C SER H 52 41.14 -23.53 38.06
N SER H 53 41.26 -23.04 39.28
CA SER H 53 41.09 -21.61 39.55
C SER H 53 42.43 -20.89 39.50
N LEU H 54 42.49 -19.84 38.68
CA LEU H 54 43.72 -19.07 38.52
C LEU H 54 44.01 -18.21 39.74
N GLN H 55 45.28 -18.20 40.14
CA GLN H 55 45.74 -17.33 41.22
C GLN H 55 45.82 -15.89 40.74
N SER H 56 45.60 -14.96 41.67
CA SER H 56 45.60 -13.54 41.35
C SER H 56 46.95 -13.11 40.80
N GLY H 57 46.92 -12.41 39.66
CA GLY H 57 48.13 -11.91 39.03
C GLY H 57 48.86 -12.90 38.15
N VAL H 58 48.38 -14.13 38.05
CA VAL H 58 49.01 -15.14 37.19
C VAL H 58 48.47 -14.97 35.77
N PRO H 59 49.34 -14.89 34.76
CA PRO H 59 48.86 -14.71 33.38
C PRO H 59 47.90 -15.81 32.96
N SER H 60 46.93 -15.45 32.12
CA SER H 60 45.89 -16.38 31.69
C SER H 60 46.41 -17.52 30.83
N ARG H 61 47.66 -17.45 30.35
CA ARG H 61 48.20 -18.56 29.58
C ARG H 61 48.38 -19.80 30.44
N PHE H 62 48.39 -19.67 31.76
CA PHE H 62 48.38 -20.81 32.66
C PHE H 62 46.94 -21.19 32.95
N SER H 63 46.67 -22.50 32.96
CA SER H 63 45.33 -23.00 33.23
C SER H 63 45.41 -24.46 33.65
N GLY H 64 44.55 -24.84 34.59
CA GLY H 64 44.52 -26.21 35.08
C GLY H 64 43.18 -26.86 34.85
N SER H 65 43.14 -28.19 34.83
CA SER H 65 41.90 -28.91 34.59
C SER H 65 42.00 -30.30 35.20
N GLY H 66 40.84 -30.89 35.44
CA GLY H 66 40.75 -32.23 35.95
C GLY H 66 40.11 -32.28 37.33
N SER H 67 39.73 -33.49 37.71
CA SER H 67 39.16 -33.76 39.02
C SER H 67 39.28 -35.26 39.28
N GLY H 68 39.33 -35.63 40.56
CA GLY H 68 39.49 -37.02 40.92
C GLY H 68 40.95 -37.44 41.01
N THR H 69 41.47 -38.11 39.98
CA THR H 69 42.83 -38.63 40.01
C THR H 69 43.73 -38.09 38.92
N ASP H 70 43.20 -37.61 37.80
CA ASP H 70 44.00 -37.16 36.67
C ASP H 70 43.84 -35.66 36.48
N PHE H 71 44.96 -34.95 36.45
CA PHE H 71 44.96 -33.50 36.32
C PHE H 71 46.01 -33.08 35.30
N THR H 72 45.83 -31.88 34.75
CA THR H 72 46.73 -31.35 33.75
C THR H 72 46.97 -29.86 34.00
N LEU H 73 48.24 -29.45 33.95
CA LEU H 73 48.60 -28.04 33.90
C LEU H 73 49.00 -27.70 32.48
N THR H 74 48.54 -26.54 32.00
CA THR H 74 48.74 -26.17 30.61
C THR H 74 49.27 -24.75 30.50
N ILE H 75 50.37 -24.60 29.76
CA ILE H 75 50.88 -23.30 29.34
C ILE H 75 50.50 -23.14 27.88
N SER H 76 49.51 -22.30 27.61
CA SER H 76 48.95 -22.20 26.26
C SER H 76 49.99 -21.75 25.25
N SER H 77 50.83 -20.80 25.61
CA SER H 77 51.88 -20.28 24.72
C SER H 77 53.13 -20.05 25.57
N LEU H 78 54.12 -20.93 25.42
CA LEU H 78 55.31 -20.85 26.25
C LEU H 78 56.06 -19.53 26.02
N GLN H 79 56.51 -18.95 27.11
CA GLN H 79 57.26 -17.70 27.10
C GLN H 79 58.65 -17.92 27.68
N PRO H 80 59.61 -17.06 27.36
CA PRO H 80 60.98 -17.27 27.85
C PRO H 80 61.10 -17.30 29.36
N GLU H 81 60.31 -16.50 30.08
CA GLU H 81 60.43 -16.45 31.53
C GLU H 81 59.75 -17.62 32.23
N ASP H 82 59.09 -18.50 31.49
CA ASP H 82 58.34 -19.60 32.09
C ASP H 82 59.19 -20.84 32.35
N PHE H 83 60.51 -20.74 32.20
CA PHE H 83 61.37 -21.86 32.56
C PHE H 83 61.39 -22.01 34.08
N ALA H 84 61.02 -23.20 34.57
CA ALA H 84 61.02 -23.50 35.99
C ALA H 84 60.63 -24.94 36.26
N THR H 85 60.54 -25.34 37.52
CA THR H 85 60.01 -26.64 37.89
C THR H 85 58.59 -26.44 38.40
N TYR H 86 57.66 -27.27 37.93
CA TYR H 86 56.25 -27.12 38.27
C TYR H 86 55.81 -28.31 39.10
N TYR H 87 55.27 -28.02 40.29
CA TYR H 87 54.83 -29.03 41.23
C TYR H 87 53.31 -29.01 41.36
N CYS H 88 52.72 -30.19 41.48
CA CYS H 88 51.33 -30.31 41.89
C CYS H 88 51.24 -30.74 43.34
N LEU H 89 50.21 -30.27 44.02
CA LEU H 89 50.09 -30.39 45.47
C LEU H 89 48.66 -30.71 45.83
N GLN H 90 48.44 -31.88 46.45
CA GLN H 90 47.11 -32.26 46.88
C GLN H 90 46.81 -31.68 48.25
N THR H 91 45.60 -31.13 48.41
CA THR H 91 45.12 -30.61 49.69
C THR H 91 43.86 -31.34 50.12
N TYR H 92 43.74 -32.62 49.76
CA TYR H 92 42.56 -33.39 50.10
C TYR H 92 42.65 -33.93 51.52
N SER H 93 43.78 -34.56 51.84
CA SER H 93 44.02 -35.09 53.16
C SER H 93 45.42 -34.70 53.62
N TYR H 94 45.66 -34.92 54.90
CA TYR H 94 46.96 -34.75 55.52
C TYR H 94 47.68 -36.10 55.57
N PRO H 95 49.01 -36.14 55.40
CA PRO H 95 49.95 -35.01 55.24
C PRO H 95 49.94 -34.40 53.84
N VAL H 96 50.28 -33.12 53.76
CA VAL H 96 50.38 -32.40 52.50
C VAL H 96 51.56 -32.96 51.71
N THR H 97 51.29 -33.52 50.54
CA THR H 97 52.30 -34.18 49.72
C THR H 97 52.41 -33.52 48.35
N PHE H 98 53.65 -33.37 47.89
CA PHE H 98 53.95 -32.78 46.59
C PHE H 98 54.24 -33.86 45.56
N GLY H 99 54.15 -33.47 44.29
CA GLY H 99 54.69 -34.29 43.23
C GLY H 99 56.19 -34.12 43.14
N GLN H 100 56.83 -35.00 42.37
CA GLN H 100 58.29 -34.90 42.22
C GLN H 100 58.68 -33.69 41.38
N GLY H 101 57.77 -33.13 40.62
CA GLY H 101 58.07 -31.94 39.86
C GLY H 101 58.35 -32.21 38.41
N THR H 102 58.06 -31.23 37.57
CA THR H 102 58.33 -31.29 36.14
C THR H 102 59.16 -30.06 35.77
N LYS H 103 60.41 -30.27 35.41
CA LYS H 103 61.28 -29.16 35.04
C LYS H 103 60.99 -28.80 33.60
N VAL H 104 60.40 -27.63 33.39
CA VAL H 104 60.09 -27.15 32.05
C VAL H 104 61.29 -26.36 31.54
N ASP H 105 61.79 -26.76 30.39
CA ASP H 105 62.93 -26.12 29.75
C ASP H 105 62.50 -25.50 28.43
N ILE H 106 63.17 -24.41 28.07
CA ILE H 106 63.06 -23.82 26.75
C ILE H 106 63.93 -24.66 25.82
N LYS H 107 63.39 -25.02 24.65
CA LYS H 107 64.05 -25.97 23.76
C LYS H 107 65.05 -25.31 22.82
N ARG H 108 66.26 -25.88 22.72
CA ARG H 108 67.19 -25.56 21.64
C ARG H 108 67.49 -26.78 20.78
N THR H 109 68.27 -26.53 19.74
CA THR H 109 68.81 -27.60 18.92
C THR H 109 69.83 -28.39 19.74
N VAL H 110 70.00 -29.66 19.38
CA VAL H 110 70.86 -30.55 20.16
C VAL H 110 72.31 -30.09 20.07
N ALA H 111 72.98 -30.00 21.21
CA ALA H 111 74.35 -29.50 21.32
C ALA H 111 75.22 -30.52 22.06
N ALA H 112 76.39 -30.83 21.48
CA ALA H 112 77.32 -31.82 22.01
C ALA H 112 78.25 -31.21 23.08
N PRO H 113 78.60 -31.98 24.10
CA PRO H 113 79.52 -31.47 25.13
C PRO H 113 80.98 -31.58 24.72
N SER H 114 81.79 -30.69 25.29
CA SER H 114 83.24 -30.75 25.19
C SER H 114 83.81 -31.36 26.46
N VAL H 115 84.56 -32.45 26.32
CA VAL H 115 84.99 -33.28 27.44
C VAL H 115 86.46 -33.01 27.75
N PHE H 116 86.75 -32.71 29.02
CA PHE H 116 88.11 -32.52 29.50
C PHE H 116 88.33 -33.37 30.75
N ILE H 117 89.56 -33.87 30.91
CA ILE H 117 89.94 -34.68 32.06
C ILE H 117 91.20 -34.08 32.68
N PHE H 118 91.28 -34.14 34.02
CA PHE H 118 92.39 -33.57 34.76
C PHE H 118 92.93 -34.59 35.76
N PRO H 119 94.23 -34.87 35.74
CA PRO H 119 94.82 -35.78 36.73
C PRO H 119 94.94 -35.11 38.09
N PRO H 120 95.11 -35.88 39.16
CA PRO H 120 95.37 -35.28 40.47
C PRO H 120 96.76 -34.67 40.53
N SER H 121 96.87 -33.53 41.20
CA SER H 121 98.13 -32.83 41.30
C SER H 121 99.10 -33.56 42.22
N ASP H 122 100.39 -33.31 42.02
CA ASP H 122 101.41 -33.84 42.92
C ASP H 122 101.22 -33.34 44.35
N GLU H 123 100.65 -32.14 44.50
CA GLU H 123 100.43 -31.57 45.83
C GLU H 123 99.45 -32.41 46.63
N GLN H 124 98.33 -32.82 46.02
CA GLN H 124 97.36 -33.62 46.75
C GLN H 124 97.90 -35.01 47.04
N LEU H 125 98.70 -35.57 46.12
CA LEU H 125 99.25 -36.90 46.33
C LEU H 125 100.14 -36.97 47.56
N LYS H 126 100.79 -35.85 47.90
CA LYS H 126 101.62 -35.84 49.10
C LYS H 126 100.79 -35.92 50.37
N SER H 127 99.47 -35.64 50.27
CA SER H 127 98.57 -35.73 51.43
C SER H 127 97.96 -37.11 51.61
N GLY H 128 98.01 -37.97 50.61
CA GLY H 128 97.50 -39.33 50.71
C GLY H 128 96.23 -39.60 49.92
N THR H 129 95.62 -38.59 49.32
CA THR H 129 94.39 -38.74 48.55
C THR H 129 94.63 -38.29 47.12
N ALA H 130 93.90 -38.91 46.17
CA ALA H 130 93.98 -38.56 44.76
C ALA H 130 92.57 -38.32 44.21
N SER H 131 92.38 -37.19 43.53
CA SER H 131 91.09 -36.82 42.98
C SER H 131 91.22 -36.60 41.48
N VAL H 132 90.49 -37.39 40.69
CA VAL H 132 90.41 -37.26 39.24
C VAL H 132 89.11 -36.56 38.87
N VAL H 133 89.20 -35.57 37.99
CA VAL H 133 88.06 -34.72 37.63
C VAL H 133 87.76 -34.88 36.14
N CYS H 134 86.48 -34.91 35.80
CA CYS H 134 86.01 -34.94 34.42
C CYS H 134 85.06 -33.78 34.19
N LEU H 135 85.15 -33.16 33.01
CA LEU H 135 84.38 -31.97 32.68
C LEU H 135 83.55 -32.19 31.42
N LEU H 136 82.28 -31.82 31.48
CA LEU H 136 81.39 -31.78 30.32
C LEU H 136 80.97 -30.33 30.12
N ASN H 137 81.31 -29.76 28.96
CA ASN H 137 81.16 -28.33 28.73
C ASN H 137 80.11 -28.08 27.67
N ASN H 138 79.05 -27.35 28.05
CA ASN H 138 78.07 -26.80 27.11
C ASN H 138 77.40 -27.84 26.24
N PHE H 139 76.41 -28.54 26.79
CA PHE H 139 75.65 -29.54 26.05
C PHE H 139 74.16 -29.37 26.29
N TYR H 140 73.37 -29.95 25.39
CA TYR H 140 71.91 -29.96 25.52
C TYR H 140 71.36 -31.18 24.80
N PRO H 141 70.40 -31.90 25.41
CA PRO H 141 69.72 -31.61 26.67
C PRO H 141 70.51 -31.99 27.93
N ARG H 142 69.87 -31.92 29.09
CA ARG H 142 70.58 -32.14 30.35
C ARG H 142 70.94 -33.62 30.54
N GLU H 143 70.13 -34.53 30.01
CA GLU H 143 70.38 -35.96 30.19
C GLU H 143 71.73 -36.36 29.62
N ALA H 144 72.68 -36.67 30.50
CA ALA H 144 74.03 -37.05 30.08
C ALA H 144 74.60 -37.99 31.13
N LYS H 145 75.30 -39.02 30.66
CA LYS H 145 75.87 -40.05 31.51
C LYS H 145 77.39 -39.96 31.50
N VAL H 146 77.98 -39.98 32.69
CA VAL H 146 79.44 -39.95 32.87
C VAL H 146 79.86 -41.25 33.52
N GLN H 147 80.71 -42.01 32.84
CA GLN H 147 81.15 -43.32 33.30
C GLN H 147 82.64 -43.28 33.57
N TRP H 148 83.03 -43.60 34.80
CA TRP H 148 84.44 -43.62 35.20
C TRP H 148 85.06 -44.99 34.94
N LYS H 149 86.23 -44.98 34.29
CA LYS H 149 86.97 -46.18 33.99
C LYS H 149 88.38 -46.05 34.56
N VAL H 150 88.75 -46.96 35.47
CA VAL H 150 90.08 -47.01 36.06
C VAL H 150 90.72 -48.31 35.59
N ASP H 151 91.70 -48.18 34.69
CA ASP H 151 92.27 -49.33 33.99
C ASP H 151 91.16 -50.16 33.36
N ASN H 152 90.22 -49.45 32.72
CA ASN H 152 89.05 -49.99 32.04
C ASN H 152 88.06 -50.65 32.98
N ALA H 153 88.17 -50.42 34.30
CA ALA H 153 87.23 -50.95 35.28
C ALA H 153 86.29 -49.83 35.72
N LEU H 154 84.99 -50.04 35.51
CA LEU H 154 83.99 -49.03 35.86
C LEU H 154 83.82 -48.88 37.37
N GLN H 155 83.97 -47.64 37.83
CA GLN H 155 83.90 -47.27 39.24
C GLN H 155 82.50 -46.78 39.61
N SER H 156 81.80 -47.54 40.47
CA SER H 156 80.55 -47.09 41.06
C SER H 156 80.71 -47.00 42.57
N GLY H 157 80.03 -46.03 43.17
CA GLY H 157 80.08 -45.85 44.61
C GLY H 157 81.32 -45.18 45.15
N ASN H 158 82.07 -44.47 44.29
CA ASN H 158 83.25 -43.74 44.74
C ASN H 158 83.41 -42.44 43.97
N SER H 159 82.38 -42.02 43.22
CA SER H 159 82.41 -40.76 42.49
C SER H 159 81.09 -40.04 42.71
N GLN H 160 81.12 -38.72 42.55
CA GLN H 160 79.93 -37.90 42.71
C GLN H 160 79.86 -36.89 41.58
N GLU H 161 78.65 -36.57 41.15
CA GLU H 161 78.43 -35.65 40.05
C GLU H 161 77.84 -34.33 40.52
N SER H 162 77.99 -33.31 39.67
CA SER H 162 77.39 -32.00 39.91
C SER H 162 77.11 -31.38 38.55
N VAL H 163 75.90 -30.85 38.40
CA VAL H 163 75.43 -30.28 37.13
C VAL H 163 75.13 -28.81 37.34
N THR H 164 75.55 -27.99 36.39
CA THR H 164 75.28 -26.57 36.48
C THR H 164 73.81 -26.30 36.17
N GLU H 165 73.36 -25.11 36.55
CA GLU H 165 72.07 -24.65 36.07
C GLU H 165 72.16 -24.36 34.58
N GLN H 166 71.02 -24.42 33.90
CA GLN H 166 71.03 -24.15 32.47
C GLN H 166 71.49 -22.72 32.24
N ASP H 167 72.44 -22.55 31.31
CA ASP H 167 72.99 -21.24 31.05
C ASP H 167 71.91 -20.32 30.49
N SER H 168 71.92 -19.06 30.91
CA SER H 168 70.93 -18.13 30.39
C SER H 168 71.21 -17.72 28.95
N LYS H 169 72.42 -17.96 28.44
CA LYS H 169 72.78 -17.57 27.09
C LYS H 169 72.63 -18.73 26.11
N ASP H 170 73.64 -19.61 26.03
CA ASP H 170 73.50 -20.74 25.11
C ASP H 170 72.59 -21.83 25.65
N SER H 171 72.10 -21.67 26.88
CA SER H 171 71.07 -22.53 27.45
C SER H 171 71.49 -24.00 27.43
N THR H 172 72.77 -24.23 27.63
CA THR H 172 73.33 -25.57 27.69
C THR H 172 73.63 -25.91 29.14
N TYR H 173 73.88 -27.20 29.38
CA TYR H 173 74.26 -27.64 30.72
C TYR H 173 75.74 -27.94 30.78
N SER H 174 76.23 -28.17 31.99
CA SER H 174 77.62 -28.53 32.22
C SER H 174 77.71 -29.42 33.45
N LEU H 175 78.56 -30.44 33.38
CA LEU H 175 78.64 -31.45 34.42
C LEU H 175 80.11 -31.65 34.82
N SER H 176 80.33 -31.94 36.10
CA SER H 176 81.65 -32.23 36.64
C SER H 176 81.57 -33.45 37.52
N SER H 177 82.40 -34.45 37.23
CA SER H 177 82.46 -35.70 38.00
C SER H 177 83.83 -35.84 38.67
N THR H 178 83.82 -36.24 39.94
CA THR H 178 85.03 -36.31 40.76
C THR H 178 85.24 -37.73 41.28
N LEU H 179 86.32 -38.37 40.85
CA LEU H 179 86.71 -39.69 41.31
C LEU H 179 87.71 -39.57 42.45
N THR H 180 87.40 -40.17 43.60
CA THR H 180 88.21 -40.06 44.81
C THR H 180 88.85 -41.40 45.15
N LEU H 181 90.18 -41.40 45.29
CA LEU H 181 90.95 -42.56 45.71
C LEU H 181 92.07 -42.14 46.65
N SER H 182 92.49 -43.08 47.50
CA SER H 182 93.65 -42.84 48.35
C SER H 182 94.93 -42.86 47.51
N LYS H 183 96.02 -42.34 48.10
CA LYS H 183 97.29 -42.34 47.38
C LYS H 183 97.76 -43.76 47.07
N ALA H 184 97.62 -44.66 48.05
CA ALA H 184 97.97 -46.05 47.81
C ALA H 184 97.08 -46.66 46.74
N ASP H 185 95.79 -46.34 46.76
CA ASP H 185 94.88 -46.85 45.74
C ASP H 185 95.12 -46.18 44.39
N TYR H 186 95.69 -44.98 44.39
CA TYR H 186 95.94 -44.28 43.13
C TYR H 186 97.15 -44.83 42.41
N GLU H 187 98.26 -45.04 43.14
CA GLU H 187 99.48 -45.56 42.54
C GLU H 187 99.34 -47.03 42.15
N LYS H 188 98.20 -47.65 42.44
CA LYS H 188 97.90 -49.01 42.02
C LYS H 188 97.43 -49.11 40.57
N HIS H 189 96.99 -48.01 39.98
CA HIS H 189 96.45 -48.01 38.62
C HIS H 189 97.20 -47.00 37.76
N LYS H 190 96.96 -47.06 36.45
CA LYS H 190 97.63 -46.18 35.51
C LYS H 190 96.67 -45.36 34.65
N VAL H 191 95.75 -46.02 33.94
CA VAL H 191 94.87 -45.33 33.00
C VAL H 191 93.61 -44.90 33.74
N TYR H 192 93.27 -43.62 33.61
CA TYR H 192 92.05 -43.05 34.20
C TYR H 192 91.29 -42.31 33.12
N ALA H 193 90.07 -42.76 32.83
CA ALA H 193 89.27 -42.18 31.76
C ALA H 193 87.85 -41.96 32.25
N CYS H 194 87.13 -41.10 31.53
CA CYS H 194 85.72 -40.82 31.77
C CYS H 194 84.98 -40.81 30.45
N GLU H 195 84.00 -41.70 30.31
CA GLU H 195 83.21 -41.83 29.09
C GLU H 195 81.95 -41.00 29.20
N VAL H 196 81.60 -40.31 28.11
CA VAL H 196 80.47 -39.38 28.08
C VAL H 196 79.54 -39.81 26.96
N THR H 197 78.27 -40.02 27.29
CA THR H 197 77.24 -40.36 26.33
C THR H 197 76.18 -39.25 26.34
N HIS H 198 75.84 -38.75 25.15
CA HIS H 198 74.90 -37.65 25.05
C HIS H 198 74.20 -37.70 23.70
N GLN H 199 73.01 -37.09 23.64
CA GLN H 199 72.22 -37.09 22.40
C GLN H 199 72.96 -36.38 21.28
N GLY H 200 73.74 -35.34 21.61
CA GLY H 200 74.48 -34.62 20.59
C GLY H 200 75.78 -35.25 20.20
N LEU H 201 76.03 -36.47 20.65
CA LEU H 201 77.23 -37.22 20.33
C LEU H 201 76.79 -38.48 19.61
N SER H 202 77.25 -38.64 18.36
CA SER H 202 76.92 -39.83 17.61
C SER H 202 77.53 -41.08 18.22
N SER H 203 78.52 -40.92 19.10
CA SER H 203 79.13 -42.02 19.82
C SER H 203 79.73 -41.47 21.11
N PRO H 204 79.93 -42.32 22.12
CA PRO H 204 80.51 -41.84 23.37
C PRO H 204 81.93 -41.30 23.18
N VAL H 205 82.20 -40.17 23.82
CA VAL H 205 83.51 -39.52 23.77
C VAL H 205 84.25 -39.86 25.05
N THR H 206 85.55 -40.16 24.92
CA THR H 206 86.37 -40.60 26.04
C THR H 206 87.66 -39.79 26.08
N LYS H 207 87.93 -39.18 27.23
CA LYS H 207 89.17 -38.46 27.49
C LYS H 207 89.92 -39.17 28.61
N SER H 208 91.22 -39.39 28.43
CA SER H 208 91.99 -40.20 29.36
C SER H 208 93.39 -39.62 29.52
N PHE H 209 94.12 -40.20 30.48
CA PHE H 209 95.51 -39.86 30.72
C PHE H 209 96.19 -41.06 31.38
N ASN H 210 97.51 -41.07 31.35
CA ASN H 210 98.30 -42.09 32.02
C ASN H 210 99.04 -41.47 33.20
N ARG H 211 99.00 -42.15 34.35
CA ARG H 211 99.67 -41.66 35.55
C ARG H 211 101.17 -41.59 35.33
N GLY H 212 101.74 -40.38 35.44
CA GLY H 212 103.16 -40.20 35.31
C GLY H 212 103.66 -39.92 33.91
N GLU H 213 102.84 -39.28 33.07
CA GLU H 213 103.24 -38.95 31.71
C GLU H 213 102.77 -37.55 31.34
N VAL I 2 53.98 -6.36 53.87
CA VAL I 2 53.64 -7.71 54.32
C VAL I 2 54.86 -8.63 54.18
N GLN I 3 55.23 -9.28 55.29
CA GLN I 3 56.48 -10.00 55.34
C GLN I 3 56.39 -11.16 56.32
N LEU I 4 57.23 -12.18 56.09
CA LEU I 4 57.45 -13.28 57.01
C LEU I 4 58.94 -13.46 57.19
N VAL I 5 59.42 -13.28 58.42
CA VAL I 5 60.85 -13.28 58.72
C VAL I 5 61.16 -14.43 59.66
N GLU I 6 61.98 -15.36 59.20
CA GLU I 6 62.39 -16.51 60.00
C GLU I 6 63.68 -16.21 60.76
N SER I 7 63.82 -16.84 61.93
CA SER I 7 65.05 -16.80 62.69
C SER I 7 65.18 -18.09 63.48
N GLY I 8 66.38 -18.32 64.03
CA GLY I 8 66.65 -19.48 64.85
C GLY I 8 67.48 -20.55 64.16
N GLY I 9 67.58 -20.51 62.84
CA GLY I 9 68.37 -21.50 62.13
C GLY I 9 69.85 -21.30 62.31
N GLY I 10 70.61 -22.31 61.90
CA GLY I 10 72.06 -22.26 62.02
C GLY I 10 72.64 -23.66 62.03
N LEU I 11 73.87 -23.76 62.54
CA LEU I 11 74.56 -25.03 62.64
C LEU I 11 74.20 -25.71 63.95
N VAL I 12 73.90 -27.00 63.88
CA VAL I 12 73.48 -27.77 65.04
C VAL I 12 73.98 -29.20 64.85
N GLN I 13 74.38 -29.84 65.95
CA GLN I 13 74.83 -31.22 65.85
C GLN I 13 73.62 -32.15 65.84
N PRO I 14 73.70 -33.26 65.10
CA PRO I 14 72.54 -34.17 65.01
C PRO I 14 72.21 -34.76 66.38
N GLY I 15 70.91 -34.93 66.62
CA GLY I 15 70.41 -35.34 67.91
C GLY I 15 70.08 -34.20 68.84
N ARG I 16 70.56 -32.99 68.55
CA ARG I 16 70.23 -31.82 69.35
C ARG I 16 68.92 -31.20 68.86
N SER I 17 68.53 -30.09 69.48
CA SER I 17 67.26 -29.44 69.18
C SER I 17 67.48 -27.99 68.78
N LEU I 18 66.56 -27.48 67.96
CA LEU I 18 66.51 -26.07 67.60
C LEU I 18 65.06 -25.61 67.65
N ARG I 19 64.88 -24.32 67.89
CA ARG I 19 63.56 -23.69 67.89
C ARG I 19 63.55 -22.58 66.86
N LEU I 20 62.75 -22.75 65.81
CA LEU I 20 62.62 -21.76 64.76
C LEU I 20 61.48 -20.79 65.08
N SER I 21 61.66 -19.53 64.72
CA SER I 21 60.66 -18.50 64.94
C SER I 21 60.32 -17.82 63.63
N CYS I 22 59.14 -17.21 63.58
CA CYS I 22 58.69 -16.50 62.39
C CYS I 22 57.86 -15.30 62.83
N VAL I 23 58.32 -14.10 62.46
CA VAL I 23 57.64 -12.86 62.82
C VAL I 23 56.85 -12.38 61.61
N ALA I 24 55.54 -12.27 61.76
CA ALA I 24 54.64 -11.89 60.68
C ALA I 24 54.21 -10.44 60.83
N SER I 25 54.09 -9.75 59.69
CA SER I 25 53.63 -8.37 59.67
C SER I 25 53.00 -8.09 58.32
N GLY I 26 52.17 -7.04 58.28
CA GLY I 26 51.53 -6.61 57.06
C GLY I 26 50.19 -7.24 56.77
N PHE I 27 49.76 -8.21 57.58
CA PHE I 27 48.44 -8.80 57.43
C PHE I 27 47.98 -9.28 58.80
N THR I 28 46.70 -9.63 58.88
CA THR I 28 46.13 -10.16 60.11
C THR I 28 46.64 -11.58 60.30
N PHE I 29 47.66 -11.74 61.15
CA PHE I 29 48.25 -13.05 61.38
C PHE I 29 47.23 -14.05 61.90
N GLU I 30 46.27 -13.59 62.70
CA GLU I 30 45.23 -14.47 63.22
C GLU I 30 44.23 -14.90 62.15
N ASP I 31 44.23 -14.27 60.98
CA ASP I 31 43.26 -14.57 59.93
C ASP I 31 43.66 -15.76 59.05
N TYR I 32 44.83 -16.35 59.25
CA TYR I 32 45.32 -17.33 58.31
C TYR I 32 46.05 -18.46 59.01
N ALA I 33 45.90 -19.67 58.48
CA ALA I 33 46.74 -20.78 58.89
C ALA I 33 48.19 -20.51 58.52
N MET I 34 49.10 -21.16 59.24
CA MET I 34 50.52 -21.00 59.01
C MET I 34 51.17 -22.37 58.87
N HIS I 35 52.18 -22.45 58.01
CA HIS I 35 52.82 -23.71 57.68
C HIS I 35 54.33 -23.52 57.62
N TRP I 36 55.04 -24.63 57.77
CA TRP I 36 56.47 -24.70 57.56
C TRP I 36 56.76 -25.62 56.39
N VAL I 37 57.55 -25.16 55.44
CA VAL I 37 57.98 -25.95 54.29
C VAL I 37 59.50 -25.84 54.19
N ARG I 38 60.17 -26.97 54.00
CA ARG I 38 61.61 -27.00 53.93
C ARG I 38 62.05 -27.48 52.55
N GLN I 39 63.28 -27.13 52.19
CA GLN I 39 63.84 -27.46 50.88
C GLN I 39 65.31 -27.75 51.05
N VAL I 40 65.71 -28.99 50.82
CA VAL I 40 67.12 -29.36 50.86
C VAL I 40 67.84 -28.72 49.68
N PRO I 41 69.06 -28.20 49.86
CA PRO I 41 69.77 -27.57 48.73
C PRO I 41 69.85 -28.48 47.52
N GLY I 42 69.40 -27.97 46.37
CA GLY I 42 69.41 -28.72 45.13
C GLY I 42 68.29 -29.71 44.97
N LYS I 43 67.30 -29.73 45.87
CA LYS I 43 66.21 -30.68 45.81
C LYS I 43 64.88 -29.92 45.75
N GLY I 44 63.78 -30.66 45.81
CA GLY I 44 62.45 -30.08 45.73
C GLY I 44 61.93 -29.62 47.06
N PRO I 45 60.62 -29.39 47.15
CA PRO I 45 60.03 -28.92 48.41
C PRO I 45 59.39 -30.03 49.23
N GLU I 46 59.39 -29.88 50.55
CA GLU I 46 58.71 -30.81 51.43
C GLU I 46 57.97 -30.02 52.49
N TRP I 47 56.65 -30.18 52.54
CA TRP I 47 55.87 -29.57 53.60
C TRP I 47 56.19 -30.26 54.93
N VAL I 48 56.34 -29.46 55.98
CA VAL I 48 56.79 -29.95 57.29
C VAL I 48 55.66 -30.01 58.30
N SER I 49 55.01 -28.88 58.57
CA SER I 49 54.01 -28.81 59.63
C SER I 49 53.10 -27.62 59.38
N GLY I 50 51.91 -27.70 59.96
CA GLY I 50 50.94 -26.63 59.83
C GLY I 50 50.02 -26.59 61.04
N ILE I 51 49.38 -25.44 61.20
CA ILE I 51 48.48 -25.19 62.33
C ILE I 51 47.31 -24.34 61.84
N SER I 52 46.11 -24.66 62.33
CA SER I 52 44.90 -23.94 61.96
C SER I 52 45.02 -22.46 62.27
N TRP I 53 44.73 -22.07 63.50
CA TRP I 53 44.89 -20.70 63.96
C TRP I 53 44.61 -20.63 65.46
N ASN I 54 43.39 -20.98 65.86
CA ASN I 54 43.05 -21.15 67.27
C ASN I 54 43.58 -22.48 67.82
N SER I 55 44.64 -23.02 67.21
CA SER I 55 45.15 -24.36 67.52
C SER I 55 44.10 -25.45 67.31
N GLY I 56 43.07 -25.17 66.50
CA GLY I 56 42.02 -26.15 66.26
C GLY I 56 42.43 -27.34 65.43
N SER I 57 43.56 -27.24 64.72
CA SER I 57 44.03 -28.34 63.90
C SER I 57 45.54 -28.20 63.71
N ILE I 58 46.25 -29.31 63.91
CA ILE I 58 47.70 -29.35 63.75
C ILE I 58 48.06 -30.62 63.00
N GLY I 59 49.02 -30.52 62.07
CA GLY I 59 49.47 -31.67 61.33
C GLY I 59 50.98 -31.64 61.13
N TYR I 60 51.54 -32.83 60.93
CA TYR I 60 52.96 -33.00 60.72
C TYR I 60 53.20 -34.00 59.60
N ALA I 61 54.28 -33.78 58.84
CA ALA I 61 54.75 -34.81 57.94
C ALA I 61 55.18 -36.04 58.73
N ASP I 62 55.00 -37.21 58.13
CA ASP I 62 55.33 -38.45 58.82
C ASP I 62 56.81 -38.51 59.21
N SER I 63 57.68 -37.93 58.39
CA SER I 63 59.11 -37.95 58.65
C SER I 63 59.51 -37.12 59.87
N VAL I 64 58.63 -36.24 60.36
CA VAL I 64 58.93 -35.36 61.47
C VAL I 64 57.96 -35.52 62.63
N LYS I 65 56.93 -36.33 62.50
CA LYS I 65 55.93 -36.46 63.54
C LYS I 65 56.54 -37.10 64.79
N GLY I 66 56.15 -36.59 65.95
CA GLY I 66 56.69 -37.02 67.22
C GLY I 66 57.96 -36.31 67.64
N ARG I 67 58.65 -35.64 66.70
CA ARG I 67 59.87 -34.90 66.99
C ARG I 67 59.70 -33.39 66.89
N PHE I 68 58.83 -32.92 66.00
CA PHE I 68 58.59 -31.50 65.82
C PHE I 68 57.28 -31.09 66.49
N THR I 69 57.23 -29.84 66.94
CA THR I 69 56.03 -29.28 67.54
C THR I 69 55.83 -27.86 67.02
N ILE I 70 54.74 -27.64 66.31
CA ILE I 70 54.41 -26.32 65.79
C ILE I 70 53.50 -25.61 66.78
N SER I 71 53.64 -24.28 66.86
CA SER I 71 52.82 -23.47 67.75
C SER I 71 52.83 -22.04 67.23
N ARG I 72 51.85 -21.27 67.68
CA ARG I 72 51.73 -19.88 67.26
C ARG I 72 51.30 -19.02 68.45
N ASP I 73 51.84 -17.80 68.50
CA ASP I 73 51.49 -16.81 69.52
C ASP I 73 50.80 -15.66 68.78
N ASN I 74 49.46 -15.68 68.80
CA ASN I 74 48.69 -14.71 68.02
C ASN I 74 48.95 -13.28 68.50
N ALA I 75 49.10 -13.10 69.82
CA ALA I 75 49.34 -11.76 70.36
C ALA I 75 50.67 -11.20 69.88
N LYS I 76 51.63 -12.05 69.55
CA LYS I 76 52.94 -11.62 69.09
C LYS I 76 53.12 -11.77 67.58
N ASN I 77 52.07 -12.19 66.87
CA ASN I 77 52.13 -12.41 65.42
C ASN I 77 53.31 -13.28 65.04
N SER I 78 53.43 -14.43 65.72
CA SER I 78 54.61 -15.27 65.61
C SER I 78 54.22 -16.72 65.44
N LEU I 79 55.00 -17.44 64.63
CA LEU I 79 54.88 -18.88 64.45
C LEU I 79 56.18 -19.54 64.89
N TYR I 80 56.07 -20.71 65.51
CA TYR I 80 57.23 -21.40 66.05
C TYR I 80 57.25 -22.85 65.59
N LEU I 81 58.46 -23.42 65.54
CA LEU I 81 58.66 -24.83 65.22
C LEU I 81 59.75 -25.37 66.13
N GLN I 82 59.36 -26.14 67.15
CA GLN I 82 60.32 -26.79 68.03
C GLN I 82 60.79 -28.08 67.38
N MET I 83 62.09 -28.16 67.10
CA MET I 83 62.66 -29.26 66.32
C MET I 83 63.58 -30.11 67.20
N SER I 84 62.98 -30.85 68.12
CA SER I 84 63.74 -31.78 68.95
C SER I 84 64.26 -32.96 68.13
N SER I 85 65.51 -33.35 68.37
CA SER I 85 66.16 -34.50 67.75
C SER I 85 66.27 -34.32 66.23
N LEU I 86 67.18 -33.42 65.86
CA LEU I 86 67.44 -33.10 64.46
C LEU I 86 68.31 -34.18 63.83
N ARG I 87 67.74 -34.92 62.88
CA ARG I 87 68.51 -35.80 62.01
C ARG I 87 69.13 -34.99 60.88
N VAL I 88 70.10 -35.59 60.18
CA VAL I 88 70.64 -34.86 59.02
C VAL I 88 69.59 -34.72 57.93
N GLU I 89 68.71 -35.72 57.78
CA GLU I 89 67.69 -35.61 56.75
C GLU I 89 66.79 -34.40 56.95
N ASP I 90 66.89 -33.74 58.09
CA ASP I 90 66.19 -32.50 58.37
C ASP I 90 66.95 -31.26 57.91
N THR I 91 68.20 -31.40 57.44
CA THR I 91 68.94 -30.23 56.97
C THR I 91 68.27 -29.69 55.71
N ALA I 92 67.92 -28.40 55.75
CA ALA I 92 67.18 -27.74 54.67
C ALA I 92 66.97 -26.29 55.06
N LEU I 93 66.61 -25.49 54.05
CA LEU I 93 66.13 -24.14 54.29
C LEU I 93 64.64 -24.22 54.65
N TYR I 94 64.28 -23.68 55.82
CA TYR I 94 62.93 -23.80 56.33
C TYR I 94 62.16 -22.51 56.07
N TYR I 95 61.09 -22.60 55.28
CA TYR I 95 60.27 -21.45 54.92
C TYR I 95 59.10 -21.32 55.88
N CYS I 96 58.89 -20.11 56.38
CA CYS I 96 57.64 -19.76 57.05
C CYS I 96 56.67 -19.25 56.00
N VAL I 97 55.48 -19.85 55.96
CA VAL I 97 54.54 -19.63 54.87
C VAL I 97 53.16 -19.32 55.44
N LYS I 98 52.48 -18.36 54.82
CA LYS I 98 51.10 -18.03 55.16
C LYS I 98 50.15 -18.84 54.30
N ASP I 99 49.13 -19.42 54.93
CA ASP I 99 48.12 -20.16 54.21
C ASP I 99 47.00 -19.23 53.75
N ARG I 100 46.30 -19.66 52.70
CA ARG I 100 45.27 -18.82 52.09
C ARG I 100 44.10 -18.59 53.04
N HIS I 101 43.67 -19.63 53.76
CA HIS I 101 42.53 -19.49 54.66
C HIS I 101 42.89 -19.96 56.06
N TYR I 102 42.15 -20.94 56.60
CA TYR I 102 42.33 -21.31 57.99
C TYR I 102 42.28 -22.81 58.25
N ASP I 103 42.14 -23.64 57.23
CA ASP I 103 42.07 -25.09 57.40
C ASP I 103 43.39 -25.73 57.01
N SER I 104 43.68 -26.86 57.64
CA SER I 104 44.83 -27.68 57.32
C SER I 104 44.34 -29.13 57.20
N ALA I 105 43.65 -29.42 56.09
CA ALA I 105 43.03 -30.72 55.84
C ALA I 105 42.40 -30.75 54.45
N GLY I 106 41.24 -30.10 54.31
CA GLY I 106 40.49 -30.17 53.08
C GLY I 106 39.73 -28.91 52.70
N TYR I 107 40.46 -27.80 52.52
CA TYR I 107 39.91 -26.59 51.94
C TYR I 107 40.43 -26.45 50.50
N LEU I 108 39.49 -26.35 49.55
CA LEU I 108 39.86 -26.18 48.15
C LEU I 108 40.74 -24.96 47.92
N VAL I 109 40.71 -24.01 48.86
CA VAL I 109 41.46 -22.77 48.76
C VAL I 109 42.82 -22.83 49.44
N ASN I 110 43.02 -23.77 50.37
CA ASN I 110 44.28 -23.92 51.08
C ASN I 110 45.49 -23.83 50.15
N GLY I 111 46.29 -22.78 50.31
CA GLY I 111 47.42 -22.57 49.43
C GLY I 111 48.50 -21.80 50.16
N PHE I 112 49.67 -21.77 49.54
CA PHE I 112 50.86 -21.14 50.11
C PHE I 112 51.10 -19.84 49.35
N HIS I 113 50.39 -18.79 49.78
CA HIS I 113 50.31 -17.54 49.04
C HIS I 113 51.45 -16.57 49.37
N ILE I 114 51.98 -16.60 50.58
CA ILE I 114 53.08 -15.73 50.97
C ILE I 114 54.17 -16.59 51.62
N TRP I 115 55.41 -16.38 51.18
CA TRP I 115 56.54 -17.19 51.62
C TRP I 115 57.63 -16.30 52.20
N GLY I 116 58.19 -16.72 53.32
CA GLY I 116 59.35 -16.05 53.87
C GLY I 116 60.62 -16.40 53.11
N GLN I 117 61.69 -15.67 53.43
CA GLN I 117 62.96 -15.93 52.78
C GLN I 117 63.56 -17.25 53.22
N GLY I 118 63.24 -17.70 54.42
CA GLY I 118 63.72 -18.98 54.92
C GLY I 118 64.94 -18.84 55.81
N THR I 119 65.06 -19.76 56.75
CA THR I 119 66.21 -19.84 57.64
C THR I 119 66.88 -21.20 57.47
N MET I 120 68.21 -21.20 57.45
CA MET I 120 68.96 -22.40 57.12
C MET I 120 69.29 -23.18 58.39
N VAL I 121 68.92 -24.46 58.39
CA VAL I 121 69.23 -25.37 59.49
C VAL I 121 70.19 -26.42 58.94
N THR I 122 71.44 -26.39 59.40
CA THR I 122 72.49 -27.28 58.95
C THR I 122 72.77 -28.28 60.07
N VAL I 123 72.50 -29.55 59.81
CA VAL I 123 72.61 -30.59 60.82
C VAL I 123 73.85 -31.43 60.49
N SER I 124 74.87 -31.33 61.35
CA SER I 124 76.12 -32.08 61.19
C SER I 124 76.96 -31.88 62.45
N SER I 125 77.73 -32.90 62.78
CA SER I 125 78.63 -32.82 63.94
C SER I 125 79.89 -32.04 63.61
N ALA I 126 80.58 -32.44 62.54
CA ALA I 126 81.78 -31.77 62.05
C ALA I 126 81.75 -30.26 62.27
N SER I 127 82.91 -29.71 62.61
CA SER I 127 83.03 -28.28 62.92
C SER I 127 83.58 -27.54 61.71
N THR I 128 83.78 -26.23 61.90
CA THR I 128 84.28 -25.40 60.82
C THR I 128 85.70 -25.81 60.44
N LYS I 129 85.93 -25.94 59.13
CA LYS I 129 87.25 -26.25 58.61
C LYS I 129 87.46 -25.50 57.32
N GLY I 130 88.64 -24.94 57.14
CA GLY I 130 89.00 -24.24 55.93
C GLY I 130 89.24 -25.19 54.77
N PRO I 131 88.96 -24.73 53.56
CA PRO I 131 89.14 -25.59 52.38
C PRO I 131 90.58 -25.58 51.89
N SER I 132 90.94 -26.68 51.23
CA SER I 132 92.18 -26.76 50.47
C SER I 132 91.88 -26.50 49.00
N VAL I 133 92.76 -25.76 48.34
CA VAL I 133 92.57 -25.34 46.96
C VAL I 133 93.69 -25.94 46.12
N PHE I 134 93.33 -26.80 45.17
CA PHE I 134 94.27 -27.47 44.31
C PHE I 134 94.03 -27.05 42.86
N PRO I 135 95.09 -26.90 42.06
CA PRO I 135 94.90 -26.44 40.69
C PRO I 135 94.42 -27.56 39.77
N LEU I 136 93.57 -27.19 38.82
CA LEU I 136 93.17 -28.07 37.73
C LEU I 136 93.86 -27.53 36.47
N ALA I 137 95.11 -27.91 36.30
CA ALA I 137 95.96 -27.30 35.29
C ALA I 137 95.49 -27.70 33.89
N PRO I 138 95.60 -26.80 32.91
CA PRO I 138 95.29 -27.16 31.52
C PRO I 138 96.34 -28.12 30.98
N SER I 139 95.87 -29.19 30.34
CA SER I 139 96.78 -30.21 29.83
C SER I 139 97.34 -29.81 28.48
N SER I 140 98.27 -30.62 27.98
CA SER I 140 98.85 -30.39 26.66
C SER I 140 98.04 -31.08 25.56
N LYS I 141 97.59 -32.30 25.81
CA LYS I 141 96.77 -33.03 24.85
C LYS I 141 95.39 -32.40 24.73
N GLY I 146 91.93 -25.63 20.35
CA GLY I 146 91.94 -24.19 20.21
C GLY I 146 91.42 -23.51 21.46
N THR I 147 90.50 -24.18 22.13
CA THR I 147 90.01 -23.71 23.41
C THR I 147 90.43 -24.75 24.44
N ALA I 148 91.12 -24.29 25.47
CA ALA I 148 91.59 -25.16 26.54
C ALA I 148 90.82 -24.85 27.81
N ALA I 149 90.87 -25.78 28.74
CA ALA I 149 90.12 -25.66 29.98
C ALA I 149 91.04 -25.83 31.16
N LEU I 150 90.84 -25.01 32.18
CA LEU I 150 91.58 -25.09 33.43
C LEU I 150 90.62 -24.74 34.55
N GLY I 151 91.02 -25.04 35.78
CA GLY I 151 90.11 -24.82 36.88
C GLY I 151 90.79 -24.90 38.22
N CYS I 152 89.97 -24.91 39.27
CA CYS I 152 90.42 -25.03 40.64
C CYS I 152 89.46 -25.94 41.39
N LEU I 153 90.00 -26.65 42.39
CA LEU I 153 89.22 -27.57 43.21
C LEU I 153 89.20 -27.05 44.64
N VAL I 154 88.01 -26.81 45.17
CA VAL I 154 87.82 -26.35 46.53
C VAL I 154 87.31 -27.54 47.33
N LYS I 155 88.17 -28.13 48.15
CA LYS I 155 87.91 -29.41 48.78
C LYS I 155 87.93 -29.29 50.30
N ASP I 156 87.05 -30.04 50.97
CA ASP I 156 87.09 -30.27 52.40
C ASP I 156 86.94 -28.96 53.18
N TYR I 157 85.72 -28.41 53.13
CA TYR I 157 85.37 -27.26 53.93
C TYR I 157 83.99 -27.46 54.55
N PHE I 158 83.73 -26.67 55.58
CA PHE I 158 82.43 -26.65 56.25
C PHE I 158 82.33 -25.41 57.12
N PRO I 159 81.16 -24.76 57.19
CA PRO I 159 79.95 -25.03 56.41
C PRO I 159 79.93 -24.28 55.08
N GLU I 160 78.79 -24.33 54.38
CA GLU I 160 78.63 -23.57 53.16
C GLU I 160 78.65 -22.08 53.48
N PRO I 161 78.92 -21.22 52.47
CA PRO I 161 79.31 -21.52 51.09
C PRO I 161 80.73 -21.07 50.75
N VAL I 162 81.16 -21.29 49.51
CA VAL I 162 82.39 -20.72 48.98
C VAL I 162 82.05 -19.97 47.70
N THR I 163 82.95 -19.07 47.31
CA THR I 163 82.84 -18.31 46.06
C THR I 163 84.17 -18.36 45.33
N VAL I 164 84.10 -18.45 44.00
CA VAL I 164 85.28 -18.57 43.15
C VAL I 164 85.15 -17.59 41.99
N SER I 165 86.19 -16.79 41.78
CA SER I 165 86.33 -15.92 40.63
C SER I 165 87.62 -16.25 39.90
N TRP I 166 87.81 -15.64 38.74
CA TRP I 166 88.96 -15.93 37.89
C TRP I 166 89.63 -14.64 37.45
N ASN I 167 90.96 -14.59 37.62
CA ASN I 167 91.77 -13.41 37.29
C ASN I 167 91.18 -12.15 37.93
N SER I 168 90.71 -12.29 39.18
CA SER I 168 90.12 -11.19 39.94
C SER I 168 88.92 -10.57 39.23
N GLY I 169 88.15 -11.39 38.51
CA GLY I 169 86.99 -10.93 37.80
C GLY I 169 87.21 -10.56 36.35
N ALA I 170 88.46 -10.44 35.90
CA ALA I 170 88.74 -10.08 34.52
C ALA I 170 88.39 -11.17 33.53
N LEU I 171 88.18 -12.41 34.00
CA LEU I 171 87.86 -13.54 33.15
C LEU I 171 86.51 -14.11 33.57
N THR I 172 85.47 -13.80 32.80
CA THR I 172 84.13 -14.28 33.08
C THR I 172 83.51 -15.10 31.96
N SER I 173 83.89 -14.86 30.71
CA SER I 173 83.33 -15.61 29.59
C SER I 173 83.86 -17.04 29.62
N GLY I 174 82.94 -18.00 29.62
CA GLY I 174 83.31 -19.41 29.69
C GLY I 174 83.56 -19.94 31.08
N VAL I 175 83.19 -19.21 32.12
CA VAL I 175 83.42 -19.63 33.50
C VAL I 175 82.20 -20.38 34.00
N HIS I 176 82.43 -21.59 34.53
CA HIS I 176 81.38 -22.37 35.16
C HIS I 176 81.82 -22.75 36.57
N THR I 177 81.04 -22.33 37.57
CA THR I 177 81.23 -22.74 38.95
C THR I 177 80.04 -23.61 39.35
N PHE I 178 80.34 -24.84 39.81
CA PHE I 178 79.37 -25.89 40.09
C PHE I 178 78.90 -25.82 41.54
N PRO I 179 77.65 -26.22 41.80
CA PRO I 179 77.19 -26.31 43.19
C PRO I 179 77.98 -27.37 43.95
N ALA I 180 78.16 -27.13 45.24
CA ALA I 180 78.98 -27.99 46.08
C ALA I 180 78.23 -29.28 46.44
N VAL I 181 79.00 -30.32 46.74
CA VAL I 181 78.47 -31.62 47.16
C VAL I 181 78.86 -31.86 48.62
N LEU I 182 77.98 -32.51 49.36
CA LEU I 182 78.25 -32.89 50.75
C LEU I 182 78.92 -34.26 50.75
N GLN I 183 80.19 -34.31 51.13
CA GLN I 183 80.93 -35.56 51.15
C GLN I 183 80.48 -36.41 52.33
N SER I 184 80.94 -37.67 52.32
CA SER I 184 80.61 -38.60 53.40
C SER I 184 81.22 -38.19 54.73
N SER I 185 82.30 -37.41 54.71
CA SER I 185 82.95 -36.92 55.92
C SER I 185 82.18 -35.77 56.57
N GLY I 186 81.09 -35.31 55.97
CA GLY I 186 80.41 -34.13 56.45
C GLY I 186 80.98 -32.82 55.97
N LEU I 187 82.01 -32.85 55.13
CA LEU I 187 82.65 -31.66 54.58
C LEU I 187 82.22 -31.48 53.13
N TYR I 188 82.22 -30.24 52.67
CA TYR I 188 81.80 -29.91 51.32
C TYR I 188 83.00 -29.80 50.38
N SER I 189 82.72 -29.93 49.09
CA SER I 189 83.73 -29.77 48.05
C SER I 189 83.08 -29.18 46.81
N LEU I 190 83.88 -28.47 46.02
CA LEU I 190 83.34 -27.71 44.89
C LEU I 190 84.45 -27.47 43.88
N SER I 191 84.05 -27.26 42.63
CA SER I 191 84.97 -27.01 41.54
C SER I 191 84.50 -25.84 40.69
N SER I 192 85.44 -25.19 40.01
CA SER I 192 85.17 -24.12 39.08
C SER I 192 86.12 -24.25 37.89
N VAL I 193 85.61 -23.99 36.68
CA VAL I 193 86.36 -24.18 35.45
C VAL I 193 86.15 -22.99 34.53
N VAL I 194 86.99 -22.89 33.50
CA VAL I 194 86.91 -21.85 32.50
C VAL I 194 87.61 -22.33 31.24
N THR I 195 87.04 -21.98 30.08
CA THR I 195 87.65 -22.29 28.79
C THR I 195 88.32 -21.05 28.21
N VAL I 196 89.52 -21.23 27.68
CA VAL I 196 90.32 -20.12 27.15
C VAL I 196 90.98 -20.56 25.86
N PRO I 197 91.41 -19.60 25.03
CA PRO I 197 92.12 -19.97 23.80
C PRO I 197 93.45 -20.63 24.10
N SER I 198 93.77 -21.67 23.32
CA SER I 198 95.01 -22.40 23.52
C SER I 198 96.24 -21.55 23.23
N SER I 199 96.12 -20.56 22.34
CA SER I 199 97.26 -19.74 21.95
C SER I 199 97.72 -18.80 23.05
N SER I 200 96.99 -18.71 24.16
CA SER I 200 97.33 -17.80 25.24
C SER I 200 97.87 -18.50 26.48
N LEU I 201 98.07 -19.82 26.42
CA LEU I 201 98.52 -20.55 27.60
C LEU I 201 99.97 -20.24 27.95
N GLY I 202 100.74 -19.67 27.02
CA GLY I 202 102.13 -19.35 27.28
C GLY I 202 102.37 -17.88 27.49
N THR I 203 101.34 -17.07 27.23
CA THR I 203 101.45 -15.62 27.35
C THR I 203 100.47 -15.02 28.35
N GLN I 204 99.44 -15.75 28.76
CA GLN I 204 98.44 -15.23 29.70
C GLN I 204 98.44 -16.08 30.96
N THR I 205 98.56 -15.42 32.11
CA THR I 205 98.53 -16.08 33.41
C THR I 205 97.09 -16.17 33.91
N TYR I 206 96.73 -17.33 34.45
CA TYR I 206 95.38 -17.58 34.94
C TYR I 206 95.43 -17.94 36.42
N ILE I 207 94.65 -17.21 37.23
CA ILE I 207 94.63 -17.38 38.68
C ILE I 207 93.17 -17.42 39.14
N CYS I 208 92.86 -18.38 39.99
CA CYS I 208 91.52 -18.50 40.59
C CYS I 208 91.54 -17.93 42.01
N ASN I 209 90.43 -17.31 42.40
CA ASN I 209 90.29 -16.67 43.71
C ASN I 209 89.20 -17.40 44.49
N VAL I 210 89.60 -18.16 45.50
CA VAL I 210 88.68 -18.93 46.33
C VAL I 210 88.46 -18.18 47.64
N ASN I 211 87.21 -18.17 48.11
CA ASN I 211 86.84 -17.46 49.34
C ASN I 211 85.87 -18.33 50.13
N HIS I 212 86.28 -18.69 51.35
CA HIS I 212 85.45 -19.44 52.28
C HIS I 212 85.32 -18.61 53.55
N LYS I 213 84.27 -17.79 53.61
CA LYS I 213 84.08 -16.90 54.75
C LYS I 213 83.89 -17.60 56.09
N PRO I 214 83.17 -18.74 56.20
CA PRO I 214 83.01 -19.38 57.52
C PRO I 214 84.32 -19.68 58.25
N SER I 215 85.44 -19.78 57.53
CA SER I 215 86.72 -20.10 58.14
C SER I 215 87.78 -19.04 57.90
N ASN I 216 87.41 -17.90 57.29
CA ASN I 216 88.35 -16.80 57.02
C ASN I 216 89.52 -17.27 56.16
N THR I 217 89.23 -18.08 55.16
CA THR I 217 90.24 -18.62 54.25
C THR I 217 90.11 -17.98 52.89
N LYS I 218 91.18 -17.33 52.45
CA LYS I 218 91.30 -16.81 51.09
C LYS I 218 92.59 -17.33 50.48
N VAL I 219 92.51 -17.84 49.27
CA VAL I 219 93.65 -18.48 48.61
C VAL I 219 93.66 -18.10 47.14
N ASP I 220 94.78 -17.57 46.66
CA ASP I 220 94.96 -17.19 45.27
C ASP I 220 95.90 -18.21 44.64
N LYS I 221 95.32 -19.15 43.89
CA LYS I 221 96.06 -20.24 43.28
C LYS I 221 96.31 -19.91 41.82
N ARG I 222 97.59 -19.84 41.43
CA ARG I 222 97.94 -19.65 40.03
C ARG I 222 97.88 -20.98 39.30
N VAL I 223 97.13 -21.02 38.20
CA VAL I 223 96.90 -22.24 37.43
C VAL I 223 97.74 -22.13 36.17
N GLU I 224 98.85 -22.84 36.14
CA GLU I 224 99.78 -22.83 35.03
C GLU I 224 99.70 -24.14 34.26
N PRO I 225 100.01 -24.13 32.97
CA PRO I 225 100.15 -25.41 32.25
C PRO I 225 101.27 -26.23 32.87
N LYS I 226 100.92 -27.43 33.32
CA LYS I 226 101.85 -28.25 34.10
C LYS I 226 103.12 -28.51 33.29
N SER I 227 104.25 -28.03 33.82
CA SER I 227 105.53 -28.41 33.24
C SER I 227 105.64 -29.93 33.24
N CYS I 228 106.09 -30.47 32.12
CA CYS I 228 106.19 -31.91 31.96
C CYS I 228 107.10 -32.55 33.00
N ASN J 8 9.23 -3.81 -26.47
CA ASN J 8 8.36 -2.84 -27.13
C ASN J 8 6.93 -3.36 -27.23
N LEU J 9 6.04 -2.52 -27.76
CA LEU J 9 4.62 -2.83 -27.77
C LEU J 9 4.26 -3.78 -28.91
N CYS J 10 3.21 -4.57 -28.69
CA CYS J 10 2.71 -5.48 -29.72
C CYS J 10 1.94 -4.69 -30.78
N PRO J 11 2.14 -5.00 -32.06
CA PRO J 11 1.51 -4.22 -33.14
C PRO J 11 0.06 -4.63 -33.41
N PHE J 12 -0.83 -4.23 -32.50
CA PHE J 12 -2.26 -4.44 -32.74
C PHE J 12 -2.82 -3.41 -33.71
N GLY J 13 -2.25 -2.20 -33.75
CA GLY J 13 -2.74 -1.18 -34.65
C GLY J 13 -2.57 -1.53 -36.11
N GLU J 14 -1.54 -2.33 -36.44
CA GLU J 14 -1.34 -2.75 -37.82
C GLU J 14 -2.45 -3.67 -38.31
N VAL J 15 -3.16 -4.32 -37.40
CA VAL J 15 -4.25 -5.22 -37.79
C VAL J 15 -5.59 -4.48 -37.81
N PHE J 16 -5.92 -3.77 -36.72
CA PHE J 16 -7.20 -3.09 -36.64
C PHE J 16 -7.27 -1.90 -37.58
N ASN J 17 -6.20 -1.11 -37.67
CA ASN J 17 -6.19 0.11 -38.45
C ASN J 17 -5.66 -0.11 -39.87
N ALA J 18 -5.59 -1.35 -40.33
CA ALA J 18 -5.17 -1.62 -41.70
C ALA J 18 -6.14 -0.99 -42.69
N THR J 19 -5.59 -0.36 -43.72
CA THR J 19 -6.43 0.39 -44.67
C THR J 19 -7.36 -0.51 -45.46
N ARG J 20 -7.07 -1.81 -45.55
CA ARG J 20 -7.98 -2.76 -46.16
C ARG J 20 -7.82 -4.11 -45.46
N PHE J 21 -8.79 -4.98 -45.71
CA PHE J 21 -8.83 -6.30 -45.10
C PHE J 21 -8.91 -7.36 -46.18
N ALA J 22 -8.63 -8.60 -45.79
CA ALA J 22 -8.67 -9.72 -46.72
C ALA J 22 -10.08 -10.31 -46.79
N SER J 23 -10.33 -11.01 -47.89
CA SER J 23 -11.57 -11.78 -48.01
C SER J 23 -11.55 -12.94 -47.02
N VAL J 24 -12.75 -13.35 -46.59
CA VAL J 24 -12.87 -14.32 -45.50
C VAL J 24 -12.25 -15.66 -45.88
N TYR J 25 -12.32 -16.03 -47.16
CA TYR J 25 -11.71 -17.29 -47.58
C TYR J 25 -10.18 -17.22 -47.52
N ALA J 26 -9.61 -16.05 -47.79
CA ALA J 26 -8.17 -15.86 -47.69
C ALA J 26 -7.82 -14.98 -46.50
N TRP J 27 -8.34 -15.32 -45.32
CA TRP J 27 -8.17 -14.49 -44.14
C TRP J 27 -6.71 -14.38 -43.74
N ASN J 28 -6.28 -13.17 -43.40
CA ASN J 28 -4.91 -12.93 -42.98
C ASN J 28 -4.72 -13.32 -41.53
N ARG J 29 -3.48 -13.71 -41.20
CA ARG J 29 -3.10 -14.06 -39.84
C ARG J 29 -1.82 -13.34 -39.48
N LYS J 30 -1.83 -12.64 -38.35
CA LYS J 30 -0.66 -11.94 -37.83
C LYS J 30 -0.21 -12.64 -36.55
N ARG J 31 1.00 -13.20 -36.59
CA ARG J 31 1.56 -13.88 -35.42
C ARG J 31 2.30 -12.85 -34.57
N ILE J 32 1.83 -12.68 -33.33
CA ILE J 32 2.34 -11.66 -32.42
C ILE J 32 3.17 -12.36 -31.35
N SER J 33 4.43 -11.97 -31.22
CA SER J 33 5.33 -12.62 -30.28
C SER J 33 6.39 -11.62 -29.82
N ASN J 34 6.94 -11.88 -28.63
CA ASN J 34 8.06 -11.14 -28.07
C ASN J 34 7.78 -9.64 -28.01
N CYS J 35 6.70 -9.30 -27.29
CA CYS J 35 6.31 -7.90 -27.15
C CYS J 35 5.39 -7.76 -25.95
N VAL J 36 5.20 -6.51 -25.52
CA VAL J 36 4.31 -6.15 -24.42
C VAL J 36 3.02 -5.60 -25.01
N ALA J 37 1.89 -6.18 -24.61
CA ALA J 37 0.60 -5.85 -25.18
C ALA J 37 -0.20 -4.96 -24.24
N ASP J 38 -0.75 -3.88 -24.78
CA ASP J 38 -1.62 -2.97 -24.05
C ASP J 38 -3.05 -3.22 -24.55
N TYR J 39 -3.73 -4.16 -23.91
CA TYR J 39 -5.07 -4.54 -24.35
C TYR J 39 -6.11 -3.49 -23.99
N SER J 40 -5.92 -2.78 -22.87
CA SER J 40 -6.92 -1.82 -22.42
C SER J 40 -7.10 -0.69 -23.44
N VAL J 41 -6.00 -0.17 -23.98
CA VAL J 41 -6.10 0.90 -24.96
C VAL J 41 -6.62 0.36 -26.29
N LEU J 42 -6.32 -0.90 -26.62
CA LEU J 42 -6.76 -1.46 -27.88
C LEU J 42 -8.27 -1.62 -27.94
N TYR J 43 -8.86 -2.15 -26.86
CA TYR J 43 -10.28 -2.48 -26.88
C TYR J 43 -11.18 -1.26 -26.71
N ASN J 44 -10.63 -0.13 -26.28
CA ASN J 44 -11.40 1.11 -26.14
C ASN J 44 -11.02 2.14 -27.19
N SER J 45 -10.29 1.75 -28.23
CA SER J 45 -9.90 2.67 -29.30
C SER J 45 -11.11 3.07 -30.12
N ALA J 46 -11.61 2.15 -30.95
CA ALA J 46 -12.76 2.40 -31.79
C ALA J 46 -14.02 1.78 -31.17
N SER J 47 -15.17 2.13 -31.76
CA SER J 47 -16.44 1.58 -31.35
C SER J 47 -16.68 0.26 -32.07
N PHE J 48 -17.07 -0.77 -31.32
CA PHE J 48 -17.22 -2.11 -31.85
C PHE J 48 -18.68 -2.54 -31.73
N SER J 49 -19.25 -3.04 -32.82
CA SER J 49 -20.62 -3.53 -32.81
C SER J 49 -20.71 -4.93 -32.21
N THR J 50 -19.65 -5.71 -32.30
CA THR J 50 -19.61 -7.07 -31.75
C THR J 50 -18.33 -7.25 -30.96
N PHE J 51 -18.46 -7.70 -29.72
CA PHE J 51 -17.30 -7.94 -28.87
C PHE J 51 -17.65 -9.09 -27.93
N LYS J 52 -17.19 -10.29 -28.27
CA LYS J 52 -17.45 -11.49 -27.49
C LYS J 52 -16.16 -12.26 -27.28
N CYS J 53 -15.88 -12.60 -26.03
CA CYS J 53 -14.70 -13.38 -25.66
C CYS J 53 -15.12 -14.76 -25.17
N TYR J 54 -14.24 -15.73 -25.35
CA TYR J 54 -14.52 -17.11 -24.98
C TYR J 54 -13.31 -17.70 -24.27
N GLY J 55 -13.54 -18.26 -23.08
CA GLY J 55 -12.47 -18.90 -22.32
C GLY J 55 -11.56 -17.96 -21.59
N VAL J 56 -11.71 -16.64 -21.76
CA VAL J 56 -10.85 -15.67 -21.09
C VAL J 56 -11.59 -14.34 -21.05
N SER J 57 -11.38 -13.61 -19.95
CA SER J 57 -11.97 -12.28 -19.80
C SER J 57 -11.09 -11.23 -20.47
N PRO J 58 -11.69 -10.20 -21.05
CA PRO J 58 -10.89 -9.16 -21.72
C PRO J 58 -10.18 -8.23 -20.74
N THR J 59 -10.63 -8.17 -19.49
CA THR J 59 -9.92 -7.40 -18.47
C THR J 59 -8.82 -8.22 -17.81
N LYS J 60 -8.86 -9.54 -17.93
CA LYS J 60 -7.86 -10.43 -17.35
C LYS J 60 -6.63 -10.58 -18.24
N LEU J 61 -6.72 -10.18 -19.51
CA LEU J 61 -5.59 -10.36 -20.42
C LEU J 61 -4.37 -9.54 -20.01
N ASN J 62 -4.59 -8.42 -19.32
CA ASN J 62 -3.47 -7.61 -18.86
C ASN J 62 -2.66 -8.31 -17.78
N ASP J 63 -3.15 -9.42 -17.24
CA ASP J 63 -2.44 -10.18 -16.22
C ASP J 63 -1.87 -11.50 -16.72
N LEU J 64 -2.29 -11.96 -17.89
CA LEU J 64 -1.91 -13.27 -18.41
C LEU J 64 -0.76 -13.17 -19.40
N CYS J 65 -0.07 -14.29 -19.59
CA CYS J 65 1.00 -14.41 -20.56
C CYS J 65 0.72 -15.62 -21.44
N PHE J 66 1.12 -15.51 -22.71
CA PHE J 66 0.89 -16.56 -23.68
C PHE J 66 2.14 -16.76 -24.53
N THR J 67 2.29 -17.96 -25.08
CA THR J 67 3.40 -18.24 -25.98
C THR J 67 3.28 -17.43 -27.25
N ASN J 68 2.11 -17.44 -27.89
CA ASN J 68 1.86 -16.68 -29.10
C ASN J 68 0.43 -16.18 -29.10
N VAL J 69 0.23 -15.03 -29.74
CA VAL J 69 -1.09 -14.44 -29.93
C VAL J 69 -1.33 -14.25 -31.42
N TYR J 70 -2.46 -14.75 -31.91
CA TYR J 70 -2.80 -14.69 -33.32
C TYR J 70 -3.92 -13.67 -33.52
N ALA J 71 -3.77 -12.82 -34.53
CA ALA J 71 -4.73 -11.79 -34.87
C ALA J 71 -5.22 -12.05 -36.29
N ASP J 72 -6.32 -12.78 -36.42
CA ASP J 72 -6.93 -13.05 -37.71
C ASP J 72 -7.91 -11.95 -38.09
N SER J 73 -7.89 -11.55 -39.36
CA SER J 73 -8.73 -10.47 -39.83
C SER J 73 -9.29 -10.80 -41.21
N PHE J 74 -10.54 -10.40 -41.44
CA PHE J 74 -11.23 -10.65 -42.70
C PHE J 74 -12.50 -9.79 -42.71
N VAL J 75 -13.23 -9.87 -43.82
CA VAL J 75 -14.45 -9.10 -44.02
C VAL J 75 -15.58 -10.04 -44.40
N ILE J 76 -16.71 -9.92 -43.69
CA ILE J 76 -17.95 -10.60 -44.00
C ILE J 76 -19.07 -9.58 -43.94
N ARG J 77 -20.30 -10.05 -44.14
CA ARG J 77 -21.47 -9.19 -44.06
C ARG J 77 -22.13 -9.32 -42.69
N GLY J 78 -23.07 -8.41 -42.42
CA GLY J 78 -23.60 -8.28 -41.07
C GLY J 78 -24.24 -9.55 -40.55
N ASP J 79 -25.06 -10.19 -41.37
CA ASP J 79 -25.78 -11.39 -40.96
C ASP J 79 -24.86 -12.58 -40.71
N GLU J 80 -23.56 -12.46 -41.01
CA GLU J 80 -22.63 -13.57 -40.87
C GLU J 80 -21.67 -13.43 -39.70
N VAL J 81 -21.67 -12.28 -39.01
CA VAL J 81 -20.78 -12.09 -37.86
C VAL J 81 -21.09 -13.11 -36.77
N ARG J 82 -22.36 -13.51 -36.64
CA ARG J 82 -22.74 -14.50 -35.64
C ARG J 82 -22.06 -15.84 -35.86
N GLN J 83 -21.57 -16.10 -37.08
CA GLN J 83 -20.93 -17.38 -37.37
C GLN J 83 -19.49 -17.44 -36.88
N ILE J 84 -18.87 -16.29 -36.60
CA ILE J 84 -17.49 -16.26 -36.11
C ILE J 84 -17.52 -16.49 -34.61
N ALA J 85 -17.76 -17.74 -34.20
CA ALA J 85 -17.90 -18.09 -32.79
C ALA J 85 -17.73 -19.60 -32.66
N PRO J 86 -17.29 -20.09 -31.51
CA PRO J 86 -17.14 -21.54 -31.34
C PRO J 86 -18.48 -22.26 -31.44
N GLY J 87 -18.49 -23.36 -32.19
CA GLY J 87 -19.66 -24.20 -32.30
C GLY J 87 -20.71 -23.72 -33.29
N GLN J 88 -20.38 -22.77 -34.16
CA GLN J 88 -21.32 -22.25 -35.13
C GLN J 88 -21.20 -23.00 -36.45
N THR J 89 -22.28 -22.98 -37.22
CA THR J 89 -22.32 -23.59 -38.55
C THR J 89 -22.88 -22.60 -39.54
N GLY J 90 -22.67 -22.89 -40.82
CA GLY J 90 -23.06 -21.99 -41.89
C GLY J 90 -22.03 -21.91 -42.99
N LYS J 91 -22.31 -21.17 -44.05
CA LYS J 91 -21.39 -21.11 -45.18
C LYS J 91 -20.04 -20.54 -44.78
N ILE J 92 -20.03 -19.53 -43.90
CA ILE J 92 -18.77 -18.94 -43.46
C ILE J 92 -18.05 -19.86 -42.48
N ALA J 93 -18.79 -20.40 -41.51
CA ALA J 93 -18.16 -21.21 -40.47
C ALA J 93 -17.70 -22.56 -41.01
N ASP J 94 -18.36 -23.08 -42.04
CA ASP J 94 -17.99 -24.39 -42.58
C ASP J 94 -16.97 -24.31 -43.70
N TYR J 95 -17.07 -23.29 -44.56
CA TYR J 95 -16.27 -23.23 -45.78
C TYR J 95 -15.26 -22.08 -45.82
N ASN J 96 -15.24 -21.21 -44.82
CA ASN J 96 -14.38 -20.03 -44.91
C ASN J 96 -13.51 -19.83 -43.67
N TYR J 97 -14.12 -19.71 -42.50
CA TYR J 97 -13.38 -19.46 -41.27
C TYR J 97 -14.06 -20.21 -40.14
N LYS J 98 -13.33 -21.14 -39.51
CA LYS J 98 -13.88 -22.00 -38.46
C LYS J 98 -13.05 -21.86 -37.20
N LEU J 99 -13.72 -21.59 -36.08
CA LEU J 99 -13.12 -21.58 -34.75
C LEU J 99 -13.40 -22.90 -34.04
N PRO J 100 -12.45 -23.40 -33.27
CA PRO J 100 -12.66 -24.69 -32.58
C PRO J 100 -13.71 -24.56 -31.48
N ASP J 101 -14.19 -25.71 -31.03
CA ASP J 101 -15.20 -25.73 -29.98
C ASP J 101 -14.65 -25.26 -28.64
N ASP J 102 -13.35 -25.45 -28.40
CA ASP J 102 -12.67 -24.97 -27.20
C ASP J 102 -11.82 -23.74 -27.51
N PHE J 103 -12.29 -22.88 -28.40
CA PHE J 103 -11.56 -21.67 -28.75
C PHE J 103 -11.42 -20.77 -27.54
N THR J 104 -10.20 -20.25 -27.33
CA THR J 104 -9.90 -19.37 -26.22
C THR J 104 -9.40 -18.04 -26.79
N GLY J 105 -10.24 -17.02 -26.71
CA GLY J 105 -9.88 -15.72 -27.25
C GLY J 105 -11.11 -14.84 -27.38
N CYS J 106 -10.97 -13.80 -28.20
CA CYS J 106 -12.02 -12.80 -28.39
C CYS J 106 -12.24 -12.56 -29.88
N VAL J 107 -13.50 -12.33 -30.25
CA VAL J 107 -13.87 -11.97 -31.62
C VAL J 107 -14.44 -10.56 -31.58
N ILE J 108 -13.86 -9.68 -32.39
CA ILE J 108 -14.23 -8.26 -32.42
C ILE J 108 -14.60 -7.89 -33.84
N ALA J 109 -15.71 -7.16 -34.00
CA ALA J 109 -16.19 -6.75 -35.30
C ALA J 109 -16.81 -5.36 -35.22
N TRP J 110 -16.71 -4.62 -36.33
CA TRP J 110 -17.30 -3.30 -36.41
C TRP J 110 -17.77 -3.05 -37.84
N ASN J 111 -18.76 -2.18 -37.99
CA ASN J 111 -19.31 -1.87 -39.30
C ASN J 111 -18.30 -1.09 -40.13
N SER J 112 -18.07 -1.55 -41.36
CA SER J 112 -17.12 -0.94 -42.27
C SER J 112 -17.78 -0.55 -43.59
N ASN J 113 -19.03 -0.09 -43.51
CA ASN J 113 -19.75 0.31 -44.72
C ASN J 113 -19.07 1.50 -45.40
N ASN J 114 -18.49 2.42 -44.61
CA ASN J 114 -17.82 3.58 -45.20
C ASN J 114 -16.52 3.20 -45.89
N LEU J 115 -15.89 2.10 -45.48
CA LEU J 115 -14.60 1.70 -46.00
C LEU J 115 -14.67 0.65 -47.10
N ASP J 116 -15.65 -0.26 -47.05
CA ASP J 116 -15.64 -1.43 -47.92
C ASP J 116 -16.83 -1.47 -48.89
N SER J 117 -17.64 -0.43 -48.98
CA SER J 117 -18.78 -0.41 -49.90
C SER J 117 -18.58 0.65 -50.97
N LYS J 118 -19.03 0.33 -52.19
CA LYS J 118 -18.86 1.19 -53.34
C LYS J 118 -20.21 1.55 -53.94
N VAL J 119 -20.26 2.70 -54.61
CA VAL J 119 -21.46 3.11 -55.30
C VAL J 119 -21.87 2.07 -56.33
N GLY J 120 -20.93 1.69 -57.20
CA GLY J 120 -21.15 0.63 -58.17
C GLY J 120 -21.06 -0.77 -57.60
N GLY J 121 -20.94 -0.89 -56.29
CA GLY J 121 -20.82 -2.19 -55.66
C GLY J 121 -19.39 -2.68 -55.56
N ASN J 122 -18.99 -3.12 -54.37
CA ASN J 122 -17.65 -3.67 -54.15
C ASN J 122 -17.72 -5.18 -54.30
N TYR J 123 -17.21 -5.69 -55.42
CA TYR J 123 -17.18 -7.12 -55.68
C TYR J 123 -15.79 -7.71 -55.45
N ASN J 124 -14.91 -6.99 -54.76
CA ASN J 124 -13.57 -7.49 -54.49
C ASN J 124 -13.52 -8.43 -53.30
N TYR J 125 -14.49 -8.33 -52.38
CA TYR J 125 -14.56 -9.24 -51.23
C TYR J 125 -15.31 -10.50 -51.64
N ARG J 126 -14.67 -11.65 -51.44
CA ARG J 126 -15.21 -12.93 -51.85
C ARG J 126 -15.39 -13.83 -50.63
N TYR J 127 -16.16 -14.91 -50.83
CA TYR J 127 -16.32 -15.95 -49.83
C TYR J 127 -16.50 -17.28 -50.54
N ARG J 128 -16.04 -18.34 -49.90
CA ARG J 128 -16.15 -19.68 -50.49
C ARG J 128 -17.57 -20.18 -50.36
N LEU J 129 -18.21 -20.45 -51.50
CA LEU J 129 -19.60 -20.89 -51.55
C LEU J 129 -19.74 -22.40 -51.67
N PHE J 130 -18.85 -23.07 -52.40
CA PHE J 130 -18.91 -24.51 -52.61
C PHE J 130 -17.65 -25.17 -52.09
N ARG J 131 -17.84 -26.19 -51.24
CA ARG J 131 -16.73 -27.01 -50.77
C ARG J 131 -17.29 -28.36 -50.34
N LYS J 132 -16.56 -29.43 -50.65
CA LYS J 132 -17.08 -30.77 -50.42
C LYS J 132 -17.19 -31.08 -48.93
N SER J 133 -16.16 -30.76 -48.17
CA SER J 133 -16.13 -31.02 -46.73
C SER J 133 -15.88 -29.72 -45.97
N ASN J 134 -16.20 -29.76 -44.68
CA ASN J 134 -16.07 -28.58 -43.83
C ASN J 134 -14.61 -28.33 -43.49
N LEU J 135 -14.29 -27.06 -43.24
CA LEU J 135 -12.95 -26.70 -42.81
C LEU J 135 -12.72 -27.16 -41.37
N LYS J 136 -11.51 -27.61 -41.10
CA LYS J 136 -11.08 -27.87 -39.73
C LYS J 136 -10.80 -26.54 -39.05
N PRO J 137 -10.74 -26.52 -37.71
CA PRO J 137 -10.50 -25.25 -37.00
C PRO J 137 -9.23 -24.56 -37.48
N PHE J 138 -9.36 -23.26 -37.76
CA PHE J 138 -8.25 -22.42 -38.21
C PHE J 138 -7.72 -22.83 -39.59
N GLU J 139 -8.57 -23.41 -40.43
CA GLU J 139 -8.17 -23.79 -41.78
C GLU J 139 -8.40 -22.65 -42.75
N ARG J 140 -7.46 -22.47 -43.69
CA ARG J 140 -7.52 -21.43 -44.70
CA ARG J 140 -7.52 -21.43 -44.70
C ARG J 140 -7.42 -22.07 -46.07
N ASP J 141 -8.52 -22.04 -46.82
CA ASP J 141 -8.59 -22.62 -48.16
C ASP J 141 -8.66 -21.47 -49.17
N ILE J 142 -7.62 -21.35 -49.98
CA ILE J 142 -7.55 -20.32 -51.02
C ILE J 142 -7.60 -20.95 -52.41
N SER J 143 -8.07 -22.20 -52.51
CA SER J 143 -8.15 -22.86 -53.80
C SER J 143 -9.22 -22.23 -54.67
N THR J 144 -8.96 -22.19 -55.97
CA THR J 144 -9.90 -21.71 -56.97
C THR J 144 -10.24 -22.79 -57.97
N GLU J 145 -10.16 -24.05 -57.55
CA GLU J 145 -10.46 -25.16 -58.44
C GLU J 145 -11.96 -25.25 -58.69
N ILE J 146 -12.33 -25.58 -59.93
CA ILE J 146 -13.73 -25.66 -60.29
C ILE J 146 -14.41 -26.75 -59.49
N TYR J 147 -15.52 -26.41 -58.85
CA TYR J 147 -16.22 -27.35 -57.98
C TYR J 147 -17.09 -28.28 -58.81
N GLN J 148 -16.99 -29.58 -58.53
CA GLN J 148 -17.74 -30.60 -59.25
C GLN J 148 -19.00 -30.92 -58.46
N ALA J 149 -20.15 -30.50 -58.98
CA ALA J 149 -21.44 -30.72 -58.34
C ALA J 149 -22.20 -31.92 -58.90
N GLY J 150 -21.61 -32.62 -59.86
CA GLY J 150 -22.26 -33.79 -60.44
C GLY J 150 -21.31 -34.95 -60.63
N SER J 151 -21.71 -35.90 -61.49
CA SER J 151 -20.87 -37.06 -61.75
C SER J 151 -19.86 -36.84 -62.86
N LYS J 152 -20.04 -35.80 -63.67
CA LYS J 152 -19.11 -35.52 -64.77
C LYS J 152 -17.97 -34.65 -64.28
N PRO J 153 -16.71 -35.00 -64.55
CA PRO J 153 -15.60 -34.13 -64.15
C PRO J 153 -15.63 -32.80 -64.89
N CYS J 154 -15.11 -31.78 -64.24
CA CYS J 154 -15.14 -30.43 -64.78
C CYS J 154 -13.90 -30.09 -65.60
N ASN J 155 -12.74 -30.63 -65.21
CA ASN J 155 -11.48 -30.41 -65.93
C ASN J 155 -11.17 -28.92 -66.06
N GLY J 156 -11.40 -28.17 -64.99
CA GLY J 156 -11.08 -26.76 -64.97
C GLY J 156 -11.96 -25.88 -65.83
N VAL J 157 -13.09 -26.40 -66.32
CA VAL J 157 -14.00 -25.65 -67.19
C VAL J 157 -15.32 -25.48 -66.45
N GLU J 158 -15.78 -24.23 -66.36
CA GLU J 158 -17.07 -23.95 -65.73
C GLU J 158 -18.21 -24.39 -66.64
N GLY J 159 -19.33 -24.75 -66.00
CA GLY J 159 -20.50 -25.19 -66.75
C GLY J 159 -21.56 -25.72 -65.83
N PHE J 160 -22.39 -26.63 -66.37
CA PHE J 160 -23.42 -27.26 -65.57
C PHE J 160 -22.78 -28.21 -64.56
N ASN J 161 -23.19 -28.08 -63.29
CA ASN J 161 -22.60 -28.81 -62.16
C ASN J 161 -21.11 -28.54 -62.02
N CYS J 162 -20.63 -27.42 -62.57
CA CYS J 162 -19.22 -27.03 -62.49
C CYS J 162 -19.17 -25.55 -62.17
N TYR J 163 -18.99 -25.23 -60.89
CA TYR J 163 -19.12 -23.87 -60.38
C TYR J 163 -17.78 -23.34 -59.88
N PHE J 164 -17.55 -22.07 -60.10
CA PHE J 164 -16.43 -21.39 -59.45
C PHE J 164 -16.68 -21.34 -57.95
N PRO J 165 -15.75 -21.82 -57.11
CA PRO J 165 -16.05 -21.96 -55.68
C PRO J 165 -16.16 -20.65 -54.92
N LEU J 166 -15.75 -19.54 -55.50
CA LEU J 166 -15.79 -18.24 -54.82
C LEU J 166 -16.98 -17.42 -55.32
N GLN J 167 -17.54 -16.62 -54.42
CA GLN J 167 -18.66 -15.76 -54.73
C GLN J 167 -18.41 -14.38 -54.13
N SER J 168 -18.75 -13.35 -54.91
CA SER J 168 -18.55 -11.97 -54.46
C SER J 168 -19.69 -11.54 -53.53
N TYR J 169 -19.39 -10.55 -52.70
CA TYR J 169 -20.38 -9.97 -51.80
C TYR J 169 -21.19 -8.86 -52.47
N GLY J 170 -20.52 -7.95 -53.16
CA GLY J 170 -21.20 -6.82 -53.76
C GLY J 170 -21.73 -5.85 -52.73
N PHE J 171 -20.83 -5.10 -52.09
CA PHE J 171 -21.19 -4.19 -51.01
C PHE J 171 -21.57 -2.83 -51.58
N GLN J 172 -22.78 -2.37 -51.26
CA GLN J 172 -23.27 -1.05 -51.61
C GLN J 172 -23.72 -0.34 -50.35
N PRO J 173 -23.37 0.95 -50.21
CA PRO J 173 -23.59 1.63 -48.91
C PRO J 173 -25.05 1.76 -48.51
N THR J 174 -25.99 1.60 -49.44
CA THR J 174 -27.40 1.75 -49.14
C THR J 174 -28.07 0.46 -48.70
N ASN J 175 -27.36 -0.66 -48.71
CA ASN J 175 -27.92 -1.93 -48.29
C ASN J 175 -28.27 -1.90 -46.80
N GLY J 176 -29.15 -2.81 -46.41
CA GLY J 176 -29.43 -3.02 -45.00
C GLY J 176 -28.19 -3.47 -44.23
N VAL J 177 -28.25 -3.27 -42.91
CA VAL J 177 -27.09 -3.59 -42.07
C VAL J 177 -26.73 -5.06 -42.15
N GLY J 178 -27.68 -5.93 -42.50
CA GLY J 178 -27.36 -7.34 -42.69
C GLY J 178 -26.51 -7.60 -43.92
N TYR J 179 -26.61 -6.73 -44.92
CA TYR J 179 -25.85 -6.88 -46.16
C TYR J 179 -24.61 -5.99 -46.21
N GLN J 180 -24.38 -5.18 -45.19
CA GLN J 180 -23.25 -4.26 -45.19
C GLN J 180 -21.97 -5.00 -44.78
N PRO J 181 -20.81 -4.49 -45.19
CA PRO J 181 -19.55 -5.17 -44.83
C PRO J 181 -19.16 -4.90 -43.40
N TYR J 182 -18.63 -5.93 -42.74
CA TYR J 182 -18.16 -5.85 -41.37
C TYR J 182 -16.75 -6.43 -41.30
N ARG J 183 -15.81 -5.64 -40.77
CA ARG J 183 -14.45 -6.11 -40.55
C ARG J 183 -14.37 -6.82 -39.20
N VAL J 184 -13.79 -8.02 -39.21
CA VAL J 184 -13.72 -8.86 -38.02
C VAL J 184 -12.26 -9.08 -37.66
N VAL J 185 -11.96 -9.06 -36.37
CA VAL J 185 -10.63 -9.39 -35.85
C VAL J 185 -10.81 -10.45 -34.77
N VAL J 186 -10.14 -11.58 -34.94
CA VAL J 186 -10.23 -12.70 -34.00
C VAL J 186 -8.87 -12.85 -33.34
N LEU J 187 -8.82 -12.62 -32.03
CA LEU J 187 -7.60 -12.75 -31.25
C LEU J 187 -7.58 -14.13 -30.60
N SER J 188 -6.58 -14.94 -30.98
CA SER J 188 -6.40 -16.26 -30.39
C SER J 188 -5.23 -16.23 -29.43
N PHE J 189 -5.40 -16.88 -28.28
CA PHE J 189 -4.41 -16.88 -27.21
C PHE J 189 -3.95 -18.31 -26.98
N GLU J 190 -2.78 -18.65 -27.53
CA GLU J 190 -2.23 -19.99 -27.46
C GLU J 190 -1.31 -20.12 -26.26
N LEU J 191 -1.47 -21.19 -25.50
CA LEU J 191 -0.70 -21.46 -24.29
C LEU J 191 -0.05 -22.83 -24.42
N LEU J 192 1.19 -22.85 -24.91
CA LEU J 192 1.97 -24.08 -24.98
C LEU J 192 2.77 -24.26 -23.69
N HIS J 193 3.52 -25.36 -23.59
CA HIS J 193 4.43 -25.57 -22.48
C HIS J 193 5.81 -24.98 -22.73
N ALA J 194 5.87 -23.86 -23.45
CA ALA J 194 7.10 -23.20 -23.84
C ALA J 194 7.17 -21.83 -23.18
N PRO J 195 8.36 -21.24 -23.09
CA PRO J 195 8.46 -19.92 -22.45
C PRO J 195 7.62 -18.88 -23.18
N ALA J 196 6.76 -18.20 -22.42
CA ALA J 196 5.85 -17.22 -22.99
C ALA J 196 6.62 -15.98 -23.44
N THR J 197 6.10 -15.34 -24.49
CA THR J 197 6.72 -14.15 -25.05
C THR J 197 5.79 -12.94 -25.11
N VAL J 198 4.49 -13.12 -24.89
CA VAL J 198 3.52 -12.04 -24.95
C VAL J 198 2.84 -11.93 -23.60
N CYS J 199 3.17 -10.90 -22.84
CA CYS J 199 2.52 -10.61 -21.56
C CYS J 199 1.83 -9.26 -21.64
N GLY J 200 0.64 -9.18 -21.04
CA GLY J 200 -0.11 -7.93 -21.07
C GLY J 200 0.42 -6.92 -20.06
N LYS J 201 0.35 -5.65 -20.46
CA LYS J 201 0.78 -4.54 -19.60
C LYS J 201 0.30 -3.21 -20.16
N ASP K 1 -18.44 13.38 -67.13
CA ASP K 1 -19.82 12.93 -67.29
C ASP K 1 -20.69 13.48 -66.17
N ILE K 2 -20.07 13.69 -65.01
CA ILE K 2 -20.69 14.40 -63.90
C ILE K 2 -19.99 15.75 -63.80
N GLN K 3 -20.72 16.83 -64.07
CA GLN K 3 -20.16 18.16 -64.12
C GLN K 3 -20.18 18.80 -62.74
N LEU K 4 -19.06 19.41 -62.35
CA LEU K 4 -18.94 20.15 -61.11
C LEU K 4 -18.77 21.64 -61.42
N THR K 5 -19.64 22.46 -60.85
CA THR K 5 -19.63 23.91 -61.07
C THR K 5 -19.43 24.61 -59.73
N GLN K 6 -18.33 25.35 -59.63
CA GLN K 6 -18.02 26.10 -58.41
C GLN K 6 -18.44 27.56 -58.57
N SER K 7 -18.84 28.17 -57.45
CA SER K 7 -19.21 29.57 -57.42
C SER K 7 -18.75 30.18 -56.11
N PRO K 8 -18.08 31.33 -56.15
CA PRO K 8 -17.64 32.05 -57.35
C PRO K 8 -16.39 31.43 -57.99
N SER K 9 -16.00 31.87 -59.17
CA SER K 9 -14.74 31.44 -59.77
C SER K 9 -13.55 32.22 -59.23
N SER K 10 -13.80 33.37 -58.63
CA SER K 10 -12.78 34.22 -58.03
C SER K 10 -13.37 34.87 -56.80
N LEU K 11 -12.57 35.02 -55.76
CA LEU K 11 -13.04 35.58 -54.51
C LEU K 11 -11.99 36.50 -53.92
N SER K 12 -12.45 37.55 -53.25
CA SER K 12 -11.60 38.54 -52.62
C SER K 12 -12.06 38.75 -51.18
N ALA K 13 -11.21 38.39 -50.22
CA ALA K 13 -11.54 38.53 -48.81
C ALA K 13 -10.29 38.93 -48.05
N SER K 14 -10.49 39.56 -46.89
CA SER K 14 -9.39 40.01 -46.06
C SER K 14 -9.12 38.99 -44.95
N VAL K 15 -7.97 39.17 -44.29
CA VAL K 15 -7.64 38.32 -43.16
C VAL K 15 -8.70 38.50 -42.07
N ARG K 16 -9.09 37.38 -41.45
CA ARG K 16 -10.11 37.23 -40.40
C ARG K 16 -11.51 37.08 -40.98
N ASP K 17 -11.70 37.22 -42.29
CA ASP K 17 -13.03 37.09 -42.88
C ASP K 17 -13.44 35.63 -42.99
N ARG K 18 -14.74 35.42 -43.09
CA ARG K 18 -15.31 34.09 -43.33
C ARG K 18 -15.52 33.90 -44.82
N VAL K 19 -14.85 32.89 -45.38
CA VAL K 19 -14.91 32.60 -46.81
C VAL K 19 -15.74 31.34 -47.00
N THR K 20 -16.69 31.40 -47.93
CA THR K 20 -17.53 30.25 -48.25
C THR K 20 -17.54 30.05 -49.75
N ILE K 21 -17.15 28.86 -50.21
CA ILE K 21 -17.11 28.51 -51.61
C ILE K 21 -18.16 27.44 -51.87
N THR K 22 -18.87 27.57 -52.98
CA THR K 22 -19.96 26.67 -53.34
C THR K 22 -19.52 25.75 -54.47
N CYS K 23 -19.95 24.49 -54.42
CA CYS K 23 -19.67 23.50 -55.45
C CYS K 23 -20.93 22.68 -55.69
N ARG K 24 -21.43 22.70 -56.92
CA ARG K 24 -22.68 22.04 -57.27
C ARG K 24 -22.40 20.94 -58.30
N ALA K 25 -22.91 19.75 -58.02
CA ALA K 25 -22.76 18.61 -58.92
C ALA K 25 -23.97 18.51 -59.84
N SER K 26 -23.71 18.07 -61.08
CA SER K 26 -24.79 17.93 -62.05
C SER K 26 -25.78 16.84 -61.67
N GLN K 27 -25.39 15.91 -60.80
CA GLN K 27 -26.29 14.89 -60.31
C GLN K 27 -25.84 14.47 -58.91
N SER K 28 -26.74 13.82 -58.19
CA SER K 28 -26.47 13.42 -56.81
C SER K 28 -25.22 12.55 -56.72
N ILE K 29 -24.33 12.91 -55.78
CA ILE K 29 -23.08 12.18 -55.59
C ILE K 29 -22.93 11.76 -54.12
N ASP K 30 -24.01 11.85 -53.35
CA ASP K 30 -24.03 11.47 -51.93
C ASP K 30 -22.99 12.33 -51.20
N THR K 31 -22.05 11.74 -50.45
CA THR K 31 -21.01 12.48 -49.75
C THR K 31 -19.66 12.33 -50.41
N TYR K 32 -19.63 11.87 -51.67
CA TYR K 32 -18.40 11.53 -52.37
C TYR K 32 -17.89 12.81 -53.04
N LEU K 33 -17.31 13.69 -52.23
CA LEU K 33 -16.78 14.96 -52.72
C LEU K 33 -15.59 15.36 -51.87
N ASN K 34 -14.51 15.76 -52.53
CA ASN K 34 -13.29 16.18 -51.85
C ASN K 34 -12.98 17.63 -52.21
N TRP K 35 -12.26 18.29 -51.30
CA TRP K 35 -11.81 19.67 -51.49
C TRP K 35 -10.30 19.70 -51.47
N TYR K 36 -9.71 20.48 -52.38
CA TYR K 36 -8.27 20.58 -52.51
C TYR K 36 -7.83 22.03 -52.54
N GLN K 37 -6.67 22.28 -51.94
CA GLN K 37 -6.04 23.59 -51.98
C GLN K 37 -4.77 23.47 -52.80
N GLN K 38 -4.61 24.35 -53.79
CA GLN K 38 -3.43 24.33 -54.66
C GLN K 38 -2.85 25.73 -54.74
N LYS K 39 -1.65 25.91 -54.21
CA LYS K 39 -0.92 27.13 -54.50
C LYS K 39 -0.17 26.98 -55.82
N PRO K 40 0.01 28.09 -56.55
CA PRO K 40 0.65 28.00 -57.87
C PRO K 40 2.06 27.45 -57.82
N GLY K 41 2.34 26.53 -58.74
CA GLY K 41 3.62 25.84 -58.77
C GLY K 41 3.78 24.76 -57.73
N LYS K 42 2.67 24.30 -57.15
CA LYS K 42 2.71 23.26 -56.13
C LYS K 42 1.63 22.24 -56.45
N ALA K 43 1.78 21.05 -55.87
CA ALA K 43 0.79 20.01 -56.06
C ALA K 43 -0.45 20.33 -55.24
N PRO K 44 -1.65 20.01 -55.71
CA PRO K 44 -2.85 20.19 -54.91
C PRO K 44 -2.80 19.38 -53.62
N ASN K 45 -3.14 20.03 -52.50
CA ASN K 45 -3.16 19.38 -51.19
C ASN K 45 -4.61 19.09 -50.80
N LEU K 46 -4.85 17.88 -50.32
CA LEU K 46 -6.19 17.50 -49.89
C LEU K 46 -6.56 18.23 -48.61
N LEU K 47 -7.76 18.82 -48.59
CA LEU K 47 -8.30 19.49 -47.42
C LEU K 47 -9.44 18.71 -46.78
N ILE K 48 -10.48 18.41 -47.55
CA ILE K 48 -11.65 17.70 -47.06
C ILE K 48 -11.85 16.45 -47.89
N TYR K 49 -12.16 15.35 -47.22
CA TYR K 49 -12.62 14.13 -47.87
C TYR K 49 -13.96 13.72 -47.29
N ALA K 50 -14.72 12.97 -48.08
CA ALA K 50 -16.07 12.55 -47.71
C ALA K 50 -16.92 13.76 -47.34
N ALA K 51 -16.82 14.81 -48.17
CA ALA K 51 -17.62 16.03 -48.07
C ALA K 51 -17.31 16.87 -46.84
N SER K 52 -17.17 16.24 -45.66
CA SER K 52 -17.09 16.98 -44.41
C SER K 52 -15.98 16.52 -43.48
N SER K 53 -15.17 15.54 -43.86
CA SER K 53 -14.13 15.02 -42.99
C SER K 53 -12.80 15.74 -43.24
N LEU K 54 -12.22 16.27 -42.18
CA LEU K 54 -10.97 17.01 -42.28
C LEU K 54 -9.80 16.08 -42.52
N GLN K 55 -8.92 16.50 -43.43
CA GLN K 55 -7.69 15.79 -43.71
C GLN K 55 -6.68 16.00 -42.57
N SER K 56 -5.84 14.99 -42.34
CA SER K 56 -4.85 15.03 -41.27
C SER K 56 -3.89 16.20 -41.47
N GLY K 57 -3.71 16.99 -40.41
CA GLY K 57 -2.80 18.12 -40.45
C GLY K 57 -3.36 19.38 -41.06
N VAL K 58 -4.59 19.36 -41.54
CA VAL K 58 -5.22 20.56 -42.09
C VAL K 58 -5.83 21.37 -40.95
N PRO K 59 -5.56 22.68 -40.88
CA PRO K 59 -6.12 23.48 -39.78
C PRO K 59 -7.64 23.40 -39.73
N SER K 60 -8.17 23.43 -38.50
CA SER K 60 -9.60 23.28 -38.30
C SER K 60 -10.41 24.45 -38.82
N ARG K 61 -9.77 25.56 -39.21
CA ARG K 61 -10.51 26.66 -39.81
C ARG K 61 -11.10 26.27 -41.16
N PHE K 62 -10.59 25.21 -41.77
CA PHE K 62 -11.20 24.65 -42.97
C PHE K 62 -12.26 23.63 -42.57
N SER K 63 -13.39 23.65 -43.26
CA SER K 63 -14.47 22.73 -42.96
C SER K 63 -15.40 22.64 -44.17
N GLY K 64 -15.92 21.44 -44.43
CA GLY K 64 -16.81 21.23 -45.54
C GLY K 64 -18.18 20.72 -45.08
N SER K 65 -19.21 20.91 -45.91
CA SER K 65 -20.55 20.50 -45.55
C SER K 65 -21.35 20.26 -46.81
N GLY K 66 -22.41 19.47 -46.68
CA GLY K 66 -23.33 19.20 -47.76
C GLY K 66 -23.33 17.74 -48.15
N SER K 67 -24.36 17.38 -48.92
CA SER K 67 -24.52 16.04 -49.46
C SER K 67 -25.50 16.11 -50.61
N GLY K 68 -25.38 15.17 -51.54
CA GLY K 68 -26.22 15.18 -52.71
C GLY K 68 -25.65 16.01 -53.85
N THR K 69 -26.15 17.23 -54.03
CA THR K 69 -25.72 18.07 -55.14
C THR K 69 -25.10 19.40 -54.73
N ASP K 70 -25.39 19.92 -53.55
CA ASP K 70 -24.91 21.23 -53.13
C ASP K 70 -23.93 21.07 -51.97
N PHE K 71 -22.74 21.64 -52.12
CA PHE K 71 -21.69 21.53 -51.13
C PHE K 71 -21.05 22.90 -50.90
N THR K 72 -20.42 23.06 -49.75
CA THR K 72 -19.77 24.32 -49.39
C THR K 72 -18.44 24.04 -48.70
N LEU K 73 -17.41 24.76 -49.11
CA LEU K 73 -16.15 24.81 -48.39
C LEU K 73 -16.06 26.13 -47.64
N THR K 74 -15.62 26.08 -46.39
CA THR K 74 -15.63 27.26 -45.54
C THR K 74 -14.28 27.46 -44.87
N ILE K 75 -13.74 28.67 -45.00
CA ILE K 75 -12.59 29.11 -44.22
C ILE K 75 -13.13 30.08 -43.17
N SER K 76 -13.18 29.61 -41.92
CA SER K 76 -13.82 30.38 -40.86
C SER K 76 -13.13 31.72 -40.63
N SER K 77 -11.80 31.74 -40.69
CA SER K 77 -11.04 32.97 -40.48
C SER K 77 -9.90 32.99 -41.49
N LEU K 78 -10.02 33.82 -42.52
CA LEU K 78 -9.04 33.84 -43.59
C LEU K 78 -7.67 34.27 -43.09
N GLN K 79 -6.63 33.60 -43.61
CA GLN K 79 -5.26 33.83 -43.25
C GLN K 79 -4.44 34.29 -44.45
N PRO K 80 -3.30 34.94 -44.22
CA PRO K 80 -2.47 35.37 -45.37
C PRO K 80 -1.97 34.22 -46.21
N GLU K 81 -1.67 33.06 -45.61
CA GLU K 81 -1.14 31.94 -46.37
C GLU K 81 -2.22 31.14 -47.08
N ASP K 82 -3.49 31.48 -46.90
CA ASP K 82 -4.58 30.71 -47.50
C ASP K 82 -4.93 31.17 -48.90
N PHE K 83 -4.14 32.05 -49.50
CA PHE K 83 -4.37 32.42 -50.89
C PHE K 83 -4.01 31.24 -51.79
N ALA K 84 -4.98 30.80 -52.59
CA ALA K 84 -4.79 29.69 -53.52
C ALA K 84 -6.03 29.46 -54.36
N THR K 85 -6.01 28.45 -55.23
CA THR K 85 -7.20 28.03 -55.96
C THR K 85 -7.73 26.77 -55.31
N TYR K 86 -9.04 26.73 -55.07
CA TYR K 86 -9.67 25.62 -54.36
C TYR K 86 -10.58 24.87 -55.33
N TYR K 87 -10.33 23.57 -55.45
CA TYR K 87 -11.08 22.70 -56.34
C TYR K 87 -11.92 21.71 -55.54
N CYS K 88 -13.12 21.44 -56.03
CA CYS K 88 -13.92 20.33 -55.55
C CYS K 88 -13.87 19.18 -56.53
N LEU K 89 -13.92 17.95 -56.01
CA LEU K 89 -13.65 16.76 -56.78
C LEU K 89 -14.63 15.66 -56.38
N GLN K 90 -15.46 15.22 -57.32
CA GLN K 90 -16.41 14.15 -57.04
C GLN K 90 -15.74 12.80 -57.21
N THR K 91 -16.00 11.89 -56.28
CA THR K 91 -15.53 10.51 -56.35
C THR K 91 -16.70 9.54 -56.34
N TYR K 92 -17.84 9.95 -56.91
CA TYR K 92 -19.02 9.10 -56.92
C TYR K 92 -18.98 8.10 -58.06
N SER K 93 -18.66 8.58 -59.27
CA SER K 93 -18.54 7.73 -60.44
C SER K 93 -17.27 8.12 -61.19
N TYR K 94 -16.88 7.27 -62.12
CA TYR K 94 -15.83 7.55 -63.08
C TYR K 94 -16.42 8.13 -64.36
N PRO K 95 -15.72 9.03 -65.04
CA PRO K 95 -14.36 9.52 -64.77
C PRO K 95 -14.30 10.54 -63.63
N VAL K 96 -13.15 10.60 -62.96
CA VAL K 96 -12.93 11.58 -61.89
C VAL K 96 -12.89 12.97 -62.51
N THR K 97 -13.83 13.83 -62.10
CA THR K 97 -13.95 15.16 -62.67
C THR K 97 -13.80 16.22 -61.60
N PHE K 98 -13.10 17.30 -61.95
CA PHE K 98 -12.85 18.43 -61.06
C PHE K 98 -13.80 19.58 -61.38
N GLY K 99 -13.93 20.49 -60.42
CA GLY K 99 -14.53 21.77 -60.69
C GLY K 99 -13.54 22.69 -61.38
N GLN K 100 -14.05 23.81 -61.91
CA GLN K 100 -13.16 24.75 -62.56
C GLN K 100 -12.26 25.48 -61.59
N GLY K 101 -12.61 25.47 -60.31
CA GLY K 101 -11.74 26.08 -59.31
C GLY K 101 -12.22 27.46 -58.90
N THR K 102 -11.89 27.83 -57.66
CA THR K 102 -12.20 29.14 -57.10
C THR K 102 -10.89 29.72 -56.59
N LYS K 103 -10.42 30.79 -57.24
CA LYS K 103 -9.17 31.43 -56.82
C LYS K 103 -9.48 32.38 -55.68
N VAL K 104 -9.02 32.04 -54.49
CA VAL K 104 -9.21 32.87 -53.30
C VAL K 104 -8.04 33.83 -53.20
N ASP K 105 -8.33 35.12 -53.14
CA ASP K 105 -7.32 36.15 -53.01
C ASP K 105 -7.57 36.99 -51.78
N ILE K 106 -6.48 37.50 -51.20
CA ILE K 106 -6.56 38.39 -50.05
C ILE K 106 -6.95 39.78 -50.55
N LYS K 107 -8.07 40.30 -50.04
CA LYS K 107 -8.67 41.52 -50.54
C LYS K 107 -7.77 42.74 -50.36
N ARG K 108 -7.62 43.54 -51.41
CA ARG K 108 -7.15 44.91 -51.26
C ARG K 108 -8.19 45.88 -51.80
N THR K 109 -7.91 47.16 -51.61
CA THR K 109 -8.70 48.23 -52.20
C THR K 109 -8.47 48.30 -53.71
N VAL K 110 -9.46 48.86 -54.42
CA VAL K 110 -9.41 48.92 -55.87
C VAL K 110 -8.27 49.83 -56.32
N ALA K 111 -7.45 49.34 -57.25
CA ALA K 111 -6.27 50.04 -57.74
C ALA K 111 -6.28 50.08 -59.26
N ALA K 112 -6.01 51.27 -59.84
CA ALA K 112 -6.01 51.49 -61.29
C ALA K 112 -4.65 51.14 -61.90
N PRO K 113 -4.62 50.59 -63.11
CA PRO K 113 -3.36 50.26 -63.76
C PRO K 113 -2.70 51.45 -64.45
N SER K 114 -1.37 51.37 -64.58
CA SER K 114 -0.58 52.31 -65.37
C SER K 114 -0.23 51.67 -66.70
N VAL K 115 -0.61 52.33 -67.80
CA VAL K 115 -0.55 51.77 -69.15
C VAL K 115 0.63 52.36 -69.92
N PHE K 116 1.46 51.48 -70.49
CA PHE K 116 2.57 51.88 -71.34
C PHE K 116 2.53 51.08 -72.64
N ILE K 117 2.96 51.71 -73.74
CA ILE K 117 2.98 51.09 -75.06
C ILE K 117 4.38 51.21 -75.64
N PHE K 118 4.81 50.18 -76.39
CA PHE K 118 6.15 50.11 -76.96
C PHE K 118 6.07 49.74 -78.44
N PRO K 119 6.66 50.54 -79.33
CA PRO K 119 6.70 50.17 -80.75
C PRO K 119 7.73 49.08 -81.02
N PRO K 120 7.65 48.40 -82.17
CA PRO K 120 8.70 47.45 -82.54
C PRO K 120 9.97 48.18 -82.93
N SER K 121 11.11 47.59 -82.56
CA SER K 121 12.40 48.20 -82.83
C SER K 121 12.75 48.11 -84.31
N ASP K 122 13.64 49.02 -84.74
CA ASP K 122 14.16 48.95 -86.10
C ASP K 122 14.91 47.63 -86.35
N GLU K 123 15.50 47.07 -85.29
CA GLU K 123 16.19 45.80 -85.41
C GLU K 123 15.24 44.67 -85.76
N GLN K 124 14.07 44.63 -85.11
CA GLN K 124 13.11 43.57 -85.41
C GLN K 124 12.46 43.78 -86.76
N LEU K 125 12.25 45.03 -87.16
CA LEU K 125 11.57 45.28 -88.44
C LEU K 125 12.39 44.74 -89.60
N LYS K 126 13.71 44.76 -89.49
CA LYS K 126 14.51 44.13 -90.54
C LYS K 126 14.42 42.61 -90.49
N SER K 127 13.90 42.04 -89.40
CA SER K 127 13.75 40.60 -89.30
C SER K 127 12.48 40.10 -89.98
N GLY K 128 11.57 41.00 -90.33
CA GLY K 128 10.39 40.67 -91.09
C GLY K 128 9.12 40.65 -90.28
N THR K 129 9.23 40.72 -88.96
CA THR K 129 8.10 40.69 -88.05
C THR K 129 8.11 41.96 -87.20
N ALA K 130 6.92 42.40 -86.81
CA ALA K 130 6.77 43.56 -85.95
C ALA K 130 5.91 43.17 -84.76
N SER K 131 6.41 43.46 -83.56
CA SER K 131 5.72 43.11 -82.33
C SER K 131 5.48 44.38 -81.53
N VAL K 132 4.21 44.70 -81.29
CA VAL K 132 3.81 45.83 -80.46
C VAL K 132 3.38 45.29 -79.11
N VAL K 133 3.88 45.90 -78.04
CA VAL K 133 3.67 45.42 -76.68
C VAL K 133 2.91 46.47 -75.89
N CYS K 134 1.96 46.02 -75.07
CA CYS K 134 1.20 46.89 -74.17
C CYS K 134 1.38 46.40 -72.74
N LEU K 135 1.50 47.33 -71.80
CA LEU K 135 1.78 47.01 -70.41
C LEU K 135 0.70 47.58 -69.51
N LEU K 136 0.21 46.76 -68.60
CA LEU K 136 -0.70 47.17 -67.53
C LEU K 136 0.00 46.94 -66.21
N ASN K 137 0.23 48.01 -65.45
CA ASN K 137 1.09 47.96 -64.28
C ASN K 137 0.28 48.18 -63.00
N ASN K 138 0.30 47.18 -62.11
CA ASN K 138 -0.19 47.30 -60.74
C ASN K 138 -1.66 47.72 -60.68
N PHE K 139 -2.57 46.77 -60.87
CA PHE K 139 -3.99 47.02 -60.79
C PHE K 139 -4.67 45.95 -59.96
N TYR K 140 -5.89 46.27 -59.50
CA TYR K 140 -6.72 45.31 -58.79
C TYR K 140 -8.18 45.70 -58.97
N PRO K 141 -9.08 44.74 -59.24
CA PRO K 141 -8.86 43.28 -59.27
C PRO K 141 -8.21 42.78 -60.56
N ARG K 142 -8.13 41.45 -60.72
CA ARG K 142 -7.43 40.88 -61.87
C ARG K 142 -8.20 41.08 -63.17
N GLU K 143 -9.53 41.10 -63.10
CA GLU K 143 -10.35 41.22 -64.31
C GLU K 143 -10.04 42.52 -65.05
N ALA K 144 -9.41 42.40 -66.21
CA ALA K 144 -9.03 43.55 -67.02
C ALA K 144 -9.00 43.14 -68.48
N LYS K 145 -9.50 44.02 -69.34
CA LYS K 145 -9.60 43.77 -70.78
C LYS K 145 -8.62 44.65 -71.54
N VAL K 146 -7.87 44.05 -72.46
CA VAL K 146 -6.92 44.76 -73.31
C VAL K 146 -7.38 44.63 -74.75
N GLN K 147 -7.62 45.76 -75.41
CA GLN K 147 -8.13 45.79 -76.77
C GLN K 147 -7.08 46.41 -77.68
N TRP K 148 -6.67 45.67 -78.71
CA TRP K 148 -5.69 46.15 -79.67
C TRP K 148 -6.39 46.84 -80.84
N LYS K 149 -5.92 48.04 -81.16
CA LYS K 149 -6.46 48.84 -82.26
C LYS K 149 -5.32 49.20 -83.21
N VAL K 150 -5.43 48.77 -84.46
CA VAL K 150 -4.47 49.11 -85.50
C VAL K 150 -5.20 49.99 -86.50
N ASP K 151 -4.86 51.28 -86.51
CA ASP K 151 -5.61 52.28 -87.25
C ASP K 151 -7.10 52.20 -86.89
N ASN K 152 -7.35 52.10 -85.58
CA ASN K 152 -8.69 52.02 -84.98
C ASN K 152 -9.44 50.74 -85.35
N ALA K 153 -8.73 49.72 -85.84
CA ALA K 153 -9.35 48.44 -86.17
C ALA K 153 -9.02 47.43 -85.07
N LEU K 154 -10.07 46.86 -84.47
CA LEU K 154 -9.90 45.92 -83.37
C LEU K 154 -9.28 44.62 -83.88
N GLN K 155 -8.14 44.24 -83.30
CA GLN K 155 -7.38 43.06 -83.70
C GLN K 155 -7.70 41.87 -82.81
N SER K 156 -8.32 40.84 -83.41
CA SER K 156 -8.51 39.55 -82.76
C SER K 156 -7.81 38.45 -83.54
N GLY K 157 -7.31 37.46 -82.80
CA GLY K 157 -6.62 36.32 -83.39
C GLY K 157 -5.19 36.56 -83.84
N ASN K 158 -4.54 37.61 -83.34
CA ASN K 158 -3.14 37.83 -83.68
C ASN K 158 -2.39 38.44 -82.49
N SER K 159 -2.98 38.40 -81.30
CA SER K 159 -2.35 38.88 -80.09
C SER K 159 -2.55 37.87 -78.97
N GLN K 160 -1.64 37.90 -78.00
CA GLN K 160 -1.69 37.00 -76.87
C GLN K 160 -1.44 37.78 -75.58
N GLU K 161 -2.09 37.36 -74.50
CA GLU K 161 -1.98 38.02 -73.21
C GLU K 161 -1.21 37.16 -72.23
N SER K 162 -0.70 37.81 -71.19
CA SER K 162 -0.02 37.14 -70.09
C SER K 162 -0.20 37.97 -68.83
N VAL K 163 -0.59 37.32 -67.74
CA VAL K 163 -0.88 37.99 -66.49
C VAL K 163 0.08 37.47 -65.43
N THR K 164 0.64 38.38 -64.64
CA THR K 164 1.52 38.00 -63.56
C THR K 164 0.70 37.44 -62.40
N GLU K 165 1.39 36.76 -61.49
CA GLU K 165 0.74 36.42 -60.24
C GLU K 165 0.56 37.69 -59.42
N GLN K 166 -0.44 37.68 -58.55
CA GLN K 166 -0.73 38.85 -57.74
C GLN K 166 0.46 39.19 -56.84
N ASP K 167 0.83 40.46 -56.80
CA ASP K 167 1.99 40.87 -56.02
C ASP K 167 1.74 40.62 -54.54
N SER K 168 2.77 40.13 -53.85
CA SER K 168 2.65 39.82 -52.43
C SER K 168 2.64 41.05 -51.54
N LYS K 169 2.96 42.23 -52.07
CA LYS K 169 3.02 43.44 -51.25
C LYS K 169 1.74 44.27 -51.39
N ASP K 170 1.60 44.97 -52.50
CA ASP K 170 0.43 45.83 -52.72
C ASP K 170 -0.77 45.07 -53.25
N SER K 171 -0.67 43.75 -53.42
CA SER K 171 -1.80 42.89 -53.81
C SER K 171 -2.38 43.27 -55.17
N THR K 172 -1.53 43.72 -56.09
CA THR K 172 -1.97 44.09 -57.43
C THR K 172 -1.52 43.06 -58.47
N TYR K 173 -2.15 43.13 -59.64
CA TYR K 173 -1.80 42.30 -60.79
C TYR K 173 -1.09 43.13 -61.86
N SER K 174 -0.59 42.45 -62.88
CA SER K 174 0.05 43.09 -64.03
C SER K 174 -0.15 42.24 -65.27
N LEU K 175 -0.41 42.90 -66.41
CA LEU K 175 -0.74 42.21 -67.65
C LEU K 175 0.10 42.76 -68.80
N SER K 176 0.46 41.88 -69.74
CA SER K 176 1.20 42.25 -70.94
C SER K 176 0.58 41.59 -72.16
N SER K 177 0.24 42.40 -73.17
CA SER K 177 -0.33 41.92 -74.43
C SER K 177 0.60 42.24 -75.59
N THR K 178 0.80 41.25 -76.48
CA THR K 178 1.75 41.35 -77.59
C THR K 178 1.05 41.16 -78.92
N LEU K 179 1.04 42.21 -79.75
CA LEU K 179 0.49 42.18 -81.10
C LEU K 179 1.59 41.88 -82.12
N THR K 180 1.42 40.82 -82.92
CA THR K 180 2.41 40.35 -83.87
C THR K 180 1.94 40.55 -85.30
N LEU K 181 2.75 41.22 -86.11
CA LEU K 181 2.50 41.40 -87.55
C LEU K 181 3.81 41.27 -88.32
N SER K 182 3.68 40.90 -89.59
CA SER K 182 4.85 40.85 -90.47
C SER K 182 5.31 42.26 -90.82
N LYS K 183 6.53 42.35 -91.35
CA LYS K 183 7.06 43.66 -91.74
C LYS K 183 6.21 44.31 -92.82
N ALA K 184 5.80 43.52 -93.82
CA ALA K 184 4.93 44.04 -94.86
C ALA K 184 3.59 44.46 -94.28
N ASP K 185 3.05 43.68 -93.34
CA ASP K 185 1.80 44.04 -92.70
C ASP K 185 1.99 45.23 -91.75
N TYR K 186 3.20 45.45 -91.25
CA TYR K 186 3.45 46.53 -90.31
C TYR K 186 3.53 47.87 -91.03
N GLU K 187 4.28 47.94 -92.12
CA GLU K 187 4.45 49.17 -92.87
C GLU K 187 3.19 49.58 -93.62
N LYS K 188 2.13 48.77 -93.53
CA LYS K 188 0.84 49.12 -94.12
C LYS K 188 0.03 50.07 -93.24
N HIS K 189 0.33 50.14 -91.94
CA HIS K 189 -0.47 50.91 -91.00
C HIS K 189 0.42 51.92 -90.29
N LYS K 190 -0.22 52.83 -89.55
CA LYS K 190 0.50 53.89 -88.84
C LYS K 190 0.21 53.92 -87.35
N VAL K 191 -1.06 54.01 -86.95
CA VAL K 191 -1.42 54.18 -85.55
C VAL K 191 -1.58 52.81 -84.90
N TYR K 192 -0.91 52.61 -83.77
CA TYR K 192 -1.02 51.38 -83.00
C TYR K 192 -1.33 51.73 -81.55
N ALA K 193 -2.48 51.27 -81.07
CA ALA K 193 -2.94 51.62 -79.73
C ALA K 193 -3.43 50.37 -79.00
N CYS K 194 -3.49 50.49 -77.67
CA CYS K 194 -4.04 49.45 -76.81
C CYS K 194 -4.94 50.08 -75.76
N GLU K 195 -6.22 49.69 -75.77
CA GLU K 195 -7.20 50.23 -74.84
C GLU K 195 -7.34 49.32 -73.63
N VAL K 196 -7.44 49.93 -72.45
CA VAL K 196 -7.46 49.22 -71.18
C VAL K 196 -8.72 49.61 -70.41
N THR K 197 -9.51 48.60 -70.04
CA THR K 197 -10.70 48.79 -69.22
C THR K 197 -10.52 48.07 -67.89
N HIS K 198 -10.79 48.77 -66.79
CA HIS K 198 -10.57 48.21 -65.47
C HIS K 198 -11.52 48.87 -64.48
N GLN K 199 -11.80 48.15 -63.38
CA GLN K 199 -12.71 48.65 -62.36
C GLN K 199 -12.19 49.93 -61.71
N GLY K 200 -10.86 50.04 -61.56
CA GLY K 200 -10.29 51.23 -60.95
C GLY K 200 -10.11 52.39 -61.90
N LEU K 201 -10.67 52.28 -63.11
CA LEU K 201 -10.62 53.35 -64.10
C LEU K 201 -12.05 53.75 -64.40
N SER K 202 -12.36 55.03 -64.17
CA SER K 202 -13.69 55.53 -64.47
C SER K 202 -13.96 55.54 -65.97
N SER K 203 -12.92 55.42 -66.78
CA SER K 203 -13.05 55.32 -68.23
C SER K 203 -11.83 54.60 -68.78
N PRO K 204 -11.94 54.00 -69.97
CA PRO K 204 -10.80 53.29 -70.55
C PRO K 204 -9.63 54.22 -70.86
N VAL K 205 -8.43 53.75 -70.55
CA VAL K 205 -7.19 54.47 -70.83
C VAL K 205 -6.56 53.88 -72.08
N THR K 206 -6.06 54.75 -72.95
CA THR K 206 -5.51 54.34 -74.24
C THR K 206 -4.14 54.98 -74.45
N LYS K 207 -3.14 54.16 -74.72
CA LYS K 207 -1.80 54.61 -75.05
C LYS K 207 -1.47 54.20 -76.48
N SER K 208 -0.92 55.13 -77.27
CA SER K 208 -0.72 54.89 -78.69
C SER K 208 0.58 55.53 -79.14
N PHE K 209 0.94 55.25 -80.40
CA PHE K 209 2.10 55.85 -81.06
C PHE K 209 1.87 55.83 -82.56
N ASN K 210 2.64 56.64 -83.28
CA ASN K 210 2.61 56.64 -84.73
C ASN K 210 3.92 56.08 -85.28
N ARG K 211 3.80 55.20 -86.27
CA ARG K 211 4.98 54.58 -86.87
C ARG K 211 5.85 55.63 -87.56
N GLY K 212 7.10 55.73 -87.14
CA GLY K 212 8.04 56.62 -87.79
C GLY K 212 8.08 58.03 -87.25
N GLU K 213 7.84 58.22 -85.95
CA GLU K 213 7.91 59.55 -85.35
C GLU K 213 8.61 59.49 -84.00
N VAL L 2 8.51 8.88 -47.36
CA VAL L 2 7.45 8.53 -48.30
C VAL L 2 7.49 9.48 -49.51
N GLN L 3 7.59 8.91 -50.71
CA GLN L 3 7.86 9.70 -51.90
C GLN L 3 7.27 9.04 -53.13
N LEU L 4 6.98 9.86 -54.14
CA LEU L 4 6.61 9.40 -55.47
C LEU L 4 7.47 10.15 -56.48
N VAL L 5 8.26 9.42 -57.24
CA VAL L 5 9.25 10.00 -58.16
C VAL L 5 8.89 9.59 -59.58
N GLU L 6 8.59 10.57 -60.41
CA GLU L 6 8.27 10.33 -61.82
C GLU L 6 9.51 10.43 -62.68
N SER L 7 9.50 9.66 -63.77
CA SER L 7 10.53 9.76 -64.80
C SER L 7 9.91 9.39 -66.15
N GLY L 8 10.66 9.67 -67.22
CA GLY L 8 10.23 9.35 -68.56
C GLY L 8 9.76 10.53 -69.38
N GLY L 9 9.44 11.66 -68.74
CA GLY L 9 9.00 12.83 -69.46
C GLY L 9 10.13 13.51 -70.21
N GLY L 10 9.73 14.42 -71.09
CA GLY L 10 10.70 15.15 -71.89
C GLY L 10 10.05 15.69 -73.15
N LEU L 11 10.90 16.00 -74.13
CA LEU L 11 10.44 16.53 -75.41
C LEU L 11 10.13 15.36 -76.35
N VAL L 12 8.98 15.45 -77.01
CA VAL L 12 8.52 14.40 -77.92
C VAL L 12 7.72 15.06 -79.03
N GLN L 13 7.84 14.51 -80.24
CA GLN L 13 7.10 15.04 -81.37
C GLN L 13 5.67 14.50 -81.37
N PRO L 14 4.71 15.30 -81.81
CA PRO L 14 3.31 14.85 -81.81
C PRO L 14 3.11 13.63 -82.68
N GLY L 15 2.24 12.72 -82.22
CA GLY L 15 2.05 11.44 -82.86
C GLY L 15 2.95 10.34 -82.36
N ARG L 16 4.03 10.67 -81.65
CA ARG L 16 4.92 9.66 -81.09
C ARG L 16 4.40 9.21 -79.73
N SER L 17 5.15 8.32 -79.09
CA SER L 17 4.75 7.73 -77.82
C SER L 17 5.82 7.96 -76.76
N LEU L 18 5.36 8.01 -75.50
CA LEU L 18 6.24 8.06 -74.34
C LEU L 18 5.70 7.11 -73.28
N ARG L 19 6.58 6.61 -72.43
CA ARG L 19 6.21 5.76 -71.31
C ARG L 19 6.70 6.42 -70.03
N LEU L 20 5.75 6.82 -69.18
CA LEU L 20 6.07 7.44 -67.90
C LEU L 20 6.16 6.39 -66.81
N SER L 21 7.07 6.58 -65.87
CA SER L 21 7.27 5.68 -64.76
C SER L 21 7.14 6.44 -63.44
N CYS L 22 6.85 5.70 -62.38
CA CYS L 22 6.71 6.29 -61.05
C CYS L 22 7.20 5.28 -60.02
N VAL L 23 8.24 5.65 -59.27
CA VAL L 23 8.83 4.79 -58.25
C VAL L 23 8.31 5.24 -56.89
N ALA L 24 7.63 4.33 -56.20
CA ALA L 24 7.02 4.63 -54.91
C ALA L 24 7.85 4.05 -53.77
N SER L 25 7.93 4.79 -52.67
CA SER L 25 8.62 4.34 -51.48
C SER L 25 8.02 5.01 -50.26
N GLY L 26 8.25 4.40 -49.10
CA GLY L 26 7.79 4.96 -47.84
C GLY L 26 6.42 4.51 -47.40
N PHE L 27 5.70 3.75 -48.24
CA PHE L 27 4.41 3.19 -47.85
C PHE L 27 4.21 1.90 -48.62
N THR L 28 3.18 1.16 -48.22
CA THR L 28 2.82 -0.09 -48.90
C THR L 28 2.17 0.27 -50.23
N PHE L 29 2.95 0.20 -51.30
CA PHE L 29 2.44 0.56 -52.63
C PHE L 29 1.25 -0.30 -53.03
N GLU L 30 1.23 -1.56 -52.61
CA GLU L 30 0.10 -2.44 -52.91
C GLU L 30 -1.15 -2.10 -52.13
N ASP L 31 -1.05 -1.25 -51.11
CA ASP L 31 -2.19 -0.92 -50.25
C ASP L 31 -3.07 0.18 -50.81
N TYR L 32 -2.71 0.80 -51.94
CA TYR L 32 -3.41 1.99 -52.39
C TYR L 32 -3.55 2.00 -53.90
N ALA L 33 -4.70 2.52 -54.36
CA ALA L 33 -4.85 2.85 -55.77
C ALA L 33 -3.88 3.94 -56.17
N MET L 34 -3.56 3.99 -57.46
CA MET L 34 -2.64 4.96 -58.01
C MET L 34 -3.27 5.66 -59.20
N HIS L 35 -2.96 6.94 -59.35
CA HIS L 35 -3.58 7.77 -60.37
C HIS L 35 -2.53 8.65 -61.03
N TRP L 36 -2.86 9.12 -62.23
CA TRP L 36 -2.07 10.12 -62.94
C TRP L 36 -2.94 11.36 -63.12
N VAL L 37 -2.39 12.52 -62.74
CA VAL L 37 -3.05 13.80 -62.92
C VAL L 37 -2.06 14.74 -63.59
N ARG L 38 -2.52 15.45 -64.63
CA ARG L 38 -1.67 16.35 -65.39
C ARG L 38 -2.17 17.77 -65.24
N GLN L 39 -1.27 18.72 -65.47
CA GLN L 39 -1.57 20.14 -65.33
C GLN L 39 -0.81 20.91 -66.39
N VAL L 40 -1.54 21.50 -67.33
CA VAL L 40 -0.92 22.34 -68.36
C VAL L 40 -0.38 23.60 -67.70
N PRO L 41 0.80 24.09 -68.08
CA PRO L 41 1.35 25.30 -67.47
C PRO L 41 0.37 26.47 -67.51
N GLY L 42 0.11 27.05 -66.34
CA GLY L 42 -0.82 28.16 -66.22
C GLY L 42 -2.29 27.79 -66.21
N LYS L 43 -2.61 26.51 -66.15
CA LYS L 43 -4.00 26.05 -66.17
C LYS L 43 -4.29 25.22 -64.92
N GLY L 44 -5.49 24.64 -64.87
CA GLY L 44 -5.91 23.87 -63.73
C GLY L 44 -5.48 22.41 -63.82
N PRO L 45 -6.10 21.56 -63.01
CA PRO L 45 -5.74 20.14 -63.02
C PRO L 45 -6.70 19.29 -63.84
N GLU L 46 -6.19 18.19 -64.40
CA GLU L 46 -7.02 17.24 -65.13
C GLU L 46 -6.58 15.84 -64.74
N TRP L 47 -7.49 15.07 -64.15
CA TRP L 47 -7.20 13.68 -63.87
C TRP L 47 -7.10 12.90 -65.18
N VAL L 48 -6.10 12.01 -65.27
CA VAL L 48 -5.78 11.31 -66.51
C VAL L 48 -6.22 9.84 -66.46
N SER L 49 -5.74 9.09 -65.48
CA SER L 49 -5.98 7.66 -65.45
C SER L 49 -5.74 7.15 -64.03
N GLY L 50 -6.36 6.01 -63.73
CA GLY L 50 -6.22 5.40 -62.43
C GLY L 50 -6.38 3.89 -62.53
N ILE L 51 -5.90 3.21 -61.49
CA ILE L 51 -5.92 1.76 -61.43
C ILE L 51 -6.18 1.34 -59.98
N SER L 52 -6.99 0.29 -59.81
CA SER L 52 -7.33 -0.21 -58.49
C SER L 52 -6.09 -0.59 -57.71
N TRP L 53 -5.61 -1.81 -57.93
CA TRP L 53 -4.37 -2.29 -57.30
C TRP L 53 -4.03 -3.66 -57.87
N ASN L 54 -4.91 -4.64 -57.65
CA ASN L 54 -4.81 -5.95 -58.30
C ASN L 54 -5.28 -5.89 -59.76
N SER L 55 -5.21 -4.71 -60.38
CA SER L 55 -5.76 -4.45 -61.72
C SER L 55 -7.26 -4.74 -61.79
N GLY L 56 -7.95 -4.71 -60.65
CA GLY L 56 -9.37 -4.98 -60.61
C GLY L 56 -10.23 -3.90 -61.22
N SER L 57 -9.69 -2.70 -61.40
CA SER L 57 -10.45 -1.60 -61.98
C SER L 57 -9.47 -0.61 -62.59
N ILE L 58 -9.77 -0.18 -63.82
CA ILE L 58 -8.95 0.79 -64.55
C ILE L 58 -9.88 1.79 -65.21
N GLY L 59 -9.50 3.07 -65.18
CA GLY L 59 -10.29 4.10 -65.82
C GLY L 59 -9.40 5.12 -66.50
N TYR L 60 -9.98 5.79 -67.50
CA TYR L 60 -9.29 6.81 -68.27
C TYR L 60 -10.21 7.99 -68.48
N ALA L 61 -9.62 9.18 -68.53
CA ALA L 61 -10.34 10.34 -69.01
C ALA L 61 -10.72 10.15 -70.47
N ASP L 62 -11.86 10.69 -70.87
CA ASP L 62 -12.34 10.52 -72.24
C ASP L 62 -11.35 11.07 -73.26
N SER L 63 -10.64 12.15 -72.91
CA SER L 63 -9.69 12.75 -73.84
C SER L 63 -8.47 11.88 -74.11
N VAL L 64 -8.23 10.86 -73.29
CA VAL L 64 -7.06 10.01 -73.44
C VAL L 64 -7.41 8.53 -73.61
N LYS L 65 -8.69 8.17 -73.54
CA LYS L 65 -9.07 6.77 -73.62
C LYS L 65 -8.77 6.21 -75.01
N GLY L 66 -8.28 4.98 -75.05
CA GLY L 66 -7.87 4.33 -76.27
C GLY L 66 -6.43 4.63 -76.69
N ARG L 67 -5.83 5.67 -76.13
CA ARG L 67 -4.45 6.03 -76.43
C ARG L 67 -3.49 5.80 -75.27
N PHE L 68 -3.97 5.93 -74.03
CA PHE L 68 -3.14 5.73 -72.85
C PHE L 68 -3.45 4.38 -72.22
N THR L 69 -2.43 3.80 -71.58
CA THR L 69 -2.58 2.53 -70.87
C THR L 69 -1.84 2.63 -69.54
N ILE L 70 -2.58 2.54 -68.45
CA ILE L 70 -1.99 2.56 -67.11
C ILE L 70 -1.73 1.14 -66.66
N SER L 71 -0.66 0.96 -65.88
CA SER L 71 -0.31 -0.35 -65.35
C SER L 71 0.58 -0.15 -64.12
N ARG L 72 0.67 -1.18 -63.31
CA ARG L 72 1.48 -1.13 -62.10
C ARG L 72 2.20 -2.46 -61.89
N ASP L 73 3.43 -2.37 -61.39
CA ASP L 73 4.24 -3.54 -61.04
C ASP L 73 4.40 -3.52 -59.53
N ASN L 74 3.58 -4.30 -58.84
CA ASN L 74 3.57 -4.27 -57.38
C ASN L 74 4.90 -4.73 -56.80
N ALA L 75 5.53 -5.73 -57.42
CA ALA L 75 6.81 -6.21 -56.91
C ALA L 75 7.90 -5.15 -57.00
N LYS L 76 7.77 -4.20 -57.93
CA LYS L 76 8.75 -3.14 -58.11
C LYS L 76 8.28 -1.81 -57.53
N ASN L 77 7.11 -1.77 -56.90
CA ASN L 77 6.55 -0.55 -56.33
C ASN L 77 6.52 0.57 -57.37
N SER L 78 5.99 0.26 -58.54
CA SER L 78 6.07 1.16 -59.68
C SER L 78 4.72 1.28 -60.37
N LEU L 79 4.44 2.50 -60.85
CA LEU L 79 3.27 2.79 -61.67
C LEU L 79 3.73 3.29 -63.03
N TYR L 80 3.01 2.92 -64.08
CA TYR L 80 3.39 3.24 -65.44
C TYR L 80 2.22 3.85 -66.19
N LEU L 81 2.54 4.68 -67.19
CA LEU L 81 1.55 5.25 -68.09
C LEU L 81 2.11 5.24 -69.50
N GLN L 82 1.62 4.31 -70.33
CA GLN L 82 2.02 4.25 -71.73
C GLN L 82 1.18 5.24 -72.53
N MET L 83 1.83 6.23 -73.13
CA MET L 83 1.15 7.34 -73.78
C MET L 83 1.38 7.30 -75.29
N SER L 84 0.75 6.32 -75.94
CA SER L 84 0.80 6.23 -77.40
C SER L 84 0.01 7.37 -78.05
N SER L 85 0.59 7.95 -79.10
CA SER L 85 -0.03 9.01 -79.90
C SER L 85 -0.29 10.26 -79.05
N LEU L 86 0.80 10.95 -78.75
CA LEU L 86 0.78 12.18 -77.96
C LEU L 86 0.33 13.35 -78.84
N ARG L 87 -0.85 13.90 -78.53
CA ARG L 87 -1.28 15.15 -79.12
C ARG L 87 -0.65 16.33 -78.39
N VAL L 88 -0.76 17.52 -79.00
CA VAL L 88 -0.28 18.73 -78.34
C VAL L 88 -1.11 19.02 -77.08
N GLU L 89 -2.40 18.72 -77.13
CA GLU L 89 -3.26 18.94 -75.97
C GLU L 89 -2.86 18.10 -74.77
N ASP L 90 -1.97 17.13 -74.96
CA ASP L 90 -1.45 16.31 -73.86
C ASP L 90 -0.23 16.91 -73.18
N THR L 91 0.31 18.02 -73.68
CA THR L 91 1.46 18.63 -73.03
C THR L 91 1.05 19.17 -71.66
N ALA L 92 1.77 18.74 -70.62
CA ALA L 92 1.46 19.08 -69.24
C ALA L 92 2.50 18.42 -68.34
N LEU L 93 2.54 18.90 -67.10
CA LEU L 93 3.29 18.22 -66.05
C LEU L 93 2.43 17.10 -65.50
N TYR L 94 2.95 15.87 -65.52
CA TYR L 94 2.19 14.69 -65.14
C TYR L 94 2.57 14.27 -63.73
N TYR L 95 1.59 14.30 -62.82
CA TYR L 95 1.81 13.96 -61.43
C TYR L 95 1.48 12.49 -61.20
N CYS L 96 2.38 11.78 -60.52
CA CYS L 96 2.08 10.47 -59.96
C CYS L 96 1.51 10.67 -58.56
N VAL L 97 0.33 10.11 -58.32
CA VAL L 97 -0.43 10.40 -57.11
C VAL L 97 -0.88 9.11 -56.46
N LYS L 98 -0.80 9.05 -55.14
CA LYS L 98 -1.30 7.93 -54.36
C LYS L 98 -2.74 8.19 -53.96
N ASP L 99 -3.60 7.18 -54.13
CA ASP L 99 -4.98 7.29 -53.72
C ASP L 99 -5.13 6.86 -52.27
N ARG L 100 -6.18 7.37 -51.63
CA ARG L 100 -6.38 7.12 -50.21
C ARG L 100 -6.66 5.66 -49.91
N HIS L 101 -7.47 5.00 -50.74
CA HIS L 101 -7.81 3.60 -50.48
C HIS L 101 -7.50 2.74 -51.70
N TYR L 102 -8.51 2.03 -52.24
CA TYR L 102 -8.23 1.07 -53.29
C TYR L 102 -9.27 1.05 -54.40
N ASP L 103 -10.28 1.93 -54.35
CA ASP L 103 -11.31 1.95 -55.38
C ASP L 103 -11.07 3.11 -56.33
N SER L 104 -11.51 2.95 -57.57
CA SER L 104 -11.46 3.99 -58.58
C SER L 104 -12.84 4.02 -59.24
N ALA L 105 -13.82 4.58 -58.51
CA ALA L 105 -15.21 4.65 -58.92
C ALA L 105 -16.05 5.37 -57.86
N GLY L 106 -16.33 4.70 -56.75
CA GLY L 106 -17.23 5.23 -55.75
C GLY L 106 -16.87 4.91 -54.31
N TYR L 107 -15.70 5.35 -53.86
CA TYR L 107 -15.33 5.34 -52.46
C TYR L 107 -15.38 6.77 -51.91
N LEU L 108 -16.17 6.97 -50.85
CA LEU L 108 -16.27 8.28 -50.20
C LEU L 108 -14.92 8.80 -49.73
N VAL L 109 -13.94 7.91 -49.59
CA VAL L 109 -12.61 8.24 -49.09
C VAL L 109 -11.62 8.49 -50.22
N ASN L 110 -11.89 8.00 -51.43
CA ASN L 110 -11.02 8.18 -52.58
C ASN L 110 -10.51 9.61 -52.68
N GLY L 111 -9.21 9.79 -52.50
CA GLY L 111 -8.62 11.11 -52.51
C GLY L 111 -7.17 11.03 -52.95
N PHE L 112 -6.63 12.20 -53.24
CA PHE L 112 -5.27 12.34 -53.75
C PHE L 112 -4.42 12.88 -52.61
N HIS L 113 -3.96 11.96 -51.76
CA HIS L 113 -3.31 12.30 -50.49
C HIS L 113 -1.82 12.55 -50.61
N ILE L 114 -1.13 11.89 -51.53
CA ILE L 114 0.30 12.09 -51.72
C ILE L 114 0.55 12.32 -53.20
N TRP L 115 1.33 13.37 -53.52
CA TRP L 115 1.57 13.78 -54.89
C TRP L 115 3.06 13.81 -55.16
N GLY L 116 3.46 13.30 -56.32
CA GLY L 116 4.82 13.44 -56.77
C GLY L 116 5.12 14.83 -57.28
N GLN L 117 6.41 15.08 -57.53
CA GLN L 117 6.81 16.39 -58.05
C GLN L 117 6.35 16.57 -59.49
N GLY L 118 6.20 15.50 -60.23
CA GLY L 118 5.72 15.57 -61.60
C GLY L 118 6.85 15.53 -62.61
N THR L 119 6.55 14.98 -63.78
CA THR L 119 7.47 14.94 -64.90
C THR L 119 6.85 15.67 -66.10
N MET L 120 7.66 16.45 -66.79
CA MET L 120 7.17 17.32 -67.86
C MET L 120 7.20 16.61 -69.20
N VAL L 121 6.06 16.58 -69.87
CA VAL L 121 5.94 16.02 -71.21
C VAL L 121 5.62 17.17 -72.16
N THR L 122 6.55 17.49 -73.05
CA THR L 122 6.40 18.61 -73.97
C THR L 122 6.18 18.06 -75.38
N VAL L 123 4.99 18.26 -75.91
CA VAL L 123 4.59 17.75 -77.22
C VAL L 123 4.45 18.96 -78.16
N SER L 124 5.34 19.04 -79.14
CA SER L 124 5.35 20.14 -80.09
C SER L 124 6.31 19.81 -81.22
N SER L 125 6.15 20.54 -82.33
CA SER L 125 7.04 20.39 -83.46
C SER L 125 8.35 21.12 -83.15
N ALA L 126 9.23 21.21 -84.14
CA ALA L 126 10.46 22.00 -84.05
C ALA L 126 11.45 21.46 -83.03
N SER L 127 12.72 21.82 -83.21
CA SER L 127 13.78 21.51 -82.25
C SER L 127 14.13 22.80 -81.50
N THR L 128 15.32 22.82 -80.91
CA THR L 128 15.81 23.97 -80.16
C THR L 128 16.01 25.16 -81.08
N LYS L 129 15.63 26.35 -80.59
CA LYS L 129 15.91 27.60 -81.29
C LYS L 129 16.20 28.68 -80.24
N GLY L 130 17.21 29.51 -80.54
CA GLY L 130 17.55 30.61 -79.67
C GLY L 130 16.62 31.79 -79.85
N PRO L 131 16.42 32.56 -78.79
CA PRO L 131 15.52 33.71 -78.88
C PRO L 131 16.22 34.96 -79.41
N SER L 132 15.42 35.83 -80.00
CA SER L 132 15.84 37.18 -80.35
C SER L 132 15.36 38.14 -79.27
N VAL L 133 16.21 39.12 -78.94
CA VAL L 133 15.93 40.06 -77.86
C VAL L 133 15.83 41.45 -78.45
N PHE L 134 14.65 42.06 -78.34
CA PHE L 134 14.40 43.38 -78.88
C PHE L 134 14.05 44.35 -77.76
N PRO L 135 14.50 45.60 -77.85
CA PRO L 135 14.25 46.55 -76.75
C PRO L 135 12.82 47.09 -76.76
N LEU L 136 12.30 47.30 -75.56
CA LEU L 136 11.05 48.02 -75.35
C LEU L 136 11.42 49.38 -74.76
N ALA L 137 11.80 50.30 -75.64
CA ALA L 137 12.40 51.55 -75.21
C ALA L 137 11.37 52.44 -74.50
N PRO L 138 11.80 53.19 -73.50
CA PRO L 138 10.88 54.14 -72.85
C PRO L 138 10.54 55.28 -73.79
N SER L 139 9.25 55.60 -73.87
CA SER L 139 8.77 56.62 -74.79
C SER L 139 8.90 58.00 -74.17
N SER L 140 8.59 59.03 -74.96
CA SER L 140 8.59 60.40 -74.47
C SER L 140 7.24 60.82 -73.90
N LYS L 141 6.15 60.42 -74.55
CA LYS L 141 4.81 60.71 -74.07
C LYS L 141 4.51 59.92 -72.80
N GLY L 146 6.03 61.20 -63.82
CA GLY L 146 7.13 61.10 -62.89
C GLY L 146 7.85 59.77 -62.94
N THR L 147 7.11 58.71 -63.28
CA THR L 147 7.67 57.38 -63.42
C THR L 147 7.48 56.89 -64.86
N ALA L 148 8.56 56.40 -65.47
CA ALA L 148 8.54 55.85 -66.81
C ALA L 148 8.78 54.36 -66.76
N ALA L 149 8.42 53.68 -67.86
CA ALA L 149 8.54 52.23 -67.94
C ALA L 149 9.27 51.83 -69.22
N LEU L 150 10.11 50.80 -69.10
CA LEU L 150 10.84 50.24 -70.23
C LEU L 150 10.93 48.72 -70.03
N GLY L 151 11.33 48.02 -71.09
CA GLY L 151 11.36 46.58 -71.01
C GLY L 151 12.13 45.93 -72.13
N CYS L 152 12.02 44.61 -72.20
CA CYS L 152 12.66 43.80 -73.22
C CYS L 152 11.71 42.70 -73.67
N LEU L 153 11.84 42.30 -74.94
CA LEU L 153 11.02 41.25 -75.52
C LEU L 153 11.90 40.07 -75.91
N VAL L 154 11.59 38.90 -75.35
CA VAL L 154 12.30 37.66 -75.64
C VAL L 154 11.39 36.81 -76.52
N LYS L 155 11.72 36.72 -77.81
CA LYS L 155 10.81 36.16 -78.81
C LYS L 155 11.44 34.95 -79.50
N ASP L 156 10.60 33.96 -79.81
CA ASP L 156 10.92 32.85 -80.70
C ASP L 156 12.07 32.01 -80.15
N TYR L 157 11.77 31.28 -79.09
CA TYR L 157 12.68 30.30 -78.53
C TYR L 157 11.92 29.01 -78.21
N PHE L 158 12.68 27.93 -78.05
CA PHE L 158 12.16 26.63 -77.66
C PHE L 158 13.31 25.73 -77.23
N PRO L 159 13.12 24.91 -76.18
CA PRO L 159 11.95 24.87 -75.29
C PRO L 159 12.07 25.85 -74.13
N GLU L 160 11.15 25.76 -73.17
CA GLU L 160 11.22 26.58 -71.96
C GLU L 160 12.47 26.20 -71.15
N PRO L 161 12.93 27.08 -70.25
CA PRO L 161 12.48 28.45 -69.99
C PRO L 161 13.52 29.52 -70.30
N VAL L 162 13.19 30.79 -70.08
CA VAL L 162 14.15 31.88 -70.13
C VAL L 162 14.11 32.63 -68.79
N THR L 163 15.17 33.39 -68.54
CA THR L 163 15.26 34.23 -67.36
C THR L 163 15.73 35.62 -67.76
N VAL L 164 15.19 36.64 -67.10
CA VAL L 164 15.48 38.04 -67.42
C VAL L 164 15.75 38.79 -66.12
N SER L 165 16.87 39.52 -66.07
CA SER L 165 17.20 40.42 -64.99
C SER L 165 17.44 41.82 -65.56
N TRP L 166 17.60 42.79 -64.66
CA TRP L 166 17.73 44.19 -65.06
C TRP L 166 18.94 44.82 -64.37
N ASN L 167 19.77 45.49 -65.16
CA ASN L 167 21.00 46.13 -64.69
C ASN L 167 21.84 45.16 -63.86
N SER L 168 21.90 43.91 -64.32
CA SER L 168 22.66 42.85 -63.67
C SER L 168 22.20 42.62 -62.23
N GLY L 169 20.90 42.80 -61.98
CA GLY L 169 20.33 42.61 -60.67
C GLY L 169 20.23 43.85 -59.82
N ALA L 170 20.87 44.95 -60.21
CA ALA L 170 20.83 46.17 -59.43
C ALA L 170 19.47 46.85 -59.45
N LEU L 171 18.57 46.46 -60.35
CA LEU L 171 17.25 47.06 -60.49
C LEU L 171 16.21 45.97 -60.29
N THR L 172 15.59 45.94 -59.12
CA THR L 172 14.57 44.94 -58.79
C THR L 172 13.23 45.54 -58.42
N SER L 173 13.19 46.75 -57.86
CA SER L 173 11.93 47.36 -57.49
C SER L 173 11.16 47.79 -58.72
N GLY L 174 9.92 47.33 -58.85
CA GLY L 174 9.09 47.63 -60.00
C GLY L 174 9.29 46.73 -61.19
N VAL L 175 9.97 45.60 -61.04
CA VAL L 175 10.23 44.69 -62.14
C VAL L 175 9.13 43.64 -62.20
N HIS L 176 8.52 43.48 -63.38
CA HIS L 176 7.55 42.42 -63.62
C HIS L 176 7.99 41.62 -64.85
N THR L 177 8.23 40.33 -64.66
CA THR L 177 8.50 39.41 -65.75
C THR L 177 7.33 38.44 -65.87
N PHE L 178 6.73 38.38 -67.07
CA PHE L 178 5.49 37.66 -67.34
C PHE L 178 5.76 36.22 -67.76
N PRO L 179 4.86 35.30 -67.42
CA PRO L 179 4.99 33.93 -67.91
C PRO L 179 4.90 33.87 -69.43
N ALA L 180 5.62 32.91 -70.01
CA ALA L 180 5.71 32.79 -71.46
C ALA L 180 4.45 32.16 -72.04
N VAL L 181 4.19 32.48 -73.31
CA VAL L 181 3.06 31.92 -74.05
C VAL L 181 3.59 31.04 -75.17
N LEU L 182 2.87 29.96 -75.45
CA LEU L 182 3.20 29.06 -76.55
C LEU L 182 2.55 29.58 -77.82
N GLN L 183 3.37 30.06 -78.76
CA GLN L 183 2.86 30.60 -80.01
C GLN L 183 2.40 29.46 -80.93
N SER L 184 1.70 29.83 -82.00
CA SER L 184 1.21 28.85 -82.96
C SER L 184 2.33 28.16 -83.70
N SER L 185 3.50 28.78 -83.80
CA SER L 185 4.66 28.18 -84.45
C SER L 185 5.34 27.11 -83.60
N GLY L 186 4.86 26.86 -82.39
CA GLY L 186 5.54 25.97 -81.47
C GLY L 186 6.67 26.60 -80.69
N LEU L 187 6.92 27.90 -80.87
CA LEU L 187 7.97 28.61 -80.16
C LEU L 187 7.37 29.48 -79.07
N TYR L 188 8.15 29.72 -78.02
CA TYR L 188 7.72 30.51 -76.89
C TYR L 188 8.17 31.96 -77.03
N SER L 189 7.49 32.84 -76.29
CA SER L 189 7.86 34.26 -76.24
C SER L 189 7.51 34.79 -74.86
N LEU L 190 8.25 35.83 -74.46
CA LEU L 190 8.13 36.34 -73.09
C LEU L 190 8.59 37.78 -73.07
N SER L 191 8.10 38.53 -72.07
CA SER L 191 8.45 39.93 -71.88
C SER L 191 8.78 40.21 -70.43
N SER L 192 9.57 41.25 -70.22
CA SER L 192 9.91 41.74 -68.89
C SER L 192 9.97 43.26 -68.92
N VAL L 193 9.47 43.91 -67.87
CA VAL L 193 9.36 45.36 -67.80
C VAL L 193 9.79 45.84 -66.42
N VAL L 194 10.01 47.15 -66.33
CA VAL L 194 10.39 47.80 -65.08
C VAL L 194 9.98 49.27 -65.15
N THR L 195 9.50 49.79 -64.02
CA THR L 195 9.16 51.20 -63.90
C THR L 195 10.24 51.95 -63.13
N VAL L 196 10.63 53.11 -63.64
CA VAL L 196 11.69 53.92 -63.04
C VAL L 196 11.27 55.37 -63.07
N PRO L 197 11.91 56.22 -62.25
CA PRO L 197 11.60 57.65 -62.30
C PRO L 197 12.02 58.26 -63.63
N SER L 198 11.17 59.14 -64.15
CA SER L 198 11.42 59.78 -65.44
C SER L 198 12.67 60.65 -65.40
N SER L 199 13.04 61.17 -64.23
CA SER L 199 14.17 62.08 -64.11
C SER L 199 15.52 61.41 -64.34
N SER L 200 15.56 60.09 -64.44
CA SER L 200 16.81 59.35 -64.62
C SER L 200 16.97 58.77 -66.02
N LEU L 201 16.05 59.06 -66.94
CA LEU L 201 16.09 58.44 -68.26
C LEU L 201 17.25 58.92 -69.12
N GLY L 202 17.86 60.04 -68.78
CA GLY L 202 18.96 60.56 -69.57
C GLY L 202 20.30 60.37 -68.91
N THR L 203 20.28 59.92 -67.64
CA THR L 203 21.48 59.75 -66.86
C THR L 203 21.72 58.33 -66.38
N GLN L 204 20.71 57.47 -66.40
CA GLN L 204 20.83 56.11 -65.90
C GLN L 204 20.65 55.17 -67.07
N THR L 205 21.62 54.29 -67.27
CA THR L 205 21.54 53.31 -68.33
C THR L 205 20.81 52.08 -67.83
N TYR L 206 19.90 51.57 -68.65
CA TYR L 206 19.09 50.41 -68.30
C TYR L 206 19.36 49.32 -69.31
N ILE L 207 19.76 48.15 -68.81
CA ILE L 207 20.13 47.01 -69.64
C ILE L 207 19.44 45.77 -69.07
N CYS L 208 18.81 45.00 -69.95
CA CYS L 208 18.18 43.75 -69.58
C CYS L 208 19.11 42.59 -69.92
N ASN L 209 19.10 41.56 -69.08
CA ASN L 209 19.97 40.40 -69.26
C ASN L 209 19.07 39.19 -69.52
N VAL L 210 19.08 38.70 -70.76
CA VAL L 210 18.27 37.57 -71.17
C VAL L 210 19.14 36.33 -71.21
N ASN L 211 18.58 35.21 -70.74
CA ASN L 211 19.30 33.94 -70.69
C ASN L 211 18.36 32.83 -71.11
N HIS L 212 18.72 32.14 -72.20
CA HIS L 212 17.98 30.98 -72.69
C HIS L 212 18.96 29.81 -72.74
N LYS L 213 19.03 29.07 -71.63
CA LYS L 213 19.97 27.96 -71.54
C LYS L 213 19.75 26.85 -72.54
N PRO L 214 18.50 26.44 -72.90
CA PRO L 214 18.33 25.36 -73.89
C PRO L 214 19.07 25.58 -75.20
N SER L 215 19.38 26.84 -75.53
CA SER L 215 20.07 27.16 -76.78
C SER L 215 21.37 27.89 -76.55
N ASN L 216 21.82 28.03 -75.29
CA ASN L 216 23.08 28.69 -74.96
C ASN L 216 23.11 30.13 -75.48
N THR L 217 22.00 30.84 -75.33
CA THR L 217 21.87 32.22 -75.80
C THR L 217 21.83 33.16 -74.61
N LYS L 218 22.77 34.11 -74.58
CA LYS L 218 22.78 35.20 -73.63
C LYS L 218 22.91 36.51 -74.38
N VAL L 219 22.06 37.49 -74.05
CA VAL L 219 21.99 38.75 -74.77
C VAL L 219 21.80 39.88 -73.76
N ASP L 220 22.69 40.87 -73.82
CA ASP L 220 22.61 42.07 -72.97
C ASP L 220 22.17 43.24 -73.84
N LYS L 221 20.90 43.59 -73.76
CA LYS L 221 20.31 44.63 -74.59
C LYS L 221 20.20 45.93 -73.78
N ARG L 222 20.86 46.99 -74.25
CA ARG L 222 20.72 48.29 -73.63
C ARG L 222 19.45 48.97 -74.12
N VAL L 223 18.63 49.42 -73.18
CA VAL L 223 17.32 50.00 -73.48
C VAL L 223 17.45 51.51 -73.28
N GLU L 224 17.56 52.25 -74.39
CA GLU L 224 17.71 53.69 -74.40
C GLU L 224 16.44 54.37 -74.90
N PRO L 225 16.16 55.60 -74.47
CA PRO L 225 15.06 56.36 -75.09
C PRO L 225 15.32 56.58 -76.56
N LYS L 226 14.28 56.36 -77.37
CA LYS L 226 14.43 56.42 -78.82
C LYS L 226 14.70 57.85 -79.28
N SER L 227 15.80 58.02 -80.01
CA SER L 227 16.16 59.32 -80.56
C SER L 227 15.37 59.60 -81.83
N CYS L 228 14.89 60.84 -81.96
CA CYS L 228 14.10 61.24 -83.12
C CYS L 228 14.89 61.10 -84.42
N ASN M 8 4.64 22.70 -35.81
CA ASN M 8 4.47 21.73 -34.74
C ASN M 8 3.42 22.20 -33.72
N LEU M 9 3.16 21.37 -32.72
CA LEU M 9 2.09 21.65 -31.78
C LEU M 9 2.54 22.62 -30.70
N CYS M 10 1.56 23.39 -30.18
CA CYS M 10 1.83 24.31 -29.09
C CYS M 10 1.99 23.54 -27.78
N PRO M 11 2.97 23.90 -26.94
CA PRO M 11 3.25 23.14 -25.71
C PRO M 11 2.32 23.53 -24.56
N PHE M 12 1.08 23.07 -24.64
CA PHE M 12 0.15 23.25 -23.53
C PHE M 12 0.40 22.24 -22.41
N GLY M 13 0.92 21.05 -22.75
CA GLY M 13 1.18 20.05 -21.74
C GLY M 13 2.27 20.45 -20.76
N GLU M 14 3.22 21.28 -21.20
CA GLU M 14 4.27 21.76 -20.31
C GLU M 14 3.73 22.67 -19.22
N VAL M 15 2.56 23.27 -19.42
CA VAL M 15 1.96 24.15 -18.42
C VAL M 15 1.01 23.39 -17.52
N PHE M 16 0.08 22.63 -18.11
CA PHE M 16 -0.92 21.92 -17.32
C PHE M 16 -0.29 20.76 -16.55
N ASN M 17 0.60 20.01 -17.19
CA ASN M 17 1.19 18.81 -16.60
C ASN M 17 2.50 19.09 -15.88
N ALA M 18 2.81 20.36 -15.60
CA ALA M 18 4.02 20.69 -14.87
C ALA M 18 3.97 20.07 -13.47
N THR M 19 5.10 19.49 -13.05
CA THR M 19 5.14 18.77 -11.79
C THR M 19 4.94 19.67 -10.58
N ARG M 20 5.15 20.98 -10.73
CA ARG M 20 4.83 21.92 -9.67
C ARG M 20 4.44 23.24 -10.30
N PHE M 21 3.83 24.10 -9.49
CA PHE M 21 3.33 25.40 -9.94
C PHE M 21 3.94 26.50 -9.08
N ALA M 22 3.83 27.73 -9.56
CA ALA M 22 4.36 28.88 -8.85
C ALA M 22 3.33 29.42 -7.87
N SER M 23 3.83 30.16 -6.88
CA SER M 23 2.95 30.89 -5.99
C SER M 23 2.26 32.02 -6.74
N VAL M 24 1.07 32.38 -6.27
CA VAL M 24 0.22 33.31 -7.02
C VAL M 24 0.88 34.68 -7.16
N TYR M 25 1.66 35.09 -6.16
CA TYR M 25 2.34 36.39 -6.26
C TYR M 25 3.45 36.36 -7.31
N ALA M 26 4.09 35.21 -7.50
CA ALA M 26 5.12 35.06 -8.52
C ALA M 26 4.61 34.14 -9.63
N TRP M 27 3.43 34.44 -10.16
CA TRP M 27 2.81 33.57 -11.15
C TRP M 27 3.65 33.48 -12.42
N ASN M 28 3.78 32.26 -12.94
CA ASN M 28 4.55 32.03 -14.14
C ASN M 28 3.72 32.37 -15.38
N ARG M 29 4.42 32.77 -16.44
CA ARG M 29 3.78 33.07 -17.72
C ARG M 29 4.55 32.39 -18.84
N LYS M 30 3.82 31.64 -19.67
CA LYS M 30 4.39 30.97 -20.83
C LYS M 30 3.86 31.63 -22.09
N ARG M 31 4.75 32.22 -22.88
CA ARG M 31 4.37 32.86 -24.13
C ARG M 31 4.40 31.83 -25.25
N ILE M 32 3.25 31.59 -25.86
CA ILE M 32 3.07 30.56 -26.88
C ILE M 32 2.95 31.25 -28.23
N SER M 33 3.83 30.88 -29.16
CA SER M 33 3.86 31.52 -30.47
C SER M 33 4.39 30.54 -31.51
N ASN M 34 4.00 30.77 -32.77
CA ASN M 34 4.49 30.04 -33.93
C ASN M 34 4.30 28.53 -33.77
N CYS M 35 3.05 28.14 -33.59
CA CYS M 35 2.71 26.72 -33.43
C CYS M 35 1.23 26.52 -33.71
N VAL M 36 0.87 25.25 -33.90
CA VAL M 36 -0.50 24.84 -34.13
C VAL M 36 -1.06 24.27 -32.83
N ALA M 37 -2.20 24.81 -32.39
CA ALA M 37 -2.76 24.47 -31.09
C ALA M 37 -3.95 23.52 -31.26
N ASP M 38 -3.96 22.45 -30.48
CA ASP M 38 -5.06 21.49 -30.44
C ASP M 38 -5.81 21.72 -29.13
N TYR M 39 -6.79 22.63 -29.15
CA TYR M 39 -7.51 22.98 -27.94
C TYR M 39 -8.48 21.89 -27.51
N SER M 40 -9.05 21.16 -28.46
CA SER M 40 -10.05 20.15 -28.13
C SER M 40 -9.46 19.06 -27.24
N VAL M 41 -8.26 18.58 -27.57
CA VAL M 41 -7.63 17.54 -26.75
C VAL M 41 -7.17 18.12 -25.42
N LEU M 42 -6.79 19.39 -25.39
CA LEU M 42 -6.30 20.00 -24.15
C LEU M 42 -7.41 20.11 -23.11
N TYR M 43 -8.58 20.59 -23.52
CA TYR M 43 -9.65 20.89 -22.58
C TYR M 43 -10.38 19.64 -22.09
N ASN M 44 -10.21 18.50 -22.77
CA ASN M 44 -10.82 17.25 -22.35
C ASN M 44 -9.80 16.26 -21.80
N SER M 45 -8.58 16.71 -21.52
CA SER M 45 -7.54 15.84 -20.97
C SER M 45 -7.88 15.44 -19.54
N ALA M 46 -7.76 16.36 -18.61
CA ALA M 46 -8.06 16.11 -17.20
C ALA M 46 -9.43 16.68 -16.84
N SER M 47 -9.88 16.33 -15.64
CA SER M 47 -11.14 16.83 -15.12
C SER M 47 -10.90 18.16 -14.42
N PHE M 48 -11.72 19.16 -14.75
CA PHE M 48 -11.55 20.51 -14.25
C PHE M 48 -12.74 20.90 -13.39
N SER M 49 -12.46 21.42 -12.19
CA SER M 49 -13.53 21.88 -11.31
C SER M 49 -14.05 23.25 -11.70
N THR M 50 -13.22 24.07 -12.35
CA THR M 50 -13.61 25.40 -12.79
C THR M 50 -13.16 25.58 -14.23
N PHE M 51 -14.10 25.98 -15.09
CA PHE M 51 -13.78 26.22 -16.49
C PHE M 51 -14.72 27.32 -16.99
N LYS M 52 -14.21 28.55 -17.05
CA LYS M 52 -14.98 29.70 -17.47
C LYS M 52 -14.19 30.51 -18.49
N CYS M 53 -14.81 30.80 -19.62
CA CYS M 53 -14.20 31.59 -20.67
C CYS M 53 -14.90 32.94 -20.78
N TYR M 54 -14.15 33.95 -21.25
CA TYR M 54 -14.66 35.30 -21.34
C TYR M 54 -14.26 35.89 -22.69
N GLY M 55 -15.23 36.42 -23.42
CA GLY M 55 -14.98 37.05 -24.69
C GLY M 55 -14.75 36.11 -25.85
N VAL M 56 -14.70 34.80 -25.61
CA VAL M 56 -14.46 33.82 -26.67
C VAL M 56 -15.00 32.48 -26.20
N SER M 57 -15.52 31.71 -27.16
CA SER M 57 -16.00 30.37 -26.86
C SER M 57 -14.86 29.37 -26.93
N PRO M 58 -14.87 28.34 -26.08
CA PRO M 58 -13.79 27.35 -26.11
C PRO M 58 -13.86 26.41 -27.29
N THR M 59 -15.02 26.27 -27.92
CA THR M 59 -15.12 25.49 -29.16
C THR M 59 -14.78 26.32 -30.39
N LYS M 60 -14.80 27.65 -30.27
CA LYS M 60 -14.48 28.53 -31.39
C LYS M 60 -12.99 28.75 -31.54
N LEU M 61 -12.20 28.41 -30.52
CA LEU M 61 -10.76 28.64 -30.58
C LEU M 61 -10.09 27.85 -31.69
N ASN M 62 -10.65 26.70 -32.06
CA ASN M 62 -10.08 25.91 -33.14
C ASN M 62 -10.20 26.60 -34.49
N ASP M 63 -10.99 27.67 -34.58
CA ASP M 63 -11.15 28.41 -35.82
C ASP M 63 -10.47 29.77 -35.80
N LEU M 64 -10.06 30.27 -34.64
CA LEU M 64 -9.50 31.60 -34.50
C LEU M 64 -7.97 31.55 -34.47
N CYS M 65 -7.37 32.70 -34.79
CA CYS M 65 -5.93 32.86 -34.74
C CYS M 65 -5.57 34.11 -33.96
N PHE M 66 -4.44 34.06 -33.27
CA PHE M 66 -4.00 35.16 -32.44
C PHE M 66 -2.51 35.40 -32.66
N THR M 67 -2.08 36.63 -32.38
CA THR M 67 -0.66 36.95 -32.46
C THR M 67 0.13 36.17 -31.42
N ASN M 68 -0.34 36.19 -30.17
CA ASN M 68 0.31 35.46 -29.09
C ASN M 68 -0.74 34.92 -28.13
N VAL M 69 -0.43 33.79 -27.52
CA VAL M 69 -1.27 33.17 -26.50
C VAL M 69 -0.45 33.04 -25.22
N TYR M 70 -0.99 33.53 -24.10
CA TYR M 70 -0.32 33.50 -22.82
C TYR M 70 -0.97 32.48 -21.92
N ALA M 71 -0.16 31.66 -21.26
CA ALA M 71 -0.63 30.62 -20.35
C ALA M 71 -0.05 30.90 -18.96
N ASP M 72 -0.82 31.62 -18.14
CA ASP M 72 -0.43 31.92 -16.77
C ASP M 72 -0.87 30.80 -15.84
N SER M 73 0.00 30.45 -14.90
CA SER M 73 -0.27 29.35 -13.98
C SER M 73 0.21 29.72 -12.59
N PHE M 74 -0.55 29.30 -11.58
CA PHE M 74 -0.25 29.58 -10.18
C PHE M 74 -1.15 28.69 -9.31
N VAL M 75 -0.97 28.79 -8.00
CA VAL M 75 -1.71 27.99 -7.04
C VAL M 75 -2.36 28.92 -6.01
N ILE M 76 -3.66 28.75 -5.81
CA ILE M 76 -4.41 29.41 -4.76
C ILE M 76 -5.26 28.36 -4.04
N ARG M 77 -6.06 28.81 -3.08
CA ARG M 77 -6.96 27.90 -2.37
C ARG M 77 -8.36 27.98 -2.96
N GLY M 78 -9.21 27.03 -2.55
CA GLY M 78 -10.49 26.84 -3.20
C GLY M 78 -11.37 28.07 -3.18
N ASP M 79 -11.46 28.73 -2.01
CA ASP M 79 -12.32 29.89 -1.87
C ASP M 79 -11.86 31.10 -2.67
N GLU M 80 -10.68 31.03 -3.30
CA GLU M 80 -10.12 32.15 -4.03
C GLU M 80 -10.16 31.98 -5.54
N VAL M 81 -10.58 30.81 -6.05
CA VAL M 81 -10.66 30.61 -7.49
C VAL M 81 -11.65 31.58 -8.11
N ARG M 82 -12.71 31.94 -7.38
CA ARG M 82 -13.69 32.88 -7.89
C ARG M 82 -13.11 34.26 -8.17
N GLN M 83 -11.94 34.57 -7.60
CA GLN M 83 -11.31 35.87 -7.81
C GLN M 83 -10.56 35.95 -9.13
N ILE M 84 -10.23 34.81 -9.74
CA ILE M 84 -9.53 34.80 -11.02
C ILE M 84 -10.56 34.97 -12.13
N ALA M 85 -11.06 36.19 -12.29
CA ALA M 85 -12.11 36.49 -13.26
C ALA M 85 -12.13 38.00 -13.48
N PRO M 86 -12.58 38.46 -14.64
CA PRO M 86 -12.64 39.91 -14.89
C PRO M 86 -13.61 40.59 -13.94
N GLY M 87 -13.17 41.73 -13.38
CA GLY M 87 -14.01 42.53 -12.52
C GLY M 87 -14.12 42.06 -11.09
N GLN M 88 -13.26 41.15 -10.65
CA GLN M 88 -13.31 40.65 -9.29
C GLN M 88 -12.37 41.45 -8.39
N THR M 89 -12.67 41.43 -7.09
CA THR M 89 -11.86 42.08 -6.08
C THR M 89 -11.57 41.11 -4.94
N GLY M 90 -10.58 41.45 -4.14
CA GLY M 90 -10.13 40.58 -3.06
C GLY M 90 -8.63 40.57 -2.93
N LYS M 91 -8.10 39.86 -1.93
CA LYS M 91 -6.66 39.86 -1.70
C LYS M 91 -5.90 39.31 -2.90
N ILE M 92 -6.44 38.28 -3.54
CA ILE M 92 -5.75 37.69 -4.70
C ILE M 92 -5.89 38.60 -5.91
N ALA M 93 -7.11 39.09 -6.17
CA ALA M 93 -7.36 39.88 -7.37
C ALA M 93 -6.72 41.25 -7.28
N ASP M 94 -6.55 41.79 -6.08
CA ASP M 94 -5.98 43.13 -5.93
C ASP M 94 -4.47 43.12 -5.76
N TYR M 95 -3.93 42.13 -5.05
CA TYR M 95 -2.52 42.14 -4.67
C TYR M 95 -1.69 41.02 -5.29
N ASN M 96 -2.29 40.11 -6.05
CA ASN M 96 -1.55 38.95 -6.53
C ASN M 96 -1.70 38.73 -8.03
N TYR M 97 -2.93 38.55 -8.51
CA TYR M 97 -3.18 38.29 -9.92
C TYR M 97 -4.47 38.97 -10.32
N LYS M 98 -4.37 39.90 -11.29
CA LYS M 98 -5.51 40.71 -11.72
C LYS M 98 -5.71 40.54 -13.21
N LEU M 99 -6.95 40.22 -13.60
CA LEU M 99 -7.38 40.18 -14.99
C LEU M 99 -8.11 41.46 -15.36
N PRO M 100 -7.94 41.96 -16.58
CA PRO M 100 -8.61 43.21 -16.97
C PRO M 100 -10.11 43.02 -17.09
N ASP M 101 -10.83 44.14 -17.13
CA ASP M 101 -12.28 44.10 -17.23
C ASP M 101 -12.73 43.58 -18.60
N ASP M 102 -11.92 43.81 -19.64
CA ASP M 102 -12.19 43.28 -20.98
C ASP M 102 -11.30 42.10 -21.31
N PHE M 103 -11.01 41.25 -20.31
CA PHE M 103 -10.19 40.08 -20.53
C PHE M 103 -10.84 39.14 -21.52
N THR M 104 -10.05 38.65 -22.48
CA THR M 104 -10.52 37.73 -23.51
C THR M 104 -9.71 36.45 -23.39
N GLY M 105 -10.35 35.39 -22.88
CA GLY M 105 -9.67 34.12 -22.70
C GLY M 105 -10.47 33.22 -21.78
N CYS M 106 -9.78 32.21 -21.26
CA CYS M 106 -10.39 31.20 -20.40
C CYS M 106 -9.56 31.02 -19.14
N VAL M 107 -10.25 30.76 -18.03
CA VAL M 107 -9.61 30.44 -16.75
C VAL M 107 -9.99 29.02 -16.38
N ILE M 108 -8.98 28.18 -16.15
CA ILE M 108 -9.18 26.76 -15.88
C ILE M 108 -8.51 26.42 -14.56
N ALA M 109 -9.20 25.68 -13.71
CA ALA M 109 -8.69 25.30 -12.40
C ALA M 109 -9.15 23.89 -12.05
N TRP M 110 -8.32 23.19 -11.27
CA TRP M 110 -8.64 21.85 -10.80
C TRP M 110 -8.04 21.66 -9.41
N ASN M 111 -8.65 20.77 -8.64
CA ASN M 111 -8.18 20.50 -7.29
C ASN M 111 -6.84 19.78 -7.33
N SER M 112 -5.88 20.29 -6.56
CA SER M 112 -4.53 19.75 -6.49
C SER M 112 -4.15 19.40 -5.07
N ASN M 113 -5.13 18.92 -4.28
CA ASN M 113 -4.84 18.52 -2.91
C ASN M 113 -3.86 17.35 -2.86
N ASN M 114 -3.93 16.46 -3.85
CA ASN M 114 -3.02 15.33 -3.89
C ASN M 114 -1.60 15.75 -4.24
N LEU M 115 -1.45 16.86 -4.96
CA LEU M 115 -0.15 17.31 -5.43
C LEU M 115 0.48 18.39 -4.58
N ASP M 116 -0.32 19.25 -3.93
CA ASP M 116 0.21 20.43 -3.28
C ASP M 116 -0.01 20.48 -1.77
N SER M 117 -0.52 19.42 -1.15
CA SER M 117 -0.75 19.40 0.29
C SER M 117 0.13 18.37 0.98
N LYS M 118 0.61 18.72 2.17
CA LYS M 118 1.54 17.89 2.92
C LYS M 118 0.94 17.55 4.28
N VAL M 119 1.38 16.41 4.83
CA VAL M 119 0.95 16.01 6.17
C VAL M 119 1.33 17.09 7.18
N GLY M 120 2.60 17.49 7.19
CA GLY M 120 3.03 18.56 8.05
C GLY M 120 2.68 19.95 7.57
N GLY M 121 1.89 20.06 6.51
CA GLY M 121 1.50 21.34 5.96
C GLY M 121 2.48 21.87 4.93
N ASN M 122 1.98 22.28 3.77
CA ASN M 122 2.81 22.84 2.72
C ASN M 122 2.79 24.36 2.85
N TYR M 123 3.89 24.92 3.36
CA TYR M 123 4.03 26.37 3.52
C TYR M 123 4.88 26.99 2.41
N ASN M 124 5.13 26.26 1.34
CA ASN M 124 5.92 26.79 0.23
C ASN M 124 5.13 27.68 -0.70
N TYR M 125 3.81 27.53 -0.75
CA TYR M 125 2.96 28.39 -1.56
C TYR M 125 2.61 29.65 -0.77
N ARG M 126 2.91 30.80 -1.36
CA ARG M 126 2.72 32.08 -0.71
C ARG M 126 1.74 32.94 -1.50
N TYR M 127 1.25 34.00 -0.86
CA TYR M 127 0.43 35.00 -1.52
C TYR M 127 0.71 36.36 -0.87
N ARG M 128 0.58 37.41 -1.67
CA ARG M 128 0.83 38.76 -1.19
C ARG M 128 -0.35 39.22 -0.33
N LEU M 129 -0.08 39.51 0.93
CA LEU M 129 -1.10 39.92 1.88
C LEU M 129 -1.20 41.43 2.05
N PHE M 130 -0.08 42.14 1.99
CA PHE M 130 -0.04 43.58 2.19
C PHE M 130 0.53 44.26 0.94
N ARG M 131 -0.21 45.24 0.43
CA ARG M 131 0.27 46.07 -0.67
C ARG M 131 -0.49 47.39 -0.63
N LYS M 132 0.22 48.48 -0.89
CA LYS M 132 -0.38 49.81 -0.73
C LYS M 132 -1.46 50.06 -1.78
N SER M 133 -1.18 49.73 -3.04
CA SER M 133 -2.13 49.94 -4.12
C SER M 133 -2.39 48.63 -4.85
N ASN M 134 -3.49 48.60 -5.60
CA ASN M 134 -3.89 47.40 -6.30
C ASN M 134 -3.01 47.17 -7.54
N LEU M 135 -2.87 45.91 -7.91
CA LEU M 135 -2.14 45.58 -9.13
C LEU M 135 -2.95 45.98 -10.36
N LYS M 136 -2.25 46.46 -11.38
CA LYS M 136 -2.84 46.68 -12.68
C LYS M 136 -3.02 45.32 -13.38
N PRO M 137 -3.86 45.26 -14.41
CA PRO M 137 -4.09 43.98 -15.09
C PRO M 137 -2.79 43.34 -15.56
N PHE M 138 -2.65 42.05 -15.26
CA PHE M 138 -1.48 41.24 -15.65
C PHE M 138 -0.19 41.72 -14.99
N GLU M 139 -0.29 42.33 -13.81
CA GLU M 139 0.90 42.77 -13.09
C GLU M 139 1.42 41.66 -12.18
N ARG M 140 2.74 41.54 -12.09
CA ARG M 140 3.41 40.54 -11.27
CA ARG M 140 3.40 40.54 -11.27
C ARG M 140 4.36 41.24 -10.31
N ASP M 141 4.03 41.21 -9.02
CA ASP M 141 4.85 41.82 -7.98
C ASP M 141 5.50 40.71 -7.17
N ILE M 142 6.83 40.63 -7.25
CA ILE M 142 7.60 39.65 -6.51
C ILE M 142 8.46 40.31 -5.44
N SER M 143 8.16 41.56 -5.10
CA SER M 143 8.94 42.26 -4.09
C SER M 143 8.70 41.67 -2.71
N THR M 144 9.76 41.66 -1.90
CA THR M 144 9.70 41.19 -0.52
C THR M 144 10.05 42.30 0.46
N GLU M 145 9.81 43.54 0.08
CA GLU M 145 10.12 44.68 0.94
C GLU M 145 9.15 44.73 2.12
N ILE M 146 9.68 45.08 3.29
CA ILE M 146 8.85 45.13 4.50
C ILE M 146 7.77 46.19 4.33
N TYR M 147 6.53 45.80 4.59
CA TYR M 147 5.40 46.69 4.40
C TYR M 147 5.26 47.63 5.59
N GLN M 148 5.09 48.91 5.30
CA GLN M 148 4.96 49.94 6.33
C GLN M 148 3.48 50.20 6.57
N ALA M 149 2.99 49.77 7.72
CA ALA M 149 1.58 49.93 8.09
C ALA M 149 1.34 51.13 8.99
N GLY M 150 2.38 51.89 9.34
CA GLY M 150 2.23 53.05 10.18
C GLY M 150 3.02 54.25 9.69
N SER M 151 3.25 55.21 10.58
CA SER M 151 4.00 56.41 10.22
C SER M 151 5.50 56.26 10.39
N LYS M 152 5.95 55.24 11.12
CA LYS M 152 7.38 55.01 11.33
C LYS M 152 7.93 54.15 10.21
N PRO M 153 9.04 54.55 9.58
CA PRO M 153 9.64 53.70 8.55
C PRO M 153 10.15 52.39 9.13
N CYS M 154 10.13 51.35 8.30
CA CYS M 154 10.52 50.02 8.74
C CYS M 154 12.00 49.74 8.49
N ASN M 155 12.56 50.27 7.39
CA ASN M 155 13.97 50.12 7.07
C ASN M 155 14.38 48.65 7.00
N GLY M 156 13.53 47.83 6.39
CA GLY M 156 13.85 46.42 6.21
C GLY M 156 13.81 45.58 7.47
N VAL M 157 13.28 46.10 8.57
CA VAL M 157 13.21 45.38 9.83
C VAL M 157 11.75 45.14 10.17
N GLU M 158 11.40 43.88 10.42
CA GLU M 158 10.04 43.55 10.81
C GLU M 158 9.76 43.99 12.24
N GLY M 159 8.48 44.29 12.50
CA GLY M 159 8.09 44.74 13.83
C GLY M 159 6.65 45.21 13.85
N PHE M 160 6.36 46.11 14.78
CA PHE M 160 5.03 46.69 14.86
C PHE M 160 4.79 47.61 13.67
N ASN M 161 3.66 47.43 12.99
CA ASN M 161 3.33 48.14 11.76
C ASN M 161 4.35 47.88 10.66
N CYS M 162 5.12 46.80 10.77
CA CYS M 162 6.15 46.46 9.78
C CYS M 162 6.03 44.96 9.51
N TYR M 163 5.34 44.60 8.43
CA TYR M 163 4.96 43.23 8.16
C TYR M 163 5.65 42.72 6.91
N PHE M 164 6.03 41.45 6.92
CA PHE M 164 6.46 40.78 5.70
C PHE M 164 5.29 40.67 4.74
N PRO M 165 5.42 41.13 3.50
CA PRO M 165 4.24 41.23 2.61
C PRO M 165 3.70 39.89 2.14
N LEU M 166 4.45 38.80 2.31
CA LEU M 166 4.02 37.49 1.85
C LEU M 166 3.50 36.65 3.01
N GLN M 167 2.52 35.80 2.70
CA GLN M 167 1.91 34.92 3.70
C GLN M 167 1.78 33.54 3.10
N SER M 168 2.06 32.52 3.92
CA SER M 168 1.98 31.14 3.46
C SER M 168 0.54 30.64 3.53
N TYR M 169 0.26 29.63 2.71
CA TYR M 169 -1.06 29.00 2.70
C TYR M 169 -1.18 27.90 3.75
N GLY M 170 -0.17 27.03 3.83
CA GLY M 170 -0.23 25.90 4.74
C GLY M 170 -1.27 24.88 4.33
N PHE M 171 -0.99 24.13 3.26
CA PHE M 171 -1.94 23.18 2.72
C PHE M 171 -1.79 21.83 3.40
N GLN M 172 -2.88 21.33 3.96
CA GLN M 172 -2.96 20.01 4.57
C GLN M 172 -4.10 19.24 3.92
N PRO M 173 -3.89 17.96 3.60
CA PRO M 173 -4.87 17.23 2.78
C PRO M 173 -6.22 17.05 3.45
N THR M 174 -6.32 17.22 4.76
CA THR M 174 -7.58 17.01 5.48
C THR M 174 -8.42 18.27 5.59
N ASN M 175 -7.92 19.41 5.10
CA ASN M 175 -8.69 20.65 5.16
C ASN M 175 -9.92 20.55 4.27
N GLY M 176 -10.89 21.43 4.55
CA GLY M 176 -12.03 21.57 3.66
C GLY M 176 -11.63 22.03 2.28
N VAL M 177 -12.54 21.78 1.32
CA VAL M 177 -12.25 22.10 -0.08
C VAL M 177 -11.98 23.59 -0.28
N GLY M 178 -12.50 24.44 0.61
CA GLY M 178 -12.20 25.86 0.52
C GLY M 178 -10.77 26.20 0.88
N TYR M 179 -10.12 25.36 1.70
CA TYR M 179 -8.75 25.57 2.12
C TYR M 179 -7.76 24.72 1.35
N GLN M 180 -8.23 23.87 0.44
CA GLN M 180 -7.33 22.99 -0.31
C GLN M 180 -6.69 23.74 -1.47
N PRO M 181 -5.52 23.28 -1.92
CA PRO M 181 -4.84 23.97 -3.02
C PRO M 181 -5.49 23.66 -4.36
N TYR M 182 -5.56 24.69 -5.21
CA TYR M 182 -6.11 24.56 -6.55
C TYR M 182 -5.14 25.17 -7.54
N ARG M 183 -4.74 24.41 -8.55
CA ARG M 183 -3.88 24.90 -9.62
C ARG M 183 -4.74 25.56 -10.68
N VAL M 184 -4.36 26.76 -11.08
CA VAL M 184 -5.13 27.56 -12.02
C VAL M 184 -4.28 27.81 -13.26
N VAL M 185 -4.91 27.75 -14.43
CA VAL M 185 -4.28 28.09 -15.69
C VAL M 185 -5.17 29.10 -16.40
N VAL M 186 -4.60 30.26 -16.74
CA VAL M 186 -5.33 31.33 -17.39
C VAL M 186 -4.77 31.50 -18.80
N LEU M 187 -5.58 31.22 -19.80
CA LEU M 187 -5.19 31.36 -21.19
C LEU M 187 -5.66 32.71 -21.71
N SER M 188 -4.71 33.57 -22.09
CA SER M 188 -5.01 34.87 -22.66
C SER M 188 -4.78 34.84 -24.16
N PHE M 189 -5.69 35.44 -24.91
CA PHE M 189 -5.64 35.42 -26.36
C PHE M 189 -5.52 36.87 -26.86
N GLU M 190 -4.30 37.24 -27.23
CA GLU M 190 -3.99 38.60 -27.66
C GLU M 190 -4.10 38.70 -29.17
N LEU M 191 -4.78 39.75 -29.64
CA LEU M 191 -5.00 39.99 -31.07
C LEU M 191 -4.48 41.38 -31.42
N LEU M 192 -3.23 41.44 -31.87
CA LEU M 192 -2.65 42.70 -32.34
C LEU M 192 -2.90 42.86 -33.83
N HIS M 193 -2.42 43.97 -34.38
CA HIS M 193 -2.44 44.21 -35.83
C HIS M 193 -1.19 43.68 -36.50
N ALA M 194 -0.67 42.57 -36.01
CA ALA M 194 0.53 41.92 -36.51
C ALA M 194 0.18 40.55 -37.07
N PRO M 195 1.04 39.97 -37.91
CA PRO M 195 0.73 38.64 -38.46
C PRO M 195 0.61 37.60 -37.36
N ALA M 196 -0.51 36.88 -37.36
CA ALA M 196 -0.78 35.88 -36.33
C ALA M 196 0.14 34.69 -36.48
N THR M 197 0.47 34.06 -35.35
CA THR M 197 1.36 32.91 -35.31
C THR M 197 0.76 31.69 -34.63
N VAL M 198 -0.37 31.82 -33.95
CA VAL M 198 -0.99 30.70 -33.23
C VAL M 198 -2.39 30.52 -33.79
N CYS M 199 -2.60 29.43 -34.53
CA CYS M 199 -3.90 29.06 -35.05
C CYS M 199 -4.33 27.70 -34.50
N GLY M 200 -5.62 27.59 -34.17
CA GLY M 200 -6.15 26.34 -33.67
C GLY M 200 -6.39 25.32 -34.77
N LYS M 201 -6.18 24.06 -34.42
CA LYS M 201 -6.39 22.95 -35.35
C LYS M 201 -6.41 21.62 -34.62
N ASP N 1 9.97 5.49 13.16
CA ASP N 1 8.94 5.83 14.13
C ASP N 1 7.62 5.18 13.74
N ILE N 2 7.42 4.98 12.44
CA ILE N 2 6.32 4.19 11.91
C ILE N 2 6.93 2.90 11.38
N GLN N 3 6.59 1.78 12.01
CA GLN N 3 7.19 0.49 11.68
C GLN N 3 6.39 -0.19 10.58
N LEU N 4 7.10 -0.72 9.58
CA LEU N 4 6.50 -1.48 8.50
C LEU N 4 6.94 -2.94 8.61
N THR N 5 5.98 -3.85 8.65
CA THR N 5 6.24 -5.27 8.79
C THR N 5 5.66 -6.00 7.60
N GLN N 6 6.52 -6.66 6.83
CA GLN N 6 6.10 -7.42 5.66
C GLN N 6 5.99 -8.90 5.99
N SER N 7 5.04 -9.58 5.34
CA SER N 7 4.85 -11.01 5.50
C SER N 7 4.47 -11.61 4.16
N PRO N 8 5.13 -12.70 3.76
CA PRO N 8 6.26 -13.36 4.45
C PRO N 8 7.57 -12.61 4.21
N SER N 9 8.64 -12.99 4.91
CA SER N 9 9.96 -12.43 4.64
C SER N 9 10.64 -13.13 3.48
N SER N 10 10.18 -14.33 3.12
CA SER N 10 10.71 -15.10 2.01
C SER N 10 9.56 -15.85 1.38
N LEU N 11 9.59 -15.95 0.05
CA LEU N 11 8.52 -16.61 -0.68
C LEU N 11 9.10 -17.43 -1.83
N SER N 12 8.46 -18.55 -2.11
CA SER N 12 8.86 -19.46 -3.17
C SER N 12 7.65 -19.77 -4.03
N ALA N 13 7.69 -19.37 -5.30
CA ALA N 13 6.59 -19.60 -6.21
C ALA N 13 7.14 -19.91 -7.59
N SER N 14 6.33 -20.59 -8.40
CA SER N 14 6.71 -20.98 -9.75
C SER N 14 6.17 -19.97 -10.76
N VAL N 15 6.68 -20.07 -11.98
CA VAL N 15 6.17 -19.23 -13.06
C VAL N 15 4.70 -19.54 -13.29
N ARG N 16 3.92 -18.48 -13.52
CA ARG N 16 2.47 -18.43 -13.74
C ARG N 16 1.68 -18.39 -12.43
N ASP N 17 2.34 -18.50 -11.28
CA ASP N 17 1.62 -18.46 -10.01
C ASP N 17 1.25 -17.03 -9.63
N ARG N 18 0.25 -16.92 -8.76
CA ARG N 18 -0.17 -15.64 -8.19
C ARG N 18 0.55 -15.42 -6.87
N VAL N 19 1.33 -14.35 -6.80
CA VAL N 19 2.12 -14.01 -5.62
C VAL N 19 1.48 -12.82 -4.94
N THR N 20 1.29 -12.92 -3.63
CA THR N 20 0.71 -11.83 -2.83
C THR N 20 1.60 -11.59 -1.62
N ILE N 21 2.07 -10.36 -1.48
CA ILE N 21 2.93 -9.96 -0.37
C ILE N 21 2.17 -8.97 0.50
N THR N 22 2.28 -9.13 1.81
CA THR N 22 1.56 -8.30 2.77
C THR N 22 2.51 -7.32 3.43
N CYS N 23 2.02 -6.10 3.68
CA CYS N 23 2.79 -5.06 4.35
C CYS N 23 1.87 -4.34 5.32
N ARG N 24 2.21 -4.36 6.60
CA ARG N 24 1.38 -3.78 7.65
C ARG N 24 2.12 -2.64 8.33
N ALA N 25 1.47 -1.49 8.43
CA ALA N 25 2.03 -0.32 9.09
C ALA N 25 1.62 -0.30 10.56
N SER N 26 2.53 0.20 11.40
CA SER N 26 2.25 0.29 12.83
C SER N 26 1.15 1.29 13.14
N GLN N 27 0.86 2.21 12.23
CA GLN N 27 -0.24 3.14 12.40
C GLN N 27 -0.74 3.56 11.03
N SER N 28 -1.96 4.12 11.01
CA SER N 28 -2.61 4.49 9.75
C SER N 28 -1.75 5.45 8.95
N ILE N 29 -1.57 5.14 7.66
CA ILE N 29 -0.76 5.97 6.77
C ILE N 29 -1.55 6.34 5.52
N ASP N 30 -2.87 6.14 5.55
CA ASP N 30 -3.78 6.47 4.43
C ASP N 30 -3.31 5.69 3.21
N THR N 31 -3.06 6.32 2.07
CA THR N 31 -2.59 5.66 0.87
C THR N 31 -1.12 5.95 0.58
N TYR N 32 -0.40 6.50 1.56
CA TYR N 32 0.99 6.90 1.37
C TYR N 32 1.88 5.69 1.59
N LEU N 33 1.92 4.82 0.57
CA LEU N 33 2.74 3.61 0.62
C LEU N 33 3.20 3.27 -0.78
N ASN N 34 4.49 2.97 -0.91
CA ASN N 34 5.08 2.62 -2.19
C ASN N 34 5.67 1.21 -2.14
N TRP N 35 5.75 0.59 -3.30
CA TRP N 35 6.33 -0.74 -3.46
C TRP N 35 7.53 -0.66 -4.39
N TYR N 36 8.60 -1.36 -4.03
CA TYR N 36 9.83 -1.32 -4.81
C TYR N 36 10.32 -2.73 -5.08
N GLN N 37 10.90 -2.92 -6.26
CA GLN N 37 11.54 -4.17 -6.64
C GLN N 37 13.04 -3.92 -6.75
N GLN N 38 13.83 -4.75 -6.07
CA GLN N 38 15.28 -4.62 -6.08
C GLN N 38 15.91 -5.96 -6.40
N LYS N 39 16.56 -6.05 -7.55
CA LYS N 39 17.41 -7.20 -7.79
C LYS N 39 18.80 -6.96 -7.19
N PRO N 40 19.47 -8.02 -6.73
CA PRO N 40 20.76 -7.85 -6.05
C PRO N 40 21.81 -7.20 -6.94
N GLY N 41 22.52 -6.24 -6.36
CA GLY N 41 23.50 -5.46 -7.09
C GLY N 41 22.91 -4.41 -7.99
N LYS N 42 21.64 -4.07 -7.79
CA LYS N 42 20.96 -3.07 -8.60
C LYS N 42 20.21 -2.13 -7.68
N ALA N 43 19.88 -0.95 -8.20
CA ALA N 43 19.12 0.01 -7.42
C ALA N 43 17.67 -0.43 -7.34
N PRO N 44 17.00 -0.16 -6.22
CA PRO N 44 15.55 -0.46 -6.15
C PRO N 44 14.76 0.31 -7.18
N ASN N 45 13.87 -0.39 -7.88
CA ASN N 45 13.01 0.21 -8.89
C ASN N 45 11.61 0.38 -8.33
N LEU N 46 11.02 1.55 -8.55
CA LEU N 46 9.67 1.82 -8.08
C LEU N 46 8.66 1.02 -8.90
N LEU N 47 7.75 0.35 -8.20
CA LEU N 47 6.66 -0.40 -8.83
C LEU N 47 5.31 0.27 -8.62
N ILE N 48 4.93 0.53 -7.38
CA ILE N 48 3.65 1.13 -7.05
C ILE N 48 3.90 2.39 -6.24
N TYR N 49 3.17 3.46 -6.56
CA TYR N 49 3.12 4.65 -5.75
C TYR N 49 1.66 4.94 -5.40
N ALA N 50 1.47 5.65 -4.28
CA ALA N 50 0.13 5.93 -3.77
C ALA N 50 -0.66 4.65 -3.58
N ALA N 51 -0.01 3.64 -3.00
CA ALA N 51 -0.61 2.36 -2.62
C ALA N 51 -1.03 1.50 -3.80
N SER N 52 -1.70 2.10 -4.81
CA SER N 52 -2.31 1.32 -5.88
C SER N 52 -2.03 1.84 -7.29
N SER N 53 -1.24 2.90 -7.44
CA SER N 53 -0.98 3.46 -8.75
C SER N 53 0.28 2.87 -9.36
N LEU N 54 0.15 2.34 -10.58
CA LEU N 54 1.27 1.70 -11.26
C LEU N 54 2.28 2.74 -11.75
N GLN N 55 3.56 2.43 -11.56
CA GLN N 55 4.63 3.25 -12.07
C GLN N 55 4.77 3.07 -13.58
N SER N 56 5.20 4.15 -14.26
CA SER N 56 5.34 4.13 -15.71
C SER N 56 6.31 3.05 -16.16
N GLY N 57 5.88 2.24 -17.12
CA GLY N 57 6.71 1.18 -17.67
C GLY N 57 6.71 -0.11 -16.89
N VAL N 58 6.01 -0.17 -15.77
CA VAL N 58 5.94 -1.40 -14.98
C VAL N 58 4.82 -2.28 -15.54
N PRO N 59 5.09 -3.56 -15.81
CA PRO N 59 4.04 -4.44 -16.36
C PRO N 59 2.81 -4.49 -15.46
N SER N 60 1.64 -4.62 -16.09
CA SER N 60 0.38 -4.61 -15.36
C SER N 60 0.20 -5.82 -14.46
N ARG N 61 1.04 -6.85 -14.59
CA ARG N 61 0.92 -7.99 -13.68
C ARG N 61 1.24 -7.60 -12.25
N PHE N 62 1.92 -6.47 -12.05
CA PHE N 62 2.12 -5.90 -10.73
C PHE N 62 0.95 -4.99 -10.40
N SER N 63 0.47 -5.08 -9.16
CA SER N 63 -0.65 -4.25 -8.73
C SER N 63 -0.66 -4.21 -7.20
N GLY N 64 -1.01 -3.04 -6.67
CA GLY N 64 -1.05 -2.86 -5.23
C GLY N 64 -2.44 -2.47 -4.76
N SER N 65 -2.73 -2.71 -3.48
CA SER N 65 -4.04 -2.40 -2.95
C SER N 65 -3.94 -2.19 -1.44
N GLY N 66 -4.94 -1.51 -0.90
CA GLY N 66 -5.05 -1.29 0.53
C GLY N 66 -4.95 0.19 0.88
N SER N 67 -5.35 0.48 2.11
CA SER N 67 -5.28 1.82 2.67
C SER N 67 -5.36 1.70 4.17
N GLY N 68 -4.78 2.68 4.87
CA GLY N 68 -4.75 2.62 6.32
C GLY N 68 -3.55 1.88 6.86
N THR N 69 -3.73 0.62 7.27
CA THR N 69 -2.65 -0.15 7.88
C THR N 69 -2.29 -1.43 7.14
N ASP N 70 -3.20 -2.01 6.36
CA ASP N 70 -2.96 -3.29 5.70
C ASP N 70 -2.90 -3.09 4.19
N PHE N 71 -1.80 -3.55 3.58
CA PHE N 71 -1.58 -3.40 2.15
C PHE N 71 -1.09 -4.72 1.56
N THR N 72 -1.28 -4.86 0.25
CA THR N 72 -0.87 -6.07 -0.44
C THR N 72 -0.26 -5.72 -1.79
N LEU N 73 0.87 -6.33 -2.11
CA LEU N 73 1.44 -6.30 -3.44
C LEU N 73 1.18 -7.64 -4.11
N THR N 74 0.77 -7.59 -5.38
CA THR N 74 0.35 -8.79 -6.09
C THR N 74 1.03 -8.90 -7.44
N ILE N 75 1.63 -10.06 -7.68
CA ILE N 75 2.12 -10.44 -9.00
C ILE N 75 1.14 -11.47 -9.54
N SER N 76 0.30 -11.05 -10.50
CA SER N 76 -0.79 -11.90 -10.97
C SER N 76 -0.27 -13.19 -11.59
N SER N 77 0.82 -13.11 -12.35
CA SER N 77 1.40 -14.27 -13.01
C SER N 77 2.91 -14.15 -12.91
N LEU N 78 3.51 -14.96 -12.04
CA LEU N 78 4.95 -14.86 -11.79
C LEU N 78 5.74 -15.18 -13.05
N GLN N 79 6.78 -14.40 -13.29
CA GLN N 79 7.67 -14.55 -14.43
C GLN N 79 9.08 -14.85 -13.96
N PRO N 80 9.92 -15.46 -14.81
CA PRO N 80 11.28 -15.78 -14.38
C PRO N 80 12.12 -14.58 -13.96
N GLU N 81 11.93 -13.42 -14.60
CA GLU N 81 12.73 -12.25 -14.28
C GLU N 81 12.24 -11.52 -13.02
N ASP N 82 11.15 -11.97 -12.41
CA ASP N 82 10.58 -11.28 -11.26
C ASP N 82 11.19 -11.72 -9.94
N PHE N 83 12.26 -12.52 -9.96
CA PHE N 83 12.94 -12.86 -8.72
C PHE N 83 13.67 -11.63 -8.19
N ALA N 84 13.34 -11.23 -6.96
CA ALA N 84 13.96 -10.09 -6.30
C ALA N 84 13.46 -9.94 -4.88
N THR N 85 13.91 -8.91 -4.17
CA THR N 85 13.37 -8.56 -2.86
C THR N 85 12.46 -7.36 -3.04
N TYR N 86 11.26 -7.44 -2.44
CA TYR N 86 10.26 -6.40 -2.60
C TYR N 86 10.05 -5.69 -1.27
N TYR N 87 10.21 -4.38 -1.29
CA TYR N 87 10.09 -3.54 -0.10
C TYR N 87 8.86 -2.65 -0.21
N CYS N 88 8.17 -2.47 0.91
CA CYS N 88 7.15 -1.43 1.02
C CYS N 88 7.70 -0.25 1.81
N LEU N 89 7.23 0.95 1.45
CA LEU N 89 7.82 2.19 1.94
C LEU N 89 6.71 3.18 2.23
N GLN N 90 6.58 3.59 3.49
CA GLN N 90 5.57 4.58 3.85
C GLN N 90 6.12 5.98 3.63
N THR N 91 5.27 6.84 3.06
CA THR N 91 5.58 8.25 2.87
C THR N 91 4.58 9.14 3.57
N TYR N 92 4.02 8.65 4.69
CA TYR N 92 3.02 9.43 5.41
C TYR N 92 3.69 10.45 6.33
N SER N 93 4.65 9.99 7.14
CA SER N 93 5.40 10.88 8.01
C SER N 93 6.89 10.63 7.83
N TYR N 94 7.67 11.55 8.39
CA TYR N 94 9.11 11.42 8.49
C TYR N 94 9.49 10.85 9.86
N PRO N 95 10.53 10.01 9.95
CA PRO N 95 11.48 9.59 8.91
C PRO N 95 10.91 8.56 7.95
N VAL N 96 11.42 8.55 6.72
CA VAL N 96 11.04 7.57 5.71
C VAL N 96 11.55 6.20 6.14
N THR N 97 10.64 5.26 6.35
CA THR N 97 10.99 3.94 6.86
C THR N 97 10.56 2.85 5.88
N PHE N 98 11.42 1.86 5.71
CA PHE N 98 11.18 0.72 4.83
C PHE N 98 10.72 -0.50 5.63
N GLY N 99 10.11 -1.44 4.93
CA GLY N 99 9.89 -2.77 5.48
C GLY N 99 11.17 -3.58 5.40
N GLN N 100 11.17 -4.72 6.11
CA GLN N 100 12.35 -5.56 6.08
C GLN N 100 12.53 -6.25 4.74
N GLY N 101 11.48 -6.34 3.93
CA GLY N 101 11.62 -6.90 2.60
C GLY N 101 11.11 -8.32 2.51
N THR N 102 10.65 -8.69 1.32
CA THR N 102 10.19 -10.04 1.02
C THR N 102 10.96 -10.54 -0.19
N LYS N 103 11.82 -11.53 0.02
CA LYS N 103 12.60 -12.08 -1.08
C LYS N 103 11.74 -13.09 -1.83
N VAL N 104 11.38 -12.76 -3.05
CA VAL N 104 10.59 -13.65 -3.90
C VAL N 104 11.52 -14.53 -4.69
N ASP N 105 11.30 -15.84 -4.61
CA ASP N 105 12.14 -16.83 -5.27
C ASP N 105 11.32 -17.60 -6.30
N ILE N 106 12.01 -18.03 -7.35
CA ILE N 106 11.40 -18.87 -8.39
C ILE N 106 11.58 -20.32 -7.95
N LYS N 107 10.48 -20.93 -7.51
CA LYS N 107 10.50 -22.24 -6.87
C LYS N 107 11.11 -23.34 -7.73
N ARG N 108 11.99 -24.13 -7.13
CA ARG N 108 12.35 -25.44 -7.66
C ARG N 108 11.95 -26.50 -6.63
N THR N 109 12.18 -27.75 -6.98
CA THR N 109 11.96 -28.83 -6.04
C THR N 109 12.99 -28.76 -4.91
N VAL N 110 12.62 -29.29 -3.75
CA VAL N 110 13.48 -29.21 -2.58
C VAL N 110 14.74 -30.04 -2.83
N ALA N 111 15.91 -29.45 -2.58
CA ALA N 111 17.19 -30.08 -2.91
C ALA N 111 18.09 -30.13 -1.68
N ALA N 112 18.70 -31.31 -1.44
CA ALA N 112 19.56 -31.59 -0.30
C ALA N 112 20.99 -31.12 -0.54
N PRO N 113 21.65 -30.59 0.48
CA PRO N 113 23.04 -30.13 0.34
C PRO N 113 24.06 -31.25 0.49
N SER N 114 25.22 -31.03 -0.14
CA SER N 114 26.41 -31.86 0.04
C SER N 114 27.36 -31.16 1.00
N VAL N 115 27.72 -31.84 2.09
CA VAL N 115 28.45 -31.25 3.21
C VAL N 115 29.92 -31.67 3.18
N PHE N 116 30.82 -30.70 3.26
CA PHE N 116 32.26 -30.92 3.35
C PHE N 116 32.83 -30.12 4.51
N ILE N 117 33.85 -30.68 5.17
CA ILE N 117 34.52 -30.02 6.29
C ILE N 117 36.02 -29.99 6.03
N PHE N 118 36.68 -28.91 6.47
CA PHE N 118 38.11 -28.71 6.24
C PHE N 118 38.81 -28.31 7.54
N PRO N 119 39.86 -29.02 7.93
CA PRO N 119 40.64 -28.62 9.11
C PRO N 119 41.52 -27.41 8.81
N PRO N 120 42.01 -26.72 9.84
CA PRO N 120 42.98 -25.65 9.61
C PRO N 120 44.33 -26.22 9.20
N SER N 121 44.99 -25.51 8.28
CA SER N 121 46.28 -25.96 7.76
C SER N 121 47.39 -25.77 8.80
N ASP N 122 48.47 -26.54 8.63
CA ASP N 122 49.65 -26.36 9.47
C ASP N 122 50.23 -24.96 9.33
N GLU N 123 50.06 -24.33 8.17
CA GLU N 123 50.59 -22.99 7.96
C GLU N 123 49.91 -21.98 8.86
N GLN N 124 48.58 -22.06 8.97
CA GLN N 124 47.85 -21.10 9.80
C GLN N 124 48.13 -21.32 11.28
N LEU N 125 48.31 -22.57 11.69
CA LEU N 125 48.53 -22.86 13.11
C LEU N 125 49.83 -22.24 13.63
N LYS N 126 50.85 -22.10 12.77
CA LYS N 126 52.08 -21.49 13.24
C LYS N 126 51.92 -20.00 13.50
N SER N 127 50.84 -19.38 12.99
CA SER N 127 50.58 -17.97 13.25
C SER N 127 49.81 -17.72 14.54
N GLY N 128 49.20 -18.75 15.12
CA GLY N 128 48.51 -18.64 16.39
C GLY N 128 47.00 -18.74 16.30
N THR N 129 46.43 -18.77 15.11
CA THR N 129 44.99 -18.87 14.92
C THR N 129 44.64 -20.12 14.12
N ALA N 130 43.47 -20.69 14.41
CA ALA N 130 42.96 -21.86 13.71
C ALA N 130 41.55 -21.60 13.23
N SER N 131 41.29 -21.86 11.95
CA SER N 131 39.98 -21.64 11.34
C SER N 131 39.48 -22.94 10.72
N VAL N 132 38.34 -23.42 11.20
CA VAL N 132 37.68 -24.61 10.66
C VAL N 132 36.51 -24.15 9.77
N VAL N 133 36.42 -24.73 8.57
CA VAL N 133 35.44 -24.32 7.58
C VAL N 133 34.52 -25.49 7.26
N CYS N 134 33.23 -25.19 7.09
CA CYS N 134 32.22 -26.16 6.70
C CYS N 134 31.53 -25.66 5.42
N LEU N 135 31.21 -26.60 4.52
CA LEU N 135 30.64 -26.26 3.22
C LEU N 135 29.30 -26.97 3.04
N LEU N 136 28.31 -26.21 2.58
CA LEU N 136 27.01 -26.75 2.16
C LEU N 136 26.85 -26.45 0.68
N ASN N 137 26.74 -27.51 -0.13
CA ASN N 137 26.82 -27.38 -1.57
C ASN N 137 25.47 -27.70 -2.22
N ASN N 138 24.91 -26.72 -2.93
CA ASN N 138 23.76 -26.91 -3.82
C ASN N 138 22.55 -27.51 -3.12
N PHE N 139 21.79 -26.66 -2.42
CA PHE N 139 20.58 -27.09 -1.74
C PHE N 139 19.45 -26.12 -2.01
N TYR N 140 18.21 -26.60 -1.76
CA TYR N 140 17.01 -25.78 -1.87
C TYR N 140 15.96 -26.34 -0.93
N PRO N 141 15.24 -25.49 -0.19
CA PRO N 141 15.27 -24.02 -0.21
C PRO N 141 16.43 -23.42 0.56
N ARG N 142 16.44 -22.10 0.73
CA ARG N 142 17.59 -21.43 1.35
C ARG N 142 17.67 -21.72 2.85
N GLU N 143 16.53 -21.93 3.51
CA GLU N 143 16.52 -22.15 4.96
C GLU N 143 17.33 -23.39 5.33
N ALA N 144 18.48 -23.17 5.96
CA ALA N 144 19.37 -24.25 6.36
C ALA N 144 20.15 -23.82 7.60
N LYS N 145 20.31 -24.74 8.54
CA LYS N 145 20.96 -24.48 9.82
C LYS N 145 22.29 -25.23 9.89
N VAL N 146 23.35 -24.52 10.29
CA VAL N 146 24.67 -25.08 10.46
C VAL N 146 25.06 -24.99 11.94
N GLN N 147 25.31 -26.14 12.56
CA GLN N 147 25.65 -26.20 13.98
C GLN N 147 27.06 -26.70 14.14
N TRP N 148 27.91 -25.91 14.80
CA TRP N 148 29.30 -26.26 15.04
C TRP N 148 29.43 -27.02 16.36
N LYS N 149 30.11 -28.16 16.31
CA LYS N 149 30.36 -28.98 17.49
C LYS N 149 31.86 -29.20 17.62
N VAL N 150 32.44 -28.75 18.74
CA VAL N 150 33.85 -28.96 19.06
C VAL N 150 33.90 -29.87 20.27
N ASP N 151 34.34 -31.11 20.05
CA ASP N 151 34.25 -32.16 21.06
C ASP N 151 32.82 -32.26 21.58
N ASN N 152 31.87 -32.25 20.64
CA ASN N 152 30.43 -32.34 20.90
C ASN N 152 29.87 -31.14 21.66
N ALA N 153 30.61 -30.04 21.73
CA ALA N 153 30.13 -28.81 22.38
C ALA N 153 29.70 -27.82 21.32
N LEU N 154 28.44 -27.39 21.40
CA LEU N 154 27.89 -26.45 20.42
C LEU N 154 28.53 -25.08 20.58
N GLN N 155 29.11 -24.57 19.49
CA GLN N 155 29.84 -23.30 19.47
C GLN N 155 28.94 -22.17 19.00
N SER N 156 28.65 -21.23 19.90
CA SER N 156 27.98 -19.98 19.56
C SER N 156 28.88 -18.79 19.88
N GLY N 157 28.77 -17.75 19.05
CA GLY N 157 29.53 -16.54 19.23
C GLY N 157 30.97 -16.59 18.80
N ASN N 158 31.34 -17.58 17.96
CA ASN N 158 32.70 -17.65 17.46
C ASN N 158 32.72 -18.15 16.02
N SER N 159 31.58 -18.17 15.35
CA SER N 159 31.49 -18.57 13.96
C SER N 159 30.61 -17.57 13.21
N GLN N 160 30.84 -17.49 11.91
CA GLN N 160 30.07 -16.60 11.05
C GLN N 160 29.68 -17.35 9.79
N GLU N 161 28.51 -17.03 9.25
CA GLU N 161 27.98 -17.72 8.09
C GLU N 161 28.00 -16.82 6.86
N SER N 162 27.95 -17.45 5.70
CA SER N 162 27.84 -16.75 4.43
C SER N 162 27.10 -17.64 3.45
N VAL N 163 26.11 -17.07 2.77
CA VAL N 163 25.27 -17.81 1.84
C VAL N 163 25.42 -17.17 0.47
N THR N 164 25.56 -18.02 -0.55
CA THR N 164 25.64 -17.51 -1.91
C THR N 164 24.28 -17.05 -2.38
N GLU N 165 24.28 -16.27 -3.46
CA GLU N 165 23.03 -16.00 -4.13
C GLU N 165 22.57 -17.28 -4.81
N GLN N 166 21.25 -17.39 -5.04
CA GLN N 166 20.71 -18.60 -5.63
C GLN N 166 21.29 -18.79 -7.03
N ASP N 167 21.73 -20.02 -7.32
CA ASP N 167 22.32 -20.28 -8.63
C ASP N 167 21.26 -20.10 -9.71
N SER N 168 21.66 -19.48 -10.82
CA SER N 168 20.72 -19.22 -11.90
C SER N 168 20.35 -20.45 -12.71
N LYS N 169 21.00 -21.60 -12.45
CA LYS N 169 20.74 -22.78 -13.27
C LYS N 169 19.92 -23.82 -12.53
N ASP N 170 20.51 -24.49 -11.54
CA ASP N 170 19.77 -25.49 -10.78
C ASP N 170 18.97 -24.87 -9.64
N SER N 171 18.99 -23.54 -9.49
CA SER N 171 18.15 -22.82 -8.52
C SER N 171 18.44 -23.25 -7.08
N THR N 172 19.68 -23.60 -6.78
CA THR N 172 20.08 -24.00 -5.44
C THR N 172 20.92 -22.92 -4.77
N TYR N 173 21.06 -23.05 -3.45
CA TYR N 173 21.91 -22.18 -2.64
C TYR N 173 23.15 -22.92 -2.18
N SER N 174 24.07 -22.17 -1.57
CA SER N 174 25.29 -22.74 -0.99
C SER N 174 25.71 -21.89 0.21
N LEU N 175 26.19 -22.56 1.26
CA LEU N 175 26.50 -21.90 2.52
C LEU N 175 27.89 -22.29 3.00
N SER N 176 28.57 -21.34 3.64
CA SER N 176 29.89 -21.56 4.23
C SER N 176 29.94 -20.98 5.63
N SER N 177 30.29 -21.81 6.61
CA SER N 177 30.44 -21.40 8.00
C SER N 177 31.88 -21.60 8.45
N THR N 178 32.43 -20.58 9.14
CA THR N 178 33.85 -20.57 9.54
C THR N 178 33.97 -20.43 11.05
N LEU N 179 34.52 -21.46 11.69
CA LEU N 179 34.79 -21.47 13.12
C LEU N 179 36.22 -21.02 13.38
N THR N 180 36.39 -19.97 14.20
CA THR N 180 37.70 -19.37 14.47
C THR N 180 38.11 -19.59 15.92
N LEU N 181 39.32 -20.14 16.10
CA LEU N 181 39.93 -20.34 17.42
C LEU N 181 41.41 -20.02 17.35
N SER N 182 41.97 -19.66 18.50
CA SER N 182 43.41 -19.46 18.59
C SER N 182 44.12 -20.81 18.55
N LYS N 183 45.44 -20.76 18.32
CA LYS N 183 46.22 -22.00 18.27
C LYS N 183 46.16 -22.72 19.61
N ALA N 184 46.27 -21.97 20.71
CA ALA N 184 46.16 -22.56 22.03
C ALA N 184 44.77 -23.14 22.28
N ASP N 185 43.74 -22.43 21.84
CA ASP N 185 42.38 -22.95 21.98
C ASP N 185 42.12 -24.11 21.03
N TYR N 186 42.86 -24.18 19.92
CA TYR N 186 42.66 -25.25 18.95
C TYR N 186 43.26 -26.55 19.44
N GLU N 187 44.48 -26.50 19.94
CA GLU N 187 45.17 -27.68 20.45
C GLU N 187 44.57 -28.20 21.75
N LYS N 188 43.54 -27.53 22.28
CA LYS N 188 42.82 -28.03 23.44
C LYS N 188 41.83 -29.14 23.09
N HIS N 189 41.40 -29.21 21.82
CA HIS N 189 40.36 -30.13 21.41
C HIS N 189 40.87 -31.04 20.29
N LYS N 190 40.06 -32.04 19.96
CA LYS N 190 40.40 -33.02 18.93
C LYS N 190 39.34 -33.12 17.84
N VAL N 191 38.08 -33.37 18.20
CA VAL N 191 37.03 -33.59 17.22
C VAL N 191 36.38 -32.26 16.87
N TYR N 192 36.30 -31.98 15.57
CA TYR N 192 35.65 -30.78 15.06
C TYR N 192 34.64 -31.18 13.99
N ALA N 193 33.37 -30.89 14.23
CA ALA N 193 32.30 -31.30 13.34
C ALA N 193 31.37 -30.14 13.07
N CYS N 194 30.60 -30.26 11.99
CA CYS N 194 29.57 -29.30 11.62
C CYS N 194 28.30 -30.06 11.22
N GLU N 195 27.22 -29.82 11.93
CA GLU N 195 25.95 -30.50 11.69
C GLU N 195 25.07 -29.63 10.80
N VAL N 196 24.43 -30.26 9.83
CA VAL N 196 23.63 -29.56 8.82
C VAL N 196 22.22 -30.14 8.83
N THR N 197 21.23 -29.25 9.00
CA THR N 197 19.82 -29.61 8.95
C THR N 197 19.16 -28.88 7.77
N HIS N 198 18.43 -29.63 6.95
CA HIS N 198 17.80 -29.04 5.77
C HIS N 198 16.55 -29.82 5.41
N GLN N 199 15.63 -29.14 4.71
CA GLN N 199 14.37 -29.75 4.32
C GLN N 199 14.57 -30.95 3.41
N GLY N 200 15.58 -30.92 2.53
CA GLY N 200 15.83 -32.03 1.64
C GLY N 200 16.63 -33.15 2.25
N LEU N 201 16.84 -33.11 3.55
CA LEU N 201 17.56 -34.15 4.29
C LEU N 201 16.61 -34.73 5.32
N SER N 202 16.35 -36.04 5.22
CA SER N 202 15.49 -36.69 6.18
C SER N 202 16.09 -36.73 7.57
N SER N 203 17.39 -36.47 7.69
CA SER N 203 18.06 -36.39 8.98
C SER N 203 19.29 -35.51 8.83
N PRO N 204 19.78 -34.92 9.92
CA PRO N 204 20.97 -34.07 9.84
C PRO N 204 22.21 -34.84 9.41
N VAL N 205 22.98 -34.23 8.51
CA VAL N 205 24.24 -34.79 8.03
C VAL N 205 25.37 -34.09 8.76
N THR N 206 26.37 -34.87 9.18
CA THR N 206 27.49 -34.36 9.96
C THR N 206 28.81 -34.82 9.36
N LYS N 207 29.70 -33.87 9.08
CA LYS N 207 31.04 -34.16 8.60
C LYS N 207 32.04 -33.70 9.65
N SER N 208 33.02 -34.54 9.97
CA SER N 208 33.93 -34.26 11.07
C SER N 208 35.34 -34.72 10.71
N PHE N 209 36.28 -34.38 11.60
CA PHE N 209 37.66 -34.81 11.50
C PHE N 209 38.27 -34.80 12.89
N ASN N 210 39.40 -35.50 13.02
CA ASN N 210 40.17 -35.50 14.27
C ASN N 210 41.47 -34.77 14.05
N ARG N 211 41.83 -33.89 15.00
CA ARG N 211 43.05 -33.12 14.91
C ARG N 211 44.28 -34.04 14.95
N GLY N 212 45.09 -33.98 13.90
CA GLY N 212 46.33 -34.73 13.86
C GLY N 212 46.24 -36.12 13.28
N GLU N 213 45.37 -36.34 12.30
CA GLU N 213 45.24 -37.65 11.66
C GLU N 213 45.09 -37.51 10.16
N VAL O 2 19.77 11.00 -18.53
CA VAL O 2 19.45 11.32 -17.16
C VAL O 2 20.23 10.41 -16.20
N GLN O 3 20.98 11.03 -15.28
CA GLN O 3 21.92 10.28 -14.46
C GLN O 3 22.12 10.95 -13.11
N LEU O 4 22.52 10.14 -12.13
CA LEU O 4 22.96 10.62 -10.82
C LEU O 4 24.27 9.94 -10.49
N VAL O 5 25.33 10.72 -10.33
CA VAL O 5 26.68 10.21 -10.16
C VAL O 5 27.19 10.64 -8.79
N GLU O 6 27.49 9.67 -7.93
CA GLU O 6 28.02 9.94 -6.60
C GLU O 6 29.54 9.91 -6.60
N SER O 7 30.12 10.71 -5.72
CA SER O 7 31.56 10.69 -5.47
C SER O 7 31.82 11.06 -4.02
N GLY O 8 33.06 10.84 -3.59
CA GLY O 8 33.48 11.18 -2.24
C GLY O 8 33.63 10.00 -1.30
N GLY O 9 33.05 8.85 -1.64
CA GLY O 9 33.15 7.69 -0.79
C GLY O 9 34.54 7.06 -0.83
N GLY O 10 34.77 6.15 0.11
CA GLY O 10 36.04 5.46 0.20
C GLY O 10 36.26 4.92 1.60
N LEU O 11 37.52 4.65 1.91
CA LEU O 11 37.92 4.14 3.21
C LEU O 11 38.16 5.31 4.16
N VAL O 12 37.61 5.22 5.36
CA VAL O 12 37.72 6.28 6.36
C VAL O 12 37.75 5.64 7.74
N GLN O 13 38.52 6.24 8.64
CA GLN O 13 38.60 5.72 10.01
C GLN O 13 37.41 6.21 10.83
N PRO O 14 36.91 5.40 11.75
CA PRO O 14 35.74 5.79 12.54
C PRO O 14 36.02 7.02 13.38
N GLY O 15 35.01 7.87 13.51
CA GLY O 15 35.14 9.16 14.15
C GLY O 15 35.54 10.29 13.24
N ARG O 16 36.02 9.98 12.03
CA ARG O 16 36.39 11.00 11.06
C ARG O 16 35.16 11.39 10.24
N SER O 17 35.36 12.29 9.27
CA SER O 17 34.27 12.82 8.48
C SER O 17 34.54 12.60 6.99
N LEU O 18 33.45 12.51 6.23
CA LEU O 18 33.49 12.45 4.78
C LEU O 18 32.40 13.36 4.23
N ARG O 19 32.61 13.86 3.02
CA ARG O 19 31.61 14.67 2.32
C ARG O 19 31.30 14.00 0.99
N LEU O 20 30.06 13.54 0.85
CA LEU O 20 29.60 12.91 -0.38
C LEU O 20 28.99 13.94 -1.32
N SER O 21 29.21 13.75 -2.61
CA SER O 21 28.68 14.63 -3.63
C SER O 21 27.85 13.83 -4.63
N CYS O 22 26.96 14.53 -5.32
CA CYS O 22 26.11 13.90 -6.34
C CYS O 22 25.86 14.89 -7.46
N VAL O 23 26.29 14.54 -8.66
CA VAL O 23 26.14 15.40 -9.84
C VAL O 23 24.96 14.90 -10.65
N ALA O 24 23.95 15.75 -10.82
CA ALA O 24 22.73 15.39 -11.52
C ALA O 24 22.71 15.98 -12.92
N SER O 25 22.18 15.21 -13.87
CA SER O 25 22.04 15.66 -15.24
C SER O 25 20.87 14.93 -15.89
N GLY O 26 20.37 15.51 -16.97
CA GLY O 26 19.29 14.92 -17.73
C GLY O 26 17.89 15.29 -17.29
N PHE O 27 17.75 16.03 -16.19
CA PHE O 27 16.45 16.52 -15.76
C PHE O 27 16.67 17.83 -15.01
N THR O 28 15.56 18.52 -14.74
CA THR O 28 15.60 19.76 -13.98
C THR O 28 15.85 19.43 -12.52
N PHE O 29 17.12 19.56 -12.09
CA PHE O 29 17.48 19.22 -10.72
C PHE O 29 16.69 20.02 -9.71
N GLU O 30 16.38 21.28 -10.03
CA GLU O 30 15.60 22.13 -9.14
C GLU O 30 14.14 21.71 -9.05
N ASP O 31 13.67 20.84 -9.93
CA ASP O 31 12.27 20.44 -9.98
C ASP O 31 11.92 19.31 -9.01
N TYR O 32 12.90 18.76 -8.30
CA TYR O 32 12.64 17.54 -7.53
C TYR O 32 13.40 17.56 -6.21
N ALA O 33 12.77 17.01 -5.18
CA ALA O 33 13.47 16.71 -3.94
C ALA O 33 14.56 15.67 -4.17
N MET O 34 15.56 15.68 -3.30
CA MET O 34 16.67 14.75 -3.40
C MET O 34 16.88 14.06 -2.06
N HIS O 35 17.29 12.80 -2.12
CA HIS O 35 17.41 11.97 -0.93
C HIS O 35 18.69 11.15 -1.00
N TRP O 36 19.14 10.71 0.16
CA TRP O 36 20.23 9.75 0.29
C TRP O 36 19.70 8.49 0.93
N VAL O 37 19.97 7.34 0.30
CA VAL O 37 19.61 6.04 0.83
C VAL O 37 20.85 5.16 0.81
N ARG O 38 21.11 4.47 1.92
CA ARG O 38 22.28 3.62 2.05
C ARG O 38 21.86 2.17 2.22
N GLN O 39 22.77 1.27 1.89
CA GLN O 39 22.51 -0.17 1.93
C GLN O 39 23.79 -0.87 2.37
N VAL O 40 23.76 -1.47 3.55
CA VAL O 40 24.91 -2.26 4.02
C VAL O 40 25.03 -3.52 3.18
N PRO O 41 26.23 -3.94 2.80
CA PRO O 41 26.38 -5.15 1.98
C PRO O 41 25.66 -6.35 2.59
N GLY O 42 24.80 -6.97 1.78
CA GLY O 42 24.03 -8.12 2.21
C GLY O 42 22.82 -7.81 3.05
N LYS O 43 22.45 -6.55 3.20
CA LYS O 43 21.32 -6.15 4.03
C LYS O 43 20.32 -5.36 3.18
N GLY O 44 19.29 -4.82 3.83
CA GLY O 44 18.25 -4.09 3.14
C GLY O 44 18.59 -2.62 2.97
N PRO O 45 17.57 -1.81 2.67
CA PRO O 45 17.82 -0.37 2.47
C PRO O 45 17.46 0.45 3.69
N GLU O 46 18.16 1.57 3.87
CA GLU O 46 17.84 2.51 4.94
C GLU O 46 17.90 3.93 4.36
N TRP O 47 16.79 4.64 4.43
CA TRP O 47 16.78 6.03 4.02
C TRP O 47 17.59 6.85 5.03
N VAL O 48 18.40 7.77 4.52
CA VAL O 48 19.35 8.52 5.33
C VAL O 48 18.90 9.97 5.55
N SER O 49 18.70 10.72 4.47
CA SER O 49 18.42 12.14 4.58
C SER O 49 17.76 12.61 3.30
N GLY O 50 17.02 13.72 3.42
CA GLY O 50 16.34 14.31 2.28
C GLY O 50 16.20 15.80 2.45
N ILE O 51 15.96 16.47 1.33
CA ILE O 51 15.83 17.93 1.29
C ILE O 51 14.77 18.29 0.27
N SER O 52 13.95 19.29 0.60
CA SER O 52 12.87 19.75 -0.27
C SER O 52 13.42 20.16 -1.63
N TRP O 53 13.87 21.41 -1.74
CA TRP O 53 14.49 21.91 -2.97
C TRP O 53 15.03 23.31 -2.71
N ASN O 54 14.14 24.24 -2.37
CA ASN O 54 14.53 25.56 -1.89
C ASN O 54 14.99 25.54 -0.43
N SER O 55 15.48 24.38 0.03
CA SER O 55 15.81 24.14 1.45
C SER O 55 14.62 24.36 2.37
N GLY O 56 13.40 24.28 1.84
CA GLY O 56 12.21 24.49 2.64
C GLY O 56 11.91 23.38 3.63
N SER O 57 12.51 22.21 3.45
CA SER O 57 12.29 21.09 4.37
C SER O 57 13.48 20.16 4.31
N ILE O 58 13.97 19.75 5.47
CA ILE O 58 15.10 18.83 5.59
C ILE O 58 14.77 17.80 6.66
N GLY O 59 15.12 16.55 6.41
CA GLY O 59 14.90 15.49 7.37
C GLY O 59 16.07 14.54 7.43
N TYR O 60 16.21 13.88 8.57
CA TYR O 60 17.28 12.92 8.81
C TYR O 60 16.71 11.70 9.53
N ALA O 61 17.28 10.54 9.22
CA ALA O 61 17.04 9.37 10.04
C ALA O 61 17.57 9.59 11.44
N ASP O 62 16.88 9.01 12.43
CA ASP O 62 17.28 9.19 13.82
C ASP O 62 18.70 8.72 14.08
N SER O 63 19.13 7.66 13.38
CA SER O 63 20.46 7.11 13.58
C SER O 63 21.57 8.04 13.09
N VAL O 64 21.25 9.05 12.30
CA VAL O 64 22.25 9.95 11.74
C VAL O 64 21.98 11.41 12.08
N LYS O 65 20.89 11.72 12.76
CA LYS O 65 20.56 13.11 13.06
C LYS O 65 21.57 13.71 14.02
N GLY O 66 21.93 14.97 13.77
CA GLY O 66 22.95 15.66 14.52
C GLY O 66 24.36 15.44 14.03
N ARG O 67 24.60 14.40 13.23
CA ARG O 67 25.91 14.11 12.67
C ARG O 67 26.00 14.35 11.17
N PHE O 68 24.91 14.16 10.44
CA PHE O 68 24.90 14.37 9.00
C PHE O 68 24.21 15.69 8.66
N THR O 69 24.63 16.28 7.55
CA THR O 69 24.04 17.53 7.06
C THR O 69 23.88 17.43 5.55
N ILE O 70 22.65 17.46 5.08
CA ILE O 70 22.36 17.42 3.64
C ILE O 70 22.24 18.85 3.13
N SER O 71 22.64 19.04 1.88
CA SER O 71 22.57 20.34 1.24
C SER O 71 22.58 20.15 -0.26
N ARG O 72 22.13 21.17 -0.99
CA ARG O 72 22.08 21.12 -2.44
C ARG O 72 22.49 22.46 -3.02
N ASP O 73 23.20 22.42 -4.14
CA ASP O 73 23.61 23.60 -4.89
C ASP O 73 22.88 23.55 -6.22
N ASN O 74 21.76 24.29 -6.31
CA ASN O 74 20.91 24.21 -7.50
C ASN O 74 21.64 24.70 -8.74
N ALA O 75 22.46 25.74 -8.59
CA ALA O 75 23.19 26.27 -9.74
C ALA O 75 24.18 25.25 -10.31
N LYS O 76 24.66 24.34 -9.47
CA LYS O 76 25.60 23.31 -9.90
C LYS O 76 24.96 21.95 -10.10
N ASN O 77 23.64 21.85 -9.94
CA ASN O 77 22.92 20.59 -10.08
C ASN O 77 23.55 19.49 -9.22
N SER O 78 23.78 19.81 -7.95
CA SER O 78 24.55 18.95 -7.07
C SER O 78 23.86 18.79 -5.73
N LEU O 79 23.96 17.58 -5.17
CA LEU O 79 23.50 17.27 -3.83
C LEU O 79 24.69 16.83 -2.99
N TYR O 80 24.68 17.20 -1.71
CA TYR O 80 25.80 16.93 -0.82
C TYR O 80 25.31 16.29 0.47
N LEU O 81 26.19 15.51 1.09
CA LEU O 81 25.92 14.91 2.40
C LEU O 81 27.20 14.98 3.23
N GLN O 82 27.24 15.92 4.18
CA GLN O 82 28.37 16.03 5.10
C GLN O 82 28.19 15.03 6.23
N MET O 83 29.13 14.09 6.34
CA MET O 83 29.00 12.96 7.27
C MET O 83 30.06 13.05 8.36
N SER O 84 29.87 14.02 9.25
CA SER O 84 30.75 14.15 10.41
C SER O 84 30.54 13.01 11.39
N SER O 85 31.64 12.47 11.92
CA SER O 85 31.64 11.41 12.94
C SER O 85 31.00 10.13 12.40
N LEU O 86 31.76 9.48 11.51
CA LEU O 86 31.35 8.23 10.88
C LEU O 86 31.55 7.06 11.85
N ARG O 87 30.45 6.46 12.28
CA ARG O 87 30.49 5.20 13.03
C ARG O 87 30.63 4.03 12.07
N VAL O 88 30.96 2.86 12.62
CA VAL O 88 31.02 1.65 11.80
C VAL O 88 29.64 1.29 11.27
N GLU O 89 28.58 1.54 12.05
CA GLU O 89 27.23 1.25 11.60
C GLU O 89 26.83 2.07 10.38
N ASP O 90 27.61 3.08 10.02
CA ASP O 90 27.35 3.89 8.84
C ASP O 90 27.99 3.33 7.57
N THR O 91 28.77 2.26 7.66
CA THR O 91 29.37 1.67 6.46
C THR O 91 28.26 1.08 5.58
N ALA O 92 28.23 1.51 4.32
CA ALA O 92 27.19 1.13 3.38
C ALA O 92 27.49 1.79 2.04
N LEU O 93 26.82 1.28 1.00
CA LEU O 93 26.80 1.96 -0.29
C LEU O 93 25.71 3.04 -0.24
N TYR O 94 26.11 4.28 -0.51
CA TYR O 94 25.20 5.43 -0.38
C TYR O 94 24.67 5.83 -1.75
N TYR O 95 23.36 5.73 -1.93
CA TYR O 95 22.71 6.05 -3.19
C TYR O 95 22.23 7.49 -3.19
N CYS O 96 22.54 8.22 -4.25
CA CYS O 96 21.91 9.50 -4.53
C CYS O 96 20.64 9.24 -5.35
N VAL O 97 19.51 9.74 -4.87
CA VAL O 97 18.21 9.38 -5.41
C VAL O 97 17.40 10.64 -5.68
N LYS O 98 16.70 10.65 -6.81
CA LYS O 98 15.78 11.73 -7.16
C LYS O 98 14.38 11.40 -6.65
N ASP O 99 13.74 12.37 -6.02
CA ASP O 99 12.38 12.20 -5.55
C ASP O 99 11.39 12.57 -6.65
N ARG O 100 10.19 12.00 -6.54
CA ARG O 100 9.18 12.19 -7.58
C ARG O 100 8.72 13.65 -7.65
N HIS O 101 8.51 14.30 -6.51
CA HIS O 101 8.03 15.67 -6.52
C HIS O 101 8.96 16.58 -5.70
N TYR O 102 8.42 17.26 -4.69
CA TYR O 102 9.21 18.26 -3.99
C TYR O 102 9.02 18.26 -2.48
N ASP O 103 8.21 17.36 -1.92
CA ASP O 103 7.97 17.32 -0.48
C ASP O 103 8.75 16.17 0.15
N SER O 104 9.10 16.35 1.42
CA SER O 104 9.76 15.33 2.23
C SER O 104 8.99 15.27 3.55
N ALA O 105 7.80 14.67 3.51
CA ALA O 105 6.91 14.56 4.65
C ALA O 105 5.67 13.74 4.30
N GLY O 106 4.75 14.32 3.54
CA GLY O 106 3.48 13.68 3.24
C GLY O 106 2.90 13.96 1.88
N TYR O 107 3.64 13.62 0.82
CA TYR O 107 3.13 13.63 -0.54
C TYR O 107 2.88 12.18 -0.97
N LEU O 108 1.62 11.88 -1.35
CA LEU O 108 1.28 10.55 -1.82
C LEU O 108 2.14 10.12 -3.00
N VAL O 109 2.75 11.09 -3.68
CA VAL O 109 3.55 10.82 -4.87
C VAL O 109 5.03 10.65 -4.55
N ASN O 110 5.48 11.17 -3.40
CA ASN O 110 6.87 11.06 -2.98
C ASN O 110 7.41 9.65 -3.18
N GLY O 111 8.37 9.51 -4.09
CA GLY O 111 8.92 8.22 -4.42
C GLY O 111 10.34 8.37 -4.91
N PHE O 112 11.02 7.24 -4.98
CA PHE O 112 12.43 7.17 -5.36
C PHE O 112 12.49 6.63 -6.79
N HIS O 113 12.32 7.53 -7.74
CA HIS O 113 12.12 7.17 -9.14
C HIS O 113 13.42 7.00 -9.92
N ILE O 114 14.47 7.73 -9.57
CA ILE O 114 15.76 7.60 -10.24
C ILE O 114 16.83 7.43 -9.17
N TRP O 115 17.71 6.45 -9.36
CA TRP O 115 18.72 6.08 -8.37
C TRP O 115 20.10 6.11 -9.02
N GLY O 116 21.07 6.67 -8.31
CA GLY O 116 22.45 6.58 -8.75
C GLY O 116 23.04 5.21 -8.49
N GLN O 117 24.25 5.01 -9.04
CA GLN O 117 24.94 3.73 -8.84
C GLN O 117 25.41 3.56 -7.40
N GLY O 118 25.67 4.66 -6.71
CA GLY O 118 26.07 4.60 -5.33
C GLY O 118 27.57 4.71 -5.15
N THR O 119 27.99 5.28 -4.02
CA THR O 119 29.39 5.38 -3.65
C THR O 119 29.60 4.67 -2.32
N MET O 120 30.70 3.94 -2.21
CA MET O 120 30.95 3.07 -1.07
C MET O 120 31.73 3.82 0.01
N VAL O 121 31.19 3.82 1.22
CA VAL O 121 31.83 4.41 2.39
C VAL O 121 32.16 3.27 3.34
N THR O 122 33.46 2.99 3.51
CA THR O 122 33.92 1.88 4.34
C THR O 122 34.53 2.46 5.60
N VAL O 123 33.88 2.22 6.75
CA VAL O 123 34.29 2.76 8.04
C VAL O 123 34.79 1.62 8.90
N SER O 124 36.10 1.62 9.20
CA SER O 124 36.70 0.64 10.11
C SER O 124 38.11 1.07 10.49
N SER O 125 38.44 0.98 11.77
CA SER O 125 39.76 1.34 12.30
C SER O 125 40.76 0.21 12.19
N ALA O 126 40.85 -0.42 11.03
CA ALA O 126 41.86 -1.44 10.77
C ALA O 126 42.71 -1.00 9.60
N SER O 127 44.02 -1.12 9.75
CA SER O 127 44.89 -0.72 8.66
C SER O 127 44.79 -1.73 7.52
N THR O 128 45.14 -1.28 6.33
CA THR O 128 45.04 -2.12 5.13
C THR O 128 46.03 -3.28 5.26
N LYS O 129 45.53 -4.46 5.57
CA LYS O 129 46.37 -5.64 5.77
C LYS O 129 46.11 -6.64 4.65
N GLY O 130 47.18 -7.29 4.20
CA GLY O 130 47.07 -8.32 3.19
C GLY O 130 46.50 -9.59 3.77
N PRO O 131 45.80 -10.36 2.94
CA PRO O 131 45.19 -11.60 3.42
C PRO O 131 46.19 -12.75 3.41
N SER O 132 45.94 -13.71 4.30
CA SER O 132 46.61 -15.00 4.26
C SER O 132 45.72 -16.01 3.57
N VAL O 133 46.33 -16.85 2.74
CA VAL O 133 45.61 -17.82 1.93
C VAL O 133 46.07 -19.21 2.32
N PHE O 134 45.12 -20.01 2.83
CA PHE O 134 45.41 -21.36 3.28
C PHE O 134 44.62 -22.36 2.45
N PRO O 135 45.20 -23.53 2.15
CA PRO O 135 44.50 -24.48 1.29
C PRO O 135 43.41 -25.23 2.02
N LEU O 136 42.32 -25.50 1.30
CA LEU O 136 41.26 -26.39 1.76
C LEU O 136 41.40 -27.67 0.95
N ALA O 137 42.30 -28.54 1.41
CA ALA O 137 42.72 -29.68 0.61
C ALA O 137 41.58 -30.70 0.50
N PRO O 138 41.45 -31.37 -0.66
CA PRO O 138 40.45 -32.43 -0.78
C PRO O 138 40.83 -33.63 0.07
N SER O 139 39.86 -34.15 0.82
CA SER O 139 40.12 -35.26 1.71
C SER O 139 40.03 -36.58 0.97
N SER O 140 40.35 -37.67 1.68
CA SER O 140 40.24 -39.01 1.13
C SER O 140 38.88 -39.63 1.37
N LYS O 141 38.33 -39.45 2.56
CA LYS O 141 37.00 -39.95 2.89
C LYS O 141 35.91 -39.19 2.11
N GLY O 146 32.26 -40.05 -6.33
CA GLY O 146 32.65 -39.75 -7.71
C GLY O 146 33.11 -38.33 -7.91
N THR O 147 32.56 -37.42 -7.11
CA THR O 147 32.94 -36.00 -7.15
C THR O 147 33.53 -35.59 -5.81
N ALA O 148 34.69 -34.96 -5.84
CA ALA O 148 35.37 -34.45 -4.66
C ALA O 148 35.36 -32.93 -4.67
N ALA O 149 35.61 -32.33 -3.52
CA ALA O 149 35.57 -30.88 -3.35
C ALA O 149 36.84 -30.40 -2.69
N LEU O 150 37.34 -29.25 -3.18
CA LEU O 150 38.50 -28.59 -2.61
C LEU O 150 38.30 -27.08 -2.68
N GLY O 151 39.15 -26.34 -1.99
CA GLY O 151 38.96 -24.90 -1.94
C GLY O 151 40.15 -24.17 -1.37
N CYS O 152 39.95 -22.88 -1.14
CA CYS O 152 40.94 -22.00 -0.55
C CYS O 152 40.27 -21.06 0.43
N LEU O 153 41.00 -20.65 1.47
CA LEU O 153 40.50 -19.74 2.49
C LEU O 153 41.30 -18.45 2.45
N VAL O 154 40.61 -17.33 2.24
CA VAL O 154 41.22 -16.01 2.20
C VAL O 154 40.83 -15.31 3.49
N LYS O 155 41.78 -15.19 4.42
CA LYS O 155 41.50 -14.77 5.79
C LYS O 155 42.26 -13.49 6.14
N ASP O 156 41.61 -12.63 6.92
CA ASP O 156 42.23 -11.48 7.58
C ASP O 156 42.80 -10.49 6.56
N TYR O 157 41.87 -9.81 5.88
CA TYR O 157 42.23 -8.72 4.99
C TYR O 157 41.30 -7.55 5.22
N PHE O 158 41.72 -6.38 4.76
CA PHE O 158 40.94 -5.16 4.81
C PHE O 158 41.56 -4.11 3.90
N PRO O 159 40.74 -3.32 3.19
CA PRO O 159 39.28 -3.40 3.08
C PRO O 159 38.83 -4.33 1.96
N GLU O 160 37.53 -4.36 1.69
CA GLU O 160 37.01 -5.13 0.57
C GLU O 160 37.50 -4.55 -0.75
N PRO O 161 37.46 -5.35 -1.83
CA PRO O 161 37.10 -6.77 -1.92
C PRO O 161 38.27 -7.66 -2.32
N VAL O 162 38.02 -8.96 -2.43
CA VAL O 162 38.97 -9.91 -3.01
C VAL O 162 38.28 -10.65 -4.15
N THR O 163 39.10 -11.25 -5.01
CA THR O 163 38.62 -12.07 -6.12
C THR O 163 39.41 -13.37 -6.14
N VAL O 164 38.73 -14.47 -6.46
CA VAL O 164 39.33 -15.79 -6.47
C VAL O 164 38.95 -16.51 -7.75
N SER O 165 39.94 -17.05 -8.45
CA SER O 165 39.75 -17.90 -9.61
C SER O 165 40.43 -19.24 -9.37
N TRP O 166 40.20 -20.18 -10.27
CA TRP O 166 40.73 -21.54 -10.13
C TRP O 166 41.40 -21.99 -11.42
N ASN O 167 42.61 -22.54 -11.27
CA ASN O 167 43.42 -22.98 -12.41
C ASN O 167 43.54 -21.89 -13.47
N SER O 168 43.69 -20.65 -13.02
CA SER O 168 43.83 -19.48 -13.89
C SER O 168 42.62 -19.32 -14.80
N GLY O 169 41.44 -19.69 -14.30
CA GLY O 169 40.22 -19.58 -15.06
C GLY O 169 39.80 -20.83 -15.81
N ALA O 170 40.69 -21.83 -15.92
CA ALA O 170 40.37 -23.05 -16.64
C ALA O 170 39.34 -23.91 -15.94
N LEU O 171 39.06 -23.66 -14.65
CA LEU O 171 38.11 -24.45 -13.88
C LEU O 171 37.03 -23.50 -13.36
N THR O 172 35.86 -23.54 -14.00
CA THR O 172 34.73 -22.70 -13.63
C THR O 172 33.47 -23.48 -13.28
N SER O 173 33.27 -24.66 -13.85
CA SER O 173 32.07 -25.44 -13.56
C SER O 173 32.14 -25.99 -12.14
N GLY O 174 31.12 -25.69 -11.34
CA GLY O 174 31.09 -26.13 -9.97
C GLY O 174 31.81 -25.23 -8.98
N VAL O 175 32.17 -24.02 -9.39
CA VAL O 175 32.91 -23.10 -8.54
C VAL O 175 31.93 -22.21 -7.80
N HIS O 176 32.06 -22.15 -6.47
CA HIS O 176 31.28 -21.23 -5.65
C HIS O 176 32.22 -20.42 -4.78
N THR O 177 32.17 -19.10 -4.95
CA THR O 177 32.90 -18.17 -4.10
C THR O 177 31.89 -17.38 -3.28
N PHE O 178 32.05 -17.41 -1.95
CA PHE O 178 31.08 -16.88 -1.02
C PHE O 178 31.36 -15.42 -0.70
N PRO O 179 30.31 -14.64 -0.43
CA PRO O 179 30.54 -13.26 0.02
C PRO O 179 31.28 -13.22 1.34
N ALA O 180 32.09 -12.18 1.52
CA ALA O 180 32.94 -12.08 2.70
C ALA O 180 32.15 -11.66 3.93
N VAL O 181 32.68 -12.02 5.09
CA VAL O 181 32.10 -11.67 6.39
C VAL O 181 33.03 -10.71 7.09
N LEU O 182 32.46 -9.77 7.84
CA LEU O 182 33.22 -8.82 8.64
C LEU O 182 33.47 -9.44 10.01
N GLN O 183 34.72 -9.79 10.29
CA GLN O 183 35.06 -10.40 11.57
C GLN O 183 35.08 -9.33 12.67
N SER O 184 35.15 -9.80 13.92
CA SER O 184 35.16 -8.90 15.07
C SER O 184 36.42 -8.05 15.13
N SER O 185 37.52 -8.50 14.52
CA SER O 185 38.76 -7.74 14.49
C SER O 185 38.72 -6.57 13.52
N GLY O 186 37.63 -6.39 12.78
CA GLY O 186 37.57 -5.41 11.72
C GLY O 186 38.15 -5.87 10.40
N LEU O 187 38.60 -7.12 10.31
CA LEU O 187 39.16 -7.68 9.10
C LEU O 187 38.14 -8.63 8.46
N TYR O 188 38.22 -8.75 7.13
CA TYR O 188 37.30 -9.60 6.39
C TYR O 188 37.92 -10.97 6.13
N SER O 189 37.05 -11.93 5.82
CA SER O 189 37.48 -13.28 5.47
C SER O 189 36.51 -13.85 4.46
N LEU O 190 37.00 -14.77 3.63
CA LEU O 190 36.23 -15.28 2.50
C LEU O 190 36.76 -16.65 2.12
N SER O 191 35.89 -17.45 1.48
CA SER O 191 36.23 -18.79 1.03
C SER O 191 35.75 -18.99 -0.39
N SER O 192 36.40 -19.91 -1.10
CA SER O 192 36.01 -20.33 -2.44
C SER O 192 36.23 -21.82 -2.57
N VAL O 193 35.30 -22.51 -3.25
CA VAL O 193 35.32 -23.96 -3.36
C VAL O 193 34.99 -24.37 -4.80
N VAL O 194 35.26 -25.65 -5.10
CA VAL O 194 34.98 -26.21 -6.42
C VAL O 194 34.85 -27.73 -6.26
N THR O 195 33.91 -28.31 -6.99
CA THR O 195 33.73 -29.75 -7.04
C THR O 195 34.31 -30.32 -8.33
N VAL O 196 35.05 -31.41 -8.20
CA VAL O 196 35.74 -32.04 -9.34
C VAL O 196 35.60 -33.56 -9.22
N PRO O 197 35.80 -34.28 -10.33
CA PRO O 197 35.76 -35.74 -10.26
C PRO O 197 36.90 -36.28 -9.42
N SER O 198 36.59 -37.30 -8.61
CA SER O 198 37.58 -37.89 -7.72
C SER O 198 38.70 -38.58 -8.48
N SER O 199 38.43 -39.08 -9.68
CA SER O 199 39.42 -39.83 -10.43
C SER O 199 40.57 -38.96 -10.95
N SER O 200 40.48 -37.65 -10.81
CA SER O 200 41.50 -36.74 -11.32
C SER O 200 42.36 -36.11 -10.23
N LEU O 201 42.19 -36.52 -8.97
CA LEU O 201 42.94 -35.90 -7.89
C LEU O 201 44.42 -36.28 -7.91
N GLY O 202 44.79 -37.34 -8.62
CA GLY O 202 46.17 -37.75 -8.68
C GLY O 202 46.84 -37.42 -9.99
N THR O 203 46.05 -36.96 -10.97
CA THR O 203 46.55 -36.62 -12.29
C THR O 203 46.30 -35.16 -12.68
N GLN O 204 45.42 -34.46 -11.98
CA GLN O 204 45.09 -33.07 -12.29
C GLN O 204 45.47 -32.19 -11.11
N THR O 205 46.26 -31.15 -11.37
CA THR O 205 46.67 -30.19 -10.36
C THR O 205 45.66 -29.07 -10.27
N TYR O 206 45.31 -28.68 -9.04
CA TYR O 206 44.33 -27.64 -8.78
C TYR O 206 44.99 -26.50 -8.01
N ILE O 207 44.86 -25.28 -8.53
CA ILE O 207 45.50 -24.10 -7.94
C ILE O 207 44.47 -22.97 -7.91
N CYS O 208 44.38 -22.30 -6.76
CA CYS O 208 43.52 -21.14 -6.60
C CYS O 208 44.34 -19.87 -6.70
N ASN O 209 43.76 -18.83 -7.30
CA ASN O 209 44.41 -17.55 -7.50
C ASN O 209 43.67 -16.48 -6.71
N VAL O 210 44.28 -16.00 -5.64
CA VAL O 210 43.68 -14.99 -4.77
C VAL O 210 44.29 -13.63 -5.09
N ASN O 211 43.44 -12.61 -5.11
CA ASN O 211 43.87 -11.25 -5.42
C ASN O 211 43.17 -10.29 -4.47
N HIS O 212 43.95 -9.55 -3.68
CA HIS O 212 43.45 -8.51 -2.78
C HIS O 212 44.15 -7.21 -3.18
N LYS O 213 43.51 -6.46 -4.07
CA LYS O 213 44.11 -5.23 -4.59
C LYS O 213 44.35 -4.16 -3.53
N PRO O 214 43.48 -3.94 -2.52
CA PRO O 214 43.77 -2.89 -1.52
C PRO O 214 45.14 -2.99 -0.87
N SER O 215 45.72 -4.18 -0.87
CA SER O 215 47.03 -4.40 -0.25
C SER O 215 48.06 -4.93 -1.24
N ASN O 216 47.73 -4.99 -2.53
CA ASN O 216 48.64 -5.47 -3.58
C ASN O 216 49.11 -6.88 -3.29
N THR O 217 48.18 -7.75 -2.87
CA THR O 217 48.47 -9.13 -2.53
C THR O 217 47.90 -10.04 -3.60
N LYS O 218 48.77 -10.84 -4.22
CA LYS O 218 48.37 -11.88 -5.15
C LYS O 218 48.96 -13.20 -4.67
N VAL O 219 48.15 -14.24 -4.65
CA VAL O 219 48.53 -15.52 -4.05
C VAL O 219 48.02 -16.66 -4.92
N ASP O 220 48.92 -17.53 -5.39
CA ASP O 220 48.58 -18.71 -6.18
C ASP O 220 48.84 -19.96 -5.34
N LYS O 221 47.79 -20.50 -4.73
CA LYS O 221 47.91 -21.61 -3.80
C LYS O 221 47.57 -22.92 -4.51
N ARG O 222 48.53 -23.85 -4.54
CA ARG O 222 48.27 -25.18 -5.05
C ARG O 222 47.61 -26.02 -3.98
N VAL O 223 46.47 -26.62 -4.31
CA VAL O 223 45.67 -27.38 -3.36
C VAL O 223 45.85 -28.86 -3.70
N GLU O 224 46.67 -29.55 -2.90
CA GLU O 224 46.97 -30.95 -3.12
C GLU O 224 46.27 -31.82 -2.08
N PRO O 225 45.96 -33.08 -2.42
CA PRO O 225 45.46 -34.01 -1.40
C PRO O 225 46.51 -34.23 -0.33
N LYS O 226 46.09 -34.13 0.93
CA LYS O 226 47.02 -34.21 2.05
C LYS O 226 47.67 -35.59 2.12
N SER O 227 49.00 -35.61 2.08
CA SER O 227 49.74 -36.86 2.18
C SER O 227 49.81 -37.31 3.63
N CYS O 228 49.61 -38.60 3.85
CA CYS O 228 49.63 -39.18 5.19
C CYS O 228 50.99 -38.99 5.86
#